data_7P40
#
_entry.id   7P40
#
_cell.length_a   1.00
_cell.length_b   1.00
_cell.length_c   1.00
_cell.angle_alpha   90.00
_cell.angle_beta   90.00
_cell.angle_gamma   90.00
#
_symmetry.space_group_name_H-M   'P 1'
#
loop_
_entity.id
_entity.type
_entity.pdbx_description
1 polymer 'Spike glycoprotein'
2 polymer 'Variable Light Chain P5C3 (VL)'
3 polymer 'Variable Heavy Chain P5C3 (VH)'
#
loop_
_entity_poly.entity_id
_entity_poly.type
_entity_poly.pdbx_seq_one_letter_code
_entity_poly.pdbx_strand_id
1 'polypeptide(L)'
;MGILPSPGMPALLSLVSLLSVLLMGCVAETGTQCVNLTTRTQLPPAYTNSFTRGVYYPDKVFRSSVLHSTQDLFLPFFSN
VTWFHAIHVSGTNGTKRFDNPVLPFNDGVYFASTEKSNIIRGWIFGTTLDSKTQSLLIVNNATNVVIKVCEFQFCNDPFL
GVYYHKNNKSWMESEFRVYSSANNCTFEYVSQPFLMDLEGKQGNFKNLREFVFKNIDGYFKIYSKHTPINLVRDLPQGFS
ALEPLVDLPIGINITRFQTLLALHRSYLTPGDSSSGWTAGAAAYYVGYLQPRTFLLKYNENGTITDAVDCALDPLSETKC
TLKSFTVEKGIYQTSNFRVQPTESIVRFPNITNLCPFGEVFNATRFASVYAWNRKRISNCVADYSVLYNSASFSTFKCYG
VSPTKLNDLCFTNVYADSFVIRGDEVRQIAPGQTGKIADYNYKLPDDFTGCVIAWNSNNLDSKVGGNYNYLYRLFRKSNL
KPFERDISTEIYQAGSTPCNGVEGFNCYFPLQSYGFQPTNGVGYQPYRVVVLSFELLHAPATVCGPKKSTNLVKNKCVNF
NFNGLTGTGVLTESNKKFLPFQQFGRDIADTTDAVRDPQTLEILDITPCSFGGVSVITPGTNTSNQVAVLYQDVNCTEVP
VAIHADQLTPTWRVYSTGSNVFQTRAGCLIGAEHVNNSYECDIPIGAGICASYQTQTNSPSGAGSVASQSIIAYTMSLGA
ENSVAYSNNSIAIPTNFTISVTTEILPVSMTKTSVDCTMYICGDSTECSNLLLQYGSFCTQLNRALTGIAVEQDKNTQEV
FAQVKQIYKTPPIKDFGGFNFSQILPDPSKPSKRSPIEDLLFNKVTLADAGFIKQYGDCLGDIAARDLICAQKFNGLTVL
PPLLTDEMIAQYTSALLAGTITSGWTFGAGPALQIPFPMQMAYRFNGIGVTQNVLYENQKLIANQFNSAIGKIQDSLSST
PSALGKLQDVVNQNAQALNTLVKQLSSNFGAISSVLNDILSRLDPPEAEVQIDRLITGRLQSLQTYVTQQLIRAAEIRAS
ANLAATKMSECVLGQSKRVDFCGKGYHLMSFPQSAPHGVVFLHVTYVPAQEKNFTTAPAICHDGKAHFPREGVFVSNGTH
WFVTQRNFYEPQIITTDNTFVSGNCDVVIGIVNNTVYDPLQPELDSFKEELDKYFKNHTSPDVDLGDISGINASVVNIQK
EIDRLNEVAKNLNESLIDLQELGKYEQYIKGSGRENLYFQGGGGSGYIPEAPRDGQAYVRKDGEWVLLSTFLGHHHHHHH
H
;
A,E,G
2 'polypeptide(L)'
;EIVLTQSPGTLSLSPGERATLSCRGSQSVRSSYLGWYQQKPGQAPRLLIYGASSRATGIPDRFSGSGSGTDFTLTISRLE
PEDFAVYYCQQYGSSPWTFGQGTKVEIKGTVAAPSVFIFPPSDEQLKSGTASVVCLLNNFYPREAKVQWKVDNALQSGNS
QESVTEQDSKDSTYSLSSTLTLSKADYEKHKVYACEVTHQGLSSPVTKSFNRGEC
;
B,D,H
3 'polypeptide(L)'
;QMQLVQSGPEVKKPGTSVKVSCKASGFTFTSSAVQWVRQARGQRLEWIGWIVVGSGNTDYAQQFQERVTITRDMSTSTAY
MELSSLGSEDTAVYYCAAPNCSGGSCYDGFDLWGQGTMVTVSSASTKGPSVFPLAPSSKSTSGGTAALGCLVKDYFPEPV
TVSWNSGALTSGVHTFPAVLQSSGLYSLSSVVTVPSSSLGTQTYICNVNHKPSNTKVDKKV
;
C,F,I
#
# COMPACT_ATOMS: atom_id res chain seq x y z
N ALA A 46 45.16 -1.31 -36.14
CA ALA A 46 44.53 -0.33 -37.03
C ALA A 46 43.19 0.12 -36.49
N TYR A 47 42.85 1.39 -36.76
CA TYR A 47 41.60 1.96 -36.29
C TYR A 47 40.99 2.79 -37.42
N THR A 48 39.67 2.95 -37.37
CA THR A 48 38.98 3.74 -38.38
C THR A 48 37.68 4.27 -37.79
N ASN A 49 36.99 5.08 -38.60
CA ASN A 49 35.80 5.80 -38.15
C ASN A 49 34.55 5.02 -38.54
N SER A 50 33.64 4.83 -37.57
CA SER A 50 32.42 4.09 -37.81
C SER A 50 31.40 4.87 -38.62
N PHE A 51 31.49 6.20 -38.64
CA PHE A 51 30.55 7.08 -39.34
C PHE A 51 29.16 6.82 -38.78
N THR A 52 28.16 6.46 -39.58
CA THR A 52 26.80 6.25 -39.11
C THR A 52 26.31 4.83 -39.35
N ARG A 53 27.23 3.88 -39.53
CA ARG A 53 26.85 2.50 -39.76
C ARG A 53 26.49 1.81 -38.44
N GLY A 54 25.93 0.61 -38.55
CA GLY A 54 25.62 -0.19 -37.39
C GLY A 54 24.24 -0.01 -36.80
N VAL A 55 23.30 0.55 -37.55
CA VAL A 55 21.93 0.73 -37.06
C VAL A 55 21.06 -0.39 -37.57
N TYR A 56 20.34 -1.05 -36.66
CA TYR A 56 19.45 -2.14 -36.98
C TYR A 56 18.07 -1.87 -36.40
N TYR A 57 17.07 -2.50 -36.99
CA TYR A 57 15.69 -2.28 -36.56
C TYR A 57 15.50 -2.80 -35.14
N PRO A 58 15.04 -1.97 -34.20
CA PRO A 58 14.90 -2.45 -32.81
C PRO A 58 13.93 -3.62 -32.67
N ASP A 59 12.85 -3.62 -33.43
CA ASP A 59 11.83 -4.67 -33.29
C ASP A 59 11.02 -4.73 -34.58
N LYS A 60 10.24 -5.80 -34.71
CA LYS A 60 9.44 -6.06 -35.90
C LYS A 60 8.10 -5.31 -35.83
N VAL A 61 8.21 -3.99 -35.72
CA VAL A 61 7.04 -3.12 -35.61
C VAL A 61 7.05 -2.16 -36.79
N PHE A 62 5.90 -2.04 -37.46
CA PHE A 62 5.77 -1.15 -38.60
C PHE A 62 5.38 0.24 -38.14
N ARG A 63 6.13 1.25 -38.59
CA ARG A 63 5.84 2.64 -38.29
C ARG A 63 5.99 3.46 -39.55
N SER A 64 5.11 4.43 -39.75
CA SER A 64 5.05 5.21 -40.98
C SER A 64 5.22 6.68 -40.67
N SER A 65 6.26 7.29 -41.23
CA SER A 65 6.47 8.74 -41.22
C SER A 65 6.43 9.30 -39.80
N VAL A 66 7.08 8.61 -38.87
CA VAL A 66 7.15 9.05 -37.48
C VAL A 66 8.60 8.98 -37.01
N LEU A 67 8.92 9.78 -36.00
CA LEU A 67 10.23 9.78 -35.37
C LEU A 67 10.11 9.04 -34.04
N HIS A 68 10.94 8.03 -33.84
CA HIS A 68 10.87 7.20 -32.64
C HIS A 68 12.19 7.29 -31.88
N SER A 69 12.10 7.62 -30.59
CA SER A 69 13.24 7.64 -29.71
C SER A 69 13.24 6.35 -28.89
N THR A 70 14.29 5.55 -29.04
CA THR A 70 14.39 4.27 -28.35
C THR A 70 15.78 4.09 -27.78
N GLN A 71 15.87 3.43 -26.63
CA GLN A 71 17.13 3.17 -25.96
C GLN A 71 17.43 1.67 -26.03
N ASP A 72 18.59 1.32 -26.54
CA ASP A 72 19.01 -0.07 -26.68
C ASP A 72 20.51 -0.09 -26.98
N LEU A 73 21.02 -1.27 -27.32
CA LEU A 73 22.42 -1.43 -27.66
C LEU A 73 22.64 -1.01 -29.11
N PHE A 74 23.43 0.04 -29.31
CA PHE A 74 23.72 0.56 -30.64
C PHE A 74 25.21 0.85 -30.74
N LEU A 75 25.72 0.80 -31.97
CA LEU A 75 27.08 1.25 -32.22
C LEU A 75 27.11 2.78 -32.22
N PRO A 76 27.92 3.41 -31.37
CA PRO A 76 27.92 4.88 -31.32
C PRO A 76 28.34 5.48 -32.65
N PHE A 77 27.72 6.61 -32.99
CA PHE A 77 28.08 7.31 -34.22
C PHE A 77 29.49 7.87 -34.12
N PHE A 78 30.20 7.84 -35.25
CA PHE A 78 31.57 8.34 -35.35
C PHE A 78 32.52 7.67 -34.35
N SER A 79 32.19 6.48 -33.90
CA SER A 79 33.05 5.77 -32.95
C SER A 79 34.26 5.20 -33.67
N ASN A 80 35.31 4.93 -32.88
CA ASN A 80 36.53 4.34 -33.39
C ASN A 80 36.40 2.83 -33.37
N VAL A 81 36.40 2.21 -34.55
CA VAL A 81 36.24 0.77 -34.67
C VAL A 81 37.55 0.17 -35.16
N THR A 82 37.81 -1.07 -34.74
CA THR A 82 39.08 -1.71 -35.02
C THR A 82 39.08 -2.31 -36.42
N TRP A 83 40.21 -2.18 -37.11
CA TRP A 83 40.36 -2.66 -38.48
C TRP A 83 41.37 -3.78 -38.49
N PHE A 84 40.98 -4.94 -39.05
CA PHE A 84 41.85 -6.09 -39.15
C PHE A 84 42.08 -6.43 -40.63
N HIS A 85 43.30 -6.85 -40.95
CA HIS A 85 43.65 -7.19 -42.31
C HIS A 85 43.81 -8.70 -42.49
N ASP A 99 44.45 -11.89 -40.69
CA ASP A 99 44.58 -12.22 -39.28
C ASP A 99 43.24 -12.52 -38.65
N ASN A 100 43.23 -13.40 -37.64
CA ASN A 100 42.01 -13.80 -36.94
C ASN A 100 42.31 -13.99 -35.46
N PRO A 101 42.53 -12.91 -34.73
CA PRO A 101 42.74 -13.01 -33.28
C PRO A 101 41.42 -13.18 -32.54
N VAL A 102 41.52 -13.77 -31.36
CA VAL A 102 40.34 -13.94 -30.51
C VAL A 102 39.93 -12.59 -29.95
N LEU A 103 38.66 -12.23 -30.11
CA LEU A 103 38.18 -10.93 -29.69
C LEU A 103 37.06 -11.08 -28.67
N PRO A 104 37.00 -10.20 -27.67
CA PRO A 104 35.97 -10.34 -26.64
C PRO A 104 34.59 -9.91 -27.14
N PHE A 105 33.57 -10.40 -26.44
CA PHE A 105 32.18 -10.03 -26.70
C PHE A 105 31.62 -9.44 -25.41
N ASN A 106 31.41 -8.13 -25.40
CA ASN A 106 30.98 -7.45 -24.17
C ASN A 106 29.47 -7.37 -24.05
N ASP A 107 28.81 -6.70 -24.99
CA ASP A 107 27.36 -6.57 -24.97
C ASP A 107 26.78 -6.87 -26.34
N GLY A 108 27.54 -6.58 -27.39
CA GLY A 108 27.10 -6.79 -28.75
C GLY A 108 28.21 -6.50 -29.74
N VAL A 109 28.36 -7.33 -30.76
CA VAL A 109 29.46 -7.23 -31.70
C VAL A 109 28.91 -6.83 -33.06
N TYR A 110 29.48 -5.77 -33.63
CA TYR A 110 29.17 -5.34 -34.99
C TYR A 110 30.34 -5.72 -35.88
N PHE A 111 30.08 -6.54 -36.90
CA PHE A 111 31.08 -6.99 -37.84
C PHE A 111 30.79 -6.39 -39.21
N ALA A 112 31.83 -5.89 -39.86
CA ALA A 112 31.69 -5.33 -41.20
C ALA A 112 32.76 -5.93 -42.10
N SER A 113 32.37 -6.28 -43.32
CA SER A 113 33.31 -6.85 -44.28
C SER A 113 33.09 -6.21 -45.64
N THR A 114 34.19 -5.91 -46.32
CA THR A 114 34.17 -5.42 -47.70
C THR A 114 34.87 -6.48 -48.53
N GLU A 115 34.12 -7.51 -48.95
CA GLU A 115 34.70 -8.66 -49.60
C GLU A 115 33.95 -8.99 -50.88
N LYS A 116 34.70 -9.40 -51.90
CA LYS A 116 34.12 -9.88 -53.15
C LYS A 116 34.34 -11.36 -53.39
N SER A 117 35.30 -11.97 -52.70
CA SER A 117 35.58 -13.40 -52.84
C SER A 117 34.94 -14.25 -51.74
N ASN A 118 34.17 -13.64 -50.84
CA ASN A 118 33.53 -14.35 -49.74
C ASN A 118 34.55 -15.14 -48.92
N ILE A 119 35.69 -14.52 -48.65
CA ILE A 119 36.77 -15.21 -47.94
C ILE A 119 36.36 -15.49 -46.50
N ILE A 120 35.80 -14.50 -45.81
CA ILE A 120 35.37 -14.66 -44.42
C ILE A 120 33.94 -15.22 -44.43
N ARG A 121 33.79 -16.46 -43.96
CA ARG A 121 32.46 -17.08 -44.02
C ARG A 121 32.19 -17.92 -42.77
N GLY A 122 32.67 -17.48 -41.62
CA GLY A 122 32.45 -18.25 -40.41
C GLY A 122 32.64 -17.39 -39.18
N TRP A 123 32.00 -17.85 -38.10
CA TRP A 123 32.07 -17.16 -36.81
C TRP A 123 31.99 -18.19 -35.70
N ILE A 124 32.63 -17.86 -34.58
CA ILE A 124 32.68 -18.73 -33.40
C ILE A 124 32.35 -17.86 -32.18
N PHE A 125 31.48 -18.36 -31.32
CA PHE A 125 31.08 -17.65 -30.12
C PHE A 125 31.12 -18.60 -28.92
N GLY A 126 31.49 -18.06 -27.77
CA GLY A 126 31.57 -18.85 -26.56
C GLY A 126 32.45 -18.16 -25.53
N THR A 127 32.75 -18.91 -24.48
CA THR A 127 33.60 -18.43 -23.39
C THR A 127 34.92 -19.17 -23.30
N THR A 128 34.88 -20.50 -23.20
CA THR A 128 36.10 -21.30 -23.10
C THR A 128 36.62 -21.73 -24.46
N LEU A 129 35.71 -22.13 -25.37
CA LEU A 129 36.07 -22.58 -26.72
C LEU A 129 37.00 -23.78 -26.69
N ASP A 130 36.90 -24.61 -25.66
CA ASP A 130 37.74 -25.79 -25.52
C ASP A 130 36.95 -27.00 -25.04
N SER A 131 35.68 -27.09 -25.44
CA SER A 131 34.74 -28.14 -25.07
C SER A 131 34.39 -28.14 -23.58
N LYS A 132 34.90 -27.18 -22.81
CA LYS A 132 34.52 -27.09 -21.41
C LYS A 132 33.11 -26.55 -21.24
N THR A 133 32.71 -25.62 -22.11
CA THR A 133 31.38 -25.01 -22.06
C THR A 133 30.77 -25.03 -23.45
N GLN A 134 29.49 -24.68 -23.51
CA GLN A 134 28.78 -24.65 -24.78
C GLN A 134 29.35 -23.59 -25.69
N SER A 135 29.48 -23.91 -26.98
CA SER A 135 30.03 -23.01 -27.97
C SER A 135 29.22 -23.10 -29.25
N LEU A 136 29.13 -21.98 -29.96
CA LEU A 136 28.36 -21.88 -31.19
C LEU A 136 29.30 -21.62 -32.37
N LEU A 137 29.10 -22.37 -33.45
CA LEU A 137 29.90 -22.23 -34.66
C LEU A 137 28.96 -22.06 -35.84
N ILE A 138 29.18 -21.00 -36.62
CA ILE A 138 28.38 -20.69 -37.79
C ILE A 138 29.29 -20.70 -39.01
N VAL A 139 28.93 -21.47 -40.02
CA VAL A 139 29.69 -21.55 -41.27
C VAL A 139 28.72 -21.38 -42.43
N ASN A 140 29.02 -20.42 -43.31
CA ASN A 140 28.19 -20.13 -44.47
C ASN A 140 28.95 -20.59 -45.71
N ASN A 141 28.75 -21.85 -46.09
CA ASN A 141 29.47 -22.45 -47.20
C ASN A 141 28.52 -22.79 -48.34
N ALA A 142 28.95 -22.49 -49.57
CA ALA A 142 28.12 -22.70 -50.76
C ALA A 142 26.79 -22.00 -50.62
N THR A 143 25.71 -22.78 -50.63
CA THR A 143 24.35 -22.24 -50.48
C THR A 143 23.74 -22.60 -49.13
N ASN A 144 24.54 -23.07 -48.18
CA ASN A 144 24.03 -23.52 -46.89
C ASN A 144 24.74 -22.78 -45.77
N VAL A 145 23.97 -22.23 -44.84
CA VAL A 145 24.48 -21.63 -43.62
C VAL A 145 24.12 -22.54 -42.47
N VAL A 146 25.13 -23.16 -41.85
CA VAL A 146 24.94 -24.15 -40.79
C VAL A 146 25.42 -23.55 -39.48
N ILE A 147 24.55 -23.53 -38.48
CA ILE A 147 24.89 -23.06 -37.14
C ILE A 147 24.72 -24.23 -36.18
N LYS A 148 25.78 -24.56 -35.46
CA LYS A 148 25.77 -25.68 -34.53
C LYS A 148 26.19 -25.19 -33.15
N VAL A 149 25.36 -25.45 -32.15
CA VAL A 149 25.68 -25.14 -30.76
C VAL A 149 25.96 -26.46 -30.06
N CYS A 150 27.25 -26.71 -29.81
CA CYS A 150 27.72 -27.95 -29.21
C CYS A 150 28.89 -27.62 -28.29
N GLU A 151 29.35 -28.63 -27.56
CA GLU A 151 30.61 -28.53 -26.82
C GLU A 151 31.73 -28.79 -27.80
N PHE A 152 32.35 -27.72 -28.30
CA PHE A 152 33.36 -27.80 -29.36
C PHE A 152 34.75 -27.72 -28.77
N GLN A 153 35.63 -28.63 -29.19
CA GLN A 153 37.05 -28.56 -28.87
C GLN A 153 37.75 -27.88 -30.05
N PHE A 154 37.68 -26.55 -30.05
CA PHE A 154 38.20 -25.77 -31.16
C PHE A 154 39.72 -25.87 -31.25
N CYS A 155 40.23 -25.78 -32.47
CA CYS A 155 41.66 -25.79 -32.69
C CYS A 155 42.28 -24.46 -32.25
N ASN A 156 43.59 -24.49 -32.01
CA ASN A 156 44.28 -23.27 -31.59
C ASN A 156 44.25 -22.21 -32.68
N ASP A 157 44.42 -22.60 -33.94
CA ASP A 157 44.38 -21.68 -35.07
C ASP A 157 43.41 -22.22 -36.10
N PRO A 158 42.10 -22.07 -35.88
CA PRO A 158 41.12 -22.57 -36.84
C PRO A 158 41.23 -21.84 -38.17
N PHE A 159 40.98 -22.57 -39.25
CA PHE A 159 41.07 -22.00 -40.59
C PHE A 159 40.22 -22.83 -41.54
N LEU A 160 39.92 -22.24 -42.69
CA LEU A 160 39.15 -22.90 -43.74
C LEU A 160 39.99 -23.00 -45.01
N GLY A 161 39.75 -24.06 -45.77
CA GLY A 161 40.48 -24.31 -46.99
C GLY A 161 39.93 -23.53 -48.16
N VAL A 162 40.48 -23.81 -49.33
CA VAL A 162 40.06 -23.16 -50.56
C VAL A 162 39.82 -24.19 -51.66
N GLU A 175 38.82 -28.03 -47.45
CA GLU A 175 39.47 -28.27 -46.17
C GLU A 175 38.75 -27.52 -45.05
N PHE A 176 38.48 -28.22 -43.95
CA PHE A 176 37.79 -27.65 -42.79
C PHE A 176 38.55 -28.04 -41.53
N ARG A 177 39.27 -27.10 -40.94
CA ARG A 177 40.03 -27.32 -39.71
C ARG A 177 39.66 -26.22 -38.73
N VAL A 178 38.61 -26.45 -37.94
CA VAL A 178 38.11 -25.48 -36.97
C VAL A 178 38.12 -26.06 -35.57
N TYR A 179 37.59 -27.28 -35.41
CA TYR A 179 37.48 -27.91 -34.11
C TYR A 179 37.95 -29.36 -34.21
N SER A 180 38.36 -29.91 -33.07
CA SER A 180 38.80 -31.28 -33.01
C SER A 180 37.66 -32.25 -32.74
N SER A 181 36.69 -31.87 -31.92
CA SER A 181 35.56 -32.73 -31.59
C SER A 181 34.36 -31.88 -31.24
N ALA A 182 33.17 -32.49 -31.34
CA ALA A 182 31.91 -31.82 -31.03
C ALA A 182 31.09 -32.78 -30.17
N ASN A 183 31.13 -32.59 -28.86
CA ASN A 183 30.41 -33.44 -27.92
C ASN A 183 29.27 -32.68 -27.28
N ASN A 184 28.16 -33.39 -27.04
CA ASN A 184 26.98 -32.85 -26.35
C ASN A 184 26.44 -31.62 -27.07
N CYS A 185 25.98 -31.83 -28.30
CA CYS A 185 25.31 -30.77 -29.04
C CYS A 185 23.98 -30.40 -28.38
N THR A 186 23.69 -29.10 -28.39
CA THR A 186 22.44 -28.57 -27.87
C THR A 186 21.55 -27.95 -28.93
N PHE A 187 22.09 -27.53 -30.07
CA PHE A 187 21.25 -26.92 -31.09
C PHE A 187 21.88 -27.07 -32.46
N GLU A 188 21.02 -27.10 -33.49
CA GLU A 188 21.48 -27.16 -34.87
C GLU A 188 20.45 -26.48 -35.77
N TYR A 189 20.93 -25.70 -36.73
CA TYR A 189 20.06 -25.02 -37.67
C TYR A 189 20.75 -24.92 -39.02
N VAL A 190 19.96 -25.02 -40.09
CA VAL A 190 20.44 -24.91 -41.46
C VAL A 190 19.57 -23.93 -42.21
N SER A 191 20.21 -23.03 -42.96
CA SER A 191 19.47 -22.06 -43.77
C SER A 191 20.07 -21.96 -45.18
N ASN A 207 30.17 -7.81 -51.86
CA ASN A 207 30.42 -6.38 -51.65
C ASN A 207 30.53 -6.07 -50.16
N LEU A 208 29.68 -5.18 -49.65
CA LEU A 208 29.71 -4.81 -48.24
C LEU A 208 28.67 -5.64 -47.49
N ARG A 209 29.10 -6.26 -46.40
CA ARG A 209 28.23 -7.09 -45.56
C ARG A 209 28.38 -6.65 -44.12
N GLU A 210 27.26 -6.35 -43.48
CA GLU A 210 27.24 -5.88 -42.10
C GLU A 210 26.39 -6.83 -41.26
N PHE A 211 26.91 -7.18 -40.08
CA PHE A 211 26.22 -8.10 -39.18
C PHE A 211 26.28 -7.54 -37.77
N VAL A 212 25.23 -7.80 -37.01
CA VAL A 212 25.18 -7.46 -35.60
C VAL A 212 24.76 -8.69 -34.83
N PHE A 213 25.54 -9.05 -33.82
CA PHE A 213 25.26 -10.20 -32.96
C PHE A 213 25.08 -9.71 -31.53
N LYS A 214 23.97 -10.09 -30.90
CA LYS A 214 23.78 -9.74 -29.51
C LYS A 214 22.95 -10.79 -28.80
N ASN A 215 23.36 -11.14 -27.59
CA ASN A 215 22.67 -12.13 -26.76
C ASN A 215 21.92 -11.41 -25.66
N ILE A 216 20.59 -11.40 -25.76
CA ILE A 216 19.72 -10.72 -24.79
C ILE A 216 18.72 -11.73 -24.27
N ASP A 217 18.69 -11.90 -22.94
CA ASP A 217 17.69 -12.73 -22.26
C ASP A 217 17.65 -14.15 -22.82
N GLY A 218 18.84 -14.71 -23.08
CA GLY A 218 18.92 -16.06 -23.59
C GLY A 218 18.59 -16.21 -25.06
N TYR A 219 18.41 -15.12 -25.78
CA TYR A 219 18.15 -15.14 -27.22
C TYR A 219 19.34 -14.53 -27.94
N PHE A 220 19.94 -15.28 -28.84
CA PHE A 220 21.03 -14.79 -29.67
C PHE A 220 20.45 -14.25 -30.96
N LYS A 221 20.39 -12.92 -31.08
CA LYS A 221 19.83 -12.26 -32.24
C LYS A 221 20.95 -11.87 -33.19
N ILE A 222 20.80 -12.25 -34.46
CA ILE A 222 21.73 -11.92 -35.53
C ILE A 222 20.97 -11.13 -36.58
N TYR A 223 21.43 -9.91 -36.84
CA TYR A 223 20.89 -9.03 -37.86
C TYR A 223 21.90 -8.90 -38.97
N SER A 224 21.43 -8.92 -40.22
CA SER A 224 22.32 -8.93 -41.37
C SER A 224 21.87 -7.91 -42.40
N LYS A 225 22.82 -7.42 -43.18
CA LYS A 225 22.54 -6.51 -44.28
C LYS A 225 23.63 -6.65 -45.33
N HIS A 226 23.23 -6.66 -46.60
CA HIS A 226 24.16 -6.75 -47.73
C HIS A 226 23.91 -5.59 -48.67
N THR A 227 24.97 -4.85 -48.98
CA THR A 227 24.90 -3.68 -49.84
C THR A 227 26.03 -3.72 -50.85
N PRO A 228 25.90 -3.00 -51.96
CA PRO A 228 27.04 -2.83 -52.87
C PRO A 228 28.15 -2.03 -52.20
N ILE A 229 29.38 -2.31 -52.62
CA ILE A 229 30.57 -1.68 -52.05
C ILE A 229 31.24 -0.85 -53.12
N ASN A 230 31.53 0.41 -52.80
CA ASN A 230 32.21 1.32 -53.72
C ASN A 230 33.56 1.78 -53.18
N LEU A 231 34.02 1.22 -52.07
CA LEU A 231 35.30 1.57 -51.48
C LEU A 231 36.19 0.34 -51.40
N VAL A 232 37.50 0.56 -51.39
CA VAL A 232 38.48 -0.52 -51.41
C VAL A 232 38.78 -0.97 -49.99
N ARG A 233 39.33 -0.07 -49.17
CA ARG A 233 39.74 -0.38 -47.81
C ARG A 233 39.26 0.70 -46.85
N ASP A 234 37.99 1.10 -47.00
CA ASP A 234 37.42 2.11 -46.14
C ASP A 234 35.93 1.83 -45.98
N LEU A 235 35.35 2.38 -44.91
CA LEU A 235 33.94 2.23 -44.64
C LEU A 235 33.18 3.38 -45.30
N PRO A 236 32.28 3.11 -46.25
CA PRO A 236 31.55 4.20 -46.90
C PRO A 236 30.73 4.99 -45.90
N GLN A 237 30.66 6.30 -46.12
CA GLN A 237 29.92 7.19 -45.23
C GLN A 237 28.47 7.30 -45.70
N GLY A 238 27.73 6.23 -45.45
CA GLY A 238 26.31 6.18 -45.79
C GLY A 238 25.47 5.59 -44.67
N PHE A 239 24.18 5.39 -44.92
CA PHE A 239 23.28 4.84 -43.93
C PHE A 239 22.52 3.66 -44.52
N SER A 240 22.48 2.55 -43.79
CA SER A 240 21.74 1.37 -44.21
C SER A 240 21.37 0.56 -42.98
N ALA A 241 20.09 0.31 -42.79
CA ALA A 241 19.59 -0.42 -41.63
C ALA A 241 19.84 -1.91 -41.80
N LEU A 242 20.17 -2.58 -40.70
CA LEU A 242 20.41 -4.02 -40.72
C LEU A 242 19.11 -4.74 -40.38
N GLU A 243 18.51 -5.38 -41.38
CA GLU A 243 17.28 -6.12 -41.15
C GLU A 243 17.57 -7.36 -40.30
N PRO A 244 16.64 -7.73 -39.42
CA PRO A 244 16.83 -8.93 -38.61
C PRO A 244 16.91 -10.18 -39.48
N LEU A 245 17.77 -11.11 -39.09
CA LEU A 245 17.94 -12.35 -39.83
C LEU A 245 17.48 -13.56 -39.02
N VAL A 246 18.05 -13.78 -37.82
CA VAL A 246 17.66 -14.91 -37.00
C VAL A 246 17.64 -14.51 -35.53
N ASP A 247 16.86 -15.26 -34.75
CA ASP A 247 16.78 -15.11 -33.29
C ASP A 247 16.82 -16.51 -32.70
N LEU A 248 18.03 -17.01 -32.42
CA LEU A 248 18.18 -18.35 -31.91
C LEU A 248 17.84 -18.39 -30.42
N PRO A 249 16.91 -19.23 -29.98
CA PRO A 249 16.59 -19.34 -28.54
C PRO A 249 17.55 -20.26 -27.82
N ILE A 250 18.81 -19.83 -27.73
CA ILE A 250 19.88 -20.63 -27.15
C ILE A 250 20.44 -19.89 -25.95
N GLY A 251 20.50 -20.58 -24.81
CA GLY A 251 21.03 -20.01 -23.58
C GLY A 251 22.51 -20.24 -23.41
N ILE A 252 23.33 -19.53 -24.18
CA ILE A 252 24.79 -19.69 -24.15
C ILE A 252 25.40 -18.37 -23.69
N ASN A 253 26.33 -18.45 -22.73
CA ASN A 253 27.06 -17.29 -22.26
C ASN A 253 28.21 -17.01 -23.21
N ILE A 254 28.15 -15.87 -23.90
CA ILE A 254 29.14 -15.51 -24.92
C ILE A 254 29.96 -14.34 -24.39
N THR A 255 31.28 -14.54 -24.30
CA THR A 255 32.21 -13.51 -23.88
C THR A 255 33.33 -13.24 -24.86
N ARG A 256 33.68 -14.19 -25.73
CA ARG A 256 34.72 -14.02 -26.72
C ARG A 256 34.22 -14.56 -28.06
N PHE A 257 34.79 -14.05 -29.14
CA PHE A 257 34.42 -14.51 -30.47
C PHE A 257 35.62 -14.43 -31.39
N GLN A 258 35.60 -15.26 -32.42
CA GLN A 258 36.66 -15.31 -33.41
C GLN A 258 36.05 -15.62 -34.78
N THR A 259 36.58 -14.98 -35.81
CA THR A 259 36.05 -15.14 -37.17
C THR A 259 36.73 -16.31 -37.88
N LEU A 260 36.10 -16.78 -38.95
CA LEU A 260 36.60 -17.90 -39.74
C LEU A 260 36.71 -17.49 -41.19
N LEU A 261 37.91 -17.62 -41.75
CA LEU A 261 38.25 -17.14 -43.08
C LEU A 261 38.72 -18.30 -43.94
N ALA A 262 38.32 -18.31 -45.20
CA ALA A 262 38.75 -19.33 -46.16
C ALA A 262 40.26 -19.30 -46.33
N ALA A 282 42.21 -9.79 -47.72
CA ALA A 282 40.91 -9.42 -47.18
C ALA A 282 41.05 -8.62 -45.88
N ALA A 283 39.97 -7.98 -45.47
CA ALA A 283 39.98 -7.16 -44.26
C ALA A 283 38.57 -7.07 -43.72
N TYR A 284 38.47 -6.68 -42.45
CA TYR A 284 37.17 -6.50 -41.81
C TYR A 284 37.29 -5.50 -40.68
N TYR A 285 36.14 -5.15 -40.11
CA TYR A 285 36.04 -4.13 -39.08
C TYR A 285 35.17 -4.64 -37.94
N VAL A 286 35.57 -4.29 -36.71
CA VAL A 286 34.91 -4.77 -35.50
C VAL A 286 34.53 -3.58 -34.64
N GLY A 287 33.30 -3.56 -34.15
CA GLY A 287 32.85 -2.53 -33.23
C GLY A 287 32.04 -3.14 -32.10
N TYR A 288 31.94 -2.37 -31.01
CA TYR A 288 31.26 -2.81 -29.80
C TYR A 288 30.07 -1.90 -29.53
N LEU A 289 28.93 -2.49 -29.23
CA LEU A 289 27.71 -1.75 -28.98
C LEU A 289 27.68 -1.22 -27.56
N GLN A 290 26.92 -0.14 -27.36
CA GLN A 290 26.74 0.50 -26.08
C GLN A 290 25.27 0.78 -25.84
N PRO A 291 24.84 0.80 -24.57
CA PRO A 291 23.42 1.09 -24.26
C PRO A 291 23.09 2.58 -24.38
N ARG A 292 22.77 2.99 -25.60
CA ARG A 292 22.52 4.39 -25.91
C ARG A 292 21.10 4.57 -26.42
N THR A 293 20.69 5.84 -26.47
CA THR A 293 19.38 6.23 -26.96
C THR A 293 19.53 6.87 -28.34
N PHE A 294 18.72 6.41 -29.29
CA PHE A 294 18.78 6.88 -30.67
C PHE A 294 17.39 7.29 -31.14
N LEU A 295 17.36 8.31 -31.99
CA LEU A 295 16.13 8.76 -32.64
C LEU A 295 16.18 8.31 -34.09
N LEU A 296 15.20 7.50 -34.50
CA LEU A 296 15.11 6.97 -35.85
C LEU A 296 13.96 7.65 -36.60
N LYS A 297 14.21 7.96 -37.87
CA LYS A 297 13.24 8.61 -38.73
C LYS A 297 12.68 7.57 -39.71
N TYR A 298 11.49 7.06 -39.40
CA TYR A 298 10.82 6.11 -40.29
C TYR A 298 10.22 6.83 -41.48
N ASN A 299 10.19 6.15 -42.61
CA ASN A 299 9.57 6.69 -43.82
C ASN A 299 8.11 6.26 -43.87
N GLU A 300 7.47 6.48 -45.03
CA GLU A 300 6.11 6.00 -45.23
C GLU A 300 6.05 4.51 -45.57
N ASN A 301 7.18 3.93 -45.97
CA ASN A 301 7.24 2.53 -46.35
C ASN A 301 7.74 1.62 -45.23
N GLY A 302 7.88 2.14 -44.02
CA GLY A 302 8.30 1.35 -42.89
C GLY A 302 9.80 1.20 -42.72
N THR A 303 10.60 1.81 -43.57
CA THR A 303 12.05 1.79 -43.43
C THR A 303 12.54 3.07 -42.78
N ILE A 304 13.75 3.01 -42.21
CA ILE A 304 14.35 4.15 -41.54
C ILE A 304 15.36 4.79 -42.48
N THR A 305 15.31 6.13 -42.57
CA THR A 305 16.17 6.87 -43.47
C THR A 305 17.28 7.64 -42.77
N ASP A 306 17.14 7.91 -41.47
CA ASP A 306 18.18 8.63 -40.75
C ASP A 306 18.07 8.31 -39.26
N ALA A 307 19.19 8.50 -38.56
CA ALA A 307 19.26 8.25 -37.13
C ALA A 307 20.10 9.33 -36.48
N VAL A 308 19.76 9.66 -35.24
CA VAL A 308 20.47 10.66 -34.46
C VAL A 308 20.85 10.05 -33.12
N ASP A 309 22.12 10.18 -32.75
CA ASP A 309 22.61 9.72 -31.45
C ASP A 309 22.47 10.85 -30.45
N CYS A 310 21.71 10.60 -29.37
CA CYS A 310 21.42 11.65 -28.41
C CYS A 310 22.67 12.15 -27.70
N ALA A 311 23.67 11.29 -27.52
CA ALA A 311 24.87 11.63 -26.78
C ALA A 311 26.02 12.10 -27.67
N LEU A 312 25.76 12.31 -28.95
CA LEU A 312 26.83 12.69 -29.87
C LEU A 312 27.35 14.09 -29.57
N ASP A 313 26.45 15.05 -29.42
CA ASP A 313 26.83 16.44 -29.25
C ASP A 313 25.64 17.21 -28.68
N PRO A 314 25.85 18.42 -28.18
CA PRO A 314 24.71 19.21 -27.68
C PRO A 314 23.63 19.44 -28.72
N LEU A 315 24.00 19.61 -30.00
CA LEU A 315 23.00 19.75 -31.05
C LEU A 315 22.16 18.47 -31.16
N SER A 316 22.80 17.31 -31.07
CA SER A 316 22.07 16.05 -31.11
C SER A 316 21.19 15.89 -29.88
N GLU A 317 21.66 16.35 -28.72
CA GLU A 317 20.82 16.33 -27.52
C GLU A 317 19.60 17.20 -27.70
N THR A 318 19.76 18.37 -28.33
CA THR A 318 18.61 19.22 -28.64
C THR A 318 17.66 18.53 -29.59
N LYS A 319 18.19 17.85 -30.60
CA LYS A 319 17.35 17.11 -31.53
C LYS A 319 16.54 16.04 -30.81
N CYS A 320 17.17 15.33 -29.88
CA CYS A 320 16.47 14.29 -29.13
C CYS A 320 15.41 14.87 -28.20
N THR A 321 15.74 15.97 -27.50
CA THR A 321 14.80 16.50 -26.52
C THR A 321 13.62 17.19 -27.20
N LEU A 322 13.82 17.75 -28.39
CA LEU A 322 12.70 18.31 -29.14
C LEU A 322 11.90 17.23 -29.84
N LYS A 323 12.47 16.03 -29.99
CA LYS A 323 11.83 14.92 -30.70
C LYS A 323 11.43 15.34 -32.11
N SER A 324 12.25 16.20 -32.71
CA SER A 324 12.06 16.66 -34.07
C SER A 324 13.39 16.62 -34.80
N PHE A 325 13.33 16.32 -36.09
CA PHE A 325 14.55 16.17 -36.88
C PHE A 325 15.16 17.49 -37.29
N THR A 326 14.44 18.60 -37.12
CA THR A 326 14.95 19.93 -37.44
C THR A 326 14.77 20.82 -36.23
N VAL A 327 15.83 21.53 -35.85
CA VAL A 327 15.82 22.40 -34.68
C VAL A 327 15.65 23.83 -35.14
N GLU A 328 14.62 24.50 -34.64
CA GLU A 328 14.37 25.89 -34.97
C GLU A 328 15.26 26.80 -34.11
N LYS A 329 15.36 28.06 -34.54
CA LYS A 329 16.20 29.01 -33.83
C LYS A 329 15.62 29.32 -32.45
N GLY A 330 16.50 29.38 -31.47
CA GLY A 330 16.10 29.69 -30.11
C GLY A 330 17.01 29.00 -29.12
N ILE A 331 16.53 28.93 -27.87
CA ILE A 331 17.23 28.27 -26.78
C ILE A 331 16.33 27.19 -26.21
N TYR A 332 16.92 26.03 -25.91
CA TYR A 332 16.16 24.89 -25.40
C TYR A 332 16.92 24.25 -24.26
N GLN A 333 16.24 24.04 -23.14
CA GLN A 333 16.84 23.35 -22.02
C GLN A 333 16.97 21.87 -22.34
N THR A 334 18.18 21.34 -22.25
CA THR A 334 18.44 19.96 -22.65
C THR A 334 18.86 19.06 -21.51
N SER A 335 19.84 19.47 -20.70
CA SER A 335 20.39 18.57 -19.70
C SER A 335 20.47 19.30 -18.36
N ASN A 336 21.10 18.66 -17.38
CA ASN A 336 21.28 19.24 -16.05
C ASN A 336 22.67 18.87 -15.54
N PHE A 337 23.60 19.81 -15.62
CA PHE A 337 24.94 19.59 -15.11
C PHE A 337 24.91 19.42 -13.61
N ARG A 338 25.59 18.38 -13.12
CA ARG A 338 25.69 18.10 -11.70
C ARG A 338 27.12 17.65 -11.40
N VAL A 339 27.77 18.33 -10.47
CA VAL A 339 29.12 17.95 -10.06
C VAL A 339 29.03 16.73 -9.15
N GLN A 340 29.83 15.72 -9.45
CA GLN A 340 29.75 14.51 -8.66
C GLN A 340 30.84 14.49 -7.58
N PRO A 341 30.57 13.86 -6.45
CA PRO A 341 31.60 13.76 -5.40
C PRO A 341 32.77 12.90 -5.85
N THR A 342 33.95 13.21 -5.31
CA THR A 342 35.17 12.51 -5.67
C THR A 342 35.75 11.67 -4.54
N GLU A 343 35.54 12.06 -3.29
CA GLU A 343 36.10 11.34 -2.15
C GLU A 343 35.01 11.10 -1.12
N SER A 344 35.29 10.16 -0.21
CA SER A 344 34.42 9.85 0.92
C SER A 344 35.19 10.09 2.20
N ILE A 345 34.79 11.08 2.98
CA ILE A 345 35.47 11.47 4.21
C ILE A 345 34.53 11.21 5.37
N VAL A 346 34.97 10.38 6.31
CA VAL A 346 34.24 10.09 7.53
C VAL A 346 35.12 10.44 8.72
N ARG A 347 34.57 11.16 9.69
CA ARG A 347 35.34 11.64 10.82
C ARG A 347 34.60 11.36 12.12
N PHE A 348 35.37 10.99 13.14
CA PHE A 348 34.87 10.72 14.47
C PHE A 348 35.83 11.32 15.48
N PRO A 349 35.37 11.59 16.70
CA PRO A 349 36.26 12.16 17.72
C PRO A 349 37.42 11.23 18.05
N ASN A 350 38.39 11.78 18.76
CA ASN A 350 39.57 11.01 19.14
C ASN A 350 39.17 9.80 19.96
N ILE A 351 39.75 8.65 19.64
CA ILE A 351 39.43 7.40 20.34
C ILE A 351 40.08 7.45 21.71
N THR A 352 39.28 7.52 22.76
CA THR A 352 39.77 7.58 24.13
C THR A 352 38.86 6.76 25.02
N ASN A 353 39.27 6.61 26.28
CA ASN A 353 38.53 5.82 27.27
C ASN A 353 38.27 4.41 26.78
N LEU A 354 39.31 3.78 26.25
CA LEU A 354 39.20 2.41 25.76
C LEU A 354 38.91 1.45 26.90
N CYS A 355 38.22 0.37 26.58
CA CYS A 355 37.88 -0.62 27.59
C CYS A 355 39.15 -1.27 28.14
N PRO A 356 39.21 -1.58 29.44
CA PRO A 356 40.41 -2.18 30.03
C PRO A 356 40.54 -3.67 29.71
N PHE A 357 40.65 -3.98 28.41
CA PHE A 357 40.82 -5.36 28.00
C PHE A 357 42.17 -5.92 28.45
N GLY A 358 43.20 -5.09 28.46
CA GLY A 358 44.51 -5.55 28.89
C GLY A 358 44.55 -5.99 30.34
N GLU A 359 43.72 -5.38 31.18
CA GLU A 359 43.70 -5.74 32.60
C GLU A 359 43.19 -7.16 32.83
N VAL A 360 42.52 -7.75 31.84
CA VAL A 360 41.98 -9.10 32.00
C VAL A 360 42.96 -10.11 31.39
N PHE A 361 43.32 -9.91 30.13
CA PHE A 361 44.21 -10.84 29.44
C PHE A 361 45.59 -10.86 30.09
N ASN A 362 46.13 -9.69 30.41
CA ASN A 362 47.47 -9.57 31.00
C ASN A 362 47.44 -9.57 32.52
N ALA A 363 46.41 -10.14 33.13
CA ALA A 363 46.34 -10.19 34.59
C ALA A 363 47.43 -11.09 35.15
N THR A 364 48.02 -10.66 36.25
CA THR A 364 49.09 -11.45 36.89
C THR A 364 48.57 -12.72 37.54
N ARG A 365 47.28 -12.80 37.81
CA ARG A 365 46.69 -13.97 38.44
C ARG A 365 45.45 -14.40 37.66
N PHE A 366 45.24 -15.71 37.57
CA PHE A 366 44.10 -16.28 36.88
C PHE A 366 43.19 -16.97 37.89
N ALA A 367 41.89 -16.73 37.76
CA ALA A 367 40.92 -17.29 38.69
C ALA A 367 40.75 -18.79 38.46
N SER A 368 40.22 -19.45 39.49
CA SER A 368 39.97 -20.89 39.41
C SER A 368 38.80 -21.18 38.47
N VAL A 369 38.71 -22.44 38.04
CA VAL A 369 37.64 -22.84 37.14
C VAL A 369 36.28 -22.72 37.82
N TYR A 370 36.19 -23.18 39.07
CA TYR A 370 34.94 -23.09 39.82
C TYR A 370 34.70 -21.71 40.41
N ALA A 371 35.68 -20.81 40.33
CA ALA A 371 35.59 -19.46 40.88
C ALA A 371 36.08 -18.44 39.86
N TRP A 372 35.58 -18.57 38.62
CA TRP A 372 36.00 -17.69 37.55
C TRP A 372 35.71 -16.22 37.89
N ASN A 373 36.64 -15.35 37.52
CA ASN A 373 36.54 -13.93 37.85
C ASN A 373 35.73 -13.22 36.76
N ARG A 374 34.65 -12.55 37.17
CA ARG A 374 33.77 -11.84 36.27
C ARG A 374 34.01 -10.34 36.39
N LYS A 375 34.29 -9.70 35.25
CA LYS A 375 34.52 -8.26 35.19
C LYS A 375 33.50 -7.64 34.23
N ARG A 376 32.98 -6.48 34.60
CA ARG A 376 32.00 -5.77 33.77
C ARG A 376 32.67 -4.60 33.07
N ILE A 377 32.43 -4.47 31.77
CA ILE A 377 32.96 -3.38 30.97
C ILE A 377 31.80 -2.67 30.28
N SER A 378 31.73 -1.36 30.44
CA SER A 378 30.68 -0.57 29.82
C SER A 378 31.16 0.88 29.72
N ASN A 379 30.51 1.63 28.84
CA ASN A 379 30.81 3.03 28.60
C ASN A 379 32.29 3.23 28.27
N CYS A 380 32.80 2.38 27.38
CA CYS A 380 34.19 2.44 26.96
C CYS A 380 34.31 1.95 25.54
N VAL A 381 35.41 2.32 24.89
CA VAL A 381 35.69 1.90 23.52
C VAL A 381 36.28 0.50 23.56
N ALA A 382 35.63 -0.44 22.89
CA ALA A 382 36.06 -1.83 22.89
C ALA A 382 37.04 -2.04 21.75
N ASP A 383 38.33 -2.12 22.09
CA ASP A 383 39.39 -2.34 21.10
C ASP A 383 39.44 -3.83 20.75
N TYR A 384 38.37 -4.28 20.09
CA TYR A 384 38.27 -5.69 19.73
C TYR A 384 39.27 -6.09 18.64
N SER A 385 39.61 -5.18 17.74
CA SER A 385 40.52 -5.51 16.65
C SER A 385 41.90 -5.89 17.16
N VAL A 386 42.34 -5.28 18.27
CA VAL A 386 43.66 -5.61 18.81
C VAL A 386 43.71 -7.07 19.25
N LEU A 387 42.67 -7.54 19.92
CA LEU A 387 42.62 -8.94 20.32
C LEU A 387 42.41 -9.85 19.11
N TYR A 388 41.59 -9.41 18.15
CA TYR A 388 41.30 -10.25 16.99
C TYR A 388 42.56 -10.49 16.16
N ASN A 389 43.35 -9.45 15.95
CA ASN A 389 44.58 -9.57 15.16
C ASN A 389 45.73 -10.17 15.96
N SER A 390 45.63 -10.21 17.29
CA SER A 390 46.69 -10.76 18.10
C SER A 390 46.84 -12.26 17.85
N ALA A 391 48.08 -12.71 17.71
CA ALA A 391 48.40 -14.11 17.46
C ALA A 391 48.74 -14.88 18.74
N SER A 392 48.62 -14.24 19.90
CA SER A 392 48.96 -14.88 21.15
C SER A 392 47.88 -15.84 21.65
N PHE A 393 46.72 -15.88 20.99
CA PHE A 393 45.61 -16.71 21.42
C PHE A 393 45.55 -17.98 20.58
N SER A 394 45.44 -19.13 21.25
CA SER A 394 45.36 -20.41 20.57
C SER A 394 43.93 -20.76 20.15
N THR A 395 42.94 -20.36 20.94
CA THR A 395 41.54 -20.61 20.64
C THR A 395 40.80 -19.29 20.62
N PHE A 396 40.05 -19.03 19.55
CA PHE A 396 39.31 -17.79 19.36
C PHE A 396 37.98 -18.14 18.71
N LYS A 397 36.94 -18.34 19.53
CA LYS A 397 35.65 -18.81 19.06
C LYS A 397 34.59 -17.77 19.36
N CYS A 398 33.96 -17.24 18.31
CA CYS A 398 32.90 -16.24 18.45
C CYS A 398 31.57 -16.85 18.03
N TYR A 399 30.58 -16.77 18.91
CA TYR A 399 29.25 -17.29 18.66
C TYR A 399 28.27 -16.14 18.65
N GLY A 400 27.50 -16.01 17.56
CA GLY A 400 26.53 -14.95 17.41
C GLY A 400 27.10 -13.64 16.92
N VAL A 401 28.41 -13.55 16.70
CA VAL A 401 29.05 -12.34 16.23
C VAL A 401 30.20 -12.70 15.30
N SER A 402 30.37 -11.90 14.26
CA SER A 402 31.47 -12.12 13.32
C SER A 402 32.78 -11.63 13.94
N PRO A 403 33.81 -12.48 13.96
CA PRO A 403 35.09 -12.05 14.55
C PRO A 403 35.71 -10.85 13.84
N THR A 404 35.43 -10.67 12.56
CA THR A 404 35.97 -9.54 11.81
C THR A 404 35.07 -8.32 11.84
N LYS A 405 33.85 -8.44 12.38
CA LYS A 405 32.90 -7.33 12.38
C LYS A 405 32.31 -7.06 13.76
N LEU A 406 32.86 -7.65 14.82
CA LEU A 406 32.33 -7.42 16.16
C LEU A 406 32.60 -6.01 16.65
N ASN A 407 33.58 -5.32 16.07
CA ASN A 407 33.83 -3.92 16.46
C ASN A 407 32.70 -3.00 16.05
N ASP A 408 31.84 -3.42 15.11
CA ASP A 408 30.71 -2.63 14.68
C ASP A 408 29.44 -2.94 15.46
N LEU A 409 29.50 -3.82 16.44
CA LEU A 409 28.35 -4.22 17.24
C LEU A 409 28.41 -3.55 18.60
N CYS A 410 27.30 -2.94 19.01
CA CYS A 410 27.20 -2.26 20.29
C CYS A 410 26.34 -3.06 21.25
N PHE A 411 26.78 -3.15 22.50
CA PHE A 411 26.08 -3.91 23.53
C PHE A 411 26.03 -3.09 24.81
N THR A 412 25.04 -3.41 25.65
CA THR A 412 24.89 -2.69 26.92
C THR A 412 26.10 -2.91 27.81
N ASN A 413 26.61 -4.13 27.87
CA ASN A 413 27.77 -4.43 28.71
C ASN A 413 28.52 -5.61 28.13
N VAL A 414 29.77 -5.75 28.56
CA VAL A 414 30.61 -6.88 28.21
C VAL A 414 31.07 -7.53 29.51
N TYR A 415 30.75 -8.80 29.68
CA TYR A 415 31.11 -9.55 30.87
C TYR A 415 32.29 -10.47 30.53
N ALA A 416 33.44 -10.20 31.13
CA ALA A 416 34.64 -10.99 30.92
C ALA A 416 34.75 -12.00 32.06
N ASP A 417 34.54 -13.28 31.73
CA ASP A 417 34.74 -14.36 32.68
C ASP A 417 36.10 -14.98 32.39
N SER A 418 37.05 -14.74 33.28
CA SER A 418 38.42 -15.19 33.11
C SER A 418 38.75 -16.28 34.13
N PHE A 419 39.45 -17.31 33.67
CA PHE A 419 39.85 -18.40 34.55
C PHE A 419 41.03 -19.13 33.92
N VAL A 420 41.56 -20.09 34.66
CA VAL A 420 42.64 -20.96 34.20
C VAL A 420 42.16 -22.40 34.30
N ILE A 421 42.31 -23.16 33.22
CA ILE A 421 41.84 -24.53 33.13
C ILE A 421 42.93 -25.38 32.50
N ARG A 422 42.62 -26.65 32.28
CA ARG A 422 43.52 -27.57 31.58
C ARG A 422 43.28 -27.49 30.07
N GLY A 423 44.26 -27.97 29.32
CA GLY A 423 44.13 -27.97 27.87
C GLY A 423 43.00 -28.85 27.39
N ASP A 424 42.87 -30.03 27.98
CA ASP A 424 41.79 -30.94 27.58
C ASP A 424 40.42 -30.36 27.86
N GLU A 425 40.31 -29.51 28.89
CA GLU A 425 39.06 -28.85 29.20
C GLU A 425 38.84 -27.58 28.39
N VAL A 426 39.82 -27.20 27.55
CA VAL A 426 39.67 -25.99 26.75
C VAL A 426 38.48 -26.12 25.81
N ARG A 427 38.28 -27.29 25.22
CA ARG A 427 37.13 -27.52 24.36
C ARG A 427 35.82 -27.52 25.13
N GLN A 428 35.87 -27.67 26.46
CA GLN A 428 34.65 -27.67 27.26
C GLN A 428 34.02 -26.28 27.36
N ILE A 429 34.78 -25.23 27.06
CA ILE A 429 34.24 -23.86 27.13
C ILE A 429 33.62 -23.57 25.78
N ALA A 430 32.36 -23.97 25.64
CA ALA A 430 31.61 -23.78 24.40
C ALA A 430 30.13 -23.95 24.71
N PRO A 431 29.26 -23.23 24.00
CA PRO A 431 27.82 -23.43 24.21
C PRO A 431 27.40 -24.85 23.86
N GLY A 432 26.52 -25.40 24.68
CA GLY A 432 26.03 -26.75 24.45
C GLY A 432 27.02 -27.84 24.81
N GLN A 433 28.16 -27.50 25.41
CA GLN A 433 29.17 -28.48 25.76
C GLN A 433 28.87 -29.09 27.13
N THR A 434 29.42 -30.28 27.36
CA THR A 434 29.23 -31.00 28.60
C THR A 434 30.58 -31.44 29.15
N GLY A 435 30.62 -31.64 30.46
CA GLY A 435 31.83 -32.04 31.14
C GLY A 435 31.80 -31.59 32.58
N LYS A 436 32.90 -31.87 33.29
CA LYS A 436 32.99 -31.46 34.69
C LYS A 436 32.99 -29.95 34.83
N ILE A 437 33.85 -29.27 34.07
CA ILE A 437 33.90 -27.82 34.14
C ILE A 437 32.65 -27.20 33.52
N ALA A 438 32.16 -27.80 32.43
CA ALA A 438 31.02 -27.23 31.72
C ALA A 438 29.73 -27.34 32.53
N ASP A 439 29.69 -28.22 33.53
CA ASP A 439 28.48 -28.44 34.31
C ASP A 439 28.61 -28.04 35.77
N TYR A 440 29.82 -27.91 36.30
CA TYR A 440 30.02 -27.62 37.71
C TYR A 440 30.93 -26.43 37.99
N ASN A 441 31.83 -26.09 37.07
CA ASN A 441 32.74 -24.96 37.25
C ASN A 441 32.31 -23.73 36.47
N TYR A 442 32.08 -23.88 35.16
CA TYR A 442 31.65 -22.76 34.32
C TYR A 442 30.69 -23.30 33.27
N LYS A 443 29.42 -22.92 33.39
CA LYS A 443 28.37 -23.37 32.48
C LYS A 443 28.00 -22.24 31.53
N LEU A 444 28.00 -22.54 30.23
CA LEU A 444 27.63 -21.57 29.22
C LEU A 444 26.28 -21.92 28.60
N PRO A 445 25.42 -20.94 28.37
CA PRO A 445 24.11 -21.23 27.77
C PRO A 445 24.25 -21.70 26.34
N ASP A 446 23.25 -22.46 25.88
CA ASP A 446 23.27 -22.97 24.51
C ASP A 446 23.24 -21.84 23.50
N ASP A 447 22.47 -20.79 23.78
CA ASP A 447 22.37 -19.63 22.90
C ASP A 447 23.30 -18.50 23.32
N PHE A 448 24.46 -18.83 23.87
CA PHE A 448 25.40 -17.81 24.32
C PHE A 448 25.92 -17.01 23.14
N THR A 449 25.97 -15.69 23.31
CA THR A 449 26.51 -14.78 22.30
C THR A 449 27.74 -14.11 22.90
N GLY A 450 28.86 -14.25 22.22
CA GLY A 450 30.11 -13.68 22.70
C GLY A 450 31.29 -14.44 22.14
N CYS A 451 32.48 -14.02 22.57
CA CYS A 451 33.73 -14.58 22.05
C CYS A 451 34.58 -15.12 23.18
N VAL A 452 35.03 -16.35 23.04
CA VAL A 452 35.91 -17.00 24.00
C VAL A 452 37.31 -17.01 23.42
N ILE A 453 38.27 -16.46 24.17
CA ILE A 453 39.68 -16.43 23.78
C ILE A 453 40.47 -17.18 24.84
N ALA A 454 41.17 -18.23 24.43
CA ALA A 454 41.96 -19.05 25.34
C ALA A 454 43.36 -19.18 24.78
N TRP A 455 44.36 -19.09 25.67
CA TRP A 455 45.75 -19.23 25.30
C TRP A 455 46.50 -19.99 26.37
N ASN A 456 47.42 -20.84 25.93
CA ASN A 456 48.21 -21.64 26.85
C ASN A 456 49.05 -20.74 27.77
N SER A 457 49.04 -21.04 29.05
CA SER A 457 49.77 -20.28 30.06
C SER A 457 50.71 -21.19 30.83
N ASN A 458 51.30 -22.17 30.14
CA ASN A 458 52.24 -23.08 30.79
C ASN A 458 53.47 -22.33 31.30
N ASN A 459 53.99 -21.41 30.49
CA ASN A 459 55.16 -20.64 30.89
C ASN A 459 54.86 -19.62 31.97
N LEU A 460 53.58 -19.34 32.25
CA LEU A 460 53.20 -18.34 33.23
C LEU A 460 52.48 -18.92 34.44
N ASP A 461 51.67 -19.97 34.25
CA ASP A 461 50.89 -20.53 35.34
C ASP A 461 51.47 -21.82 35.91
N SER A 462 52.07 -22.67 35.07
CA SER A 462 52.61 -23.92 35.56
C SER A 462 53.83 -23.68 36.44
N LYS A 463 53.97 -24.52 37.46
CA LYS A 463 55.08 -24.45 38.40
C LYS A 463 55.78 -25.80 38.46
N VAL A 464 57.08 -25.76 38.79
CA VAL A 464 57.87 -26.98 38.84
C VAL A 464 57.32 -27.94 39.90
N GLY A 465 56.97 -27.40 41.06
CA GLY A 465 56.39 -28.21 42.12
C GLY A 465 54.92 -28.49 41.98
N GLY A 466 54.28 -27.96 40.94
CA GLY A 466 52.86 -28.17 40.74
C GLY A 466 52.02 -27.02 41.26
N ASN A 467 51.38 -26.28 40.33
CA ASN A 467 50.56 -25.13 40.69
C ASN A 467 49.15 -25.64 41.00
N TYR A 468 48.85 -25.80 42.28
CA TYR A 468 47.55 -26.28 42.73
C TYR A 468 46.62 -25.14 43.14
N ASN A 469 46.99 -23.89 42.85
CA ASN A 469 46.17 -22.75 43.22
C ASN A 469 44.87 -22.68 42.43
N TYR A 470 44.73 -23.45 41.35
CA TYR A 470 43.52 -23.49 40.55
C TYR A 470 42.72 -24.72 40.91
N LEU A 471 41.45 -24.51 41.29
CA LEU A 471 40.56 -25.60 41.70
C LEU A 471 39.30 -25.58 40.85
N TYR A 472 38.81 -26.78 40.53
CA TYR A 472 37.61 -26.93 39.73
C TYR A 472 36.63 -27.83 40.47
N ARG A 473 35.34 -27.52 40.33
CA ARG A 473 34.30 -28.30 40.99
C ARG A 473 34.18 -29.66 40.30
N LEU A 474 34.21 -30.72 41.11
CA LEU A 474 34.12 -32.09 40.61
C LEU A 474 32.84 -32.80 41.02
N PHE A 475 32.43 -32.69 42.27
CA PHE A 475 31.22 -33.33 42.77
C PHE A 475 30.21 -32.25 43.14
N ARG A 476 28.99 -32.39 42.62
CA ARG A 476 27.93 -31.43 42.91
C ARG A 476 26.59 -32.14 42.89
N LYS A 477 25.61 -31.53 43.54
CA LYS A 477 24.27 -32.11 43.57
C LYS A 477 23.64 -32.14 42.18
N SER A 478 23.84 -31.08 41.41
CA SER A 478 23.25 -30.99 40.07
C SER A 478 24.13 -30.09 39.21
N ASN A 479 23.91 -30.16 37.90
CA ASN A 479 24.67 -29.32 36.97
C ASN A 479 24.35 -27.85 37.20
N LEU A 480 25.38 -27.02 37.13
CA LEU A 480 25.22 -25.60 37.37
C LEU A 480 24.47 -24.93 36.23
N LYS A 481 23.74 -23.87 36.56
CA LYS A 481 23.03 -23.09 35.56
C LYS A 481 24.03 -22.31 34.71
N PRO A 482 23.63 -21.90 33.51
CA PRO A 482 24.52 -21.06 32.69
C PRO A 482 24.89 -19.77 33.41
N PHE A 483 26.18 -19.42 33.30
CA PHE A 483 26.73 -18.22 33.93
C PHE A 483 26.48 -18.19 35.44
N GLU A 484 26.49 -19.36 36.07
CA GLU A 484 26.30 -19.47 37.52
C GLU A 484 27.65 -19.76 38.18
N ARG A 485 27.94 -19.02 39.25
CA ARG A 485 29.20 -19.13 39.97
C ARG A 485 28.92 -19.78 41.32
N ASP A 486 29.35 -21.03 41.48
CA ASP A 486 29.20 -21.78 42.72
C ASP A 486 30.58 -22.01 43.32
N ILE A 487 30.76 -21.55 44.57
CA ILE A 487 32.02 -21.68 45.27
C ILE A 487 31.84 -22.33 46.64
N SER A 488 30.82 -23.17 46.79
CA SER A 488 30.59 -23.85 48.05
C SER A 488 31.73 -24.83 48.35
N THR A 489 32.18 -24.83 49.61
CA THR A 489 33.28 -25.67 50.04
C THR A 489 32.84 -26.82 50.94
N GLU A 490 31.53 -27.03 51.07
CA GLU A 490 31.04 -28.13 51.89
C GLU A 490 31.40 -29.47 51.27
N ILE A 491 31.72 -30.44 52.13
CA ILE A 491 32.10 -31.77 51.65
C ILE A 491 30.92 -32.42 50.96
N TYR A 492 31.14 -32.89 49.74
CA TYR A 492 30.06 -33.48 48.96
C TYR A 492 29.67 -34.84 49.55
N GLN A 493 28.36 -35.03 49.74
CA GLN A 493 27.82 -36.28 50.26
C GLN A 493 27.28 -37.09 49.08
N ALA A 494 28.04 -38.09 48.66
CA ALA A 494 27.61 -38.94 47.54
C ALA A 494 26.35 -39.72 47.90
N GLY A 495 26.29 -40.23 49.13
CA GLY A 495 25.15 -40.99 49.60
C GLY A 495 24.31 -40.23 50.60
N SER A 496 23.52 -40.98 51.36
CA SER A 496 22.63 -40.41 52.36
C SER A 496 23.29 -40.24 53.72
N THR A 497 24.51 -40.73 53.91
CA THR A 497 25.19 -40.59 55.18
C THR A 497 25.73 -39.17 55.32
N PRO A 498 25.33 -38.42 56.35
CA PRO A 498 25.87 -37.07 56.52
C PRO A 498 27.38 -37.10 56.75
N CYS A 499 28.07 -36.12 56.15
CA CYS A 499 29.51 -36.02 56.33
C CYS A 499 29.88 -35.44 57.69
N ASN A 500 29.08 -34.49 58.19
CA ASN A 500 29.33 -33.83 59.47
C ASN A 500 30.70 -33.17 59.51
N GLY A 501 31.17 -32.68 58.36
CA GLY A 501 32.45 -32.01 58.29
C GLY A 501 33.66 -32.93 58.34
N VAL A 502 33.47 -34.24 58.24
CA VAL A 502 34.55 -35.21 58.31
C VAL A 502 34.59 -35.99 57.00
N GLU A 503 35.75 -36.03 56.38
CA GLU A 503 35.91 -36.79 55.15
C GLU A 503 35.89 -38.29 55.43
N GLY A 504 35.41 -39.05 54.46
CA GLY A 504 35.31 -40.49 54.62
C GLY A 504 34.54 -41.11 53.47
N PHE A 505 33.94 -42.26 53.75
CA PHE A 505 33.14 -42.95 52.74
C PHE A 505 31.98 -42.07 52.29
N ASN A 506 31.81 -41.98 50.96
CA ASN A 506 30.78 -41.15 50.34
C ASN A 506 30.90 -39.68 50.74
N CYS A 507 32.10 -39.24 51.11
CA CYS A 507 32.34 -37.86 51.54
C CYS A 507 33.66 -37.41 50.90
N TYR A 508 33.55 -36.83 49.71
CA TYR A 508 34.70 -36.38 48.95
C TYR A 508 34.63 -34.87 48.77
N PHE A 509 35.81 -34.25 48.70
CA PHE A 509 35.87 -32.81 48.53
C PHE A 509 35.40 -32.44 47.13
N PRO A 510 34.40 -31.55 46.99
CA PRO A 510 33.90 -31.22 45.64
C PRO A 510 34.91 -30.55 44.75
N LEU A 511 35.95 -29.93 45.31
CA LEU A 511 36.94 -29.20 44.54
C LEU A 511 38.19 -30.04 44.35
N GLN A 512 38.71 -30.04 43.12
CA GLN A 512 39.94 -30.76 42.78
C GLN A 512 40.94 -29.79 42.19
N SER A 513 42.19 -29.91 42.61
CA SER A 513 43.25 -29.03 42.14
C SER A 513 43.89 -29.59 40.88
N TYR A 514 44.44 -28.68 40.07
CA TYR A 514 45.10 -29.05 38.83
C TYR A 514 46.60 -29.23 39.05
N GLY A 515 47.16 -30.26 38.44
CA GLY A 515 48.59 -30.49 38.51
C GLY A 515 49.34 -29.82 37.40
N PHE A 516 49.34 -28.48 37.39
CA PHE A 516 49.99 -27.72 36.33
C PHE A 516 51.49 -27.72 36.54
N GLN A 517 52.22 -28.32 35.59
CA GLN A 517 53.67 -28.38 35.62
C GLN A 517 54.21 -28.06 34.24
N PRO A 518 55.41 -27.48 34.15
CA PRO A 518 56.00 -27.22 32.83
C PRO A 518 56.26 -28.48 32.02
N THR A 519 56.49 -29.62 32.67
CA THR A 519 56.73 -30.87 31.98
C THR A 519 55.44 -31.60 31.63
N ASN A 520 54.28 -31.06 32.00
CA ASN A 520 53.02 -31.70 31.68
C ASN A 520 52.70 -31.57 30.19
N GLY A 521 51.77 -32.39 29.74
CA GLY A 521 51.38 -32.40 28.34
C GLY A 521 50.55 -31.19 27.97
N VAL A 522 50.23 -31.11 26.68
CA VAL A 522 49.44 -29.98 26.17
C VAL A 522 48.07 -29.96 26.81
N GLY A 523 47.43 -31.12 26.92
CA GLY A 523 46.13 -31.19 27.57
C GLY A 523 46.17 -30.96 29.06
N TYR A 524 47.31 -31.23 29.69
CA TYR A 524 47.49 -30.99 31.12
C TYR A 524 48.14 -29.65 31.42
N GLN A 525 48.61 -28.93 30.40
CA GLN A 525 49.24 -27.64 30.64
C GLN A 525 48.17 -26.61 31.00
N PRO A 526 48.48 -25.66 31.88
CA PRO A 526 47.50 -24.63 32.24
C PRO A 526 47.29 -23.67 31.09
N TYR A 527 46.02 -23.32 30.84
CA TYR A 527 45.65 -22.38 29.80
C TYR A 527 44.67 -21.38 30.39
N ARG A 528 44.89 -20.09 30.09
CA ARG A 528 44.01 -19.03 30.55
C ARG A 528 42.94 -18.78 29.49
N VAL A 529 41.68 -18.84 29.91
CA VAL A 529 40.54 -18.66 29.02
C VAL A 529 39.67 -17.53 29.57
N VAL A 530 39.35 -16.57 28.70
CA VAL A 530 38.46 -15.47 29.03
C VAL A 530 37.33 -15.44 28.01
N VAL A 531 36.10 -15.47 28.50
CA VAL A 531 34.91 -15.42 27.66
C VAL A 531 34.27 -14.05 27.82
N LEU A 532 34.16 -13.32 26.72
CA LEU A 532 33.50 -12.02 26.68
C LEU A 532 32.07 -12.25 26.21
N SER A 533 31.11 -12.12 27.12
CA SER A 533 29.69 -12.25 26.81
C SER A 533 29.10 -10.86 26.62
N PHE A 534 28.33 -10.70 25.56
CA PHE A 534 27.78 -9.40 25.16
C PHE A 534 26.34 -9.32 25.66
N GLU A 535 26.10 -8.48 26.66
CA GLU A 535 24.77 -8.27 27.22
C GLU A 535 24.15 -7.05 26.56
N LEU A 536 22.99 -7.24 25.93
CA LEU A 536 22.28 -6.17 25.23
C LEU A 536 20.85 -6.15 25.76
N LEU A 537 20.52 -5.15 26.57
CA LEU A 537 19.21 -4.98 27.15
C LEU A 537 18.63 -3.64 26.67
N HIS A 538 17.55 -3.21 27.32
CA HIS A 538 16.95 -1.92 26.99
C HIS A 538 17.79 -0.79 27.59
N ALA A 539 18.96 -0.56 27.02
CA ALA A 539 19.92 0.41 27.51
C ALA A 539 20.52 1.15 26.33
N PRO A 540 21.09 2.34 26.56
CA PRO A 540 21.75 3.06 25.45
C PRO A 540 22.90 2.29 24.83
N ALA A 541 23.47 1.31 25.54
CA ALA A 541 24.55 0.47 25.01
C ALA A 541 25.77 1.31 24.60
N THR A 542 26.37 1.97 25.60
CA THR A 542 27.51 2.83 25.36
C THR A 542 28.78 2.05 25.01
N VAL A 543 28.78 0.73 25.17
CA VAL A 543 29.94 -0.09 24.87
C VAL A 543 29.96 -0.35 23.36
N CYS A 544 30.93 0.23 22.67
CA CYS A 544 31.04 0.10 21.22
C CYS A 544 32.50 0.05 20.83
N GLY A 545 32.75 -0.44 19.61
CA GLY A 545 34.09 -0.55 19.11
C GLY A 545 34.61 0.76 18.56
N PRO A 546 35.85 0.72 18.07
CA PRO A 546 36.46 1.95 17.55
C PRO A 546 35.79 2.42 16.27
N LYS A 547 35.87 3.73 16.03
CA LYS A 547 35.31 4.36 14.85
C LYS A 547 36.44 4.85 13.95
N LYS A 548 36.36 4.53 12.66
CA LYS A 548 37.40 4.90 11.73
C LYS A 548 37.40 6.42 11.49
N SER A 549 38.57 6.94 11.15
CA SER A 549 38.74 8.36 10.85
C SER A 549 39.54 8.51 9.56
N THR A 550 39.22 9.56 8.81
CA THR A 550 39.87 9.82 7.54
C THR A 550 40.36 11.26 7.49
N ASN A 551 41.32 11.51 6.62
CA ASN A 551 41.87 12.85 6.47
C ASN A 551 40.81 13.79 5.88
N LEU A 552 40.87 15.06 6.30
CA LEU A 552 39.89 16.04 5.89
C LEU A 552 40.28 16.66 4.55
N VAL A 553 39.28 16.90 3.71
CA VAL A 553 39.47 17.46 2.37
C VAL A 553 38.59 18.70 2.25
N LYS A 554 39.17 19.78 1.73
CA LYS A 554 38.45 21.04 1.54
C LYS A 554 38.34 21.38 0.06
N ASN A 555 37.38 22.25 -0.24
CA ASN A 555 37.20 22.82 -1.58
C ASN A 555 37.04 21.73 -2.65
N LYS A 556 36.30 20.68 -2.31
CA LYS A 556 36.05 19.61 -3.25
C LYS A 556 34.77 18.89 -2.86
N CYS A 557 33.95 18.57 -3.86
CA CYS A 557 32.72 17.81 -3.61
C CYS A 557 33.08 16.45 -3.04
N VAL A 558 32.73 16.23 -1.77
CA VAL A 558 33.00 14.98 -1.08
C VAL A 558 31.75 14.51 -0.37
N ASN A 559 31.70 13.22 -0.10
CA ASN A 559 30.66 12.61 0.73
C ASN A 559 31.15 12.61 2.17
N PHE A 560 30.61 13.50 2.99
CA PHE A 560 31.06 13.70 4.35
C PHE A 560 30.14 12.98 5.34
N ASN A 561 30.77 12.41 6.37
CA ASN A 561 30.04 11.72 7.45
C ASN A 561 30.70 12.13 8.77
N PHE A 562 30.07 13.09 9.45
CA PHE A 562 30.53 13.58 10.75
C PHE A 562 29.62 12.99 11.81
N ASN A 563 30.11 11.97 12.51
CA ASN A 563 29.33 11.25 13.52
C ASN A 563 28.05 10.71 12.92
N GLY A 564 26.93 11.35 13.22
CA GLY A 564 25.63 10.94 12.71
C GLY A 564 25.09 11.76 11.55
N LEU A 565 25.79 12.81 11.14
CA LEU A 565 25.35 13.68 10.06
C LEU A 565 26.06 13.27 8.77
N THR A 566 25.30 12.86 7.77
CA THR A 566 25.84 12.43 6.50
C THR A 566 25.31 13.32 5.38
N GLY A 567 26.16 13.56 4.39
CA GLY A 567 25.74 14.38 3.27
C GLY A 567 26.82 14.43 2.21
N THR A 568 26.58 15.25 1.20
CA THR A 568 27.53 15.44 0.11
C THR A 568 27.62 16.92 -0.21
N GLY A 569 28.83 17.44 -0.31
CA GLY A 569 29.00 18.85 -0.60
C GLY A 569 30.45 19.26 -0.54
N VAL A 570 30.66 20.58 -0.51
CA VAL A 570 31.99 21.17 -0.47
C VAL A 570 32.18 21.81 0.89
N LEU A 571 33.27 21.45 1.56
CA LEU A 571 33.59 21.96 2.89
C LEU A 571 34.62 23.07 2.78
N THR A 572 34.27 24.26 3.29
CA THR A 572 35.14 25.41 3.25
C THR A 572 35.29 25.99 4.66
N GLU A 573 36.28 26.87 4.81
CA GLU A 573 36.49 27.52 6.10
C GLU A 573 35.30 28.41 6.44
N SER A 574 34.94 28.43 7.72
CA SER A 574 33.78 29.15 8.20
C SER A 574 34.20 30.29 9.12
N ASN A 575 33.53 31.43 8.97
CA ASN A 575 33.75 32.59 9.82
C ASN A 575 32.77 32.68 10.97
N LYS A 576 31.84 31.72 11.08
CA LYS A 576 30.85 31.75 12.13
C LYS A 576 31.45 31.24 13.45
N LYS A 577 30.72 31.46 14.54
CA LYS A 577 31.14 31.05 15.88
C LYS A 577 30.06 30.16 16.48
N PHE A 578 30.46 28.99 16.95
CA PHE A 578 29.54 28.05 17.57
C PHE A 578 29.64 28.12 19.08
N LEU A 579 28.55 27.76 19.75
CA LEU A 579 28.58 27.59 21.19
C LEU A 579 29.41 26.35 21.53
N PRO A 580 30.01 26.32 22.72
CA PRO A 580 30.90 25.20 23.07
C PRO A 580 30.23 23.84 22.99
N PHE A 581 28.94 23.75 23.35
CA PHE A 581 28.24 22.47 23.33
C PHE A 581 27.61 22.17 21.97
N GLN A 582 27.49 23.14 21.08
CA GLN A 582 26.84 22.92 19.80
C GLN A 582 27.78 22.21 18.84
N GLN A 583 27.21 21.33 18.01
CA GLN A 583 27.98 20.54 17.07
C GLN A 583 27.83 20.99 15.62
N PHE A 584 26.61 21.31 15.19
CA PHE A 584 26.38 21.72 13.81
C PHE A 584 25.29 22.76 13.77
N GLY A 585 25.31 23.57 12.71
CA GLY A 585 24.38 24.65 12.54
C GLY A 585 23.39 24.36 11.43
N ARG A 586 22.17 24.85 11.59
CA ARG A 586 21.09 24.61 10.65
C ARG A 586 20.55 25.93 10.13
N ASP A 587 20.17 25.95 8.85
CA ASP A 587 19.66 27.15 8.23
C ASP A 587 18.17 27.32 8.54
N ILE A 588 17.58 28.39 8.00
CA ILE A 588 16.17 28.68 8.26
C ILE A 588 15.23 27.70 7.60
N ALA A 589 15.71 26.88 6.67
CA ALA A 589 14.89 25.90 5.97
C ALA A 589 15.18 24.47 6.44
N ASP A 590 15.59 24.30 7.70
CA ASP A 590 15.90 22.99 8.26
C ASP A 590 16.96 22.25 7.44
N THR A 591 17.98 23.00 7.01
CA THR A 591 19.08 22.45 6.24
C THR A 591 20.39 22.72 6.97
N THR A 592 21.23 21.70 7.09
CA THR A 592 22.52 21.86 7.75
C THR A 592 23.43 22.74 6.91
N ASP A 593 24.05 23.73 7.54
CA ASP A 593 24.90 24.68 6.85
C ASP A 593 26.33 24.74 7.38
N ALA A 594 26.53 24.53 8.68
CA ALA A 594 27.87 24.55 9.25
C ALA A 594 28.02 23.37 10.20
N VAL A 595 29.24 22.83 10.26
CA VAL A 595 29.55 21.68 11.09
C VAL A 595 30.84 21.94 11.84
N ARG A 596 31.07 21.12 12.87
CA ARG A 596 32.30 21.18 13.66
C ARG A 596 33.03 19.85 13.51
N ASP A 597 34.32 19.92 13.23
CA ASP A 597 35.11 18.72 13.09
C ASP A 597 35.29 18.05 14.45
N PRO A 598 34.96 16.76 14.58
CA PRO A 598 35.08 16.11 15.89
C PRO A 598 36.49 16.10 16.45
N GLN A 599 37.50 15.99 15.59
CA GLN A 599 38.88 15.91 16.06
C GLN A 599 39.45 17.31 16.33
N THR A 600 39.48 18.16 15.32
CA THR A 600 39.98 19.52 15.44
C THR A 600 38.80 20.47 15.67
N LEU A 601 38.91 21.33 16.68
CA LEU A 601 37.82 22.23 17.02
C LEU A 601 37.73 23.37 16.00
N GLU A 602 37.25 23.05 14.80
CA GLU A 602 37.11 24.02 13.72
C GLU A 602 35.70 23.99 13.17
N ILE A 603 35.28 25.11 12.58
CA ILE A 603 33.95 25.26 12.01
C ILE A 603 34.09 25.29 10.49
N LEU A 604 33.28 24.48 9.82
CA LEU A 604 33.34 24.33 8.36
C LEU A 604 31.96 24.57 7.77
N ASP A 605 31.91 25.40 6.73
CA ASP A 605 30.68 25.63 5.98
C ASP A 605 30.52 24.58 4.90
N ILE A 606 29.30 24.08 4.75
CA ILE A 606 28.95 23.07 3.75
C ILE A 606 28.15 23.75 2.65
N THR A 607 28.71 23.76 1.45
CA THR A 607 28.03 24.32 0.29
C THR A 607 27.54 23.19 -0.60
N PRO A 608 26.29 23.20 -1.05
CA PRO A 608 25.83 22.16 -1.96
C PRO A 608 26.64 22.16 -3.25
N CYS A 609 26.84 20.96 -3.80
CA CYS A 609 27.64 20.84 -5.02
C CYS A 609 26.98 21.58 -6.17
N SER A 610 27.82 22.21 -7.00
CA SER A 610 27.31 23.02 -8.10
C SER A 610 26.47 22.17 -9.05
N PHE A 611 25.30 22.70 -9.41
CA PHE A 611 24.41 22.03 -10.33
C PHE A 611 23.50 23.07 -10.97
N GLY A 612 23.04 22.77 -12.18
CA GLY A 612 22.16 23.69 -12.86
C GLY A 612 21.85 23.21 -14.27
N GLY A 613 20.82 23.83 -14.84
CA GLY A 613 20.38 23.43 -16.16
C GLY A 613 21.42 23.69 -17.23
N VAL A 614 21.32 22.94 -18.32
CA VAL A 614 22.20 23.06 -19.47
C VAL A 614 21.34 23.23 -20.70
N SER A 615 21.44 24.39 -21.34
CA SER A 615 20.66 24.71 -22.53
C SER A 615 21.59 24.88 -23.72
N VAL A 616 21.01 24.82 -24.92
CA VAL A 616 21.74 24.95 -26.17
C VAL A 616 21.22 26.18 -26.89
N ILE A 617 22.13 27.09 -27.24
CA ILE A 617 21.81 28.29 -28.00
C ILE A 617 22.36 28.10 -29.40
N THR A 618 21.48 28.12 -30.39
CA THR A 618 21.90 27.89 -31.76
C THR A 618 20.86 28.48 -32.70
N PRO A 619 21.26 28.94 -33.88
CA PRO A 619 20.28 29.29 -34.91
C PRO A 619 19.64 28.04 -35.48
N GLY A 620 18.69 28.26 -36.39
CA GLY A 620 18.03 27.13 -37.01
C GLY A 620 19.00 26.27 -37.79
N THR A 621 18.74 24.95 -37.79
CA THR A 621 19.59 24.03 -38.52
C THR A 621 19.57 24.29 -40.02
N ASN A 622 18.56 25.02 -40.50
CA ASN A 622 18.54 25.44 -41.90
C ASN A 622 19.66 26.40 -42.24
N THR A 623 20.28 27.01 -41.22
CA THR A 623 21.35 27.99 -41.43
C THR A 623 22.73 27.40 -41.15
N SER A 624 22.94 26.84 -39.97
CA SER A 624 24.24 26.28 -39.62
C SER A 624 24.06 25.24 -38.52
N ASN A 625 25.08 24.40 -38.36
CA ASN A 625 25.10 23.37 -37.34
C ASN A 625 25.93 23.76 -36.12
N GLN A 626 26.39 25.00 -36.07
CA GLN A 626 27.19 25.46 -34.94
C GLN A 626 26.29 25.82 -33.76
N VAL A 627 26.68 25.37 -32.56
CA VAL A 627 25.89 25.54 -31.36
C VAL A 627 26.77 26.09 -30.25
N ALA A 628 26.11 26.61 -29.21
CA ALA A 628 26.77 27.06 -28.00
C ALA A 628 26.04 26.46 -26.80
N VAL A 629 26.77 26.27 -25.71
CA VAL A 629 26.25 25.59 -24.52
C VAL A 629 26.22 26.58 -23.37
N LEU A 630 25.07 26.66 -22.71
CA LEU A 630 24.89 27.53 -21.56
C LEU A 630 24.64 26.71 -20.32
N TYR A 631 25.43 26.94 -19.28
CA TYR A 631 25.27 26.30 -17.98
C TYR A 631 24.72 27.34 -17.01
N GLN A 632 23.54 27.09 -16.46
CA GLN A 632 22.94 27.99 -15.51
C GLN A 632 23.73 27.98 -14.20
N ASP A 633 23.84 29.16 -13.58
CA ASP A 633 24.36 29.39 -12.24
C ASP A 633 25.50 28.46 -11.84
N VAL A 634 26.46 28.26 -12.75
CA VAL A 634 27.65 27.45 -12.50
C VAL A 634 28.86 28.26 -12.90
N ASN A 635 29.83 28.37 -11.99
CA ASN A 635 31.07 29.07 -12.30
C ASN A 635 31.84 28.33 -13.38
N CYS A 636 32.49 29.09 -14.25
CA CYS A 636 33.21 28.51 -15.38
C CYS A 636 34.39 27.66 -14.94
N THR A 637 34.89 27.85 -13.70
CA THR A 637 36.01 27.05 -13.22
C THR A 637 35.60 25.62 -12.91
N GLU A 638 34.34 25.38 -12.58
CA GLU A 638 33.88 24.05 -12.21
C GLU A 638 33.52 23.18 -13.41
N VAL A 639 33.56 23.73 -14.62
CA VAL A 639 33.22 22.97 -15.81
C VAL A 639 34.36 22.04 -16.20
N ASN A 660 36.72 29.66 -26.16
CA ASN A 660 35.67 30.67 -26.02
C ASN A 660 34.79 30.37 -24.81
N VAL A 661 35.21 30.87 -23.65
CA VAL A 661 34.47 30.70 -22.41
C VAL A 661 34.17 32.07 -21.84
N PHE A 662 32.89 32.30 -21.50
CA PHE A 662 32.44 33.59 -20.98
C PHE A 662 31.66 33.35 -19.70
N GLN A 663 31.81 34.27 -18.75
CA GLN A 663 31.10 34.20 -17.47
C GLN A 663 30.16 35.39 -17.37
N THR A 664 28.89 35.12 -17.13
CA THR A 664 27.87 36.15 -16.98
C THR A 664 27.02 35.83 -15.76
N ARG A 665 26.15 36.77 -15.41
CA ARG A 665 25.26 36.57 -14.27
C ARG A 665 24.34 35.37 -14.47
N ALA A 666 24.04 35.01 -15.72
CA ALA A 666 23.23 33.83 -15.99
C ALA A 666 24.01 32.53 -15.87
N GLY A 667 25.34 32.60 -15.85
CA GLY A 667 26.12 31.39 -15.71
C GLY A 667 27.36 31.36 -16.58
N CYS A 668 27.63 30.21 -17.20
CA CYS A 668 28.82 30.01 -18.01
C CYS A 668 28.41 29.68 -19.44
N LEU A 669 28.95 30.43 -20.40
CA LEU A 669 28.64 30.25 -21.81
C LEU A 669 29.88 29.77 -22.54
N ILE A 670 29.75 28.65 -23.25
CA ILE A 670 30.86 28.03 -23.96
C ILE A 670 30.51 27.94 -25.44
N GLY A 671 31.43 28.36 -26.29
CA GLY A 671 31.24 28.33 -27.72
C GLY A 671 30.89 29.66 -28.34
N ALA A 672 30.57 30.67 -27.55
CA ALA A 672 30.21 31.98 -28.04
C ALA A 672 31.27 33.00 -27.65
N GLU A 673 31.53 33.94 -28.56
CA GLU A 673 32.51 35.00 -28.34
C GLU A 673 31.76 36.28 -28.01
N HIS A 674 32.05 36.85 -26.84
CA HIS A 674 31.40 38.09 -26.42
C HIS A 674 32.03 39.29 -27.10
N VAL A 675 31.19 40.22 -27.53
CA VAL A 675 31.63 41.42 -28.23
C VAL A 675 31.15 42.65 -27.45
N ASN A 676 31.63 43.81 -27.88
CA ASN A 676 31.29 45.06 -27.22
C ASN A 676 30.11 45.78 -27.86
N ASN A 677 29.96 45.66 -29.18
CA ASN A 677 28.86 46.33 -29.87
C ASN A 677 27.52 45.76 -29.44
N SER A 678 26.50 46.61 -29.38
CA SER A 678 25.18 46.23 -28.93
C SER A 678 24.19 46.22 -30.07
N TYR A 679 23.27 45.26 -30.04
CA TYR A 679 22.23 45.12 -31.05
C TYR A 679 20.92 44.75 -30.36
N GLU A 680 19.87 44.61 -31.15
CA GLU A 680 18.61 44.09 -30.65
C GLU A 680 18.76 42.61 -30.31
N CYS A 681 18.01 42.17 -29.29
CA CYS A 681 18.11 40.79 -28.85
C CYS A 681 17.53 39.85 -29.90
N ASP A 682 18.22 38.74 -30.13
CA ASP A 682 17.78 37.71 -31.07
C ASP A 682 17.43 36.40 -30.38
N ILE A 683 18.36 35.84 -29.61
CA ILE A 683 18.12 34.67 -28.79
C ILE A 683 18.40 35.05 -27.34
N PRO A 684 17.36 35.23 -26.53
CA PRO A 684 17.58 35.73 -25.16
C PRO A 684 18.28 34.70 -24.29
N ILE A 685 19.39 35.11 -23.70
CA ILE A 685 20.10 34.29 -22.72
C ILE A 685 19.72 34.68 -21.31
N GLY A 686 19.69 35.97 -21.01
CA GLY A 686 19.25 36.46 -19.71
C GLY A 686 20.30 37.35 -19.07
N ALA A 687 19.85 38.03 -18.01
CA ALA A 687 20.72 38.87 -17.19
C ALA A 687 21.49 39.88 -18.03
N GLY A 688 20.83 40.44 -19.03
CA GLY A 688 21.45 41.42 -19.89
C GLY A 688 22.27 40.85 -21.03
N ILE A 689 22.15 39.57 -21.34
CA ILE A 689 22.92 38.93 -22.40
C ILE A 689 21.96 38.30 -23.42
N CYS A 690 22.20 38.60 -24.70
CA CYS A 690 21.49 37.95 -25.79
C CYS A 690 22.50 37.53 -26.87
N ALA A 691 22.20 36.41 -27.52
CA ALA A 691 23.10 35.82 -28.51
C ALA A 691 22.53 35.95 -29.91
N SER A 692 23.43 35.91 -30.90
CA SER A 692 23.04 36.00 -32.30
C SER A 692 24.11 35.35 -33.16
N TYR A 693 23.67 34.83 -34.30
CA TYR A 693 24.57 34.22 -35.28
C TYR A 693 24.95 35.29 -36.30
N GLN A 694 26.23 35.66 -36.35
CA GLN A 694 26.68 36.75 -37.18
C GLN A 694 27.90 36.34 -38.00
N THR A 695 28.02 36.91 -39.19
CA THR A 695 29.14 36.61 -40.07
C THR A 695 30.37 37.43 -39.69
N GLN A 709 31.48 33.10 -40.06
CA GLN A 709 30.29 33.28 -39.23
C GLN A 709 30.37 32.43 -37.96
N SER A 710 29.83 32.95 -36.86
CA SER A 710 29.85 32.26 -35.59
C SER A 710 28.77 32.84 -34.69
N ILE A 711 28.61 32.23 -33.53
CA ILE A 711 27.65 32.66 -32.53
C ILE A 711 28.33 33.61 -31.57
N ILE A 712 27.71 34.78 -31.33
CA ILE A 712 28.26 35.80 -30.47
C ILE A 712 27.21 36.16 -29.41
N ALA A 713 27.70 36.72 -28.31
CA ALA A 713 26.86 37.15 -27.21
C ALA A 713 27.15 38.62 -26.89
N TYR A 714 26.12 39.37 -26.54
CA TYR A 714 26.29 40.80 -26.31
C TYR A 714 25.18 41.33 -25.42
N THR A 715 25.41 42.51 -24.86
CA THR A 715 24.39 43.22 -24.12
C THR A 715 23.44 43.92 -25.09
N MET A 716 22.15 43.84 -24.82
CA MET A 716 21.16 44.38 -25.74
C MET A 716 21.27 45.89 -25.85
N SER A 717 20.77 46.42 -26.96
CA SER A 717 20.43 47.83 -27.07
C SER A 717 18.92 47.96 -27.02
N LEU A 718 18.44 48.82 -26.14
CA LEU A 718 17.00 49.00 -25.95
C LEU A 718 16.36 49.82 -27.05
N GLY A 719 17.08 50.04 -28.15
CA GLY A 719 16.59 50.84 -29.24
C GLY A 719 17.55 51.97 -29.56
N ALA A 720 17.50 52.47 -30.79
CA ALA A 720 18.36 53.58 -31.18
C ALA A 720 17.98 54.82 -30.39
N GLU A 721 18.97 55.48 -29.79
CA GLU A 721 18.71 56.70 -29.04
C GLU A 721 18.27 57.82 -29.99
N ASN A 722 17.32 58.63 -29.52
CA ASN A 722 16.76 59.71 -30.34
C ASN A 722 16.50 60.89 -29.42
N SER A 723 17.44 61.82 -29.41
CA SER A 723 17.23 63.06 -28.67
C SER A 723 16.14 63.89 -29.33
N VAL A 724 15.28 64.48 -28.51
CA VAL A 724 14.26 65.40 -28.97
C VAL A 724 14.76 66.83 -28.76
N ALA A 725 14.60 67.67 -29.79
CA ALA A 725 15.09 69.05 -29.75
C ALA A 725 14.09 69.92 -28.98
N TYR A 726 13.94 69.58 -27.70
CA TYR A 726 12.96 70.27 -26.88
C TYR A 726 13.39 71.70 -26.59
N SER A 727 12.41 72.58 -26.48
CA SER A 727 12.64 73.98 -26.13
C SER A 727 11.32 74.52 -25.58
N ASN A 728 11.26 75.84 -25.45
CA ASN A 728 10.04 76.49 -24.99
C ASN A 728 9.28 77.19 -26.10
N ASN A 729 9.80 77.22 -27.33
CA ASN A 729 9.11 77.92 -28.41
C ASN A 729 9.23 77.18 -29.75
N SER A 730 9.32 75.86 -29.72
CA SER A 730 9.44 75.07 -30.94
C SER A 730 8.44 73.93 -30.92
N ILE A 731 7.75 73.72 -32.05
CA ILE A 731 6.77 72.65 -32.18
C ILE A 731 6.98 71.94 -33.50
N ALA A 732 6.83 70.62 -33.49
CA ALA A 732 6.92 69.81 -34.69
C ALA A 732 5.52 69.39 -35.11
N ILE A 733 5.15 69.72 -36.34
CA ILE A 733 3.83 69.44 -36.88
C ILE A 733 3.99 68.56 -38.11
N PRO A 734 3.28 67.44 -38.21
CA PRO A 734 3.37 66.62 -39.43
C PRO A 734 2.70 67.31 -40.61
N THR A 735 3.26 67.11 -41.79
CA THR A 735 2.69 67.62 -43.03
C THR A 735 2.21 66.53 -43.96
N ASN A 736 2.56 65.27 -43.69
CA ASN A 736 2.11 64.15 -44.51
C ASN A 736 1.75 62.99 -43.59
N PHE A 737 0.96 62.07 -44.13
CA PHE A 737 0.42 60.99 -43.32
C PHE A 737 0.41 59.70 -44.13
N THR A 738 0.23 58.60 -43.42
CA THR A 738 0.13 57.28 -44.02
C THR A 738 -1.02 56.51 -43.38
N ILE A 739 -1.54 55.56 -44.14
CA ILE A 739 -2.58 54.65 -43.67
C ILE A 739 -1.91 53.28 -43.50
N SER A 740 -1.90 52.78 -42.27
CA SER A 740 -1.20 51.55 -41.95
C SER A 740 -2.19 50.48 -41.51
N VAL A 741 -2.01 49.27 -42.02
CA VAL A 741 -2.85 48.13 -41.65
C VAL A 741 -2.00 47.17 -40.83
N THR A 742 -2.52 46.78 -39.66
CA THR A 742 -1.84 45.85 -38.77
C THR A 742 -2.72 44.64 -38.53
N THR A 743 -2.08 43.52 -38.21
CA THR A 743 -2.76 42.25 -38.00
C THR A 743 -2.67 41.87 -36.52
N GLU A 744 -3.81 41.55 -35.93
CA GLU A 744 -3.87 41.13 -34.53
C GLU A 744 -4.64 39.82 -34.46
N ILE A 745 -3.98 38.78 -33.97
CA ILE A 745 -4.54 37.44 -33.95
C ILE A 745 -4.88 37.07 -32.51
N LEU A 746 -6.09 36.58 -32.29
CA LEU A 746 -6.54 36.22 -30.95
C LEU A 746 -7.22 34.86 -30.99
N PRO A 747 -6.77 33.92 -30.14
CA PRO A 747 -7.50 32.65 -30.02
C PRO A 747 -8.88 32.87 -29.42
N VAL A 748 -9.82 32.03 -29.85
CA VAL A 748 -11.22 32.14 -29.45
C VAL A 748 -11.68 30.89 -28.71
N SER A 749 -11.55 29.73 -29.35
CA SER A 749 -12.03 28.48 -28.78
C SER A 749 -10.92 27.44 -28.84
N MET A 750 -11.18 26.31 -28.19
CA MET A 750 -10.26 25.18 -28.16
C MET A 750 -11.04 23.90 -28.44
N THR A 751 -10.29 22.85 -28.77
CA THR A 751 -10.91 21.57 -29.11
C THR A 751 -11.74 21.06 -27.95
N LYS A 752 -12.98 20.64 -28.25
CA LYS A 752 -13.91 20.17 -27.23
C LYS A 752 -13.68 18.68 -27.00
N THR A 753 -12.74 18.38 -26.11
CA THR A 753 -12.38 17.00 -25.80
C THR A 753 -13.20 16.50 -24.62
N SER A 754 -13.78 15.32 -24.76
CA SER A 754 -14.52 14.68 -23.68
C SER A 754 -13.95 13.28 -23.48
N VAL A 755 -13.52 12.98 -22.25
CA VAL A 755 -12.88 11.73 -21.93
C VAL A 755 -13.75 10.98 -20.93
N ASP A 756 -14.06 9.72 -21.24
CA ASP A 756 -14.79 8.87 -20.32
C ASP A 756 -13.84 8.35 -19.24
N CYS A 757 -14.14 8.69 -17.99
CA CYS A 757 -13.26 8.27 -16.89
C CYS A 757 -13.22 6.76 -16.76
N THR A 758 -14.37 6.10 -16.84
CA THR A 758 -14.43 4.66 -16.55
C THR A 758 -13.65 3.86 -17.57
N MET A 759 -13.90 4.10 -18.86
CA MET A 759 -13.21 3.32 -19.89
C MET A 759 -11.72 3.63 -19.92
N TYR A 760 -11.35 4.91 -19.74
CA TYR A 760 -9.94 5.26 -19.75
C TYR A 760 -9.20 4.60 -18.60
N ILE A 761 -9.77 4.64 -17.39
CA ILE A 761 -9.14 3.98 -16.26
C ILE A 761 -9.22 2.47 -16.39
N CYS A 762 -10.39 1.96 -16.76
CA CYS A 762 -10.64 0.53 -16.83
C CYS A 762 -11.01 0.15 -18.25
N GLY A 763 -10.17 -0.65 -18.90
CA GLY A 763 -10.43 -1.08 -20.26
C GLY A 763 -11.46 -2.17 -20.37
N ASP A 764 -12.71 -1.85 -20.01
CA ASP A 764 -13.83 -2.79 -20.12
C ASP A 764 -13.56 -4.07 -19.33
N SER A 765 -13.20 -3.91 -18.07
CA SER A 765 -12.97 -5.02 -17.15
C SER A 765 -13.94 -4.91 -15.99
N THR A 766 -14.68 -6.00 -15.73
CA THR A 766 -15.66 -6.00 -14.65
C THR A 766 -15.00 -5.81 -13.29
N GLU A 767 -13.88 -6.51 -13.06
CA GLU A 767 -13.18 -6.38 -11.79
C GLU A 767 -12.64 -4.97 -11.60
N CYS A 768 -12.10 -4.38 -12.66
CA CYS A 768 -11.59 -3.02 -12.57
C CYS A 768 -12.70 -2.03 -12.24
N SER A 769 -13.87 -2.18 -12.89
CA SER A 769 -14.99 -1.30 -12.59
C SER A 769 -15.47 -1.48 -11.16
N ASN A 770 -15.52 -2.73 -10.69
CA ASN A 770 -15.94 -2.98 -9.31
C ASN A 770 -14.98 -2.33 -8.33
N LEU A 771 -13.67 -2.42 -8.59
CA LEU A 771 -12.69 -1.76 -7.74
C LEU A 771 -12.85 -0.25 -7.80
N LEU A 772 -13.11 0.30 -8.99
CA LEU A 772 -13.25 1.74 -9.14
C LEU A 772 -14.48 2.26 -8.42
N LEU A 773 -15.52 1.44 -8.28
CA LEU A 773 -16.74 1.91 -7.64
C LEU A 773 -16.52 2.33 -6.19
N GLN A 774 -15.42 1.88 -5.56
CA GLN A 774 -15.17 2.24 -4.17
C GLN A 774 -14.72 3.69 -3.99
N TYR A 775 -14.39 4.39 -5.07
CA TYR A 775 -13.86 5.74 -4.97
C TYR A 775 -14.94 6.82 -5.02
N GLY A 776 -16.20 6.44 -5.09
CA GLY A 776 -17.26 7.44 -5.06
C GLY A 776 -17.55 7.99 -6.43
N SER A 777 -17.75 9.31 -6.51
CA SER A 777 -18.18 9.98 -7.72
C SER A 777 -17.08 10.87 -8.31
N PHE A 778 -15.83 10.39 -8.28
CA PHE A 778 -14.74 11.14 -8.90
C PHE A 778 -14.99 11.29 -10.39
N CYS A 779 -15.25 10.19 -11.08
CA CYS A 779 -15.40 10.22 -12.53
C CYS A 779 -16.55 11.12 -12.94
N THR A 780 -17.63 11.15 -12.14
CA THR A 780 -18.73 12.06 -12.42
C THR A 780 -18.27 13.51 -12.36
N GLN A 781 -17.46 13.86 -11.37
CA GLN A 781 -16.97 15.23 -11.27
C GLN A 781 -16.05 15.57 -12.45
N LEU A 782 -15.18 14.65 -12.84
CA LEU A 782 -14.30 14.91 -13.97
C LEU A 782 -15.09 15.11 -15.26
N ASN A 783 -16.09 14.26 -15.49
CA ASN A 783 -16.92 14.40 -16.68
C ASN A 783 -17.71 15.71 -16.63
N ARG A 784 -18.19 16.10 -15.45
CA ARG A 784 -18.90 17.36 -15.32
C ARG A 784 -18.00 18.54 -15.67
N ALA A 785 -16.75 18.51 -15.20
CA ALA A 785 -15.82 19.59 -15.53
C ALA A 785 -15.54 19.64 -17.02
N LEU A 786 -15.34 18.48 -17.64
CA LEU A 786 -15.09 18.45 -19.09
C LEU A 786 -16.30 18.98 -19.87
N THR A 787 -17.50 18.60 -19.45
CA THR A 787 -18.71 19.09 -20.12
C THR A 787 -18.85 20.59 -19.95
N GLY A 788 -18.53 21.10 -18.75
CA GLY A 788 -18.56 22.54 -18.55
C GLY A 788 -17.60 23.27 -19.46
N ILE A 789 -16.39 22.74 -19.61
CA ILE A 789 -15.43 23.35 -20.53
C ILE A 789 -15.94 23.31 -21.96
N ALA A 790 -16.53 22.18 -22.37
CA ALA A 790 -17.04 22.05 -23.72
C ALA A 790 -18.15 23.07 -23.99
N VAL A 791 -19.05 23.25 -23.02
CA VAL A 791 -20.12 24.23 -23.19
C VAL A 791 -19.56 25.64 -23.21
N GLU A 792 -18.56 25.91 -22.36
CA GLU A 792 -17.93 27.21 -22.33
C GLU A 792 -17.27 27.55 -23.66
N GLN A 793 -16.77 26.54 -24.38
CA GLN A 793 -16.19 26.80 -25.70
C GLN A 793 -17.22 27.39 -26.65
N ASP A 794 -18.38 26.75 -26.75
CA ASP A 794 -19.43 27.26 -27.63
C ASP A 794 -19.93 28.62 -27.14
N LYS A 795 -20.02 28.80 -25.82
CA LYS A 795 -20.42 30.10 -25.29
C LYS A 795 -19.44 31.19 -25.70
N ASN A 796 -18.14 30.91 -25.61
CA ASN A 796 -17.13 31.87 -26.02
C ASN A 796 -17.26 32.20 -27.51
N THR A 797 -17.45 31.17 -28.34
CA THR A 797 -17.57 31.42 -29.77
C THR A 797 -18.78 32.29 -30.08
N GLN A 798 -19.92 31.99 -29.46
CA GLN A 798 -21.12 32.77 -29.69
C GLN A 798 -20.94 34.21 -29.21
N GLU A 799 -20.31 34.39 -28.05
CA GLU A 799 -20.08 35.75 -27.54
C GLU A 799 -19.18 36.53 -28.48
N VAL A 800 -18.13 35.89 -29.00
CA VAL A 800 -17.17 36.59 -29.84
C VAL A 800 -17.80 36.98 -31.17
N PHE A 801 -18.50 36.04 -31.81
CA PHE A 801 -18.98 36.25 -33.17
C PHE A 801 -20.43 36.73 -33.24
N ALA A 802 -21.35 36.00 -32.62
CA ALA A 802 -22.78 36.25 -32.76
C ALA A 802 -23.20 37.51 -32.00
N GLN A 803 -22.74 38.66 -32.50
CA GLN A 803 -23.09 39.95 -31.93
C GLN A 803 -23.99 40.76 -32.84
N VAL A 804 -24.44 40.18 -33.95
CA VAL A 804 -25.36 40.84 -34.86
C VAL A 804 -26.56 39.93 -35.10
N LYS A 805 -27.76 40.50 -35.08
CA LYS A 805 -28.99 39.73 -35.19
C LYS A 805 -29.50 39.61 -36.61
N GLN A 806 -28.81 40.21 -37.59
CA GLN A 806 -29.22 40.12 -38.98
C GLN A 806 -28.01 39.80 -39.85
N ILE A 807 -28.26 39.16 -40.97
CA ILE A 807 -27.21 38.77 -41.92
C ILE A 807 -27.27 39.75 -43.08
N TYR A 808 -26.35 40.70 -43.10
CA TYR A 808 -26.26 41.67 -44.18
C TYR A 808 -25.45 41.11 -45.34
N LYS A 809 -25.79 41.54 -46.55
CA LYS A 809 -25.04 41.15 -47.73
C LYS A 809 -24.77 42.38 -48.59
N THR A 810 -23.55 42.47 -49.11
CA THR A 810 -23.13 43.67 -49.82
C THR A 810 -23.85 43.82 -51.16
N PRO A 811 -24.01 45.06 -51.63
CA PRO A 811 -24.60 45.24 -52.96
C PRO A 811 -23.70 44.69 -54.04
N PRO A 812 -24.26 44.25 -55.17
CA PRO A 812 -23.42 43.70 -56.24
C PRO A 812 -22.40 44.69 -56.79
N ILE A 813 -22.74 45.97 -56.86
CA ILE A 813 -21.82 46.97 -57.41
C ILE A 813 -20.82 47.33 -56.32
N LYS A 814 -19.53 47.12 -56.61
CA LYS A 814 -18.47 47.38 -55.63
C LYS A 814 -17.88 48.77 -55.90
N ASP A 815 -18.69 49.79 -55.62
CA ASP A 815 -18.30 51.18 -55.75
C ASP A 815 -18.12 51.76 -54.36
N PHE A 816 -16.87 51.97 -53.95
CA PHE A 816 -16.56 52.48 -52.62
C PHE A 816 -15.50 53.56 -52.70
N GLY A 817 -15.63 54.47 -53.66
CA GLY A 817 -14.70 55.58 -53.75
C GLY A 817 -13.29 55.20 -54.11
N GLY A 818 -13.09 54.04 -54.73
CA GLY A 818 -11.79 53.58 -55.13
C GLY A 818 -11.17 52.52 -54.22
N PHE A 819 -11.72 52.34 -53.02
CA PHE A 819 -11.24 51.32 -52.10
C PHE A 819 -11.63 49.95 -52.63
N ASN A 820 -10.67 49.03 -52.69
CA ASN A 820 -10.92 47.67 -53.15
C ASN A 820 -10.95 46.72 -51.96
N PHE A 821 -12.08 46.05 -51.77
CA PHE A 821 -12.27 45.13 -50.66
C PHE A 821 -12.37 43.68 -51.12
N SER A 822 -11.88 43.37 -52.32
CA SER A 822 -12.00 42.01 -52.84
C SER A 822 -11.24 41.01 -51.98
N GLN A 823 -10.06 41.41 -51.48
CA GLN A 823 -9.25 40.48 -50.70
C GLN A 823 -9.89 40.12 -49.37
N ILE A 824 -10.71 41.01 -48.81
CA ILE A 824 -11.29 40.77 -47.49
C ILE A 824 -12.73 40.28 -47.61
N LEU A 825 -13.41 40.68 -48.68
CA LEU A 825 -14.78 40.21 -48.85
C LEU A 825 -14.79 38.74 -49.27
N PRO A 826 -15.82 38.00 -48.89
CA PRO A 826 -15.94 36.61 -49.36
C PRO A 826 -16.19 36.56 -50.85
N ASP A 827 -15.71 35.48 -51.47
CA ASP A 827 -15.88 35.32 -52.90
C ASP A 827 -16.71 34.08 -53.20
N PRO A 828 -17.51 34.10 -54.27
CA PRO A 828 -18.30 32.92 -54.64
C PRO A 828 -17.52 31.84 -55.35
N SER A 829 -16.26 32.10 -55.73
CA SER A 829 -15.48 31.10 -56.43
C SER A 829 -15.18 29.90 -55.55
N LYS A 830 -14.68 30.14 -54.35
CA LYS A 830 -14.40 29.03 -53.45
C LYS A 830 -15.70 28.48 -52.87
N PRO A 831 -15.84 27.15 -52.79
CA PRO A 831 -17.07 26.58 -52.22
C PRO A 831 -17.31 26.98 -50.78
N SER A 832 -16.26 27.19 -50.00
CA SER A 832 -16.41 27.60 -48.61
C SER A 832 -16.91 29.03 -48.47
N LYS A 833 -16.97 29.79 -49.55
CA LYS A 833 -17.41 31.19 -49.54
C LYS A 833 -16.58 32.00 -48.55
N ARG A 834 -15.27 31.76 -48.52
CA ARG A 834 -14.35 32.45 -47.64
C ARG A 834 -13.50 33.42 -48.43
N SER A 835 -13.04 34.47 -47.75
CA SER A 835 -12.17 35.45 -48.37
C SER A 835 -10.80 34.84 -48.64
N PRO A 836 -10.08 35.35 -49.63
CA PRO A 836 -8.70 34.85 -49.87
C PRO A 836 -7.81 34.95 -48.64
N ILE A 837 -7.97 36.01 -47.84
CA ILE A 837 -7.25 36.09 -46.58
C ILE A 837 -7.66 34.96 -45.66
N GLU A 838 -8.96 34.67 -45.60
CA GLU A 838 -9.44 33.55 -44.80
C GLU A 838 -8.88 32.23 -45.31
N ASP A 839 -8.82 32.06 -46.64
CA ASP A 839 -8.27 30.84 -47.21
C ASP A 839 -6.79 30.68 -46.85
N LEU A 840 -6.03 31.78 -46.93
CA LEU A 840 -4.63 31.73 -46.56
C LEU A 840 -4.46 31.38 -45.09
N LEU A 841 -5.30 31.95 -44.22
CA LEU A 841 -5.24 31.63 -42.81
C LEU A 841 -5.55 30.17 -42.54
N PHE A 842 -6.58 29.63 -43.23
CA PHE A 842 -6.94 28.24 -43.02
C PHE A 842 -5.88 27.29 -43.56
N ASN A 843 -5.20 27.66 -44.65
CA ASN A 843 -4.22 26.77 -45.25
C ASN A 843 -2.94 26.68 -44.44
N LYS A 844 -2.60 27.73 -43.69
CA LYS A 844 -1.35 27.76 -42.93
C LYS A 844 -1.44 27.07 -41.58
N VAL A 845 -2.62 26.60 -41.19
CA VAL A 845 -2.78 25.94 -39.90
C VAL A 845 -3.27 24.51 -40.11
N ASN A 875 -9.57 5.10 -27.33
CA ASN A 875 -8.96 5.07 -26.01
C ASN A 875 -9.87 5.75 -24.98
N GLY A 876 -11.16 5.73 -25.25
CA GLY A 876 -12.13 6.33 -24.35
C GLY A 876 -12.24 7.83 -24.41
N LEU A 877 -11.62 8.47 -25.41
CA LEU A 877 -11.66 9.91 -25.57
C LEU A 877 -12.29 10.26 -26.91
N THR A 878 -13.11 11.30 -26.93
CA THR A 878 -13.81 11.74 -28.12
C THR A 878 -13.69 13.25 -28.26
N VAL A 879 -13.92 13.72 -29.48
CA VAL A 879 -13.90 15.15 -29.80
C VAL A 879 -15.29 15.54 -30.29
N LEU A 880 -15.93 16.44 -29.58
CA LEU A 880 -17.25 16.91 -29.96
C LEU A 880 -17.12 18.05 -30.96
N PRO A 881 -17.78 17.98 -32.11
CA PRO A 881 -17.66 19.06 -33.09
C PRO A 881 -18.25 20.34 -32.56
N PRO A 882 -17.71 21.49 -32.95
CA PRO A 882 -18.28 22.76 -32.49
C PRO A 882 -19.69 22.97 -33.01
N LEU A 883 -20.48 23.70 -32.23
CA LEU A 883 -21.85 23.98 -32.64
C LEU A 883 -21.91 24.76 -33.94
N LEU A 884 -21.04 25.76 -34.08
CA LEU A 884 -20.99 26.58 -35.28
C LEU A 884 -19.91 26.03 -36.21
N THR A 885 -20.29 25.70 -37.44
CA THR A 885 -19.33 25.25 -38.42
C THR A 885 -18.57 26.43 -39.02
N ASP A 886 -17.57 26.12 -39.84
CA ASP A 886 -16.75 27.16 -40.43
C ASP A 886 -17.57 28.03 -41.38
N GLU A 887 -18.53 27.43 -42.07
CA GLU A 887 -19.32 28.19 -43.05
C GLU A 887 -20.16 29.28 -42.39
N MET A 888 -20.82 28.95 -41.29
CA MET A 888 -21.63 29.98 -40.62
C MET A 888 -20.76 31.03 -39.94
N ILE A 889 -19.56 30.65 -39.48
CA ILE A 889 -18.62 31.65 -38.97
C ILE A 889 -18.22 32.61 -40.08
N ALA A 890 -17.94 32.06 -41.27
CA ALA A 890 -17.60 32.91 -42.41
C ALA A 890 -18.77 33.80 -42.78
N GLN A 891 -19.99 33.28 -42.68
CA GLN A 891 -21.17 34.10 -42.96
C GLN A 891 -21.31 35.24 -41.96
N TYR A 892 -21.06 34.96 -40.67
CA TYR A 892 -21.11 36.01 -39.66
C TYR A 892 -20.07 37.08 -39.93
N THR A 893 -18.85 36.66 -40.27
CA THR A 893 -17.82 37.64 -40.60
C THR A 893 -18.21 38.46 -41.82
N SER A 894 -18.77 37.81 -42.85
CA SER A 894 -19.20 38.54 -44.03
C SER A 894 -20.28 39.56 -43.69
N ALA A 895 -21.21 39.19 -42.81
CA ALA A 895 -22.24 40.13 -42.37
C ALA A 895 -21.61 41.30 -41.62
N LEU A 896 -20.63 41.03 -40.76
CA LEU A 896 -19.95 42.12 -40.05
C LEU A 896 -19.26 43.07 -41.00
N LEU A 897 -18.55 42.53 -42.00
CA LEU A 897 -17.91 43.40 -42.98
C LEU A 897 -18.92 44.20 -43.79
N ALA A 898 -20.03 43.56 -44.17
CA ALA A 898 -21.06 44.30 -44.91
C ALA A 898 -21.61 45.45 -44.09
N GLY A 899 -21.90 45.18 -42.80
CA GLY A 899 -22.39 46.24 -41.95
C GLY A 899 -21.39 47.37 -41.76
N THR A 900 -20.13 47.01 -41.54
CA THR A 900 -19.11 48.05 -41.37
C THR A 900 -18.95 48.88 -42.63
N ILE A 901 -18.98 48.23 -43.79
CA ILE A 901 -18.75 48.95 -45.04
C ILE A 901 -19.93 49.86 -45.38
N THR A 902 -21.16 49.35 -45.24
CA THR A 902 -22.31 50.08 -45.74
C THR A 902 -22.98 50.98 -44.72
N SER A 903 -22.90 50.65 -43.43
CA SER A 903 -23.63 51.39 -42.41
C SER A 903 -22.74 51.99 -41.32
N GLY A 904 -21.44 51.78 -41.38
CA GLY A 904 -20.57 52.30 -40.34
C GLY A 904 -20.86 51.64 -39.01
N TRP A 905 -21.00 52.44 -37.97
CA TRP A 905 -21.31 51.95 -36.64
C TRP A 905 -22.80 51.97 -36.32
N THR A 906 -23.63 52.45 -37.26
CA THR A 906 -25.06 52.55 -36.99
C THR A 906 -25.70 51.19 -36.76
N PHE A 907 -25.30 50.20 -37.55
CA PHE A 907 -25.90 48.87 -37.42
C PHE A 907 -25.56 48.23 -36.09
N GLY A 908 -24.37 48.51 -35.54
CA GLY A 908 -24.03 47.97 -34.24
C GLY A 908 -24.89 48.54 -33.12
N ALA A 909 -25.23 49.81 -33.21
CA ALA A 909 -25.99 50.49 -32.17
C ALA A 909 -27.49 50.41 -32.38
N GLY A 910 -27.96 49.70 -33.40
CA GLY A 910 -29.37 49.56 -33.64
C GLY A 910 -29.69 49.22 -35.09
N PRO A 911 -30.62 49.96 -35.69
CA PRO A 911 -30.98 49.70 -37.08
C PRO A 911 -29.83 50.04 -38.02
N ALA A 912 -29.78 49.32 -39.13
CA ALA A 912 -28.73 49.51 -40.13
C ALA A 912 -29.11 50.68 -41.03
N LEU A 913 -28.37 51.77 -40.94
CA LEU A 913 -28.59 52.96 -41.76
C LEU A 913 -27.46 53.03 -42.78
N GLN A 914 -27.81 52.90 -44.06
CA GLN A 914 -26.79 52.93 -45.09
C GLN A 914 -26.10 54.29 -45.14
N ILE A 915 -24.80 54.27 -45.40
CA ILE A 915 -23.99 55.49 -45.47
C ILE A 915 -22.88 55.24 -46.48
N PRO A 916 -22.74 56.09 -47.49
CA PRO A 916 -21.67 55.88 -48.47
C PRO A 916 -20.30 56.01 -47.82
N PHE A 917 -19.35 55.25 -48.36
CA PHE A 917 -18.03 55.13 -47.73
C PHE A 917 -17.29 56.45 -47.56
N PRO A 918 -17.27 57.38 -48.52
CA PRO A 918 -16.50 58.62 -48.31
C PRO A 918 -16.91 59.42 -47.08
N MET A 919 -18.20 59.64 -46.85
CA MET A 919 -18.58 60.33 -45.62
C MET A 919 -18.32 59.51 -44.37
N GLN A 920 -18.36 58.18 -44.46
CA GLN A 920 -17.98 57.37 -43.30
C GLN A 920 -16.53 57.58 -42.94
N MET A 921 -15.65 57.61 -43.95
CA MET A 921 -14.24 57.89 -43.67
C MET A 921 -14.03 59.31 -43.19
N ALA A 922 -14.85 60.25 -43.69
CA ALA A 922 -14.77 61.62 -43.19
C ALA A 922 -15.13 61.68 -41.72
N TYR A 923 -16.17 60.95 -41.32
CA TYR A 923 -16.54 60.89 -39.91
C TYR A 923 -15.43 60.27 -39.08
N ARG A 924 -14.80 59.20 -39.59
CA ARG A 924 -13.75 58.55 -38.83
C ARG A 924 -12.53 59.46 -38.66
N PHE A 925 -12.18 60.22 -39.70
CA PHE A 925 -11.12 61.22 -39.54
C PHE A 925 -11.52 62.31 -38.55
N ASN A 926 -12.77 62.77 -38.63
CA ASN A 926 -13.21 63.80 -37.70
C ASN A 926 -13.18 63.31 -36.26
N GLY A 927 -13.32 61.99 -36.07
CA GLY A 927 -13.26 61.42 -34.73
C GLY A 927 -11.90 61.53 -34.07
N ILE A 928 -10.82 61.64 -34.85
CA ILE A 928 -9.47 61.71 -34.31
C ILE A 928 -8.90 63.12 -34.42
N GLY A 929 -9.75 64.14 -34.48
CA GLY A 929 -9.27 65.50 -34.45
C GLY A 929 -8.71 66.03 -35.75
N VAL A 930 -9.00 65.38 -36.87
CA VAL A 930 -8.56 65.83 -38.19
C VAL A 930 -9.80 66.12 -39.03
N THR A 931 -9.86 67.32 -39.60
CA THR A 931 -11.01 67.72 -40.37
C THR A 931 -11.13 66.90 -41.64
N GLN A 932 -12.35 66.84 -42.18
CA GLN A 932 -12.65 65.98 -43.32
C GLN A 932 -12.12 66.54 -44.64
N ASN A 933 -11.79 67.83 -44.69
CA ASN A 933 -11.34 68.43 -45.95
C ASN A 933 -10.06 67.79 -46.44
N VAL A 934 -9.18 67.35 -45.52
CA VAL A 934 -7.96 66.67 -45.95
C VAL A 934 -8.29 65.35 -46.62
N LEU A 935 -9.32 64.66 -46.15
CA LEU A 935 -9.75 63.44 -46.82
C LEU A 935 -10.32 63.75 -48.20
N TYR A 936 -11.23 64.72 -48.28
CA TYR A 936 -11.87 65.01 -49.56
C TYR A 936 -10.93 65.68 -50.54
N GLU A 937 -9.75 66.12 -50.10
CA GLU A 937 -8.75 66.62 -51.02
C GLU A 937 -7.67 65.61 -51.33
N ASN A 938 -7.66 64.45 -50.66
CA ASN A 938 -6.62 63.44 -50.84
C ASN A 938 -7.23 62.04 -50.88
N GLN A 939 -8.37 61.90 -51.55
CA GLN A 939 -9.07 60.61 -51.56
C GLN A 939 -8.28 59.55 -52.31
N LYS A 940 -7.74 59.92 -53.49
CA LYS A 940 -7.05 58.93 -54.32
C LYS A 940 -5.80 58.41 -53.63
N LEU A 941 -5.03 59.29 -53.00
CA LEU A 941 -3.82 58.86 -52.32
C LEU A 941 -4.15 57.91 -51.18
N ILE A 942 -5.19 58.21 -50.41
CA ILE A 942 -5.58 57.35 -49.31
C ILE A 942 -6.03 55.99 -49.83
N ALA A 943 -6.82 55.97 -50.91
CA ALA A 943 -7.26 54.71 -51.48
C ALA A 943 -6.08 53.87 -51.96
N ASN A 944 -5.13 54.50 -52.65
CA ASN A 944 -3.97 53.76 -53.13
C ASN A 944 -3.13 53.23 -51.97
N GLN A 945 -2.96 54.04 -50.93
CA GLN A 945 -2.20 53.60 -49.76
C GLN A 945 -2.88 52.43 -49.08
N PHE A 946 -4.22 52.47 -48.96
CA PHE A 946 -4.93 51.36 -48.35
C PHE A 946 -4.80 50.08 -49.18
N ASN A 947 -4.91 50.20 -50.50
CA ASN A 947 -4.77 49.02 -51.36
C ASN A 947 -3.37 48.43 -51.24
N SER A 948 -2.35 49.28 -51.26
CA SER A 948 -0.98 48.80 -51.10
C SER A 948 -0.79 48.15 -49.74
N ALA A 949 -1.41 48.72 -48.70
CA ALA A 949 -1.28 48.15 -47.37
C ALA A 949 -1.91 46.78 -47.29
N ILE A 950 -3.11 46.60 -47.86
CA ILE A 950 -3.74 45.29 -47.79
C ILE A 950 -2.97 44.27 -48.63
N GLY A 951 -2.39 44.71 -49.76
CA GLY A 951 -1.52 43.82 -50.51
C GLY A 951 -0.30 43.39 -49.72
N LYS A 952 0.30 44.33 -48.99
CA LYS A 952 1.45 44.00 -48.15
C LYS A 952 1.07 43.05 -47.04
N ILE A 953 -0.12 43.24 -46.45
CA ILE A 953 -0.59 42.31 -45.42
C ILE A 953 -0.77 40.92 -46.00
N GLN A 954 -1.34 40.83 -47.19
CA GLN A 954 -1.49 39.52 -47.84
C GLN A 954 -0.14 38.87 -48.07
N ASP A 955 0.83 39.64 -48.56
CA ASP A 955 2.16 39.09 -48.80
C ASP A 955 2.82 38.64 -47.50
N SER A 956 2.68 39.43 -46.44
CA SER A 956 3.29 39.06 -45.15
C SER A 956 2.65 37.80 -44.60
N LEU A 957 1.33 37.67 -44.70
CA LEU A 957 0.67 36.45 -44.26
C LEU A 957 1.13 35.24 -45.07
N SER A 958 1.27 35.43 -46.38
CA SER A 958 1.73 34.33 -47.24
C SER A 958 3.16 33.92 -46.90
N SER A 959 4.02 34.89 -46.59
CA SER A 959 5.44 34.60 -46.43
C SER A 959 5.79 34.22 -44.99
N THR A 960 5.37 35.03 -44.02
CA THR A 960 5.80 34.82 -42.65
C THR A 960 5.05 33.64 -42.04
N PRO A 961 5.74 32.58 -41.60
CA PRO A 961 5.03 31.45 -40.97
C PRO A 961 4.80 31.64 -39.48
N SER A 962 5.54 32.53 -38.82
CA SER A 962 5.42 32.74 -37.39
C SER A 962 4.37 33.79 -37.03
N ALA A 963 3.66 34.34 -38.02
CA ALA A 963 2.62 35.32 -37.72
C ALA A 963 1.49 34.70 -36.91
N LEU A 964 1.15 33.44 -37.20
CA LEU A 964 0.06 32.74 -36.54
C LEU A 964 0.56 31.84 -35.42
N GLY A 965 1.58 32.29 -34.67
CA GLY A 965 2.18 31.45 -33.66
C GLY A 965 1.24 31.09 -32.51
N LYS A 966 0.31 31.99 -32.18
CA LYS A 966 -0.54 31.76 -31.01
C LYS A 966 -1.47 30.58 -31.21
N LEU A 967 -2.19 30.54 -32.34
CA LEU A 967 -3.11 29.45 -32.59
C LEU A 967 -2.39 28.12 -32.70
N GLN A 968 -1.25 28.11 -33.41
CA GLN A 968 -0.47 26.90 -33.53
C GLN A 968 0.04 26.43 -32.17
N ASP A 969 0.44 27.38 -31.31
CA ASP A 969 0.89 27.03 -29.97
C ASP A 969 -0.24 26.42 -29.15
N VAL A 970 -1.45 26.96 -29.27
CA VAL A 970 -2.59 26.42 -28.55
C VAL A 970 -2.88 24.98 -29.01
N VAL A 971 -2.88 24.77 -30.33
CA VAL A 971 -3.14 23.44 -30.87
C VAL A 971 -2.06 22.47 -30.42
N ASN A 972 -0.79 22.91 -30.46
CA ASN A 972 0.30 22.05 -30.04
C ASN A 972 0.20 21.71 -28.56
N GLN A 973 -0.19 22.67 -27.72
CA GLN A 973 -0.37 22.39 -26.30
C GLN A 973 -1.46 21.35 -26.08
N ASN A 974 -2.58 21.48 -26.80
CA ASN A 974 -3.65 20.50 -26.67
C ASN A 974 -3.18 19.11 -27.10
N ALA A 975 -2.48 19.03 -28.23
CA ALA A 975 -1.99 17.75 -28.71
C ALA A 975 -0.98 17.15 -27.73
N GLN A 976 -0.11 17.98 -27.17
CA GLN A 976 0.86 17.50 -26.19
C GLN A 976 0.17 16.95 -24.95
N ALA A 977 -0.87 17.65 -24.47
CA ALA A 977 -1.59 17.17 -23.31
C ALA A 977 -2.24 15.82 -23.60
N LEU A 978 -2.89 15.69 -24.76
CA LEU A 978 -3.54 14.42 -25.09
C LEU A 978 -2.52 13.29 -25.22
N ASN A 979 -1.39 13.56 -25.88
CA ASN A 979 -0.38 12.54 -26.04
C ASN A 979 0.25 12.15 -24.71
N THR A 980 0.44 13.13 -23.82
CA THR A 980 0.96 12.82 -22.49
C THR A 980 -0.01 11.93 -21.73
N LEU A 981 -1.31 12.21 -21.83
CA LEU A 981 -2.30 11.35 -21.18
C LEU A 981 -2.24 9.93 -21.74
N VAL A 982 -2.15 9.82 -23.07
CA VAL A 982 -2.09 8.50 -23.69
C VAL A 982 -0.85 7.74 -23.25
N LYS A 983 0.30 8.43 -23.20
CA LYS A 983 1.52 7.78 -22.75
C LYS A 983 1.40 7.34 -21.29
N GLN A 984 0.84 8.18 -20.44
CA GLN A 984 0.65 7.82 -19.04
C GLN A 984 -0.31 6.65 -18.88
N LEU A 985 -1.20 6.45 -19.85
CA LEU A 985 -2.05 5.25 -19.82
C LEU A 985 -1.23 3.97 -19.87
N SER A 986 -0.06 4.02 -20.49
CA SER A 986 0.79 2.85 -20.65
C SER A 986 1.84 2.69 -19.56
N SER A 987 1.81 3.55 -18.54
CA SER A 987 2.79 3.46 -17.46
C SER A 987 2.41 2.35 -16.49
N ASN A 988 3.32 2.05 -15.57
CA ASN A 988 3.13 0.99 -14.59
C ASN A 988 2.68 1.51 -13.23
N PHE A 989 3.22 2.65 -12.78
CA PHE A 989 2.93 3.20 -11.45
C PHE A 989 3.25 2.19 -10.36
N GLY A 990 4.33 1.44 -10.54
CA GLY A 990 4.75 0.44 -9.58
C GLY A 990 4.04 -0.90 -9.70
N ALA A 991 3.09 -1.03 -10.61
CA ALA A 991 2.41 -2.30 -10.79
C ALA A 991 3.31 -3.32 -11.48
N ILE A 992 2.95 -4.58 -11.36
CA ILE A 992 3.74 -5.65 -11.98
C ILE A 992 3.70 -5.54 -13.50
N SER A 993 2.64 -4.95 -14.05
CA SER A 993 2.53 -4.79 -15.49
C SER A 993 1.63 -3.60 -15.79
N SER A 994 1.75 -3.06 -17.01
CA SER A 994 0.92 -1.96 -17.45
C SER A 994 -0.30 -2.42 -18.22
N VAL A 995 -0.49 -3.72 -18.39
CA VAL A 995 -1.63 -4.26 -19.12
C VAL A 995 -2.60 -4.87 -18.12
N LEU A 996 -3.84 -4.40 -18.15
CA LEU A 996 -4.85 -4.89 -17.21
C LEU A 996 -5.15 -6.37 -17.43
N ASN A 997 -5.28 -6.79 -18.69
CA ASN A 997 -5.59 -8.18 -18.98
C ASN A 997 -4.45 -9.10 -18.54
N ASP A 998 -3.21 -8.67 -18.76
CA ASP A 998 -2.06 -9.49 -18.35
C ASP A 998 -2.03 -9.68 -16.84
N ILE A 999 -2.30 -8.60 -16.09
CA ILE A 999 -2.33 -8.71 -14.63
C ILE A 999 -3.48 -9.62 -14.19
N LEU A 1000 -4.65 -9.45 -14.80
CA LEU A 1000 -5.80 -10.25 -14.41
C LEU A 1000 -5.55 -11.73 -14.67
N SER A 1001 -4.96 -12.07 -15.82
CA SER A 1001 -4.73 -13.47 -16.15
C SER A 1001 -3.58 -14.06 -15.33
N ARG A 1002 -2.46 -13.34 -15.21
CA ARG A 1002 -1.28 -13.89 -14.58
C ARG A 1002 -1.39 -13.92 -13.07
N LEU A 1003 -1.96 -12.88 -12.47
CA LEU A 1003 -1.95 -12.72 -11.02
C LEU A 1003 -3.27 -13.20 -10.43
N ASP A 1004 -3.18 -13.79 -9.24
CA ASP A 1004 -4.36 -14.23 -8.52
C ASP A 1004 -5.15 -13.02 -8.04
N PRO A 1005 -6.46 -13.18 -7.85
CA PRO A 1005 -7.31 -12.05 -7.44
C PRO A 1005 -6.83 -11.37 -6.17
N PRO A 1006 -6.32 -12.11 -5.16
CA PRO A 1006 -5.79 -11.41 -3.98
C PRO A 1006 -4.68 -10.42 -4.31
N GLU A 1007 -3.79 -10.75 -5.24
CA GLU A 1007 -2.76 -9.82 -5.67
C GLU A 1007 -3.19 -8.96 -6.84
N ALA A 1008 -4.06 -9.48 -7.71
CA ALA A 1008 -4.60 -8.66 -8.78
C ALA A 1008 -5.36 -7.46 -8.25
N GLU A 1009 -5.99 -7.59 -7.08
CA GLU A 1009 -6.68 -6.46 -6.48
C GLU A 1009 -5.70 -5.33 -6.18
N VAL A 1010 -4.56 -5.65 -5.56
CA VAL A 1010 -3.57 -4.63 -5.25
C VAL A 1010 -2.99 -4.04 -6.53
N GLN A 1011 -2.68 -4.89 -7.52
CA GLN A 1011 -2.11 -4.38 -8.77
C GLN A 1011 -3.09 -3.44 -9.47
N ILE A 1012 -4.37 -3.83 -9.53
CA ILE A 1012 -5.38 -2.99 -10.16
C ILE A 1012 -5.55 -1.69 -9.38
N ASP A 1013 -5.48 -1.76 -8.05
CA ASP A 1013 -5.59 -0.56 -7.24
C ASP A 1013 -4.46 0.41 -7.57
N ARG A 1014 -3.24 -0.09 -7.66
CA ARG A 1014 -2.12 0.78 -8.02
C ARG A 1014 -2.30 1.37 -9.40
N LEU A 1015 -2.71 0.55 -10.37
CA LEU A 1015 -2.89 1.04 -11.73
C LEU A 1015 -3.97 2.12 -11.80
N ILE A 1016 -5.10 1.89 -11.14
CA ILE A 1016 -6.19 2.87 -11.20
C ILE A 1016 -5.82 4.12 -10.44
N THR A 1017 -5.05 4.01 -9.36
CA THR A 1017 -4.58 5.21 -8.67
C THR A 1017 -3.71 6.06 -9.58
N GLY A 1018 -2.75 5.42 -10.26
CA GLY A 1018 -1.91 6.16 -11.18
C GLY A 1018 -2.70 6.81 -12.31
N ARG A 1019 -3.61 6.04 -12.92
CA ARG A 1019 -4.39 6.58 -14.02
C ARG A 1019 -5.30 7.70 -13.56
N LEU A 1020 -5.88 7.57 -12.36
CA LEU A 1020 -6.77 8.60 -11.84
C LEU A 1020 -6.01 9.88 -11.56
N GLN A 1021 -4.81 9.78 -10.95
CA GLN A 1021 -4.06 11.01 -10.69
C GLN A 1021 -3.61 11.66 -11.99
N SER A 1022 -3.23 10.86 -12.99
CA SER A 1022 -2.87 11.42 -14.28
C SER A 1022 -4.06 12.14 -14.90
N LEU A 1023 -5.24 11.54 -14.83
CA LEU A 1023 -6.44 12.17 -15.39
C LEU A 1023 -6.77 13.46 -14.65
N GLN A 1024 -6.62 13.46 -13.33
CA GLN A 1024 -6.90 14.66 -12.56
C GLN A 1024 -5.94 15.79 -12.95
N THR A 1025 -4.65 15.46 -13.10
CA THR A 1025 -3.69 16.48 -13.52
C THR A 1025 -4.04 17.02 -14.91
N TYR A 1026 -4.38 16.12 -15.83
CA TYR A 1026 -4.76 16.56 -17.17
C TYR A 1026 -5.97 17.49 -17.14
N VAL A 1027 -6.99 17.13 -16.37
CA VAL A 1027 -8.20 17.94 -16.33
C VAL A 1027 -7.93 19.28 -15.66
N THR A 1028 -7.08 19.31 -14.63
CA THR A 1028 -6.75 20.57 -13.99
C THR A 1028 -6.02 21.51 -14.94
N GLN A 1029 -5.04 20.99 -15.68
CA GLN A 1029 -4.34 21.86 -16.62
C GLN A 1029 -5.25 22.28 -17.77
N GLN A 1030 -6.17 21.39 -18.16
CA GLN A 1030 -7.18 21.78 -19.16
C GLN A 1030 -8.05 22.91 -18.64
N LEU A 1031 -8.45 22.86 -17.36
CA LEU A 1031 -9.25 23.93 -16.77
C LEU A 1031 -8.49 25.25 -16.78
N ILE A 1032 -7.21 25.21 -16.41
CA ILE A 1032 -6.42 26.45 -16.41
C ILE A 1032 -6.31 27.01 -17.81
N ARG A 1033 -6.02 26.16 -18.79
CA ARG A 1033 -5.91 26.62 -20.16
C ARG A 1033 -7.24 27.16 -20.67
N ALA A 1034 -8.34 26.53 -20.28
CA ALA A 1034 -9.66 27.01 -20.69
C ALA A 1034 -9.98 28.36 -20.07
N ALA A 1035 -9.57 28.58 -18.83
CA ALA A 1035 -9.74 29.89 -18.21
C ALA A 1035 -8.94 30.95 -18.97
N GLU A 1036 -7.71 30.62 -19.35
CA GLU A 1036 -6.91 31.56 -20.15
C GLU A 1036 -7.58 31.85 -21.49
N ILE A 1037 -8.11 30.81 -22.13
CA ILE A 1037 -8.78 30.99 -23.42
C ILE A 1037 -10.03 31.84 -23.26
N ARG A 1038 -10.76 31.65 -22.17
CA ARG A 1038 -11.94 32.46 -21.91
C ARG A 1038 -11.58 33.92 -21.72
N ALA A 1039 -10.48 34.19 -20.99
CA ALA A 1039 -10.04 35.57 -20.84
C ALA A 1039 -9.67 36.17 -22.18
N SER A 1040 -8.95 35.41 -23.01
CA SER A 1040 -8.59 35.91 -24.34
C SER A 1040 -9.82 36.16 -25.20
N ALA A 1041 -10.82 35.28 -25.10
CA ALA A 1041 -12.04 35.45 -25.89
C ALA A 1041 -12.84 36.66 -25.42
N ASN A 1042 -12.87 36.91 -24.11
CA ASN A 1042 -13.53 38.11 -23.61
C ASN A 1042 -12.82 39.36 -24.12
N LEU A 1043 -11.49 39.35 -24.11
CA LEU A 1043 -10.75 40.47 -24.68
C LEU A 1043 -11.06 40.65 -26.16
N ALA A 1044 -11.16 39.54 -26.90
CA ALA A 1044 -11.47 39.62 -28.32
C ALA A 1044 -12.88 40.16 -28.55
N ALA A 1045 -13.84 39.75 -27.73
CA ALA A 1045 -15.20 40.27 -27.85
C ALA A 1045 -15.24 41.76 -27.58
N THR A 1046 -14.54 42.21 -26.54
CA THR A 1046 -14.46 43.64 -26.28
C THR A 1046 -13.82 44.38 -27.45
N LYS A 1047 -12.76 43.80 -28.01
CA LYS A 1047 -12.07 44.43 -29.14
C LYS A 1047 -12.99 44.55 -30.35
N MET A 1048 -13.75 43.50 -30.64
CA MET A 1048 -14.67 43.58 -31.77
C MET A 1048 -15.79 44.59 -31.50
N SER A 1049 -16.28 44.65 -30.25
CA SER A 1049 -17.36 45.57 -29.94
C SER A 1049 -16.91 47.01 -30.01
N GLU A 1050 -15.66 47.30 -29.66
CA GLU A 1050 -15.19 48.68 -29.60
C GLU A 1050 -14.46 49.16 -30.83
N CYS A 1051 -13.66 48.31 -31.48
CA CYS A 1051 -12.88 48.73 -32.64
C CYS A 1051 -13.59 48.48 -33.96
N VAL A 1052 -14.43 47.46 -34.05
CA VAL A 1052 -15.12 47.15 -35.30
C VAL A 1052 -16.46 47.87 -35.38
N LEU A 1053 -17.31 47.72 -34.37
CA LEU A 1053 -18.62 48.34 -34.32
C LEU A 1053 -18.57 49.80 -34.01
N GLY A 1054 -17.39 50.42 -34.03
CA GLY A 1054 -17.28 51.83 -33.75
C GLY A 1054 -15.84 52.26 -33.75
N GLN A 1055 -15.62 53.52 -33.41
CA GLN A 1055 -14.28 54.10 -33.34
C GLN A 1055 -13.91 54.27 -31.88
N SER A 1056 -12.76 53.71 -31.49
CA SER A 1056 -12.32 53.70 -30.11
C SER A 1056 -11.25 54.76 -29.88
N LYS A 1057 -11.36 55.46 -28.76
CA LYS A 1057 -10.40 56.48 -28.37
C LYS A 1057 -9.29 55.95 -27.48
N ARG A 1058 -9.29 54.65 -27.19
CA ARG A 1058 -8.25 54.06 -26.35
C ARG A 1058 -6.98 53.88 -27.17
N VAL A 1059 -5.89 54.47 -26.69
CA VAL A 1059 -4.63 54.42 -27.43
C VAL A 1059 -4.07 53.01 -27.38
N ASP A 1060 -3.62 52.52 -28.54
CA ASP A 1060 -2.98 51.22 -28.72
C ASP A 1060 -3.91 50.04 -28.43
N PHE A 1061 -5.19 50.28 -28.15
CA PHE A 1061 -6.11 49.16 -27.95
C PHE A 1061 -6.51 48.54 -29.28
N CYS A 1062 -6.65 49.35 -30.33
CA CYS A 1062 -7.02 48.88 -31.65
C CYS A 1062 -5.89 49.08 -32.65
N GLY A 1063 -4.67 48.79 -32.23
CA GLY A 1063 -3.51 48.92 -33.09
C GLY A 1063 -2.77 50.23 -32.86
N LYS A 1064 -1.52 50.26 -33.31
CA LYS A 1064 -0.68 51.43 -33.14
C LYS A 1064 -1.21 52.60 -33.97
N GLY A 1065 -0.96 53.81 -33.46
CA GLY A 1065 -1.41 55.01 -34.13
C GLY A 1065 -2.87 55.30 -33.85
N TYR A 1066 -3.35 56.39 -34.46
CA TYR A 1066 -4.75 56.78 -34.32
C TYR A 1066 -5.62 55.77 -35.07
N HIS A 1067 -6.40 54.99 -34.32
CA HIS A 1067 -7.21 53.95 -34.92
C HIS A 1067 -8.32 54.56 -35.77
N LEU A 1068 -8.51 54.02 -36.97
CA LEU A 1068 -9.58 54.42 -37.86
C LEU A 1068 -10.70 53.41 -37.92
N MET A 1069 -10.40 52.15 -38.23
CA MET A 1069 -11.43 51.12 -38.28
C MET A 1069 -10.76 49.75 -38.22
N SER A 1070 -11.58 48.70 -38.33
CA SER A 1070 -11.07 47.35 -38.25
C SER A 1070 -11.93 46.44 -39.11
N PHE A 1071 -11.34 45.32 -39.52
CA PHE A 1071 -12.03 44.29 -40.28
C PHE A 1071 -11.81 42.96 -39.61
N PRO A 1072 -12.86 42.22 -39.24
CA PRO A 1072 -12.66 40.89 -38.68
C PRO A 1072 -12.56 39.83 -39.76
N GLN A 1073 -11.79 38.79 -39.45
CA GLN A 1073 -11.68 37.63 -40.32
C GLN A 1073 -11.62 36.37 -39.46
N SER A 1074 -12.22 35.31 -39.96
CA SER A 1074 -12.24 34.04 -39.23
C SER A 1074 -10.93 33.29 -39.42
N ALA A 1075 -10.64 32.40 -38.48
CA ALA A 1075 -9.49 31.52 -38.57
C ALA A 1075 -9.77 30.31 -37.68
N PRO A 1076 -9.11 29.17 -37.93
CA PRO A 1076 -9.37 27.98 -37.12
C PRO A 1076 -9.20 28.26 -35.64
N HIS A 1077 -10.31 28.25 -34.90
CA HIS A 1077 -10.33 28.54 -33.47
C HIS A 1077 -9.69 29.89 -33.16
N GLY A 1078 -9.98 30.90 -33.98
CA GLY A 1078 -9.38 32.20 -33.74
C GLY A 1078 -9.96 33.27 -34.63
N VAL A 1079 -9.66 34.51 -34.27
CA VAL A 1079 -10.12 35.69 -35.00
C VAL A 1079 -8.93 36.57 -35.32
N VAL A 1080 -8.89 37.11 -36.53
CA VAL A 1080 -7.82 37.98 -36.98
C VAL A 1080 -8.42 39.34 -37.30
N PHE A 1081 -7.94 40.38 -36.63
CA PHE A 1081 -8.39 41.74 -36.86
C PHE A 1081 -7.38 42.46 -37.72
N LEU A 1082 -7.84 43.05 -38.81
CA LEU A 1082 -7.05 43.97 -39.63
C LEU A 1082 -7.40 45.37 -39.18
N HIS A 1083 -6.52 45.99 -38.41
CA HIS A 1083 -6.73 47.34 -37.90
C HIS A 1083 -6.16 48.34 -38.89
N VAL A 1084 -7.03 49.20 -39.41
CA VAL A 1084 -6.63 50.29 -40.31
C VAL A 1084 -6.50 51.55 -39.47
N THR A 1085 -5.31 52.14 -39.47
CA THR A 1085 -4.97 53.26 -38.59
C THR A 1085 -4.28 54.35 -39.40
N TYR A 1086 -4.28 55.55 -38.81
CA TYR A 1086 -3.74 56.75 -39.42
C TYR A 1086 -2.49 57.17 -38.66
N VAL A 1087 -1.38 57.36 -39.36
CA VAL A 1087 -0.10 57.66 -38.74
C VAL A 1087 0.53 58.89 -39.39
N PRO A 1088 0.83 59.95 -38.65
CA PRO A 1088 1.56 61.08 -39.24
C PRO A 1088 2.93 60.67 -39.73
N ALA A 1089 3.37 61.28 -40.83
CA ALA A 1089 4.58 60.82 -41.51
C ALA A 1089 5.71 61.84 -41.49
N GLN A 1090 5.50 63.04 -42.02
CA GLN A 1090 6.58 63.99 -42.26
C GLN A 1090 6.35 65.25 -41.42
N GLU A 1091 7.21 65.46 -40.43
CA GLU A 1091 7.07 66.59 -39.52
C GLU A 1091 8.03 67.72 -39.88
N LYS A 1092 7.61 68.94 -39.55
CA LYS A 1092 8.41 70.14 -39.76
C LYS A 1092 8.38 70.99 -38.51
N ASN A 1093 9.43 71.78 -38.33
CA ASN A 1093 9.61 72.61 -37.14
C ASN A 1093 9.00 74.00 -37.36
N PHE A 1094 8.41 74.56 -36.30
CA PHE A 1094 7.83 75.89 -36.36
C PHE A 1094 7.97 76.55 -35.00
N THR A 1095 7.91 77.88 -35.01
CA THR A 1095 7.93 78.64 -33.77
C THR A 1095 6.52 78.77 -33.21
N THR A 1096 6.38 78.59 -31.90
CA THR A 1096 5.08 78.56 -31.26
C THR A 1096 4.94 79.69 -30.27
N ALA A 1097 3.68 79.93 -29.85
CA ALA A 1097 3.37 80.94 -28.86
C ALA A 1097 2.04 80.57 -28.23
N PRO A 1098 1.94 80.54 -26.89
CA PRO A 1098 0.67 80.12 -26.27
C PRO A 1098 -0.51 81.02 -26.61
N ALA A 1099 -0.29 82.31 -26.82
CA ALA A 1099 -1.38 83.23 -27.11
C ALA A 1099 -0.83 84.43 -27.86
N ILE A 1100 -1.74 85.23 -28.41
CA ILE A 1100 -1.39 86.42 -29.18
C ILE A 1100 -2.13 87.61 -28.60
N CYS A 1101 -1.40 88.68 -28.30
CA CYS A 1101 -1.97 89.92 -27.81
C CYS A 1101 -2.09 90.90 -28.96
N HIS A 1102 -3.32 91.31 -29.26
CA HIS A 1102 -3.59 92.21 -30.39
C HIS A 1102 -3.74 93.67 -29.93
N ASP A 1103 -4.68 93.92 -29.03
CA ASP A 1103 -4.91 95.26 -28.51
C ASP A 1103 -5.10 95.21 -27.00
N GLY A 1104 -4.23 94.46 -26.32
CA GLY A 1104 -4.37 94.22 -24.90
C GLY A 1104 -5.20 93.02 -24.54
N LYS A 1105 -5.81 92.36 -25.51
CA LYS A 1105 -6.61 91.17 -25.28
C LYS A 1105 -5.86 89.93 -25.74
N ALA A 1106 -5.85 88.90 -24.90
CA ALA A 1106 -5.20 87.65 -25.22
C ALA A 1106 -6.16 86.78 -26.02
N HIS A 1107 -5.75 86.42 -27.24
CA HIS A 1107 -6.57 85.59 -28.12
C HIS A 1107 -6.04 84.16 -28.07
N PHE A 1108 -6.92 83.22 -27.77
CA PHE A 1108 -6.55 81.82 -27.73
C PHE A 1108 -7.24 81.07 -28.87
N PRO A 1109 -6.55 80.10 -29.48
CA PRO A 1109 -7.18 79.33 -30.55
C PRO A 1109 -8.32 78.48 -30.03
N ARG A 1110 -9.33 78.31 -30.87
CA ARG A 1110 -10.50 77.52 -30.47
C ARG A 1110 -10.24 76.03 -30.62
N GLU A 1111 -9.66 75.62 -31.76
CA GLU A 1111 -9.42 74.21 -32.03
C GLU A 1111 -7.98 73.88 -32.38
N GLY A 1112 -7.19 74.85 -32.85
CA GLY A 1112 -5.84 74.55 -33.29
C GLY A 1112 -4.75 75.12 -32.41
N VAL A 1113 -3.60 75.38 -33.01
CA VAL A 1113 -2.43 75.90 -32.32
C VAL A 1113 -1.78 76.97 -33.20
N PHE A 1114 -1.24 78.01 -32.56
CA PHE A 1114 -0.54 79.07 -33.27
C PHE A 1114 0.83 78.58 -33.70
N VAL A 1115 1.19 78.86 -34.96
CA VAL A 1115 2.48 78.50 -35.51
C VAL A 1115 3.05 79.70 -36.26
N SER A 1116 4.36 79.68 -36.46
CA SER A 1116 5.04 80.71 -37.22
C SER A 1116 6.18 80.08 -37.99
N ASN A 1117 6.30 80.44 -39.26
CA ASN A 1117 7.41 80.00 -40.11
C ASN A 1117 8.59 80.95 -40.06
N GLY A 1118 8.50 82.02 -39.27
CA GLY A 1118 9.57 83.01 -39.15
C GLY A 1118 9.20 84.38 -39.67
N THR A 1119 8.13 84.50 -40.44
CA THR A 1119 7.72 85.81 -40.96
C THR A 1119 6.27 86.13 -40.66
N HIS A 1120 5.38 85.14 -40.68
CA HIS A 1120 3.96 85.36 -40.42
C HIS A 1120 3.45 84.28 -39.49
N TRP A 1121 2.34 84.57 -38.83
CA TRP A 1121 1.72 83.64 -37.88
C TRP A 1121 0.43 83.09 -38.47
N PHE A 1122 0.16 81.81 -38.18
CA PHE A 1122 -1.06 81.15 -38.62
C PHE A 1122 -1.56 80.26 -37.51
N VAL A 1123 -2.73 79.66 -37.70
CA VAL A 1123 -3.28 78.67 -36.80
C VAL A 1123 -3.51 77.39 -37.57
N THR A 1124 -3.05 76.27 -37.03
CA THR A 1124 -3.17 74.99 -37.72
C THR A 1124 -3.79 73.95 -36.79
N GLN A 1125 -4.49 73.00 -37.39
CA GLN A 1125 -5.04 71.90 -36.61
C GLN A 1125 -3.93 71.06 -36.01
N ARG A 1126 -4.24 70.39 -34.90
CA ARG A 1126 -3.21 69.78 -34.08
C ARG A 1126 -2.46 68.67 -34.82
N ASN A 1127 -3.16 67.83 -35.56
CA ASN A 1127 -2.57 66.62 -36.12
C ASN A 1127 -2.27 66.73 -37.61
N PHE A 1128 -2.37 67.92 -38.20
CA PHE A 1128 -2.04 68.09 -39.60
C PHE A 1128 -1.66 69.53 -39.86
N TYR A 1129 -0.75 69.75 -40.80
CA TYR A 1129 -0.32 71.08 -41.15
C TYR A 1129 -1.23 71.65 -42.23
N GLU A 1130 -1.98 72.69 -41.87
CA GLU A 1130 -2.85 73.38 -42.80
C GLU A 1130 -3.02 74.82 -42.34
N PRO A 1131 -2.06 75.69 -42.62
CA PRO A 1131 -2.11 77.05 -42.08
C PRO A 1131 -3.33 77.81 -42.54
N GLN A 1132 -3.88 78.61 -41.64
CA GLN A 1132 -5.01 79.47 -41.92
C GLN A 1132 -4.73 80.85 -41.34
N ILE A 1133 -5.26 81.88 -41.99
CA ILE A 1133 -5.06 83.24 -41.52
C ILE A 1133 -5.72 83.42 -40.16
N ILE A 1134 -5.05 84.16 -39.28
CA ILE A 1134 -5.55 84.35 -37.93
C ILE A 1134 -6.77 85.26 -37.97
N THR A 1135 -7.93 84.72 -37.63
CA THR A 1135 -9.18 85.46 -37.68
C THR A 1135 -9.86 85.44 -36.32
N THR A 1136 -10.94 86.20 -36.20
CA THR A 1136 -11.73 86.22 -34.97
C THR A 1136 -12.72 85.07 -34.89
N ASP A 1137 -12.96 84.36 -35.99
CA ASP A 1137 -13.91 83.26 -36.00
C ASP A 1137 -13.32 81.96 -35.45
N ASN A 1138 -12.00 81.86 -35.34
CA ASN A 1138 -11.36 80.67 -34.79
C ASN A 1138 -10.57 80.96 -33.52
N THR A 1139 -10.69 82.17 -32.98
CA THR A 1139 -10.00 82.55 -31.74
C THR A 1139 -11.00 83.20 -30.80
N PHE A 1140 -10.77 83.03 -29.50
CA PHE A 1140 -11.63 83.61 -28.49
C PHE A 1140 -10.80 84.41 -27.50
N VAL A 1141 -11.42 85.44 -26.93
CA VAL A 1141 -10.73 86.41 -26.09
C VAL A 1141 -10.98 86.06 -24.62
N SER A 1142 -9.91 86.03 -23.84
CA SER A 1142 -10.01 85.76 -22.40
C SER A 1142 -8.82 86.38 -21.70
N GLY A 1143 -9.09 87.28 -20.75
CA GLY A 1143 -8.01 87.90 -20.00
C GLY A 1143 -7.26 88.95 -20.81
N ASN A 1144 -6.05 89.27 -20.36
CA ASN A 1144 -5.21 90.25 -21.02
C ASN A 1144 -3.79 89.69 -21.11
N CYS A 1145 -3.01 90.27 -22.03
CA CYS A 1145 -1.67 89.78 -22.32
C CYS A 1145 -0.64 90.22 -21.29
N ASP A 1146 -1.07 90.73 -20.14
CA ASP A 1146 -0.14 91.11 -19.08
C ASP A 1146 0.03 90.00 -18.03
N VAL A 1147 -0.63 88.87 -18.20
CA VAL A 1147 -0.59 87.78 -17.23
C VAL A 1147 -0.02 86.50 -17.83
N VAL A 1148 -0.47 86.15 -19.03
CA VAL A 1148 0.01 84.92 -19.68
C VAL A 1148 1.48 85.05 -20.00
N ILE A 1149 2.20 83.94 -19.86
CA ILE A 1149 3.65 83.93 -20.06
C ILE A 1149 3.95 83.60 -21.51
N GLY A 1150 4.82 84.40 -22.13
CA GLY A 1150 5.28 84.11 -23.47
C GLY A 1150 4.37 84.55 -24.58
N ILE A 1151 3.42 85.44 -24.31
CA ILE A 1151 2.55 85.94 -25.37
C ILE A 1151 3.38 86.78 -26.35
N VAL A 1152 2.96 86.78 -27.61
CA VAL A 1152 3.65 87.51 -28.66
C VAL A 1152 2.72 88.57 -29.24
N ASN A 1153 3.32 89.51 -29.95
CA ASN A 1153 2.59 90.63 -30.53
C ASN A 1153 2.31 90.35 -32.01
N ASN A 1154 1.06 90.53 -32.41
CA ASN A 1154 0.64 90.36 -33.80
C ASN A 1154 -0.74 90.99 -33.94
N THR A 1155 -1.35 90.82 -35.11
CA THR A 1155 -2.68 91.34 -35.38
C THR A 1155 -3.64 90.21 -35.72
N VAL A 1156 -4.92 90.42 -35.43
CA VAL A 1156 -5.97 89.44 -35.68
C VAL A 1156 -6.94 90.02 -36.70
N TYR A 1157 -7.41 89.16 -37.60
CA TYR A 1157 -8.26 89.59 -38.70
C TYR A 1157 -9.73 89.51 -38.30
N ASP A 1158 -10.45 90.61 -38.52
CA ASP A 1158 -11.91 90.63 -38.36
C ASP A 1158 -12.51 90.96 -39.72
N PRO A 1159 -13.11 89.97 -40.41
CA PRO A 1159 -13.58 90.21 -41.79
C PRO A 1159 -14.66 91.27 -41.90
N LEU A 1160 -15.35 91.58 -40.80
CA LEU A 1160 -16.45 92.54 -40.87
C LEU A 1160 -15.97 93.92 -41.32
N GLN A 1161 -14.83 94.37 -40.80
CA GLN A 1161 -14.34 95.69 -41.16
C GLN A 1161 -14.01 95.80 -42.65
N PRO A 1162 -13.27 94.89 -43.27
CA PRO A 1162 -13.15 94.93 -44.74
C PRO A 1162 -14.48 94.76 -45.45
N GLU A 1163 -15.40 93.99 -44.87
CA GLU A 1163 -16.71 93.84 -45.49
C GLU A 1163 -17.45 95.17 -45.57
N LEU A 1164 -17.36 95.97 -44.52
CA LEU A 1164 -17.99 97.28 -44.51
C LEU A 1164 -16.94 98.39 -44.60
N GLU B 1 46.94 -45.10 68.07
CA GLU B 1 45.63 -45.12 67.43
C GLU B 1 44.71 -46.11 68.15
N ILE B 2 43.46 -46.17 67.68
CA ILE B 2 42.50 -47.12 68.23
C ILE B 2 42.81 -48.51 67.71
N VAL B 3 42.79 -49.49 68.60
CA VAL B 3 43.02 -50.89 68.25
C VAL B 3 41.85 -51.72 68.79
N LEU B 4 41.39 -52.67 67.99
CA LEU B 4 40.29 -53.56 68.35
C LEU B 4 40.78 -55.00 68.39
N THR B 5 40.10 -55.83 69.19
CA THR B 5 40.35 -57.25 69.23
C THR B 5 39.02 -57.98 69.15
N GLN B 6 39.01 -59.12 68.46
CA GLN B 6 37.78 -59.79 68.10
C GLN B 6 37.87 -61.23 68.59
N SER B 7 36.75 -61.96 68.49
CA SER B 7 36.55 -63.31 69.00
C SER B 7 37.75 -64.21 68.65
N PRO B 8 38.12 -65.18 69.51
CA PRO B 8 39.39 -65.86 69.30
C PRO B 8 39.38 -66.79 68.10
N GLY B 9 40.53 -67.40 67.82
CA GLY B 9 40.76 -68.07 66.55
C GLY B 9 40.37 -69.53 66.47
N THR B 10 39.89 -69.95 65.30
CA THR B 10 39.58 -71.35 65.02
C THR B 10 38.54 -71.89 66.01
N LEU B 11 37.31 -71.39 65.89
CA LEU B 11 36.20 -71.97 66.63
C LEU B 11 35.29 -72.72 65.66
N SER B 12 34.94 -73.95 66.03
CA SER B 12 34.13 -74.81 65.16
C SER B 12 32.79 -75.08 65.83
N LEU B 13 31.71 -74.82 65.11
CA LEU B 13 30.36 -75.00 65.62
C LEU B 13 29.55 -75.87 64.66
N SER B 14 28.66 -76.67 65.22
CA SER B 14 27.83 -77.54 64.41
C SER B 14 26.84 -76.73 63.58
N PRO B 15 26.62 -77.11 62.32
CA PRO B 15 25.66 -76.38 61.49
C PRO B 15 24.25 -76.48 62.05
N GLY B 16 23.47 -75.42 61.83
CA GLY B 16 22.09 -75.38 62.25
C GLY B 16 21.84 -74.85 63.64
N GLU B 17 22.87 -74.44 64.37
CA GLU B 17 22.74 -73.91 65.72
C GLU B 17 23.21 -72.46 65.77
N ARG B 18 22.93 -71.83 66.90
CA ARG B 18 23.26 -70.42 67.09
C ARG B 18 24.77 -70.21 67.14
N ALA B 19 25.24 -69.16 66.49
CA ALA B 19 26.65 -68.79 66.53
C ALA B 19 26.77 -67.30 66.79
N THR B 20 27.63 -66.94 67.75
CA THR B 20 27.81 -65.57 68.20
C THR B 20 29.28 -65.20 68.14
N LEU B 21 29.57 -64.00 67.65
CA LEU B 21 30.93 -63.50 67.49
C LEU B 21 31.02 -62.10 68.09
N SER B 22 32.14 -61.81 68.73
CA SER B 22 32.27 -60.60 69.53
C SER B 22 33.46 -59.76 69.06
N CYS B 23 33.37 -58.45 69.33
CA CYS B 23 34.42 -57.48 69.00
C CYS B 23 34.45 -56.41 70.08
N ARG B 24 35.63 -56.19 70.67
CA ARG B 24 35.79 -55.21 71.73
C ARG B 24 36.98 -54.32 71.42
N GLY B 25 36.83 -53.03 71.71
CA GLY B 25 37.87 -52.05 71.44
C GLY B 25 38.35 -51.39 72.72
N SER B 26 39.63 -51.00 72.71
CA SER B 26 40.21 -50.32 73.87
C SER B 26 39.58 -48.95 74.09
N GLN B 27 39.21 -48.26 73.01
CA GLN B 27 38.62 -46.94 73.09
C GLN B 27 37.22 -46.94 72.50
N SER B 28 36.37 -46.07 73.03
CA SER B 28 34.99 -45.99 72.59
C SER B 28 34.91 -45.48 71.14
N VAL B 29 33.93 -45.99 70.41
CA VAL B 29 33.70 -45.63 69.01
C VAL B 29 32.22 -45.30 68.83
N ARG B 30 31.92 -44.72 67.68
CA ARG B 30 30.55 -44.34 67.34
C ARG B 30 29.88 -45.46 66.56
N SER B 31 28.65 -45.81 66.98
CA SER B 31 27.94 -46.92 66.35
C SER B 31 27.40 -46.57 64.97
N SER B 32 27.20 -45.29 64.67
CA SER B 32 26.70 -44.89 63.36
C SER B 32 27.70 -45.14 62.24
N TYR B 33 28.96 -45.38 62.57
CA TYR B 33 30.04 -45.59 61.61
C TYR B 33 30.70 -46.94 61.84
N LEU B 34 29.88 -47.97 62.01
CA LEU B 34 30.32 -49.30 62.38
C LEU B 34 29.94 -50.30 61.29
N GLY B 35 30.73 -51.38 61.20
CA GLY B 35 30.46 -52.41 60.21
C GLY B 35 31.12 -53.75 60.48
N TRP B 36 30.31 -54.81 60.36
CA TRP B 36 30.80 -56.18 60.39
C TRP B 36 30.65 -56.77 59.00
N TYR B 37 31.67 -57.49 58.54
CA TYR B 37 31.67 -57.96 57.15
C TYR B 37 32.39 -59.29 57.04
N GLN B 38 31.96 -60.10 56.07
CA GLN B 38 32.37 -61.49 55.94
C GLN B 38 33.30 -61.67 54.74
N GLN B 39 34.16 -62.69 54.83
CA GLN B 39 35.16 -62.96 53.81
C GLN B 39 35.41 -64.46 53.77
N LYS B 40 35.25 -65.07 52.60
CA LYS B 40 35.48 -66.50 52.49
C LYS B 40 36.98 -66.80 52.44
N PRO B 41 37.38 -68.00 52.88
CA PRO B 41 38.81 -68.34 52.89
C PRO B 41 39.36 -68.53 51.48
N GLY B 42 39.67 -67.42 50.81
CA GLY B 42 40.15 -67.47 49.44
C GLY B 42 39.32 -66.62 48.50
N GLN B 43 38.67 -65.59 49.02
CA GLN B 43 37.86 -64.70 48.20
C GLN B 43 37.69 -63.38 48.92
N ALA B 44 37.26 -62.34 48.19
CA ALA B 44 37.17 -60.98 48.69
C ALA B 44 36.14 -60.86 49.81
N PRO B 45 36.30 -59.91 50.73
CA PRO B 45 35.31 -59.74 51.79
C PRO B 45 33.99 -59.18 51.27
N ARG B 46 32.93 -59.42 52.05
CA ARG B 46 31.59 -58.95 51.72
C ARG B 46 30.97 -58.30 52.95
N LEU B 47 30.35 -57.13 52.76
CA LEU B 47 29.70 -56.44 53.84
C LEU B 47 28.47 -57.21 54.31
N LEU B 48 28.31 -57.32 55.63
CA LEU B 48 27.21 -58.04 56.24
C LEU B 48 26.24 -57.12 57.00
N ILE B 49 26.75 -56.36 57.96
CA ILE B 49 25.93 -55.46 58.77
C ILE B 49 26.64 -54.12 58.87
N TYR B 50 25.90 -53.03 58.70
CA TYR B 50 26.44 -51.69 58.86
C TYR B 50 25.54 -50.90 59.80
N GLY B 51 26.14 -50.25 60.78
CA GLY B 51 25.41 -49.45 61.74
C GLY B 51 24.75 -50.22 62.86
N ALA B 52 24.91 -51.55 62.90
CA ALA B 52 24.35 -52.43 63.92
C ALA B 52 22.83 -52.43 63.94
N SER B 53 22.18 -51.74 63.00
CA SER B 53 20.73 -51.74 62.90
C SER B 53 20.20 -51.89 61.48
N SER B 54 21.04 -51.74 60.46
CA SER B 54 20.59 -51.78 59.07
C SER B 54 21.21 -52.99 58.38
N ARG B 55 20.38 -53.75 57.68
CA ARG B 55 20.84 -54.95 56.99
C ARG B 55 21.41 -54.58 55.62
N ALA B 56 22.57 -55.13 55.32
CA ALA B 56 23.27 -54.80 54.09
C ALA B 56 22.68 -55.54 52.90
N THR B 57 22.77 -54.90 51.73
CA THR B 57 22.19 -55.48 50.52
C THR B 57 22.84 -56.81 50.19
N GLY B 58 22.00 -57.79 49.83
CA GLY B 58 22.49 -59.12 49.51
C GLY B 58 22.76 -60.01 50.69
N ILE B 59 22.29 -59.66 51.87
CA ILE B 59 22.55 -60.41 53.10
C ILE B 59 21.25 -61.08 53.53
N PRO B 60 21.27 -62.38 53.87
CA PRO B 60 20.05 -63.04 54.34
C PRO B 60 19.59 -62.48 55.68
N ASP B 61 18.28 -62.59 55.92
CA ASP B 61 17.68 -62.05 57.13
C ASP B 61 18.12 -62.78 58.39
N ARG B 62 18.66 -64.00 58.26
CA ARG B 62 19.08 -64.76 59.43
C ARG B 62 20.28 -64.14 60.12
N PHE B 63 21.09 -63.36 59.41
CA PHE B 63 22.21 -62.66 60.02
C PHE B 63 21.71 -61.43 60.77
N SER B 64 22.28 -61.19 61.95
CA SER B 64 21.97 -60.00 62.71
C SER B 64 23.23 -59.47 63.36
N GLY B 65 23.26 -58.16 63.60
CA GLY B 65 24.39 -57.55 64.28
C GLY B 65 23.90 -56.47 65.21
N SER B 66 24.61 -56.32 66.33
CA SER B 66 24.22 -55.36 67.35
C SER B 66 25.44 -55.02 68.21
N GLY B 67 25.19 -54.35 69.33
CA GLY B 67 26.24 -53.97 70.25
C GLY B 67 26.15 -52.51 70.63
N SER B 68 26.96 -52.15 71.62
CA SER B 68 26.98 -50.79 72.14
C SER B 68 28.32 -50.54 72.83
N GLY B 69 28.60 -49.27 73.09
CA GLY B 69 29.83 -48.91 73.79
C GLY B 69 31.03 -49.37 72.99
N THR B 70 31.85 -50.21 73.63
CA THR B 70 33.02 -50.79 72.99
C THR B 70 32.82 -52.25 72.61
N ASP B 71 31.66 -52.83 72.92
CA ASP B 71 31.43 -54.26 72.70
C ASP B 71 30.31 -54.44 71.68
N PHE B 72 30.60 -55.15 70.59
CA PHE B 72 29.63 -55.39 69.54
C PHE B 72 29.64 -56.87 69.19
N THR B 73 28.53 -57.34 68.62
CA THR B 73 28.36 -58.77 68.37
C THR B 73 27.63 -59.00 67.06
N LEU B 74 27.86 -60.20 66.51
CA LEU B 74 27.26 -60.67 65.28
C LEU B 74 26.73 -62.07 65.50
N THR B 75 25.47 -62.29 65.13
CA THR B 75 24.80 -63.56 65.43
C THR B 75 24.18 -64.14 64.18
N ILE B 76 24.29 -65.46 64.05
CA ILE B 76 23.59 -66.22 63.02
C ILE B 76 22.81 -67.33 63.73
N SER B 77 21.51 -67.41 63.44
CA SER B 77 20.65 -68.34 64.17
C SER B 77 20.83 -69.77 63.65
N ARG B 78 20.77 -69.95 62.33
CA ARG B 78 20.94 -71.26 61.71
C ARG B 78 22.10 -71.19 60.74
N LEU B 79 23.04 -72.12 60.87
CA LEU B 79 24.23 -72.13 60.02
C LEU B 79 23.94 -72.86 58.72
N GLU B 80 24.40 -72.28 57.63
CA GLU B 80 24.30 -72.83 56.28
C GLU B 80 25.70 -73.10 55.76
N PRO B 81 25.84 -73.95 54.72
CA PRO B 81 27.18 -74.20 54.17
C PRO B 81 27.83 -72.97 53.57
N GLU B 82 27.12 -71.84 53.57
CA GLU B 82 27.66 -70.56 53.10
C GLU B 82 28.16 -69.72 54.29
N ASP B 83 28.27 -70.34 55.47
CA ASP B 83 28.72 -69.65 56.66
C ASP B 83 30.16 -69.98 57.03
N PHE B 84 30.80 -70.89 56.31
CA PHE B 84 32.21 -71.19 56.52
C PHE B 84 33.02 -70.02 55.99
N ALA B 85 33.39 -69.10 56.88
CA ALA B 85 33.97 -67.83 56.44
C ALA B 85 34.72 -67.21 57.61
N VAL B 86 35.16 -65.97 57.42
CA VAL B 86 35.87 -65.21 58.43
C VAL B 86 35.18 -63.86 58.55
N TYR B 87 34.84 -63.47 59.77
CA TYR B 87 34.13 -62.23 60.01
C TYR B 87 35.08 -61.17 60.58
N TYR B 88 34.81 -59.91 60.21
CA TYR B 88 35.68 -58.78 60.48
C TYR B 88 34.87 -57.63 61.06
N CYS B 89 35.52 -56.89 61.97
CA CYS B 89 34.93 -55.79 62.73
C CYS B 89 35.65 -54.49 62.40
N GLN B 90 34.90 -53.44 62.09
CA GLN B 90 35.53 -52.21 61.63
C GLN B 90 34.66 -51.01 61.99
N GLN B 91 35.34 -49.86 62.16
CA GLN B 91 34.67 -48.54 62.35
C GLN B 91 35.16 -47.72 61.13
N TYR B 92 34.31 -46.88 60.53
CA TYR B 92 34.64 -46.15 59.31
C TYR B 92 34.20 -44.70 59.35
N GLY B 93 34.53 -44.00 60.42
CA GLY B 93 34.23 -42.58 60.51
C GLY B 93 35.37 -41.75 59.96
N SER B 94 36.21 -41.23 60.85
CA SER B 94 37.36 -40.37 60.45
C SER B 94 38.38 -41.08 59.56
N SER B 95 39.46 -40.40 59.19
CA SER B 95 40.45 -40.97 58.22
C SER B 95 41.08 -42.30 58.67
N PRO B 96 41.50 -42.56 59.94
CA PRO B 96 42.01 -43.88 60.30
C PRO B 96 40.90 -44.93 60.28
N TRP B 97 41.13 -46.05 59.59
CA TRP B 97 40.12 -47.15 59.51
C TRP B 97 40.71 -48.40 60.16
N THR B 98 39.99 -49.01 61.10
CA THR B 98 40.52 -50.20 61.82
C THR B 98 39.84 -51.45 61.27
N PHE B 99 40.51 -52.23 60.41
CA PHE B 99 39.85 -53.34 59.75
C PHE B 99 39.73 -54.52 60.71
N GLY B 100 39.03 -55.57 60.28
CA GLY B 100 38.69 -56.65 61.17
C GLY B 100 39.90 -57.46 61.61
N GLN B 101 39.78 -58.09 62.78
CA GLN B 101 40.82 -58.96 63.31
C GLN B 101 40.66 -60.41 62.89
N GLY B 102 39.52 -60.79 62.33
CA GLY B 102 39.34 -62.11 61.77
C GLY B 102 38.78 -63.16 62.71
N THR B 103 37.63 -63.75 62.36
CA THR B 103 37.01 -64.82 63.16
C THR B 103 36.45 -65.87 62.21
N LYS B 104 37.09 -67.03 62.16
CA LYS B 104 36.69 -68.07 61.21
C LYS B 104 35.60 -68.93 61.82
N VAL B 105 34.38 -68.74 61.31
CA VAL B 105 33.28 -69.68 61.55
C VAL B 105 33.46 -70.86 60.60
N GLU B 106 33.72 -72.03 61.16
CA GLU B 106 34.22 -73.20 60.46
C GLU B 106 33.12 -74.25 60.30
N ILE B 107 33.50 -75.40 59.75
CA ILE B 107 32.58 -76.50 59.52
C ILE B 107 33.11 -77.72 60.26
N LYS B 108 32.24 -78.38 61.01
CA LYS B 108 32.59 -79.59 61.76
C LYS B 108 33.14 -80.68 60.83
N GLN C 1 -2.88 -62.30 30.14
CA GLN C 1 -3.78 -63.02 31.04
C GLN C 1 -4.23 -62.11 32.17
N MET C 2 -5.28 -62.52 32.88
CA MET C 2 -5.83 -61.76 33.99
C MET C 2 -5.25 -62.27 35.30
N GLN C 3 -5.80 -61.77 36.40
CA GLN C 3 -5.32 -62.14 37.73
C GLN C 3 -6.40 -61.81 38.75
N LEU C 4 -6.90 -62.83 39.44
CA LEU C 4 -7.88 -62.66 40.50
C LEU C 4 -7.21 -62.78 41.87
N VAL C 5 -7.72 -62.02 42.83
CA VAL C 5 -7.19 -61.98 44.18
C VAL C 5 -8.31 -62.30 45.16
N GLN C 6 -8.06 -63.25 46.05
CA GLN C 6 -8.97 -63.65 47.11
C GLN C 6 -8.26 -63.56 48.45
N SER C 7 -8.92 -64.05 49.49
CA SER C 7 -8.34 -64.07 50.82
C SER C 7 -7.40 -65.26 50.98
N GLY C 8 -6.75 -65.36 52.14
CA GLY C 8 -5.81 -66.43 52.41
C GLY C 8 -6.38 -67.49 53.32
N PRO C 9 -5.55 -67.98 54.25
CA PRO C 9 -6.02 -68.99 55.20
C PRO C 9 -7.08 -68.43 56.14
N GLU C 10 -7.98 -69.31 56.57
CA GLU C 10 -9.11 -68.92 57.40
C GLU C 10 -9.49 -70.08 58.31
N VAL C 11 -9.49 -69.82 59.62
CA VAL C 11 -9.97 -70.76 60.62
C VAL C 11 -11.10 -70.09 61.39
N LYS C 12 -12.24 -70.77 61.46
CA LYS C 12 -13.45 -70.16 62.00
C LYS C 12 -14.19 -71.16 62.90
N LYS C 13 -15.27 -70.67 63.49
CA LYS C 13 -16.17 -71.38 64.39
C LYS C 13 -17.56 -71.42 63.78
N PRO C 14 -18.31 -72.52 63.97
CA PRO C 14 -19.65 -72.61 63.36
C PRO C 14 -20.57 -71.49 63.84
N GLY C 15 -21.40 -71.01 62.93
CA GLY C 15 -22.34 -69.95 63.21
C GLY C 15 -21.87 -68.55 62.83
N THR C 16 -20.58 -68.39 62.53
CA THR C 16 -20.04 -67.08 62.17
C THR C 16 -20.31 -66.79 60.70
N SER C 17 -20.86 -65.60 60.44
CA SER C 17 -21.11 -65.15 59.07
C SER C 17 -19.77 -64.76 58.45
N VAL C 18 -19.17 -65.67 57.71
CA VAL C 18 -17.83 -65.46 57.16
C VAL C 18 -17.91 -64.51 55.98
N LYS C 19 -16.88 -63.69 55.83
CA LYS C 19 -16.82 -62.64 54.83
C LYS C 19 -15.58 -62.85 53.96
N VAL C 20 -15.78 -62.93 52.63
CA VAL C 20 -14.71 -63.18 51.69
C VAL C 20 -14.87 -62.25 50.49
N SER C 21 -13.76 -61.65 50.06
CA SER C 21 -13.72 -60.75 48.92
C SER C 21 -13.07 -61.43 47.71
N CYS C 22 -13.36 -60.88 46.53
CA CYS C 22 -12.74 -61.35 45.29
C CYS C 22 -12.59 -60.17 44.36
N LYS C 23 -11.35 -59.80 44.04
CA LYS C 23 -11.08 -58.69 43.15
C LYS C 23 -10.37 -59.19 41.90
N ALA C 24 -10.41 -58.37 40.85
CA ALA C 24 -9.87 -58.73 39.55
C ALA C 24 -8.93 -57.65 39.04
N SER C 25 -7.96 -58.08 38.23
CA SER C 25 -7.06 -57.15 37.57
C SER C 25 -6.61 -57.78 36.26
N GLY C 26 -6.26 -56.92 35.29
CA GLY C 26 -5.83 -57.35 33.98
C GLY C 26 -6.90 -57.30 32.91
N PHE C 27 -8.17 -57.15 33.29
CA PHE C 27 -9.25 -57.03 32.34
C PHE C 27 -10.30 -56.08 32.91
N THR C 28 -11.14 -55.56 32.02
CA THR C 28 -12.14 -54.58 32.42
C THR C 28 -13.19 -55.24 33.31
N PHE C 29 -13.13 -54.92 34.60
CA PHE C 29 -14.13 -55.40 35.57
C PHE C 29 -15.29 -54.41 35.70
N THR C 30 -15.91 -54.09 34.56
CA THR C 30 -17.00 -53.11 34.56
C THR C 30 -18.33 -53.77 34.90
N SER C 31 -18.76 -54.73 34.09
CA SER C 31 -20.03 -55.40 34.32
C SER C 31 -19.94 -56.91 34.15
N SER C 32 -18.73 -57.47 34.02
CA SER C 32 -18.58 -58.91 33.86
C SER C 32 -19.01 -59.63 35.14
N ALA C 33 -19.70 -60.75 34.96
CA ALA C 33 -20.22 -61.50 36.10
C ALA C 33 -19.09 -62.20 36.86
N VAL C 34 -19.40 -62.61 38.08
CA VAL C 34 -18.47 -63.36 38.92
C VAL C 34 -19.18 -64.59 39.44
N GLN C 35 -18.59 -65.76 39.22
CA GLN C 35 -19.19 -67.04 39.58
C GLN C 35 -18.37 -67.68 40.69
N TRP C 36 -19.07 -68.19 41.71
CA TRP C 36 -18.39 -68.64 42.91
C TRP C 36 -18.54 -70.15 43.08
N VAL C 37 -17.49 -70.77 43.63
CA VAL C 37 -17.40 -72.22 43.76
C VAL C 37 -16.92 -72.55 45.16
N ARG C 38 -17.50 -73.58 45.76
CA ARG C 38 -17.04 -74.12 47.04
C ARG C 38 -16.77 -75.61 46.89
N GLN C 39 -15.70 -76.06 47.54
CA GLN C 39 -15.37 -77.48 47.47
C GLN C 39 -14.66 -77.90 48.76
N ALA C 40 -15.09 -79.02 49.33
CA ALA C 40 -14.50 -79.49 50.58
C ALA C 40 -13.16 -80.14 50.29
N ARG C 41 -12.54 -80.74 51.31
CA ARG C 41 -11.23 -81.36 51.15
C ARG C 41 -11.39 -82.62 50.30
N GLY C 42 -10.86 -82.58 49.08
CA GLY C 42 -10.94 -83.71 48.17
C GLY C 42 -12.36 -84.13 47.79
N GLN C 43 -13.37 -83.45 48.31
CA GLN C 43 -14.76 -83.80 48.04
C GLN C 43 -15.27 -83.08 46.79
N ARG C 44 -16.25 -83.70 46.15
CA ARG C 44 -16.83 -83.15 44.93
C ARG C 44 -17.52 -81.82 45.23
N LEU C 45 -17.45 -80.91 44.26
CA LEU C 45 -17.98 -79.57 44.40
C LEU C 45 -19.35 -79.45 43.74
N GLU C 46 -20.12 -78.48 44.22
CA GLU C 46 -21.45 -78.19 43.71
C GLU C 46 -21.57 -76.69 43.46
N TRP C 47 -22.76 -76.23 43.10
CA TRP C 47 -22.96 -74.91 42.54
C TRP C 47 -23.35 -73.91 43.62
N ILE C 48 -22.67 -72.76 43.64
CA ILE C 48 -23.00 -71.65 44.53
C ILE C 48 -23.89 -70.66 43.79
N GLY C 49 -23.37 -70.09 42.72
CA GLY C 49 -24.11 -69.12 41.94
C GLY C 49 -23.18 -68.07 41.36
N TRP C 50 -23.78 -66.94 41.01
CA TRP C 50 -23.07 -65.88 40.31
C TRP C 50 -23.67 -64.53 40.67
N ILE C 51 -22.93 -63.48 40.34
CA ILE C 51 -23.28 -62.10 40.64
C ILE C 51 -22.96 -61.22 39.44
N VAL C 52 -23.91 -60.37 39.07
CA VAL C 52 -23.69 -59.33 38.07
C VAL C 52 -23.17 -58.10 38.80
N VAL C 53 -21.87 -57.81 38.63
CA VAL C 53 -21.24 -56.72 39.36
C VAL C 53 -21.63 -55.35 38.82
N GLY C 54 -22.08 -55.27 37.57
CA GLY C 54 -22.48 -53.99 37.03
C GLY C 54 -23.70 -53.41 37.73
N SER C 55 -24.68 -54.26 38.03
CA SER C 55 -25.87 -53.85 38.77
C SER C 55 -26.05 -54.64 40.06
N GLY C 56 -25.12 -55.53 40.39
CA GLY C 56 -25.23 -56.30 41.61
C GLY C 56 -26.40 -57.25 41.62
N ASN C 57 -26.61 -57.98 40.53
CA ASN C 57 -27.75 -58.92 40.42
C ASN C 57 -27.29 -60.29 40.92
N THR C 58 -27.87 -60.74 42.03
CA THR C 58 -27.45 -61.98 42.66
C THR C 58 -28.25 -63.16 42.09
N ASP C 59 -27.59 -64.31 41.98
CA ASP C 59 -28.27 -65.55 41.64
C ASP C 59 -27.58 -66.69 42.37
N TYR C 60 -28.35 -67.51 43.06
CA TYR C 60 -27.83 -68.60 43.87
C TYR C 60 -28.66 -69.86 43.64
N ALA C 61 -28.32 -70.90 44.41
CA ALA C 61 -28.98 -72.18 44.30
C ALA C 61 -30.27 -72.17 45.14
N GLN C 62 -31.00 -73.29 45.12
CA GLN C 62 -32.17 -73.43 45.96
C GLN C 62 -31.81 -73.66 47.42
N GLN C 63 -30.57 -74.06 47.71
CA GLN C 63 -30.11 -74.30 49.06
C GLN C 63 -29.29 -73.16 49.64
N PHE C 64 -28.84 -72.22 48.82
CA PHE C 64 -27.95 -71.16 49.27
C PHE C 64 -28.65 -69.82 49.40
N GLN C 65 -29.97 -69.78 49.29
CA GLN C 65 -30.70 -68.58 49.63
C GLN C 65 -30.71 -68.41 51.15
N GLU C 66 -31.03 -67.19 51.59
CA GLU C 66 -31.17 -66.79 52.99
C GLU C 66 -29.95 -67.13 53.84
N ARG C 67 -28.83 -67.51 53.21
CA ARG C 67 -27.59 -67.68 53.97
C ARG C 67 -26.36 -67.12 53.26
N VAL C 68 -26.45 -66.76 51.97
CA VAL C 68 -25.35 -66.12 51.25
C VAL C 68 -25.84 -64.79 50.71
N THR C 69 -25.01 -63.77 50.79
CA THR C 69 -25.32 -62.53 50.09
C THR C 69 -24.03 -61.84 49.68
N ILE C 70 -24.07 -61.13 48.55
CA ILE C 70 -22.88 -60.54 47.96
C ILE C 70 -23.16 -59.10 47.56
N THR C 71 -22.18 -58.24 47.78
CA THR C 71 -22.22 -56.82 47.45
C THR C 71 -21.11 -56.49 46.46
N ARG C 72 -21.17 -55.26 45.96
CA ARG C 72 -20.31 -54.78 44.88
C ARG C 72 -19.49 -53.58 45.35
N ASP C 73 -18.27 -53.46 44.82
CA ASP C 73 -17.49 -52.24 45.03
C ASP C 73 -16.72 -51.94 43.74
N MET C 74 -17.15 -50.91 43.02
CA MET C 74 -16.47 -50.54 41.78
C MET C 74 -15.15 -49.83 42.06
N SER C 75 -14.99 -49.27 43.26
CA SER C 75 -13.78 -48.52 43.58
C SER C 75 -12.54 -49.41 43.49
N THR C 76 -12.57 -50.56 44.14
CA THR C 76 -11.51 -51.56 44.05
C THR C 76 -11.88 -52.72 43.15
N SER C 77 -13.03 -52.67 42.47
CA SER C 77 -13.49 -53.70 41.55
C SER C 77 -13.51 -55.07 42.24
N THR C 78 -14.31 -55.16 43.30
CA THR C 78 -14.34 -56.34 44.14
C THR C 78 -15.78 -56.75 44.44
N ALA C 79 -16.01 -58.06 44.39
CA ALA C 79 -17.26 -58.66 44.83
C ALA C 79 -17.06 -59.20 46.24
N TYR C 80 -17.95 -58.80 47.15
CA TYR C 80 -17.81 -59.09 48.57
C TYR C 80 -18.95 -60.00 49.01
N MET C 81 -18.68 -61.28 49.18
CA MET C 81 -19.71 -62.27 49.50
C MET C 81 -19.54 -62.81 50.90
N GLU C 82 -20.65 -63.01 51.59
CA GLU C 82 -20.67 -63.48 52.96
C GLU C 82 -21.65 -64.64 53.11
N LEU C 83 -21.31 -65.56 54.01
CA LEU C 83 -22.13 -66.70 54.36
C LEU C 83 -22.58 -66.59 55.81
N SER C 84 -23.76 -67.11 56.11
CA SER C 84 -24.30 -67.12 57.46
C SER C 84 -24.82 -68.51 57.81
N SER C 85 -24.83 -68.79 59.11
CA SER C 85 -25.32 -70.07 59.64
C SER C 85 -24.55 -71.26 59.06
N LEU C 86 -23.25 -71.29 59.36
CA LEU C 86 -22.37 -72.34 58.88
C LEU C 86 -22.52 -73.59 59.75
N GLY C 87 -21.66 -74.58 59.53
CA GLY C 87 -21.70 -75.81 60.29
C GLY C 87 -20.32 -76.37 60.52
N SER C 88 -20.25 -77.34 61.42
CA SER C 88 -18.97 -77.97 61.76
C SER C 88 -18.46 -78.88 60.66
N GLU C 89 -19.32 -79.27 59.71
CA GLU C 89 -18.92 -80.10 58.59
C GLU C 89 -18.73 -79.29 57.31
N ASP C 90 -18.67 -77.97 57.43
CA ASP C 90 -18.58 -77.09 56.27
C ASP C 90 -17.15 -76.66 55.95
N THR C 91 -16.15 -77.37 56.47
CA THR C 91 -14.76 -77.07 56.13
C THR C 91 -14.54 -77.28 54.63
N ALA C 92 -14.07 -76.23 53.96
CA ALA C 92 -13.96 -76.29 52.50
C ALA C 92 -12.97 -75.21 52.04
N VAL C 93 -12.98 -74.95 50.74
CA VAL C 93 -12.23 -73.85 50.15
C VAL C 93 -13.12 -73.21 49.09
N TYR C 94 -13.05 -71.88 49.02
CA TYR C 94 -13.89 -71.10 48.12
C TYR C 94 -13.04 -70.42 47.05
N TYR C 95 -13.53 -70.48 45.81
CA TYR C 95 -12.89 -69.90 44.64
C TYR C 95 -13.87 -68.98 43.94
N CYS C 96 -13.34 -68.01 43.22
CA CYS C 96 -14.14 -67.11 42.40
C CYS C 96 -13.56 -67.07 40.99
N ALA C 97 -14.42 -66.85 40.00
CA ALA C 97 -13.97 -66.85 38.61
C ALA C 97 -14.82 -65.90 37.80
N ALA C 98 -14.17 -65.05 37.02
CA ALA C 98 -14.83 -64.19 36.06
C ALA C 98 -14.56 -64.67 34.65
N PRO C 99 -15.45 -64.37 33.69
CA PRO C 99 -15.18 -64.73 32.28
C PRO C 99 -13.82 -64.24 31.82
N ASN C 100 -12.91 -65.18 31.54
CA ASN C 100 -11.56 -64.84 31.14
C ASN C 100 -11.59 -64.25 29.74
N CYS C 101 -11.48 -62.93 29.65
CA CYS C 101 -11.49 -62.25 28.37
C CYS C 101 -10.91 -60.84 28.54
N SER C 102 -10.15 -60.40 27.55
CA SER C 102 -9.43 -59.13 27.61
C SER C 102 -10.15 -58.10 26.74
N GLY C 103 -10.51 -56.98 27.33
CA GLY C 103 -11.15 -55.89 26.62
C GLY C 103 -12.66 -56.02 26.57
N GLY C 104 -13.27 -55.11 25.80
CA GLY C 104 -14.70 -55.12 25.63
C GLY C 104 -15.23 -56.08 24.59
N SER C 105 -14.40 -56.44 23.61
CA SER C 105 -14.73 -57.47 22.60
C SER C 105 -13.74 -58.61 22.84
N CYS C 106 -14.15 -59.57 23.67
CA CYS C 106 -13.24 -60.56 24.20
C CYS C 106 -13.82 -61.96 24.06
N TYR C 107 -13.16 -62.92 24.70
CA TYR C 107 -13.48 -64.34 24.57
C TYR C 107 -14.68 -64.69 25.45
N ASP C 108 -14.92 -65.99 25.64
CA ASP C 108 -16.08 -66.48 26.35
C ASP C 108 -15.77 -67.33 27.57
N GLY C 109 -14.61 -67.98 27.62
CA GLY C 109 -14.37 -68.98 28.64
C GLY C 109 -14.02 -68.39 29.98
N PHE C 110 -14.04 -69.26 31.00
CA PHE C 110 -13.64 -68.95 32.37
C PHE C 110 -12.36 -69.73 32.63
N ASP C 111 -11.21 -69.13 32.31
CA ASP C 111 -9.97 -69.87 32.22
C ASP C 111 -9.11 -69.77 33.48
N LEU C 112 -8.90 -68.57 34.01
CA LEU C 112 -7.92 -68.35 35.05
C LEU C 112 -8.56 -68.48 36.44
N TRP C 113 -7.75 -68.24 37.46
CA TRP C 113 -8.04 -68.62 38.83
C TRP C 113 -7.93 -67.40 39.76
N GLY C 114 -8.31 -67.61 41.01
CA GLY C 114 -8.07 -66.64 42.05
C GLY C 114 -6.87 -67.00 42.90
N GLN C 115 -7.04 -67.04 44.21
CA GLN C 115 -5.98 -67.52 45.10
C GLN C 115 -6.53 -68.59 46.04
N GLY C 116 -7.84 -68.57 46.27
CA GLY C 116 -8.47 -69.60 47.08
C GLY C 116 -8.53 -69.24 48.55
N THR C 117 -9.70 -69.44 49.17
CA THR C 117 -9.89 -69.12 50.58
C THR C 117 -10.23 -70.41 51.32
N MET C 118 -9.30 -70.88 52.14
CA MET C 118 -9.47 -72.10 52.92
C MET C 118 -10.22 -71.79 54.20
N VAL C 119 -11.41 -72.36 54.35
CA VAL C 119 -12.23 -72.20 55.55
C VAL C 119 -12.14 -73.52 56.32
N THR C 120 -11.50 -73.48 57.48
CA THR C 120 -11.33 -74.66 58.34
C THR C 120 -12.10 -74.45 59.63
N VAL C 121 -12.93 -75.44 60.00
CA VAL C 121 -13.81 -75.35 61.15
C VAL C 121 -13.45 -76.44 62.14
N SER C 122 -13.35 -76.07 63.41
CA SER C 122 -13.08 -77.02 64.48
C SER C 122 -13.69 -76.47 65.76
N SER C 123 -14.50 -77.31 66.42
CA SER C 123 -15.19 -76.94 67.66
C SER C 123 -16.03 -75.68 67.47
N GLU D 1 -36.25 -78.08 39.74
CA GLU D 1 -35.33 -77.65 38.69
C GLU D 1 -34.84 -78.84 37.88
N ILE D 2 -34.03 -78.56 36.85
CA ILE D 2 -33.45 -79.62 36.04
C ILE D 2 -32.30 -80.26 36.80
N VAL D 3 -32.26 -81.59 36.78
CA VAL D 3 -31.20 -82.35 37.44
C VAL D 3 -30.60 -83.31 36.41
N LEU D 4 -29.28 -83.44 36.42
CA LEU D 4 -28.56 -84.32 35.51
C LEU D 4 -27.83 -85.39 36.31
N THR D 5 -27.58 -86.53 35.67
CA THR D 5 -26.77 -87.59 36.24
C THR D 5 -25.77 -88.06 35.19
N GLN D 6 -24.56 -88.39 35.64
CA GLN D 6 -23.44 -88.62 34.76
C GLN D 6 -22.87 -90.00 35.05
N SER D 7 -21.92 -90.44 34.22
CA SER D 7 -21.32 -91.77 34.24
C SER D 7 -20.94 -92.19 35.65
N PRO D 8 -21.02 -93.49 36.00
CA PRO D 8 -20.89 -93.84 37.43
C PRO D 8 -19.47 -93.68 37.95
N GLY D 9 -19.30 -93.95 39.24
CA GLY D 9 -18.11 -93.55 39.96
C GLY D 9 -16.97 -94.55 39.97
N THR D 10 -15.74 -94.03 39.94
CA THR D 10 -14.53 -94.84 40.06
C THR D 10 -14.46 -95.90 38.96
N LEU D 11 -14.27 -95.46 37.73
CA LEU D 11 -13.99 -96.37 36.63
C LEU D 11 -12.53 -96.24 36.22
N SER D 12 -11.85 -97.38 36.11
CA SER D 12 -10.43 -97.38 35.79
C SER D 12 -10.21 -98.04 34.43
N LEU D 13 -9.51 -97.34 33.55
CA LEU D 13 -9.25 -97.81 32.20
C LEU D 13 -7.75 -97.76 31.91
N SER D 14 -7.29 -98.72 31.12
CA SER D 14 -5.88 -98.78 30.77
C SER D 14 -5.49 -97.61 29.88
N PRO D 15 -4.33 -97.02 30.10
CA PRO D 15 -3.89 -95.91 29.24
C PRO D 15 -3.69 -96.35 27.79
N GLY D 16 -3.95 -95.43 26.88
CA GLY D 16 -3.77 -95.68 25.46
C GLY D 16 -4.96 -96.27 24.74
N GLU D 17 -6.08 -96.47 25.41
CA GLU D 17 -7.28 -97.03 24.80
C GLU D 17 -8.42 -96.02 24.86
N ARG D 18 -9.50 -96.35 24.15
CA ARG D 18 -10.65 -95.47 24.07
C ARG D 18 -11.36 -95.37 25.41
N ALA D 19 -11.77 -94.15 25.76
CA ALA D 19 -12.54 -93.92 26.98
C ALA D 19 -13.73 -93.03 26.66
N THR D 20 -14.92 -93.45 27.12
CA THR D 20 -16.17 -92.77 26.83
C THR D 20 -16.91 -92.48 28.14
N LEU D 21 -17.46 -91.27 28.24
CA LEU D 21 -18.16 -90.81 29.43
C LEU D 21 -19.49 -90.22 29.01
N SER D 22 -20.53 -90.46 29.82
CA SER D 22 -21.90 -90.14 29.44
C SER D 22 -22.56 -89.22 30.46
N CYS D 23 -23.55 -88.47 29.99
CA CYS D 23 -24.33 -87.55 30.82
C CYS D 23 -25.76 -87.53 30.31
N ARG D 24 -26.72 -87.80 31.19
CA ARG D 24 -28.13 -87.81 30.83
C ARG D 24 -28.94 -86.97 31.81
N GLY D 25 -29.91 -86.23 31.27
CA GLY D 25 -30.74 -85.36 32.07
C GLY D 25 -32.20 -85.76 32.03
N SER D 26 -32.90 -85.49 33.13
CA SER D 26 -34.33 -85.80 33.18
C SER D 26 -35.14 -84.97 32.21
N GLN D 27 -34.72 -83.72 31.97
CA GLN D 27 -35.43 -82.81 31.09
C GLN D 27 -34.53 -82.39 29.94
N SER D 28 -35.15 -82.12 28.79
CA SER D 28 -34.40 -81.74 27.60
C SER D 28 -33.73 -80.38 27.79
N VAL D 29 -32.55 -80.23 27.19
CA VAL D 29 -31.77 -79.01 27.26
C VAL D 29 -31.33 -78.63 25.85
N ARG D 30 -30.82 -77.41 25.73
CA ARG D 30 -30.34 -76.88 24.45
C ARG D 30 -28.86 -77.16 24.30
N SER D 31 -28.47 -77.68 23.13
CA SER D 31 -27.08 -78.05 22.90
C SER D 31 -26.18 -76.83 22.69
N SER D 32 -26.73 -75.70 22.26
CA SER D 32 -25.94 -74.49 22.04
C SER D 32 -25.39 -73.91 23.34
N TYR D 33 -25.91 -74.33 24.49
CA TYR D 33 -25.52 -73.82 25.79
C TYR D 33 -25.03 -74.95 26.68
N LEU D 34 -24.17 -75.81 26.12
CA LEU D 34 -23.72 -77.03 26.77
C LEU D 34 -22.21 -76.99 26.94
N GLY D 35 -21.73 -77.72 27.95
CA GLY D 35 -20.30 -77.77 28.22
C GLY D 35 -19.85 -78.93 29.08
N TRP D 36 -18.79 -79.61 28.63
CA TRP D 36 -18.11 -80.62 29.41
C TRP D 36 -16.72 -80.07 29.78
N TYR D 37 -16.33 -80.28 31.04
CA TYR D 37 -15.09 -79.67 31.50
C TYR D 37 -14.41 -80.56 32.54
N GLN D 38 -13.08 -80.46 32.59
CA GLN D 38 -12.24 -81.37 33.35
C GLN D 38 -11.66 -80.69 34.58
N GLN D 39 -11.36 -81.49 35.60
CA GLN D 39 -10.86 -80.98 36.87
C GLN D 39 -9.94 -82.04 37.49
N LYS D 40 -8.70 -81.67 37.79
CA LYS D 40 -7.79 -82.63 38.38
C LYS D 40 -8.10 -82.83 39.86
N PRO D 41 -7.76 -83.99 40.42
CA PRO D 41 -8.06 -84.25 41.83
C PRO D 41 -7.19 -83.43 42.77
N GLY D 42 -7.58 -82.17 42.97
CA GLY D 42 -6.79 -81.26 43.78
C GLY D 42 -6.41 -79.98 43.05
N GLN D 43 -7.22 -79.59 42.06
CA GLN D 43 -6.93 -78.37 41.31
C GLN D 43 -8.22 -77.91 40.63
N ALA D 44 -8.24 -76.67 40.18
CA ALA D 44 -9.43 -76.03 39.62
C ALA D 44 -9.89 -76.71 38.33
N PRO D 45 -11.17 -76.66 38.01
CA PRO D 45 -11.64 -77.27 36.76
C PRO D 45 -11.18 -76.50 35.54
N ARG D 46 -11.17 -77.19 34.40
CA ARG D 46 -10.78 -76.61 33.11
C ARG D 46 -11.80 -76.99 32.05
N LEU D 47 -12.20 -76.01 31.26
CA LEU D 47 -13.15 -76.26 30.17
C LEU D 47 -12.52 -77.14 29.10
N LEU D 48 -13.28 -78.12 28.63
CA LEU D 48 -12.83 -79.05 27.60
C LEU D 48 -13.57 -78.91 26.29
N ILE D 49 -14.89 -79.02 26.31
CA ILE D 49 -15.73 -78.93 25.11
C ILE D 49 -16.92 -78.04 25.43
N TYR D 50 -17.24 -77.13 24.51
CA TYR D 50 -18.41 -76.28 24.65
C TYR D 50 -19.22 -76.35 23.37
N GLY D 51 -20.53 -76.57 23.52
CA GLY D 51 -21.43 -76.65 22.38
C GLY D 51 -21.45 -77.98 21.65
N ALA D 52 -20.66 -78.96 22.13
CA ALA D 52 -20.58 -80.31 21.55
C ALA D 52 -20.04 -80.31 20.12
N SER D 53 -19.62 -79.15 19.60
CA SER D 53 -19.03 -79.08 18.27
C SER D 53 -17.80 -78.19 18.19
N SER D 54 -17.51 -77.38 19.19
CA SER D 54 -16.39 -76.45 19.17
C SER D 54 -15.37 -76.85 20.21
N ARG D 55 -14.11 -76.89 19.81
CA ARG D 55 -13.03 -77.28 20.71
C ARG D 55 -12.56 -76.08 21.51
N ALA D 56 -12.42 -76.29 22.82
CA ALA D 56 -12.07 -75.19 23.72
C ALA D 56 -10.56 -74.90 23.67
N THR D 57 -10.23 -73.63 23.89
CA THR D 57 -8.84 -73.20 23.82
C THR D 57 -7.98 -73.94 24.84
N GLY D 58 -6.81 -74.39 24.40
CA GLY D 58 -5.90 -75.12 25.25
C GLY D 58 -6.22 -76.60 25.41
N ILE D 59 -7.07 -77.16 24.57
CA ILE D 59 -7.49 -78.55 24.68
C ILE D 59 -6.88 -79.33 23.52
N PRO D 60 -6.28 -80.49 23.76
CA PRO D 60 -5.73 -81.28 22.65
C PRO D 60 -6.83 -81.81 21.73
N ASP D 61 -6.44 -82.04 20.47
CA ASP D 61 -7.39 -82.48 19.46
C ASP D 61 -7.91 -83.89 19.72
N ARG D 62 -7.23 -84.68 20.55
CA ARG D 62 -7.67 -86.04 20.82
C ARG D 62 -8.98 -86.08 21.61
N PHE D 63 -9.29 -85.03 22.36
CA PHE D 63 -10.55 -84.96 23.07
C PHE D 63 -11.68 -84.59 22.12
N SER D 64 -12.83 -85.24 22.26
CA SER D 64 -14.00 -84.91 21.47
C SER D 64 -15.24 -84.98 22.36
N GLY D 65 -16.25 -84.21 22.01
CA GLY D 65 -17.51 -84.24 22.73
C GLY D 65 -18.67 -84.11 21.77
N SER D 66 -19.77 -84.78 22.09
CA SER D 66 -20.93 -84.80 21.22
C SER D 66 -22.16 -85.16 22.05
N GLY D 67 -23.26 -85.44 21.37
CA GLY D 67 -24.50 -85.81 22.01
C GLY D 67 -25.68 -85.02 21.46
N SER D 68 -26.87 -85.45 21.87
CA SER D 68 -28.11 -84.83 21.42
C SER D 68 -29.21 -85.15 22.42
N GLY D 69 -30.31 -84.42 22.30
CA GLY D 69 -31.45 -84.64 23.18
C GLY D 69 -31.05 -84.44 24.63
N THR D 70 -31.23 -85.49 25.43
CA THR D 70 -30.85 -85.48 26.83
C THR D 70 -29.58 -86.26 27.10
N ASP D 71 -28.98 -86.88 26.08
CA ASP D 71 -27.83 -87.76 26.26
C ASP D 71 -26.62 -87.17 25.53
N PHE D 72 -25.54 -86.94 26.27
CA PHE D 72 -24.33 -86.37 25.71
C PHE D 72 -23.14 -87.20 26.16
N THR D 73 -22.05 -87.14 25.38
CA THR D 73 -20.90 -87.99 25.65
C THR D 73 -19.60 -87.26 25.36
N LEU D 74 -18.55 -87.73 26.02
CA LEU D 74 -17.19 -87.20 25.91
C LEU D 74 -16.25 -88.37 25.69
N THR D 75 -15.39 -88.27 24.67
CA THR D 75 -14.54 -89.37 24.28
C THR D 75 -13.09 -88.93 24.16
N ILE D 76 -12.19 -89.79 24.64
CA ILE D 76 -10.76 -89.62 24.43
C ILE D 76 -10.24 -90.91 23.79
N SER D 77 -9.53 -90.76 22.67
CA SER D 77 -9.10 -91.92 21.90
C SER D 77 -7.89 -92.59 22.55
N ARG D 78 -6.86 -91.81 22.89
CA ARG D 78 -5.66 -92.32 23.52
C ARG D 78 -5.47 -91.62 24.85
N LEU D 79 -5.29 -92.38 25.93
CA LEU D 79 -5.15 -91.81 27.25
C LEU D 79 -3.69 -91.44 27.52
N GLU D 80 -3.50 -90.25 28.09
CA GLU D 80 -2.21 -89.72 28.48
C GLU D 80 -2.18 -89.57 30.00
N PRO D 81 -0.99 -89.46 30.61
CA PRO D 81 -0.93 -89.28 32.07
C PRO D 81 -1.58 -87.98 32.54
N GLU D 82 -2.05 -87.15 31.61
CA GLU D 82 -2.76 -85.92 31.91
C GLU D 82 -4.27 -86.14 31.86
N ASP D 83 -4.70 -87.40 31.81
CA ASP D 83 -6.12 -87.72 31.74
C ASP D 83 -6.67 -88.24 33.06
N PHE D 84 -5.83 -88.40 34.08
CA PHE D 84 -6.29 -88.78 35.40
C PHE D 84 -6.98 -87.56 36.02
N ALA D 85 -8.30 -87.53 35.91
CA ALA D 85 -9.04 -86.32 36.25
C ALA D 85 -10.50 -86.69 36.49
N VAL D 86 -11.33 -85.66 36.64
CA VAL D 86 -12.76 -85.81 36.86
C VAL D 86 -13.47 -84.92 35.85
N TYR D 87 -14.41 -85.47 35.12
CA TYR D 87 -15.13 -84.73 34.09
C TYR D 87 -16.53 -84.38 34.57
N TYR D 88 -17.00 -83.21 34.11
CA TYR D 88 -18.22 -82.59 34.58
C TYR D 88 -19.08 -82.16 33.38
N CYS D 89 -20.40 -82.26 33.56
CA CYS D 89 -21.40 -82.00 32.55
C CYS D 89 -22.29 -80.83 32.99
N GLN D 90 -22.50 -79.85 32.12
CA GLN D 90 -23.21 -78.64 32.53
C GLN D 90 -23.92 -78.02 31.32
N GLN D 91 -25.03 -77.32 31.64
CA GLN D 91 -25.74 -76.49 30.64
C GLN D 91 -25.64 -75.07 31.21
N TYR D 92 -25.48 -74.03 30.37
CA TYR D 92 -25.25 -72.67 30.84
C TYR D 92 -26.07 -71.64 30.05
N GLY D 93 -27.36 -71.88 29.91
CA GLY D 93 -28.24 -70.92 29.25
C GLY D 93 -28.80 -69.95 30.27
N SER D 94 -30.05 -70.20 30.71
CA SER D 94 -30.74 -69.30 31.68
C SER D 94 -30.05 -69.25 33.05
N SER D 95 -30.65 -68.53 34.01
CA SER D 95 -29.99 -68.32 35.32
C SER D 95 -29.63 -69.61 36.08
N PRO D 96 -30.48 -70.67 36.19
CA PRO D 96 -30.03 -71.90 36.86
C PRO D 96 -28.90 -72.57 36.06
N TRP D 97 -27.79 -72.91 36.74
CA TRP D 97 -26.68 -73.61 36.06
C TRP D 97 -26.48 -74.96 36.76
N THR D 98 -26.53 -76.07 36.01
CA THR D 98 -26.44 -77.42 36.62
C THR D 98 -25.00 -77.92 36.46
N PHE D 99 -24.17 -77.86 37.50
CA PHE D 99 -22.77 -78.21 37.33
C PHE D 99 -22.61 -79.72 37.24
N GLY D 100 -21.38 -80.16 36.97
CA GLY D 100 -21.16 -81.56 36.67
C GLY D 100 -21.36 -82.46 37.88
N GLN D 101 -21.70 -83.72 37.62
CA GLN D 101 -21.87 -84.73 38.66
C GLN D 101 -20.59 -85.49 38.97
N GLY D 102 -19.55 -85.36 38.14
CA GLY D 102 -18.24 -85.92 38.45
C GLY D 102 -18.00 -87.32 37.94
N THR D 103 -16.98 -87.50 37.10
CA THR D 103 -16.60 -88.82 36.57
C THR D 103 -15.07 -88.91 36.56
N LYS D 104 -14.51 -89.73 37.45
CA LYS D 104 -13.06 -89.81 37.58
C LYS D 104 -12.52 -90.85 36.61
N VAL D 105 -11.86 -90.35 35.57
CA VAL D 105 -11.02 -91.17 34.71
C VAL D 105 -9.68 -91.37 35.41
N GLU D 106 -9.40 -92.61 35.79
CA GLU D 106 -8.34 -92.96 36.73
C GLU D 106 -7.16 -93.61 36.00
N ILE D 107 -6.19 -94.06 36.77
CA ILE D 107 -4.98 -94.69 36.25
C ILE D 107 -4.87 -96.09 36.85
N LYS D 108 -4.64 -97.07 35.99
CA LYS D 108 -4.49 -98.47 36.42
C LYS D 108 -3.36 -98.61 37.43
N ALA E 46 4.75 26.56 51.09
CA ALA E 46 5.02 27.84 50.46
C ALA E 46 4.96 27.72 48.94
N TYR E 47 4.50 28.80 48.29
CA TYR E 47 4.37 28.82 46.85
C TYR E 47 4.87 30.16 46.33
N THR E 48 5.33 30.18 45.07
CA THR E 48 5.80 31.42 44.48
C THR E 48 5.65 31.33 42.96
N ASN E 49 5.98 32.43 42.28
CA ASN E 49 5.76 32.56 40.85
C ASN E 49 7.04 32.23 40.10
N SER E 50 6.91 31.37 39.08
CA SER E 50 8.05 30.95 38.29
C SER E 50 8.55 32.02 37.33
N PHE E 51 7.69 32.98 36.98
CA PHE E 51 8.03 34.05 36.03
C PHE E 51 8.41 33.40 34.71
N THR E 52 9.60 33.67 34.16
CA THR E 52 10.01 33.12 32.87
C THR E 52 11.25 32.26 32.98
N ARG E 53 11.56 31.74 34.17
CA ARG E 53 12.73 30.91 34.35
C ARG E 53 12.44 29.47 33.89
N GLY E 54 13.50 28.67 33.83
CA GLY E 54 13.37 27.27 33.50
C GLY E 54 13.46 26.91 32.03
N VAL E 55 14.02 27.80 31.21
CA VAL E 55 14.17 27.52 29.78
C VAL E 55 15.59 27.03 29.51
N TYR E 56 15.69 25.89 28.83
CA TYR E 56 16.98 25.30 28.48
C TYR E 56 17.02 25.02 26.99
N TYR E 57 18.23 24.93 26.46
CA TYR E 57 18.41 24.71 25.03
C TYR E 57 17.88 23.34 24.64
N PRO E 58 16.94 23.25 23.69
CA PRO E 58 16.39 21.93 23.32
C PRO E 58 17.44 20.95 22.82
N ASP E 59 18.42 21.43 22.05
CA ASP E 59 19.41 20.55 21.46
C ASP E 59 20.65 21.36 21.10
N LYS E 60 21.73 20.64 20.80
CA LYS E 60 23.02 21.25 20.50
C LYS E 60 23.08 21.67 19.02
N VAL E 61 22.16 22.54 18.64
CA VAL E 61 22.05 23.03 17.26
C VAL E 61 22.24 24.54 17.27
N PHE E 62 23.10 25.03 16.40
CA PHE E 62 23.36 26.46 16.30
C PHE E 62 22.36 27.11 15.35
N ARG E 63 21.72 28.17 15.81
CA ARG E 63 20.78 28.94 14.99
C ARG E 63 21.04 30.42 15.21
N SER E 64 20.95 31.20 14.13
CA SER E 64 21.30 32.61 14.17
C SER E 64 20.13 33.45 13.74
N SER E 65 19.66 34.34 14.64
CA SER E 65 18.67 35.36 14.33
C SER E 65 17.40 34.77 13.70
N VAL E 66 16.94 33.66 14.26
CA VAL E 66 15.72 33.01 13.79
C VAL E 66 14.84 32.70 14.99
N LEU E 67 13.54 32.57 14.73
CA LEU E 67 12.56 32.19 15.73
C LEU E 67 12.18 30.73 15.50
N HIS E 68 12.33 29.91 16.53
CA HIS E 68 12.08 28.48 16.42
C HIS E 68 10.95 28.06 17.36
N SER E 69 9.95 27.40 16.81
CA SER E 69 8.85 26.85 17.59
C SER E 69 9.11 25.36 17.79
N THR E 70 9.25 24.95 19.05
CA THR E 70 9.54 23.56 19.37
C THR E 70 8.68 23.10 20.54
N GLN E 71 8.29 21.82 20.51
CA GLN E 71 7.46 21.23 21.55
C GLN E 71 8.30 20.24 22.33
N ASP E 72 8.34 20.40 23.65
CA ASP E 72 9.11 19.52 24.53
C ASP E 72 8.68 19.80 25.97
N LEU E 73 9.41 19.22 26.92
CA LEU E 73 9.12 19.41 28.34
C LEU E 73 9.72 20.73 28.79
N PHE E 74 8.86 21.66 29.20
CA PHE E 74 9.29 22.97 29.65
C PHE E 74 8.53 23.34 30.93
N LEU E 75 9.15 24.18 31.75
CA LEU E 75 8.44 24.75 32.89
C LEU E 75 7.49 25.83 32.40
N PRO E 76 6.19 25.73 32.68
CA PRO E 76 5.25 26.74 32.18
C PRO E 76 5.58 28.12 32.72
N PHE E 77 5.37 29.13 31.88
CA PHE E 77 5.58 30.51 32.31
C PHE E 77 4.56 30.91 33.36
N PHE E 78 5.01 31.71 34.33
CA PHE E 78 4.18 32.21 35.42
C PHE E 78 3.52 31.08 36.21
N SER E 79 4.11 29.88 36.19
CA SER E 79 3.55 28.77 36.94
C SER E 79 3.84 28.92 38.43
N ASN E 80 3.04 28.23 39.23
CA ASN E 80 3.20 28.24 40.68
C ASN E 80 4.18 27.13 41.06
N VAL E 81 5.34 27.52 41.59
CA VAL E 81 6.38 26.57 41.98
C VAL E 81 6.51 26.56 43.49
N THR E 82 6.88 25.39 44.02
CA THR E 82 6.91 25.19 45.45
C THR E 82 8.20 25.74 46.05
N TRP E 83 8.09 26.38 47.21
CA TRP E 83 9.21 27.01 47.89
C TRP E 83 9.47 26.26 49.18
N PHE E 84 10.71 25.81 49.37
CA PHE E 84 11.12 25.11 50.57
C PHE E 84 12.20 25.91 51.31
N HIS E 85 12.15 25.89 52.62
CA HIS E 85 13.10 26.63 53.45
C HIS E 85 14.08 25.68 54.14
N ASP E 99 14.59 22.19 55.29
CA ASP E 99 13.80 20.98 55.13
C ASP E 99 14.16 20.24 53.84
N ASN E 100 14.04 18.91 53.86
CA ASN E 100 14.35 18.09 52.69
C ASN E 100 13.37 16.92 52.62
N PRO E 101 12.13 17.20 52.24
CA PRO E 101 11.15 16.11 52.06
C PRO E 101 11.35 15.40 50.73
N VAL E 102 10.89 14.16 50.69
CA VAL E 102 10.94 13.39 49.44
C VAL E 102 9.91 13.94 48.48
N LEU E 103 10.36 14.24 47.25
CA LEU E 103 9.48 14.84 46.27
C LEU E 103 9.39 13.97 45.02
N PRO E 104 8.22 13.89 44.40
CA PRO E 104 8.08 13.02 43.22
C PRO E 104 8.74 13.62 41.99
N PHE E 105 9.02 12.73 41.04
CA PHE E 105 9.56 13.09 39.73
C PHE E 105 8.59 12.59 38.67
N ASN E 106 7.86 13.50 38.03
CA ASN E 106 6.83 13.10 37.09
C ASN E 106 7.37 13.00 35.66
N ASP E 107 7.85 14.11 35.10
CA ASP E 107 8.39 14.11 33.76
C ASP E 107 9.73 14.83 33.72
N GLY E 108 9.89 15.81 34.60
CA GLY E 108 11.12 16.59 34.65
C GLY E 108 11.10 17.54 35.82
N VAL E 109 12.22 17.68 36.51
CA VAL E 109 12.31 18.46 37.74
C VAL E 109 13.18 19.67 37.49
N TYR E 110 12.67 20.86 37.80
CA TYR E 110 13.43 22.09 37.76
C TYR E 110 13.73 22.51 39.19
N PHE E 111 15.02 22.63 39.50
CA PHE E 111 15.49 23.02 40.82
C PHE E 111 16.14 24.38 40.74
N ALA E 112 15.81 25.26 41.69
CA ALA E 112 16.40 26.58 41.74
C ALA E 112 16.89 26.84 43.16
N SER E 113 18.09 27.43 43.27
CA SER E 113 18.66 27.74 44.56
C SER E 113 19.26 29.13 44.53
N THR E 114 19.04 29.88 45.61
CA THR E 114 19.66 31.19 45.81
C THR E 114 20.55 31.06 47.03
N GLU E 115 21.77 30.58 46.82
CA GLU E 115 22.67 30.24 47.91
C GLU E 115 24.04 30.87 47.69
N LYS E 116 24.65 31.33 48.79
CA LYS E 116 26.01 31.84 48.79
C LYS E 116 26.99 30.97 49.54
N SER E 117 26.50 30.08 50.43
CA SER E 117 27.35 29.19 51.20
C SER E 117 27.42 27.79 50.60
N ASN E 118 26.79 27.55 49.45
CA ASN E 118 26.78 26.24 48.81
C ASN E 118 26.28 25.15 49.76
N ILE E 119 25.23 25.46 50.51
CA ILE E 119 24.72 24.53 51.51
C ILE E 119 24.13 23.29 50.84
N ILE E 120 23.31 23.49 49.81
CA ILE E 120 22.68 22.39 49.09
C ILE E 120 23.64 21.92 48.00
N ARG E 121 24.18 20.71 48.13
CA ARG E 121 25.17 20.23 47.17
C ARG E 121 24.98 18.75 46.86
N GLY E 122 23.75 18.29 46.83
CA GLY E 122 23.52 16.88 46.55
C GLY E 122 22.10 16.63 46.09
N TRP E 123 21.95 15.52 45.36
CA TRP E 123 20.66 15.11 44.84
C TRP E 123 20.59 13.59 44.81
N ILE E 124 19.38 13.07 44.96
CA ILE E 124 19.11 11.64 44.96
C ILE E 124 17.92 11.37 44.05
N PHE E 125 18.05 10.38 43.18
CA PHE E 125 16.99 10.01 42.25
C PHE E 125 16.77 8.51 42.27
N GLY E 126 15.52 8.10 42.12
CA GLY E 126 15.18 6.70 42.11
C GLY E 126 13.70 6.51 42.37
N THR E 127 13.33 5.25 42.62
CA THR E 127 11.96 4.87 42.91
C THR E 127 11.78 4.34 44.32
N THR E 128 12.55 3.33 44.71
CA THR E 128 12.45 2.76 46.05
C THR E 128 13.40 3.42 47.03
N LEU E 129 14.62 3.73 46.61
CA LEU E 129 15.63 4.38 47.45
C LEU E 129 15.95 3.54 48.70
N ASP E 130 15.83 2.22 48.58
CA ASP E 130 16.10 1.33 49.70
C ASP E 130 16.88 0.10 49.27
N SER E 131 17.74 0.25 48.27
CA SER E 131 18.56 -0.81 47.67
C SER E 131 17.73 -1.86 46.95
N LYS E 132 16.41 -1.69 46.86
CA LYS E 132 15.61 -2.64 46.10
C LYS E 132 15.77 -2.44 44.60
N THR E 133 15.94 -1.19 44.16
CA THR E 133 16.10 -0.86 42.76
C THR E 133 17.29 0.09 42.60
N GLN E 134 17.68 0.30 41.35
CA GLN E 134 18.80 1.18 41.05
C GLN E 134 18.49 2.61 41.46
N SER E 135 19.48 3.28 42.04
CA SER E 135 19.34 4.65 42.52
C SER E 135 20.59 5.44 42.16
N LEU E 136 20.41 6.73 41.92
CA LEU E 136 21.48 7.63 41.52
C LEU E 136 21.70 8.67 42.61
N LEU E 137 22.95 8.89 42.99
CA LEU E 137 23.31 9.88 43.99
C LEU E 137 24.38 10.79 43.43
N ILE E 138 24.15 12.10 43.47
CA ILE E 138 25.09 13.10 42.98
C ILE E 138 25.49 13.98 44.15
N VAL E 139 26.79 14.13 44.36
CA VAL E 139 27.32 14.98 45.42
C VAL E 139 28.39 15.88 44.81
N ASN E 140 28.25 17.19 45.01
CA ASN E 140 29.21 18.17 44.48
C ASN E 140 29.97 18.75 45.67
N ASN E 141 31.09 18.11 46.02
CA ASN E 141 31.87 18.49 47.17
C ASN E 141 33.24 19.00 46.75
N ALA E 142 33.68 20.10 47.37
CA ALA E 142 34.94 20.74 47.04
C ALA E 142 35.01 21.07 45.55
N THR E 143 35.96 20.48 44.84
CA THR E 143 36.11 20.68 43.41
C THR E 143 35.71 19.47 42.60
N ASN E 144 35.03 18.49 43.21
CA ASN E 144 34.68 17.24 42.54
C ASN E 144 33.18 17.02 42.63
N VAL E 145 32.58 16.72 41.49
CA VAL E 145 31.18 16.33 41.41
C VAL E 145 31.13 14.84 41.07
N VAL E 146 30.67 14.03 42.01
CA VAL E 146 30.67 12.58 41.88
C VAL E 146 29.23 12.11 41.75
N ILE E 147 28.94 11.37 40.68
CA ILE E 147 27.63 10.79 40.45
C ILE E 147 27.79 9.27 40.43
N LYS E 148 27.06 8.58 41.30
CA LYS E 148 27.13 7.13 41.40
C LYS E 148 25.75 6.54 41.24
N VAL E 149 25.61 5.61 40.30
CA VAL E 149 24.37 4.87 40.08
C VAL E 149 24.61 3.45 40.60
N CYS E 150 24.04 3.17 41.77
CA CYS E 150 24.20 1.89 42.44
C CYS E 150 22.89 1.54 43.13
N GLU E 151 22.83 0.33 43.68
CA GLU E 151 21.74 -0.06 44.57
C GLU E 151 22.06 0.50 45.94
N PHE E 152 21.46 1.64 46.28
CA PHE E 152 21.76 2.37 47.50
C PHE E 152 20.72 2.09 48.56
N GLN E 153 21.18 1.78 49.77
CA GLN E 153 20.31 1.67 50.94
C GLN E 153 20.36 3.01 51.68
N PHE E 154 19.57 3.96 51.17
CA PHE E 154 19.59 5.32 51.69
C PHE E 154 19.05 5.38 53.10
N CYS E 155 19.58 6.33 53.87
CA CYS E 155 19.11 6.55 55.23
C CYS E 155 17.74 7.22 55.21
N ASN E 156 17.02 7.09 56.33
CA ASN E 156 15.70 7.70 56.44
C ASN E 156 15.76 9.22 56.34
N ASP E 157 16.76 9.83 56.98
CA ASP E 157 16.96 11.28 56.95
C ASP E 157 18.40 11.57 56.55
N PRO E 158 18.71 11.45 55.26
CA PRO E 158 20.09 11.72 54.82
C PRO E 158 20.46 13.18 55.04
N PHE E 159 21.74 13.41 55.36
CA PHE E 159 22.22 14.75 55.63
C PHE E 159 23.73 14.78 55.39
N LEU E 160 24.25 15.99 55.25
CA LEU E 160 25.68 16.21 55.07
C LEU E 160 26.21 17.07 56.20
N GLY E 161 27.47 16.84 56.56
CA GLY E 161 28.10 17.57 57.65
C GLY E 161 28.63 18.91 57.20
N VAL E 162 29.34 19.56 58.13
CA VAL E 162 29.92 20.87 57.87
C VAL E 162 31.38 20.89 58.30
N GLU E 175 31.42 15.17 57.54
CA GLU E 175 30.45 14.12 57.84
C GLU E 175 29.56 13.84 56.63
N PHE E 176 29.39 12.55 56.32
CA PHE E 176 28.57 12.12 55.19
C PHE E 176 27.67 10.99 55.64
N ARG E 177 26.38 11.28 55.80
CA ARG E 177 25.38 10.30 56.23
C ARG E 177 24.20 10.38 55.26
N VAL E 178 24.30 9.61 54.16
CA VAL E 178 23.27 9.60 53.13
C VAL E 178 22.71 8.19 52.93
N TYR E 179 23.58 7.20 52.82
CA TYR E 179 23.16 5.83 52.58
C TYR E 179 23.92 4.89 53.51
N SER E 180 23.33 3.73 53.74
CA SER E 180 23.96 2.72 54.59
C SER E 180 24.87 1.78 53.82
N SER E 181 24.51 1.43 52.58
CA SER E 181 25.32 0.54 51.77
C SER E 181 25.08 0.84 50.29
N ALA E 182 26.03 0.42 49.47
CA ALA E 182 25.96 0.61 48.01
C ALA E 182 26.36 -0.71 47.36
N ASN E 183 25.37 -1.50 46.97
CA ASN E 183 25.59 -2.79 46.35
C ASN E 183 25.19 -2.76 44.89
N ASN E 184 25.95 -3.47 44.06
CA ASN E 184 25.67 -3.64 42.64
C ASN E 184 25.62 -2.29 41.92
N CYS E 185 26.76 -1.60 41.93
CA CYS E 185 26.87 -0.36 41.16
C CYS E 185 26.79 -0.61 39.67
N THR E 186 26.12 0.30 38.97
CA THR E 186 25.99 0.25 37.53
C THR E 186 26.69 1.39 36.82
N PHE E 187 26.95 2.51 37.48
CA PHE E 187 27.60 3.62 36.79
C PHE E 187 28.33 4.50 37.80
N GLU E 188 29.39 5.15 37.32
CA GLU E 188 30.14 6.11 38.14
C GLU E 188 30.75 7.17 37.23
N TYR E 189 30.70 8.42 37.67
CA TYR E 189 31.27 9.52 36.92
C TYR E 189 31.80 10.58 37.87
N VAL E 190 32.91 11.21 37.49
CA VAL E 190 33.53 12.27 38.28
C VAL E 190 33.80 13.46 37.37
N SER E 191 33.46 14.66 37.85
CA SER E 191 33.72 15.87 37.09
C SER E 191 34.31 16.96 37.98
N ASN E 207 25.59 32.21 44.17
CA ASN E 207 24.47 33.10 43.87
C ASN E 207 23.25 32.28 43.45
N LEU E 208 22.73 32.52 42.24
CA LEU E 208 21.57 31.79 41.74
C LEU E 208 22.04 30.63 40.88
N ARG E 209 21.52 29.43 41.18
CA ARG E 209 21.85 28.23 40.43
C ARG E 209 20.58 27.52 40.03
N GLU E 210 20.45 27.24 38.73
CA GLU E 210 19.27 26.60 38.17
C GLU E 210 19.66 25.30 37.49
N PHE E 211 18.89 24.25 37.75
CA PHE E 211 19.15 22.93 37.19
C PHE E 211 17.86 22.35 36.67
N VAL E 212 17.97 21.57 35.60
CA VAL E 212 16.86 20.82 35.04
C VAL E 212 17.29 19.38 34.86
N PHE E 213 16.51 18.45 35.41
CA PHE E 213 16.78 17.02 35.30
C PHE E 213 15.63 16.36 34.58
N LYS E 214 15.93 15.60 33.53
CA LYS E 214 14.87 14.86 32.85
C LYS E 214 15.42 13.57 32.27
N ASN E 215 14.65 12.49 32.42
CA ASN E 215 15.03 11.18 31.91
C ASN E 215 14.19 10.88 30.67
N ILE E 216 14.82 10.89 29.50
CA ILE E 216 14.14 10.66 28.23
C ILE E 216 14.85 9.52 27.51
N ASP E 217 14.10 8.47 27.17
CA ASP E 217 14.60 7.35 26.36
C ASP E 217 15.86 6.74 26.97
N GLY E 218 15.86 6.57 28.29
CA GLY E 218 16.99 5.98 28.96
C GLY E 218 18.19 6.88 29.12
N TYR E 219 18.07 8.16 28.79
CA TYR E 219 19.13 9.13 28.97
C TYR E 219 18.72 10.13 30.03
N PHE E 220 19.52 10.26 31.08
CA PHE E 220 19.28 11.25 32.13
C PHE E 220 20.06 12.51 31.77
N LYS E 221 19.33 13.53 31.32
CA LYS E 221 19.94 14.79 30.91
C LYS E 221 19.84 15.79 32.06
N ILE E 222 20.97 16.39 32.40
CA ILE E 222 21.06 17.43 33.42
C ILE E 222 21.59 18.68 32.76
N TYR E 223 20.81 19.76 32.84
CA TYR E 223 21.17 21.07 32.33
C TYR E 223 21.38 22.00 33.52
N SER E 224 22.42 22.83 33.44
CA SER E 224 22.79 23.67 34.57
C SER E 224 23.04 25.10 34.11
N LYS E 225 22.84 26.05 35.02
CA LYS E 225 23.13 27.46 34.77
C LYS E 225 23.43 28.14 36.09
N HIS E 226 24.45 29.01 36.08
CA HIS E 226 24.83 29.77 37.25
C HIS E 226 24.84 31.25 36.91
N THR E 227 24.14 32.05 37.69
CA THR E 227 24.00 33.48 37.48
C THR E 227 24.20 34.22 38.80
N PRO E 228 24.55 35.50 38.74
CA PRO E 228 24.54 36.31 39.96
C PRO E 228 23.13 36.46 40.51
N ILE E 229 23.04 36.62 41.82
CA ILE E 229 21.77 36.72 42.52
C ILE E 229 21.67 38.10 43.16
N ASN E 230 20.55 38.79 42.89
CA ASN E 230 20.30 40.11 43.46
C ASN E 230 19.08 40.13 44.38
N LEU E 231 18.49 38.98 44.66
CA LEU E 231 17.33 38.87 45.53
C LEU E 231 17.66 37.99 46.72
N VAL E 232 16.94 38.21 47.82
CA VAL E 232 17.20 37.49 49.08
C VAL E 232 16.41 36.19 49.11
N ARG E 233 15.09 36.30 49.07
CA ARG E 233 14.20 35.13 49.16
C ARG E 233 13.11 35.20 48.09
N ASP E 234 13.51 35.53 46.87
CA ASP E 234 12.57 35.62 45.76
C ASP E 234 13.28 35.24 44.48
N LEU E 235 12.49 34.86 43.48
CA LEU E 235 13.03 34.50 42.18
C LEU E 235 13.08 35.73 41.29
N PRO E 236 14.25 36.16 40.85
CA PRO E 236 14.33 37.36 40.00
C PRO E 236 13.55 37.17 38.71
N GLN E 237 12.91 38.26 38.26
CA GLN E 237 12.09 38.23 37.06
C GLN E 237 12.96 38.57 35.85
N GLY E 238 13.79 37.58 35.47
CA GLY E 238 14.65 37.72 34.31
C GLY E 238 14.64 36.48 33.45
N PHE E 239 15.50 36.45 32.43
CA PHE E 239 15.58 35.31 31.52
C PHE E 239 17.01 34.85 31.39
N SER E 240 17.24 33.55 31.53
CA SER E 240 18.56 32.97 31.37
C SER E 240 18.41 31.50 30.98
N ALA E 241 19.01 31.14 29.85
CA ALA E 241 18.91 29.79 29.33
C ALA E 241 19.82 28.85 30.11
N LEU E 242 19.37 27.62 30.31
CA LEU E 242 20.17 26.62 31.02
C LEU E 242 20.95 25.81 29.99
N GLU E 243 22.27 26.03 29.95
CA GLU E 243 23.11 25.28 29.03
C GLU E 243 23.19 23.81 29.46
N PRO E 244 23.24 22.88 28.51
CA PRO E 244 23.37 21.48 28.87
C PRO E 244 24.68 21.20 29.60
N LEU E 245 24.61 20.31 30.58
CA LEU E 245 25.79 19.95 31.35
C LEU E 245 26.20 18.50 31.12
N VAL E 246 25.31 17.54 31.37
CA VAL E 246 25.63 16.13 31.18
C VAL E 246 24.44 15.39 30.60
N ASP E 247 24.72 14.27 29.94
CA ASP E 247 23.70 13.35 29.42
C ASP E 247 24.16 11.93 29.76
N LEU E 248 23.77 11.45 30.93
CA LEU E 248 24.19 10.13 31.38
C LEU E 248 23.38 9.05 30.67
N PRO E 249 24.01 8.10 29.99
CA PRO E 249 23.28 7.01 29.34
C PRO E 249 22.95 5.88 30.32
N ILE E 250 22.09 6.19 31.28
CA ILE E 250 21.74 5.26 32.36
C ILE E 250 20.24 4.97 32.28
N GLY E 251 19.90 3.69 32.23
CA GLY E 251 18.51 3.27 32.19
C GLY E 251 17.90 3.05 33.56
N ILE E 252 17.60 4.14 34.26
CA ILE E 252 17.05 4.08 35.61
C ILE E 252 15.68 4.72 35.60
N ASN E 253 14.70 4.05 36.19
CA ASN E 253 13.34 4.57 36.33
C ASN E 253 13.30 5.49 37.53
N ILE E 254 13.07 6.78 37.29
CA ILE E 254 13.09 7.79 38.34
C ILE E 254 11.67 8.30 38.55
N THR E 255 11.16 8.16 39.77
CA THR E 255 9.84 8.64 40.14
C THR E 255 9.84 9.59 41.33
N ARG E 256 10.84 9.54 42.21
CA ARG E 256 10.94 10.41 43.36
C ARG E 256 12.36 10.93 43.48
N PHE E 257 12.51 12.08 44.11
CA PHE E 257 13.83 12.66 44.30
C PHE E 257 13.87 13.43 45.61
N GLN E 258 15.07 13.55 46.16
CA GLN E 258 15.29 14.27 47.41
C GLN E 258 16.64 14.98 47.33
N THR E 259 16.71 16.18 47.89
CA THR E 259 17.92 16.99 47.85
C THR E 259 18.81 16.69 49.05
N LEU E 260 20.08 17.08 48.94
CA LEU E 260 21.07 16.85 49.99
C LEU E 260 21.73 18.17 50.34
N LEU E 261 21.65 18.53 51.63
CA LEU E 261 22.09 19.82 52.13
C LEU E 261 23.16 19.61 53.20
N ALA E 262 24.17 20.47 53.17
CA ALA E 262 25.23 20.44 54.18
C ALA E 262 24.68 20.66 55.58
N ALA E 282 18.86 28.50 54.52
CA ALA E 282 18.85 28.31 53.07
C ALA E 282 17.46 27.98 52.59
N ALA E 283 17.25 28.09 51.28
CA ALA E 283 15.95 27.83 50.67
C ALA E 283 16.15 27.45 49.22
N TYR E 284 15.12 26.83 48.63
CA TYR E 284 15.16 26.45 47.23
C TYR E 284 13.74 26.37 46.70
N TYR E 285 13.65 26.17 45.39
CA TYR E 285 12.38 26.18 44.67
C TYR E 285 12.33 24.97 43.74
N VAL E 286 11.15 24.37 43.64
CA VAL E 286 10.93 23.14 42.87
C VAL E 286 9.78 23.38 41.89
N GLY E 287 9.99 22.98 40.63
CA GLY E 287 8.94 23.04 39.64
C GLY E 287 8.92 21.79 38.79
N TYR E 288 7.78 21.56 38.15
CA TYR E 288 7.55 20.37 37.34
C TYR E 288 7.32 20.77 35.89
N LEU E 289 8.00 20.08 34.98
CA LEU E 289 7.90 20.38 33.56
C LEU E 289 6.64 19.75 32.96
N GLN E 290 6.19 20.35 31.86
CA GLN E 290 5.02 19.89 31.13
C GLN E 290 5.32 19.85 29.64
N PRO E 291 4.67 18.95 28.89
CA PRO E 291 4.90 18.87 27.43
C PRO E 291 4.21 20.00 26.66
N ARG E 292 4.89 21.14 26.58
CA ARG E 292 4.34 22.33 25.97
C ARG E 292 5.17 22.75 24.77
N THR E 293 4.61 23.67 23.99
CA THR E 293 5.26 24.24 22.82
C THR E 293 5.70 25.65 23.13
N PHE E 294 6.96 25.96 22.82
CA PHE E 294 7.54 27.26 23.09
C PHE E 294 8.20 27.80 21.84
N LEU E 295 8.16 29.13 21.70
CA LEU E 295 8.83 29.84 20.63
C LEU E 295 10.05 30.54 21.22
N LEU E 296 11.23 30.20 20.72
CA LEU E 296 12.49 30.77 21.20
C LEU E 296 13.06 31.72 20.16
N LYS E 297 13.60 32.85 20.62
CA LYS E 297 14.19 33.86 19.77
C LYS E 297 15.71 33.77 19.89
N TYR E 298 16.34 33.14 18.90
CA TYR E 298 17.79 33.05 18.88
C TYR E 298 18.39 34.37 18.41
N ASN E 299 19.58 34.68 18.93
CA ASN E 299 20.30 35.88 18.53
C ASN E 299 21.23 35.55 17.38
N GLU E 300 22.14 36.47 17.05
CA GLU E 300 23.15 36.20 16.04
C GLU E 300 24.32 35.39 16.58
N ASN E 301 24.44 35.30 17.91
CA ASN E 301 25.54 34.58 18.53
C ASN E 301 25.15 33.18 18.98
N GLY E 302 23.96 32.70 18.60
CA GLY E 302 23.53 31.36 18.93
C GLY E 302 22.86 31.22 20.27
N THR E 303 22.70 32.29 21.03
CA THR E 303 21.99 32.24 22.30
C THR E 303 20.56 32.72 22.12
N ILE E 304 19.70 32.34 23.07
CA ILE E 304 18.30 32.72 23.05
C ILE E 304 18.07 33.88 24.00
N THR E 305 17.33 34.89 23.54
CA THR E 305 17.09 36.09 24.31
C THR E 305 15.68 36.19 24.86
N ASP E 306 14.72 35.48 24.28
CA ASP E 306 13.35 35.53 24.77
C ASP E 306 12.62 34.26 24.36
N ALA E 307 11.56 33.95 25.11
CA ALA E 307 10.74 32.79 24.86
C ALA E 307 9.28 33.14 25.08
N VAL E 308 8.41 32.48 24.31
CA VAL E 308 6.97 32.68 24.39
C VAL E 308 6.30 31.33 24.57
N ASP E 309 5.43 31.22 25.56
CA ASP E 309 4.66 30.01 25.80
C ASP E 309 3.36 30.11 25.01
N CYS E 310 3.14 29.13 24.12
CA CYS E 310 1.97 29.19 23.23
C CYS E 310 0.66 29.12 24.00
N ALA E 311 0.64 28.43 25.14
CA ALA E 311 -0.58 28.21 25.89
C ALA E 311 -0.78 29.22 27.02
N LEU E 312 0.05 30.27 27.08
CA LEU E 312 -0.05 31.23 28.17
C LEU E 312 -1.34 32.04 28.08
N ASP E 313 -1.64 32.58 26.90
CA ASP E 313 -2.78 33.47 26.73
C ASP E 313 -3.10 33.54 25.25
N PRO E 314 -4.28 34.07 24.89
CA PRO E 314 -4.59 34.24 23.46
C PRO E 314 -3.57 35.07 22.70
N LEU E 315 -3.01 36.10 23.33
CA LEU E 315 -1.96 36.88 22.66
C LEU E 315 -0.75 36.02 22.37
N SER E 316 -0.37 35.17 23.32
CA SER E 316 0.76 34.26 23.09
C SER E 316 0.43 33.23 22.02
N GLU E 317 -0.82 32.77 21.96
CA GLU E 317 -1.22 31.87 20.89
C GLU E 317 -1.12 32.56 19.53
N THR E 318 -1.50 33.84 19.46
CA THR E 318 -1.33 34.60 18.24
C THR E 318 0.14 34.73 17.86
N LYS E 319 0.99 34.99 18.86
CA LYS E 319 2.43 35.08 18.60
C LYS E 319 2.97 33.77 18.04
N CYS E 320 2.51 32.64 18.59
CA CYS E 320 2.97 31.34 18.10
C CYS E 320 2.46 31.06 16.69
N THR E 321 1.18 31.36 16.43
CA THR E 321 0.61 31.00 15.13
C THR E 321 1.14 31.91 14.01
N LEU E 322 1.49 33.16 14.34
CA LEU E 322 2.13 34.02 13.36
C LEU E 322 3.61 33.70 13.20
N LYS E 323 4.20 32.98 14.15
CA LYS E 323 5.62 32.65 14.14
C LYS E 323 6.47 33.92 14.04
N SER E 324 5.97 34.99 14.65
CA SER E 324 6.67 36.27 14.70
C SER E 324 6.60 36.82 16.12
N PHE E 325 7.65 37.51 16.52
CA PHE E 325 7.73 38.01 17.89
C PHE E 325 6.92 39.28 18.11
N THR E 326 6.44 39.90 17.04
CA THR E 326 5.61 41.10 17.14
C THR E 326 4.34 40.87 16.34
N VAL E 327 3.20 41.17 16.96
CA VAL E 327 1.89 40.97 16.33
C VAL E 327 1.39 42.30 15.83
N GLU E 328 1.10 42.38 14.53
CA GLU E 328 0.55 43.58 13.93
C GLU E 328 -0.94 43.67 14.18
N LYS E 329 -1.49 44.87 13.97
CA LYS E 329 -2.91 45.10 14.20
C LYS E 329 -3.75 44.32 13.21
N GLY E 330 -4.82 43.71 13.70
CA GLY E 330 -5.73 42.97 12.87
C GLY E 330 -6.35 41.83 13.63
N ILE E 331 -6.91 40.88 12.88
CA ILE E 331 -7.53 39.68 13.43
C ILE E 331 -6.85 38.46 12.82
N TYR E 332 -6.58 37.46 13.66
CA TYR E 332 -5.89 36.25 13.22
C TYR E 332 -6.57 35.04 13.81
N GLN E 333 -6.88 34.07 12.95
CA GLN E 333 -7.45 32.81 13.41
C GLN E 333 -6.39 32.00 14.11
N THR E 334 -6.64 31.62 15.35
CA THR E 334 -5.64 30.93 16.16
C THR E 334 -6.02 29.51 16.53
N SER E 335 -7.22 29.28 17.04
CA SER E 335 -7.57 27.97 17.57
C SER E 335 -8.93 27.55 17.02
N ASN E 336 -9.45 26.44 17.53
CA ASN E 336 -10.76 25.93 17.12
C ASN E 336 -11.47 25.37 18.35
N PHE E 337 -12.40 26.15 18.90
CA PHE E 337 -13.18 25.71 20.04
C PHE E 337 -14.05 24.52 19.64
N ARG E 338 -14.02 23.48 20.47
CA ARG E 338 -14.84 22.28 20.27
C ARG E 338 -15.36 21.83 21.62
N VAL E 339 -16.68 21.68 21.71
CA VAL E 339 -17.30 21.20 22.95
C VAL E 339 -17.11 19.69 23.02
N GLN E 340 -16.64 19.22 24.16
CA GLN E 340 -16.37 17.79 24.28
C GLN E 340 -17.54 17.09 24.97
N PRO E 341 -17.79 15.82 24.62
CA PRO E 341 -18.86 15.08 25.29
C PRO E 341 -18.53 14.83 26.75
N THR E 342 -19.59 14.73 27.56
CA THR E 342 -19.45 14.55 29.00
C THR E 342 -19.92 13.19 29.49
N GLU E 343 -20.90 12.57 28.82
CA GLU E 343 -21.45 11.30 29.24
C GLU E 343 -21.51 10.35 28.06
N SER E 344 -21.64 9.06 28.37
CA SER E 344 -21.81 8.01 27.37
C SER E 344 -23.14 7.31 27.64
N ILE E 345 -24.09 7.45 26.72
CA ILE E 345 -25.42 6.90 26.86
C ILE E 345 -25.63 5.85 25.78
N VAL E 346 -25.92 4.63 26.20
CA VAL E 346 -26.22 3.53 25.29
C VAL E 346 -27.60 2.99 25.65
N ARG E 347 -28.44 2.80 24.64
CA ARG E 347 -29.81 2.38 24.85
C ARG E 347 -30.18 1.24 23.92
N PHE E 348 -30.95 0.31 24.45
CA PHE E 348 -31.44 -0.86 23.72
C PHE E 348 -32.90 -1.08 24.11
N PRO E 349 -33.67 -1.77 23.26
CA PRO E 349 -35.08 -2.03 23.59
C PRO E 349 -35.21 -2.87 24.85
N ASN E 350 -36.45 -2.92 25.35
CA ASN E 350 -36.74 -3.68 26.56
C ASN E 350 -36.35 -5.15 26.37
N ILE E 351 -35.68 -5.71 27.38
CA ILE E 351 -35.23 -7.09 27.31
C ILE E 351 -36.44 -8.00 27.51
N THR E 352 -36.82 -8.72 26.46
CA THR E 352 -37.97 -9.62 26.51
C THR E 352 -37.65 -10.87 25.71
N ASN E 353 -38.57 -11.84 25.78
CA ASN E 353 -38.42 -13.12 25.10
C ASN E 353 -37.11 -13.80 25.47
N LEU E 354 -36.82 -13.83 26.78
CA LEU E 354 -35.62 -14.46 27.28
C LEU E 354 -35.64 -15.96 27.02
N CYS E 355 -34.47 -16.54 26.86
CA CYS E 355 -34.37 -17.97 26.60
C CYS E 355 -34.88 -18.76 27.81
N PRO E 356 -35.57 -19.88 27.60
CA PRO E 356 -36.12 -20.66 28.72
C PRO E 356 -35.05 -21.49 29.42
N PHE E 357 -34.05 -20.80 29.99
CA PHE E 357 -33.00 -21.48 30.72
C PHE E 357 -33.52 -22.13 31.99
N GLY E 358 -34.51 -21.50 32.64
CA GLY E 358 -35.06 -22.06 33.86
C GLY E 358 -35.76 -23.39 33.63
N GLU E 359 -36.34 -23.59 32.45
CA GLU E 359 -37.03 -24.84 32.15
C GLU E 359 -36.09 -26.04 32.11
N VAL E 360 -34.78 -25.80 31.98
CA VAL E 360 -33.81 -26.88 31.92
C VAL E 360 -33.22 -27.13 33.30
N PHE E 361 -32.67 -26.08 33.91
CA PHE E 361 -32.04 -26.23 35.21
C PHE E 361 -33.04 -26.63 36.29
N ASN E 362 -34.22 -25.99 36.28
CA ASN E 362 -35.24 -26.25 37.28
C ASN E 362 -36.24 -27.31 36.83
N ALA E 363 -35.84 -28.20 35.93
CA ALA E 363 -36.73 -29.27 35.47
C ALA E 363 -37.02 -30.24 36.61
N THR E 364 -38.27 -30.70 36.69
CA THR E 364 -38.66 -31.63 37.74
C THR E 364 -38.07 -33.02 37.53
N ARG E 365 -37.65 -33.34 36.30
CA ARG E 365 -37.08 -34.64 35.99
C ARG E 365 -35.77 -34.46 35.24
N PHE E 366 -34.81 -35.34 35.52
CA PHE E 366 -33.51 -35.32 34.88
C PHE E 366 -33.34 -36.56 34.01
N ALA E 367 -32.85 -36.36 32.79
CA ALA E 367 -32.70 -37.46 31.85
C ALA E 367 -31.55 -38.38 32.26
N SER E 368 -31.58 -39.60 31.72
CA SER E 368 -30.54 -40.57 31.99
C SER E 368 -29.23 -40.18 31.30
N VAL E 369 -28.14 -40.78 31.77
CA VAL E 369 -26.83 -40.49 31.19
C VAL E 369 -26.77 -40.95 29.75
N TYR E 370 -27.26 -42.15 29.46
CA TYR E 370 -27.27 -42.68 28.10
C TYR E 370 -28.41 -42.12 27.26
N ALA E 371 -29.34 -41.38 27.86
CA ALA E 371 -30.49 -40.80 27.17
C ALA E 371 -30.66 -39.34 27.55
N TRP E 372 -29.56 -38.59 27.48
CA TRP E 372 -29.57 -37.18 27.87
C TRP E 372 -30.57 -36.40 27.02
N ASN E 373 -31.27 -35.47 27.67
CA ASN E 373 -32.32 -34.69 27.01
C ASN E 373 -31.69 -33.48 26.34
N ARG E 374 -31.92 -33.33 25.04
CA ARG E 374 -31.37 -32.23 24.26
C ARG E 374 -32.48 -31.24 23.93
N LYS E 375 -32.26 -29.97 24.29
CA LYS E 375 -33.19 -28.89 24.02
C LYS E 375 -32.52 -27.83 23.17
N ARG E 376 -33.24 -27.28 22.21
CA ARG E 376 -32.71 -26.26 21.32
C ARG E 376 -33.27 -24.90 21.72
N ILE E 377 -32.39 -23.91 21.82
CA ILE E 377 -32.76 -22.54 22.16
C ILE E 377 -32.24 -21.62 21.07
N SER E 378 -33.12 -20.80 20.52
CA SER E 378 -32.75 -19.85 19.48
C SER E 378 -33.78 -18.73 19.45
N ASN E 379 -33.38 -17.61 18.86
CA ASN E 379 -34.24 -16.43 18.72
C ASN E 379 -34.77 -15.98 20.09
N CYS E 380 -33.87 -15.94 21.07
CA CYS E 380 -34.25 -15.53 22.42
C CYS E 380 -33.05 -14.88 23.08
N VAL E 381 -33.34 -14.10 24.14
CA VAL E 381 -32.31 -13.43 24.91
C VAL E 381 -31.73 -14.42 25.90
N ALA E 382 -30.42 -14.66 25.82
CA ALA E 382 -29.74 -15.63 26.68
C ALA E 382 -29.30 -14.93 27.94
N ASP E 383 -30.03 -15.16 29.04
CA ASP E 383 -29.70 -14.57 30.34
C ASP E 383 -28.58 -15.37 30.99
N TYR E 384 -27.41 -15.30 30.37
CA TYR E 384 -26.25 -16.04 30.83
C TYR E 384 -25.72 -15.52 32.17
N SER E 385 -25.84 -14.22 32.42
CA SER E 385 -25.31 -13.65 33.66
C SER E 385 -26.02 -14.21 34.89
N VAL E 386 -27.30 -14.53 34.77
CA VAL E 386 -28.05 -15.08 35.91
C VAL E 386 -27.45 -16.41 36.33
N LEU E 387 -27.14 -17.28 35.35
CA LEU E 387 -26.52 -18.56 35.68
C LEU E 387 -25.07 -18.38 36.12
N TYR E 388 -24.35 -17.43 35.50
CA TYR E 388 -22.95 -17.22 35.86
C TYR E 388 -22.81 -16.75 37.30
N ASN E 389 -23.65 -15.82 37.72
CA ASN E 389 -23.59 -15.30 39.08
C ASN E 389 -24.24 -16.23 40.11
N SER E 390 -25.05 -17.20 39.66
CA SER E 390 -25.70 -18.10 40.58
C SER E 390 -24.68 -18.98 41.29
N ALA E 391 -24.84 -19.15 42.59
CA ALA E 391 -23.95 -19.95 43.42
C ALA E 391 -24.47 -21.37 43.62
N SER E 392 -25.58 -21.73 42.98
CA SER E 392 -26.15 -23.06 43.15
C SER E 392 -25.42 -24.14 42.36
N PHE E 393 -24.46 -23.76 41.52
CA PHE E 393 -23.74 -24.71 40.68
C PHE E 393 -22.38 -25.03 41.28
N SER E 394 -22.07 -26.33 41.39
CA SER E 394 -20.79 -26.76 41.93
C SER E 394 -19.69 -26.78 40.88
N THR E 395 -20.02 -27.10 39.64
CA THR E 395 -19.06 -27.14 38.54
C THR E 395 -19.54 -26.23 37.43
N PHE E 396 -18.67 -25.33 36.97
CA PHE E 396 -19.00 -24.35 35.94
C PHE E 396 -17.77 -24.21 35.04
N LYS E 397 -17.75 -24.98 33.96
CA LYS E 397 -16.58 -25.05 33.08
C LYS E 397 -16.95 -24.56 31.69
N CYS E 398 -16.33 -23.48 31.24
CA CYS E 398 -16.57 -22.93 29.91
C CYS E 398 -15.34 -23.13 29.04
N TYR E 399 -15.54 -23.74 27.87
CA TYR E 399 -14.48 -24.01 26.92
C TYR E 399 -14.76 -23.22 25.65
N GLY E 400 -13.79 -22.41 25.22
CA GLY E 400 -13.93 -21.60 24.04
C GLY E 400 -14.66 -20.29 24.24
N VAL E 401 -15.14 -20.01 25.45
CA VAL E 401 -15.85 -18.78 25.75
C VAL E 401 -15.51 -18.33 27.16
N SER E 402 -15.41 -17.03 27.34
CA SER E 402 -15.13 -16.46 28.65
C SER E 402 -16.39 -16.49 29.51
N PRO E 403 -16.34 -17.06 30.72
CA PRO E 403 -17.55 -17.09 31.55
C PRO E 403 -18.09 -15.72 31.90
N THR E 404 -17.23 -14.71 31.95
CA THR E 404 -17.67 -13.35 32.27
C THR E 404 -18.06 -12.54 31.04
N LYS E 405 -17.81 -13.06 29.83
CA LYS E 405 -18.09 -12.33 28.60
C LYS E 405 -18.89 -13.13 27.60
N LEU E 406 -19.46 -14.27 28.00
CA LEU E 406 -20.26 -15.07 27.07
C LEU E 406 -21.58 -14.40 26.70
N ASN E 407 -22.05 -13.45 27.51
CA ASN E 407 -23.27 -12.72 27.17
C ASN E 407 -23.08 -11.83 25.95
N ASP E 408 -21.84 -11.51 25.58
CA ASP E 408 -21.55 -10.70 24.41
C ASP E 408 -21.31 -11.53 23.15
N LEU E 409 -21.45 -12.85 23.24
CA LEU E 409 -21.22 -13.74 22.11
C LEU E 409 -22.56 -14.22 21.56
N CYS E 410 -22.71 -14.12 20.25
CA CYS E 410 -23.94 -14.54 19.57
C CYS E 410 -23.69 -15.83 18.80
N PHE E 411 -24.65 -16.75 18.88
CA PHE E 411 -24.56 -18.05 18.21
C PHE E 411 -25.89 -18.36 17.53
N THR E 412 -25.81 -19.22 16.52
CA THR E 412 -27.02 -19.60 15.79
C THR E 412 -28.00 -20.33 16.70
N ASN E 413 -27.50 -21.22 17.56
CA ASN E 413 -28.38 -21.96 18.46
C ASN E 413 -27.59 -22.36 19.70
N VAL E 414 -28.33 -22.69 20.76
CA VAL E 414 -27.77 -23.22 21.99
C VAL E 414 -28.42 -24.57 22.25
N TYR E 415 -27.61 -25.62 22.35
CA TYR E 415 -28.09 -26.96 22.60
C TYR E 415 -27.80 -27.31 24.06
N ALA E 416 -28.86 -27.49 24.83
CA ALA E 416 -28.76 -27.85 26.25
C ALA E 416 -28.93 -29.35 26.37
N ASP E 417 -27.85 -30.05 26.70
CA ASP E 417 -27.88 -31.47 26.97
C ASP E 417 -27.90 -31.65 28.48
N SER E 418 -29.05 -32.05 29.01
CA SER E 418 -29.25 -32.18 30.45
C SER E 418 -29.39 -33.65 30.82
N PHE E 419 -28.75 -34.03 31.92
CA PHE E 419 -28.83 -35.41 32.41
C PHE E 419 -28.47 -35.42 33.89
N VAL E 420 -28.60 -36.61 34.49
CA VAL E 420 -28.23 -36.84 35.87
C VAL E 420 -27.20 -37.97 35.91
N ILE E 421 -26.09 -37.73 36.60
CA ILE E 421 -24.98 -38.67 36.66
C ILE E 421 -24.51 -38.77 38.10
N ARG E 422 -23.44 -39.54 38.31
CA ARG E 422 -22.82 -39.67 39.61
C ARG E 422 -21.78 -38.57 39.79
N GLY E 423 -21.41 -38.33 41.06
CA GLY E 423 -20.40 -37.32 41.33
C GLY E 423 -19.06 -37.66 40.74
N ASP E 424 -18.64 -38.92 40.86
CA ASP E 424 -17.35 -39.35 40.31
C ASP E 424 -17.31 -39.20 38.80
N GLU E 425 -18.46 -39.32 38.13
CA GLU E 425 -18.53 -39.13 36.69
C GLU E 425 -18.69 -37.67 36.30
N VAL E 426 -18.80 -36.76 37.28
CA VAL E 426 -18.94 -35.34 36.97
C VAL E 426 -17.74 -34.83 36.20
N ARG E 427 -16.54 -35.28 36.58
CA ARG E 427 -15.34 -34.88 35.86
C ARG E 427 -15.27 -35.49 34.47
N GLN E 428 -16.08 -36.52 34.20
CA GLN E 428 -16.06 -37.14 32.88
C GLN E 428 -16.71 -36.27 31.82
N ILE E 429 -17.49 -35.27 32.22
CA ILE E 429 -18.16 -34.37 31.27
C ILE E 429 -17.18 -33.24 30.98
N ALA E 430 -16.28 -33.50 30.03
CA ALA E 430 -15.27 -32.52 29.62
C ALA E 430 -14.74 -32.93 28.27
N PRO E 431 -14.33 -31.97 27.43
CA PRO E 431 -13.72 -32.33 26.14
C PRO E 431 -12.44 -33.11 26.34
N GLY E 432 -12.25 -34.13 25.51
CA GLY E 432 -11.06 -34.95 25.59
C GLY E 432 -11.05 -35.93 26.75
N GLN E 433 -12.14 -36.04 27.49
CA GLN E 433 -12.21 -36.95 28.63
C GLN E 433 -12.60 -38.35 28.18
N THR E 434 -12.26 -39.33 29.02
CA THR E 434 -12.55 -40.73 28.74
C THR E 434 -13.23 -41.35 29.95
N GLY E 435 -13.98 -42.41 29.70
CA GLY E 435 -14.70 -43.11 30.73
C GLY E 435 -15.91 -43.80 30.15
N LYS E 436 -16.68 -44.44 31.03
CA LYS E 436 -17.88 -45.13 30.59
C LYS E 436 -18.92 -44.16 30.05
N ILE E 437 -19.21 -43.10 30.80
CA ILE E 437 -20.18 -42.10 30.35
C ILE E 437 -19.60 -41.29 29.19
N ALA E 438 -18.30 -40.98 29.24
CA ALA E 438 -17.70 -40.14 28.22
C ALA E 438 -17.60 -40.84 26.87
N ASP E 439 -17.70 -42.17 26.86
CA ASP E 439 -17.56 -42.93 25.62
C ASP E 439 -18.81 -43.67 25.20
N TYR E 440 -19.78 -43.89 26.10
CA TYR E 440 -20.96 -44.66 25.79
C TYR E 440 -22.27 -43.97 26.13
N ASN E 441 -22.27 -43.04 27.07
CA ASN E 441 -23.48 -42.31 27.46
C ASN E 441 -23.53 -40.90 26.89
N TYR E 442 -22.49 -40.11 27.09
CA TYR E 442 -22.44 -38.75 26.57
C TYR E 442 -21.00 -38.45 26.18
N LYS E 443 -20.76 -38.32 24.86
CA LYS E 443 -19.43 -38.05 24.33
C LYS E 443 -19.35 -36.60 23.88
N LEU E 444 -18.30 -35.91 24.33
CA LEU E 444 -18.07 -34.52 23.96
C LEU E 444 -16.86 -34.40 23.04
N PRO E 445 -16.95 -33.59 22.00
CA PRO E 445 -15.81 -33.44 21.08
C PRO E 445 -14.65 -32.76 21.76
N ASP E 446 -13.44 -33.03 21.25
CA ASP E 446 -12.24 -32.44 21.82
C ASP E 446 -12.24 -30.92 21.69
N ASP E 447 -12.75 -30.41 20.58
CA ASP E 447 -12.84 -28.98 20.33
C ASP E 447 -14.22 -28.42 20.67
N PHE E 448 -14.88 -28.98 21.68
CA PHE E 448 -16.20 -28.53 22.06
C PHE E 448 -16.15 -27.10 22.59
N THR E 449 -17.10 -26.28 22.13
CA THR E 449 -17.24 -24.90 22.59
C THR E 449 -18.57 -24.78 23.31
N GLY E 450 -18.53 -24.35 24.56
CA GLY E 450 -19.74 -24.22 25.35
C GLY E 450 -19.41 -24.31 26.83
N CYS E 451 -20.46 -24.25 27.64
CA CYS E 451 -20.33 -24.22 29.09
C CYS E 451 -21.11 -25.36 29.72
N VAL E 452 -20.44 -26.12 30.59
CA VAL E 452 -21.06 -27.21 31.32
C VAL E 452 -21.27 -26.74 32.75
N ILE E 453 -22.52 -26.83 33.23
CA ILE E 453 -22.89 -26.46 34.59
C ILE E 453 -23.47 -27.70 35.25
N ALA E 454 -22.87 -28.12 36.35
CA ALA E 454 -23.30 -29.30 37.08
C ALA E 454 -23.45 -28.95 38.55
N TRP E 455 -24.52 -29.46 39.16
CA TRP E 455 -24.80 -29.22 40.57
C TRP E 455 -25.36 -30.48 41.21
N ASN E 456 -24.95 -30.72 42.45
CA ASN E 456 -25.41 -31.90 43.17
C ASN E 456 -26.92 -31.85 43.36
N SER E 457 -27.58 -32.98 43.09
CA SER E 457 -29.02 -33.11 43.21
C SER E 457 -29.38 -34.24 44.16
N ASN E 458 -28.58 -34.43 45.20
CA ASN E 458 -28.85 -35.49 46.18
C ASN E 458 -30.17 -35.24 46.89
N ASN E 459 -30.44 -34.00 47.28
CA ASN E 459 -31.68 -33.67 47.96
C ASN E 459 -32.90 -33.73 47.05
N LEU E 460 -32.70 -33.78 45.73
CA LEU E 460 -33.79 -33.78 44.77
C LEU E 460 -33.92 -35.07 43.98
N ASP E 461 -32.79 -35.73 43.66
CA ASP E 461 -32.82 -36.94 42.84
C ASP E 461 -32.65 -38.21 43.63
N SER E 462 -31.84 -38.20 44.69
CA SER E 462 -31.61 -39.41 45.47
C SER E 462 -32.87 -39.80 46.24
N LYS E 463 -33.09 -41.11 46.37
CA LYS E 463 -34.23 -41.65 47.07
C LYS E 463 -33.75 -42.63 48.15
N VAL E 464 -34.54 -42.75 49.21
CA VAL E 464 -34.17 -43.63 50.33
C VAL E 464 -34.04 -45.08 49.85
N GLY E 465 -34.98 -45.54 49.04
CA GLY E 465 -34.92 -46.87 48.49
C GLY E 465 -34.03 -47.05 47.29
N GLY E 466 -33.38 -45.97 46.82
CA GLY E 466 -32.51 -46.05 45.68
C GLY E 466 -33.19 -45.63 44.39
N ASN E 467 -32.77 -44.50 43.83
CA ASN E 467 -33.35 -43.97 42.59
C ASN E 467 -32.64 -44.61 41.42
N TYR E 468 -33.24 -45.64 40.84
CA TYR E 468 -32.68 -46.37 39.71
C TYR E 468 -33.26 -45.89 38.38
N ASN E 469 -34.00 -44.78 38.38
CA ASN E 469 -34.58 -44.25 37.15
C ASN E 469 -33.54 -43.72 36.17
N TYR E 470 -32.30 -43.52 36.62
CA TYR E 470 -31.23 -43.04 35.76
C TYR E 470 -30.36 -44.22 35.34
N LEU E 471 -30.18 -44.40 34.03
CA LEU E 471 -29.40 -45.50 33.48
C LEU E 471 -28.30 -44.95 32.58
N TYR E 472 -27.14 -45.60 32.63
CA TYR E 472 -26.00 -45.22 31.82
C TYR E 472 -25.51 -46.43 31.03
N ARG E 473 -25.06 -46.17 29.80
CA ARG E 473 -24.54 -47.23 28.96
C ARG E 473 -23.20 -47.73 29.50
N LEU E 474 -23.09 -49.04 29.65
CA LEU E 474 -21.89 -49.67 30.17
C LEU E 474 -21.16 -50.52 29.14
N PHE E 475 -21.88 -51.35 28.39
CA PHE E 475 -21.29 -52.21 27.37
C PHE E 475 -21.75 -51.75 26.00
N ARG E 476 -20.81 -51.55 25.10
CA ARG E 476 -21.13 -51.13 23.75
C ARG E 476 -20.09 -51.68 22.79
N LYS E 477 -20.46 -51.75 21.50
CA LYS E 477 -19.54 -52.25 20.48
C LYS E 477 -18.35 -51.33 20.32
N SER E 478 -18.57 -50.02 20.36
CA SER E 478 -17.49 -49.05 20.18
C SER E 478 -17.87 -47.76 20.90
N ASN E 479 -16.87 -46.91 21.09
CA ASN E 479 -17.10 -45.63 21.75
C ASN E 479 -18.02 -44.75 20.90
N LEU E 480 -18.93 -44.05 21.57
CA LEU E 480 -19.90 -43.21 20.88
C LEU E 480 -19.23 -41.97 20.30
N LYS E 481 -19.79 -41.50 19.20
CA LYS E 481 -19.31 -40.27 18.57
C LYS E 481 -19.66 -39.07 19.44
N PRO E 482 -18.96 -37.95 19.27
CA PRO E 482 -19.32 -36.74 20.03
C PRO E 482 -20.75 -36.32 19.74
N PHE E 483 -21.46 -35.93 20.80
CA PHE E 483 -22.85 -35.48 20.71
C PHE E 483 -23.75 -36.53 20.07
N GLU E 484 -23.44 -37.80 20.29
CA GLU E 484 -24.25 -38.91 19.76
C GLU E 484 -25.09 -39.51 20.88
N ARG E 485 -26.37 -39.72 20.59
CA ARG E 485 -27.32 -40.24 21.57
C ARG E 485 -27.69 -41.67 21.16
N ASP E 486 -27.21 -42.64 21.92
CA ASP E 486 -27.50 -44.06 21.69
C ASP E 486 -28.35 -44.58 22.83
N ILE E 487 -29.52 -45.11 22.50
CA ILE E 487 -30.46 -45.63 23.49
C ILE E 487 -30.88 -47.06 23.16
N SER E 488 -30.01 -47.83 22.49
CA SER E 488 -30.33 -49.20 22.16
C SER E 488 -30.41 -50.05 23.42
N THR E 489 -31.44 -50.90 23.49
CA THR E 489 -31.68 -51.75 24.64
C THR E 489 -31.37 -53.22 24.37
N GLU E 490 -30.74 -53.53 23.24
CA GLU E 490 -30.40 -54.91 22.92
C GLU E 490 -29.33 -55.42 23.88
N ILE E 491 -29.43 -56.70 24.26
CA ILE E 491 -28.46 -57.29 25.18
C ILE E 491 -27.10 -57.32 24.52
N TYR E 492 -26.10 -56.79 25.22
CA TYR E 492 -24.75 -56.72 24.66
C TYR E 492 -24.13 -58.11 24.60
N GLN E 493 -23.58 -58.44 23.44
CA GLN E 493 -22.91 -59.73 23.22
C GLN E 493 -21.40 -59.51 23.34
N ALA E 494 -20.84 -59.88 24.49
CA ALA E 494 -19.40 -59.73 24.68
C ALA E 494 -18.60 -60.60 23.71
N GLY E 495 -19.06 -61.83 23.49
CA GLY E 495 -18.41 -62.75 22.60
C GLY E 495 -19.18 -62.96 21.31
N SER E 496 -18.87 -64.06 20.63
CA SER E 496 -19.50 -64.39 19.36
C SER E 496 -20.78 -65.20 19.51
N THR E 497 -21.12 -65.61 20.73
CA THR E 497 -22.35 -66.37 20.94
C THR E 497 -23.55 -65.44 20.91
N PRO E 498 -24.51 -65.65 20.02
CA PRO E 498 -25.69 -64.78 19.99
C PRO E 498 -26.48 -64.88 21.30
N CYS E 499 -26.99 -63.73 21.75
CA CYS E 499 -27.79 -63.71 22.98
C CYS E 499 -29.19 -64.24 22.73
N ASN E 500 -29.77 -63.95 21.56
CA ASN E 500 -31.12 -64.37 21.19
C ASN E 500 -32.15 -63.86 22.20
N GLY E 501 -31.90 -62.67 22.78
CA GLY E 501 -32.82 -62.10 23.73
C GLY E 501 -32.81 -62.72 25.11
N VAL E 502 -31.86 -63.60 25.40
CA VAL E 502 -31.78 -64.28 26.68
C VAL E 502 -30.45 -63.92 27.34
N GLU E 503 -30.52 -63.45 28.58
CA GLU E 503 -29.32 -63.11 29.33
C GLU E 503 -28.57 -64.39 29.72
N GLY E 504 -27.24 -64.27 29.82
CA GLY E 504 -26.43 -65.41 30.16
C GLY E 504 -24.95 -65.08 30.00
N PHE E 505 -24.16 -66.13 29.77
CA PHE E 505 -22.73 -65.95 29.57
C PHE E 505 -22.47 -65.07 28.35
N ASN E 506 -21.58 -64.08 28.53
CA ASN E 506 -21.25 -63.10 27.51
C ASN E 506 -22.46 -62.34 27.00
N CYS E 507 -23.50 -62.23 27.83
CA CYS E 507 -24.73 -61.52 27.47
C CYS E 507 -25.16 -60.69 28.67
N TYR E 508 -24.69 -59.46 28.72
CA TYR E 508 -24.97 -58.54 29.81
C TYR E 508 -25.75 -57.34 29.30
N PHE E 509 -26.60 -56.80 30.17
CA PHE E 509 -27.41 -55.65 29.79
C PHE E 509 -26.50 -54.42 29.63
N PRO E 510 -26.53 -53.74 28.48
CA PRO E 510 -25.63 -52.60 28.28
C PRO E 510 -25.90 -51.43 29.21
N LEU E 511 -27.10 -51.33 29.78
CA LEU E 511 -27.47 -50.23 30.64
C LEU E 511 -27.37 -50.63 32.11
N GLN E 512 -26.79 -49.76 32.91
CA GLN E 512 -26.66 -49.97 34.35
C GLN E 512 -27.30 -48.81 35.09
N SER E 513 -28.04 -49.13 36.14
CA SER E 513 -28.74 -48.13 36.93
C SER E 513 -27.84 -47.60 38.05
N TYR E 514 -28.11 -46.36 38.46
CA TYR E 514 -27.34 -45.72 39.53
C TYR E 514 -28.04 -45.93 40.87
N GLY E 515 -27.24 -46.22 41.89
CA GLY E 515 -27.77 -46.36 43.23
C GLY E 515 -27.78 -45.05 44.00
N PHE E 516 -28.60 -44.11 43.55
CA PHE E 516 -28.64 -42.78 44.17
C PHE E 516 -29.43 -42.85 45.47
N GLN E 517 -28.76 -42.58 46.59
CA GLN E 517 -29.37 -42.58 47.90
C GLN E 517 -28.89 -41.35 48.67
N PRO E 518 -29.72 -40.83 49.57
CA PRO E 518 -29.26 -39.68 50.39
C PRO E 518 -28.06 -39.99 51.26
N THR E 519 -27.89 -41.24 51.68
CA THR E 519 -26.77 -41.65 52.50
C THR E 519 -25.52 -41.98 51.69
N ASN E 520 -25.60 -41.91 50.36
CA ASN E 520 -24.45 -42.21 49.52
C ASN E 520 -23.42 -41.09 49.61
N GLY E 521 -22.20 -41.39 49.18
CA GLY E 521 -21.11 -40.44 49.23
C GLY E 521 -21.26 -39.36 48.17
N VAL E 522 -20.32 -38.42 48.21
CA VAL E 522 -20.34 -37.30 47.27
C VAL E 522 -20.18 -37.80 45.85
N GLY E 523 -19.25 -38.74 45.63
CA GLY E 523 -19.07 -39.30 44.30
C GLY E 523 -20.22 -40.18 43.84
N TYR E 524 -20.97 -40.76 44.79
CA TYR E 524 -22.13 -41.58 44.47
C TYR E 524 -23.43 -40.80 44.52
N GLN E 525 -23.41 -39.56 44.99
CA GLN E 525 -24.63 -38.77 45.05
C GLN E 525 -25.04 -38.35 43.65
N PRO E 526 -26.34 -38.29 43.36
CA PRO E 526 -26.78 -37.85 42.03
C PRO E 526 -26.52 -36.36 41.84
N TYR E 527 -26.04 -36.01 40.65
CA TYR E 527 -25.77 -34.62 40.28
C TYR E 527 -26.34 -34.36 38.90
N ARG E 528 -27.04 -33.24 38.76
CA ARG E 528 -27.61 -32.84 37.48
C ARG E 528 -26.61 -31.98 36.72
N VAL E 529 -26.30 -32.38 35.50
CA VAL E 529 -25.34 -31.68 34.65
C VAL E 529 -26.02 -31.30 33.35
N VAL E 530 -25.90 -30.03 32.97
CA VAL E 530 -26.42 -29.51 31.71
C VAL E 530 -25.26 -28.85 30.98
N VAL E 531 -25.05 -29.25 29.73
CA VAL E 531 -24.00 -28.70 28.88
C VAL E 531 -24.68 -27.86 27.80
N LEU E 532 -24.35 -26.58 27.76
CA LEU E 532 -24.84 -25.66 26.74
C LEU E 532 -23.76 -25.56 25.66
N SER E 533 -24.03 -26.16 24.51
CA SER E 533 -23.14 -26.10 23.35
C SER E 533 -23.61 -25.00 22.41
N PHE E 534 -22.68 -24.18 21.95
CA PHE E 534 -22.99 -23.03 21.13
C PHE E 534 -22.73 -23.37 19.67
N GLU E 535 -23.81 -23.49 18.90
CA GLU E 535 -23.72 -23.80 17.48
C GLU E 535 -23.78 -22.49 16.69
N LEU E 536 -22.74 -22.24 15.88
CA LEU E 536 -22.64 -21.03 15.08
C LEU E 536 -22.37 -21.46 13.63
N LEU E 537 -23.38 -21.33 12.79
CA LEU E 537 -23.30 -21.68 11.38
C LEU E 537 -23.56 -20.42 10.55
N HIS E 538 -23.78 -20.61 9.24
CA HIS E 538 -24.11 -19.50 8.36
C HIS E 538 -25.56 -19.08 8.57
N ALA E 539 -25.83 -18.46 9.71
CA ALA E 539 -27.18 -18.07 10.10
C ALA E 539 -27.12 -16.68 10.74
N PRO E 540 -28.25 -15.97 10.78
CA PRO E 540 -28.24 -14.65 11.44
C PRO E 540 -27.87 -14.70 12.91
N ALA E 541 -27.97 -15.86 13.56
CA ALA E 541 -27.58 -16.04 14.95
C ALA E 541 -28.35 -15.09 15.88
N THR E 542 -29.67 -15.29 15.91
CA THR E 542 -30.54 -14.46 16.74
C THR E 542 -30.38 -14.71 18.23
N VAL E 543 -29.68 -15.76 18.63
CA VAL E 543 -29.48 -16.07 20.04
C VAL E 543 -28.33 -15.21 20.55
N CYS E 544 -28.65 -14.25 21.42
CA CYS E 544 -27.67 -13.32 21.97
C CYS E 544 -28.01 -13.01 23.42
N GLY E 545 -27.02 -12.51 24.14
CA GLY E 545 -27.20 -12.16 25.53
C GLY E 545 -27.87 -10.81 25.71
N PRO E 546 -28.06 -10.44 26.96
CA PRO E 546 -28.74 -9.17 27.25
C PRO E 546 -27.91 -7.97 26.84
N LYS E 547 -28.59 -6.87 26.54
CA LYS E 547 -27.96 -5.62 26.15
C LYS E 547 -28.16 -4.59 27.26
N LYS E 548 -27.09 -3.92 27.64
CA LYS E 548 -27.15 -2.95 28.72
C LYS E 548 -27.93 -1.70 28.28
N SER E 549 -28.54 -1.03 29.25
CA SER E 549 -29.28 0.19 29.01
C SER E 549 -28.88 1.25 30.03
N THR E 550 -28.90 2.50 29.61
CA THR E 550 -28.50 3.62 30.45
C THR E 550 -29.57 4.69 30.42
N ASN E 551 -29.57 5.54 31.45
CA ASN E 551 -30.53 6.63 31.53
C ASN E 551 -30.28 7.65 30.43
N LEU E 552 -31.36 8.26 29.94
CA LEU E 552 -31.27 9.20 28.84
C LEU E 552 -30.94 10.60 29.36
N VAL E 553 -30.10 11.31 28.61
CA VAL E 553 -29.66 12.65 28.96
C VAL E 553 -29.95 13.57 27.79
N LYS E 554 -30.52 14.74 28.09
CA LYS E 554 -30.87 15.73 27.08
C LYS E 554 -30.06 17.00 27.27
N ASN E 555 -29.98 17.79 26.20
CA ASN E 555 -29.38 19.12 26.22
C ASN E 555 -27.94 19.09 26.74
N LYS E 556 -27.19 18.06 26.33
CA LYS E 556 -25.80 17.95 26.73
C LYS E 556 -25.06 17.10 25.70
N CYS E 557 -23.85 17.53 25.36
CA CYS E 557 -23.01 16.76 24.45
C CYS E 557 -22.69 15.40 25.06
N VAL E 558 -23.24 14.34 24.46
CA VAL E 558 -23.05 12.98 24.94
C VAL E 558 -22.69 12.09 23.77
N ASN E 559 -22.04 10.97 24.09
CA ASN E 559 -21.76 9.92 23.12
C ASN E 559 -22.92 8.93 23.16
N PHE E 560 -23.76 8.96 22.14
CA PHE E 560 -24.98 8.16 22.11
C PHE E 560 -24.78 6.92 21.26
N ASN E 561 -25.39 5.82 21.71
CA ASN E 561 -25.36 4.55 21.00
C ASN E 561 -26.76 3.95 21.08
N PHE E 562 -27.53 4.13 20.01
CA PHE E 562 -28.88 3.58 19.90
C PHE E 562 -28.82 2.37 18.98
N ASN E 563 -28.86 1.18 19.57
CA ASN E 563 -28.75 -0.08 18.83
C ASN E 563 -27.45 -0.11 18.02
N GLY E 564 -27.57 0.08 16.71
CA GLY E 564 -26.42 0.09 15.83
C GLY E 564 -25.93 1.46 15.40
N LEU E 565 -26.61 2.53 15.78
CA LEU E 565 -26.24 3.87 15.39
C LEU E 565 -25.46 4.52 16.52
N THR E 566 -24.22 4.90 16.25
CA THR E 566 -23.34 5.51 17.25
C THR E 566 -22.94 6.89 16.78
N GLY E 567 -22.80 7.81 17.73
CA GLY E 567 -22.38 9.16 17.39
C GLY E 567 -22.19 9.98 18.65
N THR E 568 -21.92 11.27 18.43
CA THR E 568 -21.74 12.21 19.53
C THR E 568 -22.48 13.49 19.19
N GLY E 569 -23.26 14.00 20.14
CA GLY E 569 -24.01 15.21 19.89
C GLY E 569 -24.94 15.52 21.05
N VAL E 570 -25.86 16.46 20.79
CA VAL E 570 -26.83 16.92 21.77
C VAL E 570 -28.21 16.42 21.36
N LEU E 571 -28.90 15.76 22.28
CA LEU E 571 -30.22 15.20 22.01
C LEU E 571 -31.28 16.12 22.59
N THR E 572 -32.18 16.59 21.74
CA THR E 572 -33.26 17.49 22.15
C THR E 572 -34.60 16.92 21.70
N GLU E 573 -35.67 17.48 22.24
CA GLU E 573 -37.02 17.06 21.87
C GLU E 573 -37.28 17.39 20.40
N SER E 574 -37.96 16.48 19.72
CA SER E 574 -38.22 16.60 18.29
C SER E 574 -39.71 16.79 18.03
N ASN E 575 -40.02 17.68 17.09
CA ASN E 575 -41.40 17.91 16.66
C ASN E 575 -41.78 17.12 15.42
N LYS E 576 -40.87 16.32 14.88
CA LYS E 576 -41.15 15.55 13.69
C LYS E 576 -41.95 14.29 14.04
N LYS E 577 -42.48 13.66 13.00
CA LYS E 577 -43.29 12.45 13.15
C LYS E 577 -42.67 11.35 12.31
N PHE E 578 -42.43 10.20 12.93
CA PHE E 578 -41.86 9.05 12.25
C PHE E 578 -42.95 8.04 11.89
N LEU E 579 -42.69 7.27 10.84
CA LEU E 579 -43.54 6.13 10.53
C LEU E 579 -43.36 5.05 11.59
N PRO E 580 -44.39 4.23 11.82
CA PRO E 580 -44.30 3.24 12.90
C PRO E 580 -43.13 2.28 12.77
N PHE E 581 -42.75 1.90 11.55
CA PHE E 581 -41.64 0.98 11.35
C PHE E 581 -40.29 1.67 11.26
N GLN E 582 -40.26 2.99 11.07
CA GLN E 582 -39.00 3.70 10.92
C GLN E 582 -38.33 3.91 12.27
N GLN E 583 -37.00 3.84 12.27
CA GLN E 583 -36.22 3.98 13.51
C GLN E 583 -35.48 5.30 13.61
N PHE E 584 -34.86 5.77 12.53
CA PHE E 584 -34.12 7.02 12.58
C PHE E 584 -34.26 7.74 11.25
N GLY E 585 -34.08 9.05 11.30
CA GLY E 585 -34.23 9.91 10.14
C GLY E 585 -32.88 10.42 9.65
N ARG E 586 -32.77 10.61 8.34
CA ARG E 586 -31.53 11.03 7.72
C ARG E 586 -31.77 12.32 6.93
N ASP E 587 -30.78 13.20 6.95
CA ASP E 587 -30.89 14.48 6.25
C ASP E 587 -30.56 14.30 4.77
N ILE E 588 -30.59 15.40 4.03
CA ILE E 588 -30.34 15.37 2.59
C ILE E 588 -28.89 15.07 2.26
N ALA E 589 -27.98 15.17 3.23
CA ALA E 589 -26.56 14.92 3.02
C ALA E 589 -26.11 13.59 3.63
N ASP E 590 -27.01 12.61 3.69
CA ASP E 590 -26.71 11.30 4.25
C ASP E 590 -26.18 11.40 5.69
N THR E 591 -26.80 12.28 6.47
CA THR E 591 -26.43 12.48 7.87
C THR E 591 -27.64 12.23 8.74
N THR E 592 -27.46 11.46 9.82
CA THR E 592 -28.54 11.18 10.74
C THR E 592 -28.94 12.44 11.50
N ASP E 593 -30.24 12.73 11.54
CA ASP E 593 -30.74 13.94 12.18
C ASP E 593 -31.73 13.67 13.29
N ALA E 594 -32.55 12.63 13.19
CA ALA E 594 -33.51 12.30 14.22
C ALA E 594 -33.48 10.81 14.49
N VAL E 595 -33.70 10.44 15.75
CA VAL E 595 -33.68 9.05 16.18
C VAL E 595 -34.90 8.78 17.06
N ARG E 596 -35.17 7.49 17.25
CA ARG E 596 -36.24 7.03 18.12
C ARG E 596 -35.65 6.23 19.26
N ASP E 597 -36.08 6.54 20.48
CA ASP E 597 -35.58 5.82 21.65
C ASP E 597 -36.13 4.40 21.65
N PRO E 598 -35.28 3.38 21.74
CA PRO E 598 -35.79 2.00 21.70
C PRO E 598 -36.76 1.67 22.82
N GLN E 599 -36.57 2.24 24.01
CA GLN E 599 -37.44 1.93 25.15
C GLN E 599 -38.72 2.76 25.11
N THR E 600 -38.59 4.08 25.13
CA THR E 600 -39.73 4.98 25.08
C THR E 600 -39.95 5.44 23.65
N LEU E 601 -41.19 5.35 23.18
CA LEU E 601 -41.50 5.71 21.81
C LEU E 601 -41.49 7.22 21.63
N GLU E 602 -40.30 7.82 21.63
CA GLU E 602 -40.13 9.25 21.48
C GLU E 602 -39.14 9.55 20.36
N ILE E 603 -39.25 10.73 19.79
CA ILE E 603 -38.40 11.18 18.69
C ILE E 603 -37.48 12.27 19.24
N LEU E 604 -36.18 12.12 18.96
CA LEU E 604 -35.17 13.04 19.47
C LEU E 604 -34.33 13.56 18.32
N ASP E 605 -34.13 14.88 18.29
CA ASP E 605 -33.26 15.50 17.31
C ASP E 605 -31.82 15.50 17.82
N ILE E 606 -30.89 15.20 16.92
CA ILE E 606 -29.46 15.16 17.23
C ILE E 606 -28.81 16.37 16.59
N THR E 607 -28.27 17.25 17.41
CA THR E 607 -27.55 18.42 16.94
C THR E 607 -26.06 18.22 17.14
N PRO E 608 -25.23 18.48 16.13
CA PRO E 608 -23.78 18.35 16.32
C PRO E 608 -23.29 19.30 17.40
N CYS E 609 -22.28 18.85 18.14
CA CYS E 609 -21.75 19.65 19.23
C CYS E 609 -21.17 20.95 18.72
N SER E 610 -21.37 22.02 19.49
CA SER E 610 -20.93 23.34 19.07
C SER E 610 -19.43 23.37 18.86
N PHE E 611 -19.00 23.94 17.73
CA PHE E 611 -17.59 24.06 17.41
C PHE E 611 -17.42 25.20 16.43
N GLY E 612 -16.25 25.82 16.44
CA GLY E 612 -15.97 26.90 15.53
C GLY E 612 -14.63 27.54 15.80
N GLY E 613 -14.19 28.33 14.83
CA GLY E 613 -12.88 28.95 14.93
C GLY E 613 -12.79 29.93 16.08
N VAL E 614 -11.57 30.16 16.54
CA VAL E 614 -11.27 31.09 17.62
C VAL E 614 -10.19 32.03 17.12
N SER E 615 -10.53 33.31 17.01
CA SER E 615 -9.61 34.33 16.54
C SER E 615 -9.33 35.34 17.64
N VAL E 616 -8.27 36.10 17.46
CA VAL E 616 -7.85 37.11 18.43
C VAL E 616 -7.90 38.46 17.74
N ILE E 617 -8.61 39.40 18.35
CA ILE E 617 -8.72 40.77 17.87
C ILE E 617 -7.93 41.64 18.82
N THR E 618 -6.90 42.31 18.31
CA THR E 618 -6.04 43.13 19.14
C THR E 618 -5.34 44.16 18.26
N PRO E 619 -5.03 45.33 18.80
CA PRO E 619 -4.14 46.25 18.09
C PRO E 619 -2.71 45.73 18.10
N GLY E 620 -1.84 46.47 17.43
CA GLY E 620 -0.44 46.07 17.37
C GLY E 620 0.17 46.05 18.76
N THR E 621 1.09 45.11 18.97
CA THR E 621 1.78 45.01 20.25
C THR E 621 2.62 46.25 20.55
N ASN E 622 2.93 47.05 19.53
CA ASN E 622 3.59 48.33 19.77
C ASN E 622 2.72 49.30 20.55
N THR E 623 1.41 49.06 20.61
CA THR E 623 0.48 49.94 21.31
C THR E 623 0.07 49.41 22.67
N SER E 624 -0.46 48.18 22.72
CA SER E 624 -0.91 47.60 23.98
C SER E 624 -0.91 46.09 23.86
N ASN E 625 -0.93 45.43 25.01
CA ASN E 625 -0.97 43.97 25.09
C ASN E 625 -2.37 43.44 25.37
N GLN E 626 -3.38 44.31 25.35
CA GLN E 626 -4.76 43.89 25.60
C GLN E 626 -5.36 43.27 24.35
N VAL E 627 -6.03 42.13 24.52
CA VAL E 627 -6.59 41.37 23.41
C VAL E 627 -8.04 41.02 23.70
N ALA E 628 -8.75 40.63 22.66
CA ALA E 628 -10.12 40.13 22.75
C ALA E 628 -10.23 38.84 21.97
N VAL E 629 -11.13 37.97 22.39
CA VAL E 629 -11.27 36.63 21.83
C VAL E 629 -12.62 36.52 21.13
N LEU E 630 -12.61 36.07 19.89
CA LEU E 630 -13.82 35.88 19.11
C LEU E 630 -14.02 34.40 18.82
N TYR E 631 -15.19 33.87 19.17
CA TYR E 631 -15.58 32.51 18.87
C TYR E 631 -16.63 32.54 17.77
N GLN E 632 -16.31 31.91 16.63
CA GLN E 632 -17.23 31.85 15.52
C GLN E 632 -18.42 30.97 15.88
N ASP E 633 -19.61 31.38 15.41
CA ASP E 633 -20.87 30.63 15.43
C ASP E 633 -21.04 29.75 16.66
N VAL E 634 -20.74 30.29 17.84
CA VAL E 634 -20.92 29.60 19.11
C VAL E 634 -21.69 30.51 20.04
N ASN E 635 -22.77 30.01 20.62
CA ASN E 635 -23.54 30.77 21.58
C ASN E 635 -22.70 31.05 22.82
N CYS E 636 -22.88 32.23 23.40
CA CYS E 636 -22.09 32.64 24.55
C CYS E 636 -22.37 31.79 25.78
N THR E 637 -23.51 31.09 25.82
CA THR E 637 -23.82 30.24 26.97
C THR E 637 -22.97 28.98 27.00
N GLU E 638 -22.49 28.51 25.84
CA GLU E 638 -21.72 27.28 25.77
C GLU E 638 -20.23 27.49 26.07
N VAL E 639 -19.79 28.73 26.26
CA VAL E 639 -18.39 29.00 26.54
C VAL E 639 -18.06 28.68 27.99
N ASN E 660 -17.25 41.19 30.32
CA ASN E 660 -17.50 41.76 29.01
C ASN E 660 -17.73 40.65 27.98
N VAL E 661 -18.98 40.22 27.85
CA VAL E 661 -19.38 39.18 26.90
C VAL E 661 -20.46 39.76 26.01
N PHE E 662 -20.28 39.61 24.69
CA PHE E 662 -21.21 40.15 23.71
C PHE E 662 -21.57 39.05 22.74
N GLN E 663 -22.83 39.03 22.29
CA GLN E 663 -23.32 38.06 21.33
C GLN E 663 -23.70 38.79 20.06
N THR E 664 -23.14 38.36 18.93
CA THR E 664 -23.44 38.94 17.63
C THR E 664 -23.67 37.82 16.63
N ARG E 665 -24.12 38.20 15.43
CA ARG E 665 -24.35 37.22 14.38
C ARG E 665 -23.08 36.46 14.00
N ALA E 666 -21.90 37.06 14.21
CA ALA E 666 -20.65 36.38 13.96
C ALA E 666 -20.27 35.40 15.06
N GLY E 667 -20.89 35.49 16.23
CA GLY E 667 -20.57 34.58 17.31
C GLY E 667 -20.52 35.23 18.68
N CYS E 668 -19.53 34.85 19.47
CA CYS E 668 -19.38 35.35 20.83
C CYS E 668 -18.07 36.09 20.98
N LEU E 669 -18.13 37.32 21.47
CA LEU E 669 -16.96 38.17 21.64
C LEU E 669 -16.72 38.40 23.13
N ILE E 670 -15.51 38.10 23.58
CA ILE E 670 -15.14 38.20 24.99
C ILE E 670 -13.96 39.15 25.11
N GLY E 671 -14.06 40.10 26.04
CA GLY E 671 -13.02 41.06 26.28
C GLY E 671 -13.27 42.43 25.69
N ALA E 672 -14.28 42.58 24.84
CA ALA E 672 -14.61 43.85 24.22
C ALA E 672 -15.96 44.35 24.72
N GLU E 673 -16.06 45.66 24.89
CA GLU E 673 -17.28 46.31 25.34
C GLU E 673 -17.97 46.95 24.15
N HIS E 674 -19.21 46.55 23.89
CA HIS E 674 -19.96 47.10 22.78
C HIS E 674 -20.53 48.47 23.14
N VAL E 675 -20.47 49.40 22.18
CA VAL E 675 -20.94 50.76 22.37
C VAL E 675 -21.99 51.06 21.31
N ASN E 676 -22.63 52.22 21.47
CA ASN E 676 -23.69 52.62 20.55
C ASN E 676 -23.20 53.54 19.44
N ASN E 677 -22.19 54.36 19.70
CA ASN E 677 -21.68 55.27 18.68
C ASN E 677 -21.03 54.49 17.55
N SER E 678 -21.15 55.02 16.34
CA SER E 678 -20.65 54.36 15.13
C SER E 678 -19.45 55.11 14.57
N TYR E 679 -18.48 54.35 14.06
CA TYR E 679 -17.28 54.91 13.45
C TYR E 679 -16.95 54.10 12.21
N GLU E 680 -15.88 54.50 11.53
CA GLU E 680 -15.35 53.71 10.43
C GLU E 680 -14.71 52.44 10.97
N CYS E 681 -14.79 51.37 10.16
CA CYS E 681 -14.27 50.08 10.59
C CYS E 681 -12.74 50.12 10.67
N ASP E 682 -12.21 49.52 11.73
CA ASP E 682 -10.77 49.42 11.94
C ASP E 682 -10.27 48.00 11.88
N ILE E 683 -10.82 47.10 12.69
CA ILE E 683 -10.55 45.67 12.64
C ILE E 683 -11.85 44.96 12.35
N PRO E 684 -12.05 44.46 11.13
CA PRO E 684 -13.35 43.87 10.78
C PRO E 684 -13.58 42.56 11.52
N ILE E 685 -14.71 42.49 12.21
CA ILE E 685 -15.16 41.27 12.86
C ILE E 685 -16.16 40.52 11.98
N GLY E 686 -17.13 41.23 11.44
CA GLY E 686 -18.10 40.66 10.53
C GLY E 686 -19.52 40.88 10.99
N ALA E 687 -20.44 40.61 10.07
CA ALA E 687 -21.88 40.67 10.33
C ALA E 687 -22.29 42.01 10.93
N GLY E 688 -21.68 43.08 10.42
CA GLY E 688 -21.99 44.41 10.89
C GLY E 688 -21.25 44.86 12.13
N ILE E 689 -20.20 44.14 12.55
CA ILE E 689 -19.44 44.48 13.75
C ILE E 689 -17.98 44.69 13.38
N CYS E 690 -17.41 45.81 13.84
CA CYS E 690 -15.99 46.09 13.73
C CYS E 690 -15.47 46.59 15.07
N ALA E 691 -14.21 46.24 15.37
CA ALA E 691 -13.60 46.55 16.65
C ALA E 691 -12.50 47.60 16.48
N SER E 692 -12.23 48.31 17.57
CA SER E 692 -11.19 49.33 17.59
C SER E 692 -10.69 49.53 19.01
N TYR E 693 -9.42 49.93 19.12
CA TYR E 693 -8.80 50.24 20.40
C TYR E 693 -8.95 51.73 20.66
N GLN E 694 -9.71 52.08 21.71
CA GLN E 694 -10.02 53.47 21.97
C GLN E 694 -9.76 53.80 23.44
N THR E 695 -9.38 55.05 23.69
CA THR E 695 -9.11 55.51 25.04
C THR E 695 -10.39 55.89 25.76
N GLN E 709 -7.96 53.12 28.32
CA GLN E 709 -8.11 52.61 26.96
C GLN E 709 -8.45 51.12 26.97
N SER E 710 -9.25 50.71 26.00
CA SER E 710 -9.67 49.32 25.90
C SER E 710 -10.16 49.05 24.47
N ILE E 711 -10.47 47.78 24.22
CA ILE E 711 -10.97 47.35 22.93
C ILE E 711 -12.50 47.39 22.96
N ILE E 712 -13.09 48.02 21.94
CA ILE E 712 -14.53 48.16 21.85
C ILE E 712 -15.00 47.64 20.49
N ALA E 713 -16.27 47.28 20.44
CA ALA E 713 -16.91 46.78 19.21
C ALA E 713 -18.14 47.61 18.91
N TYR E 714 -18.39 47.85 17.62
CA TYR E 714 -19.49 48.71 17.24
C TYR E 714 -19.92 48.41 15.81
N THR E 715 -21.12 48.86 15.47
CA THR E 715 -21.61 48.80 14.10
C THR E 715 -20.98 49.94 13.29
N MET E 716 -20.55 49.62 12.07
CA MET E 716 -19.85 50.61 11.26
C MET E 716 -20.77 51.77 10.88
N SER E 717 -20.14 52.89 10.56
CA SER E 717 -20.78 53.97 9.82
C SER E 717 -20.25 53.95 8.40
N LEU E 718 -21.15 53.91 7.42
CA LEU E 718 -20.76 53.83 6.03
C LEU E 718 -20.26 55.16 5.49
N GLY E 719 -19.99 56.12 6.36
CA GLY E 719 -19.55 57.44 5.95
C GLY E 719 -20.46 58.51 6.52
N ALA E 720 -19.94 59.72 6.65
CA ALA E 720 -20.75 60.82 7.17
C ALA E 720 -21.86 61.15 6.18
N GLU E 721 -23.09 61.23 6.68
CA GLU E 721 -24.22 61.57 5.83
C GLU E 721 -24.09 63.00 5.32
N ASN E 722 -24.49 63.22 4.07
CA ASN E 722 -24.37 64.53 3.42
C ASN E 722 -25.60 64.71 2.54
N SER E 723 -26.58 65.41 3.06
CA SER E 723 -27.75 65.76 2.27
C SER E 723 -27.35 66.76 1.19
N VAL E 724 -27.89 66.56 -0.02
CA VAL E 724 -27.71 67.49 -1.12
C VAL E 724 -28.94 68.38 -1.21
N ALA E 725 -28.71 69.69 -1.34
CA ALA E 725 -29.80 70.67 -1.38
C ALA E 725 -30.41 70.70 -2.79
N TYR E 726 -30.97 69.56 -3.17
CA TYR E 726 -31.52 69.42 -4.51
C TYR E 726 -32.78 70.26 -4.67
N SER E 727 -32.96 70.76 -5.89
CA SER E 727 -34.17 71.52 -6.25
C SER E 727 -34.28 71.46 -7.77
N ASN E 728 -35.15 72.31 -8.31
CA ASN E 728 -35.32 72.38 -9.75
C ASN E 728 -34.70 73.63 -10.37
N ASN E 729 -34.14 74.53 -9.56
CA ASN E 729 -33.57 75.75 -10.11
C ASN E 729 -32.28 76.17 -9.39
N SER E 730 -31.52 75.21 -8.87
CA SER E 730 -30.29 75.51 -8.15
C SER E 730 -29.17 74.64 -8.68
N ILE E 731 -28.00 75.25 -8.91
CA ILE E 731 -26.83 74.53 -9.41
C ILE E 731 -25.61 74.97 -8.61
N ALA E 732 -24.74 74.01 -8.30
CA ALA E 732 -23.48 74.27 -7.61
C ALA E 732 -22.34 74.20 -8.62
N ILE E 733 -21.57 75.28 -8.71
CA ILE E 733 -20.47 75.39 -9.66
C ILE E 733 -19.19 75.64 -8.88
N PRO E 734 -18.13 74.88 -9.12
CA PRO E 734 -16.87 75.15 -8.43
C PRO E 734 -16.22 76.43 -8.93
N THR E 735 -15.57 77.15 -8.03
CA THR E 735 -14.83 78.36 -8.36
C THR E 735 -13.33 78.20 -8.17
N ASN E 736 -12.88 77.14 -7.51
CA ASN E 736 -11.47 76.89 -7.30
C ASN E 736 -11.19 75.41 -7.50
N PHE E 737 -9.93 75.09 -7.75
CA PHE E 737 -9.56 73.72 -8.09
C PHE E 737 -8.22 73.38 -7.46
N THR E 738 -7.93 72.08 -7.44
CA THR E 738 -6.68 71.56 -6.91
C THR E 738 -6.13 70.51 -7.86
N ILE E 739 -4.82 70.34 -7.81
CA ILE E 739 -4.12 69.31 -8.56
C ILE E 739 -3.67 68.26 -7.55
N SER E 740 -4.17 67.04 -7.71
CA SER E 740 -3.93 65.96 -6.76
C SER E 740 -3.13 64.85 -7.41
N VAL E 741 -2.13 64.35 -6.71
CA VAL E 741 -1.30 63.24 -7.17
C VAL E 741 -1.62 62.03 -6.32
N THR E 742 -1.92 60.90 -6.98
CA THR E 742 -2.23 59.66 -6.31
C THR E 742 -1.25 58.58 -6.75
N THR E 743 -1.05 57.59 -5.89
CA THR E 743 -0.12 56.50 -6.13
C THR E 743 -0.88 55.21 -6.34
N GLU E 744 -0.58 54.51 -7.43
CA GLU E 744 -1.22 53.23 -7.74
C GLU E 744 -0.13 52.20 -8.00
N ILE E 745 -0.08 51.16 -7.19
CA ILE E 745 0.97 50.15 -7.24
C ILE E 745 0.39 48.87 -7.83
N LEU E 746 1.08 48.31 -8.82
CA LEU E 746 0.61 47.09 -9.48
C LEU E 746 1.77 46.10 -9.61
N PRO E 747 1.60 44.87 -9.14
CA PRO E 747 2.62 43.84 -9.39
C PRO E 747 2.69 43.52 -10.88
N VAL E 748 3.90 43.18 -11.32
CA VAL E 748 4.17 42.90 -12.73
C VAL E 748 4.66 41.47 -12.93
N SER E 749 5.74 41.10 -12.25
CA SER E 749 6.34 39.79 -12.41
C SER E 749 6.54 39.14 -11.04
N MET E 750 6.92 37.87 -11.08
CA MET E 750 7.20 37.09 -9.88
C MET E 750 8.51 36.34 -10.07
N THR E 751 9.05 35.85 -8.96
CA THR E 751 10.33 35.16 -8.99
C THR E 751 10.25 33.93 -9.89
N LYS E 752 11.24 33.79 -10.77
CA LYS E 752 11.27 32.70 -11.74
C LYS E 752 11.94 31.48 -11.10
N THR E 753 11.12 30.70 -10.39
CA THR E 753 11.61 29.52 -9.70
C THR E 753 11.50 28.30 -10.61
N SER E 754 12.58 27.51 -10.68
CA SER E 754 12.59 26.27 -11.43
C SER E 754 13.07 25.16 -10.51
N VAL E 755 12.26 24.12 -10.36
CA VAL E 755 12.55 23.02 -9.45
C VAL E 755 12.73 21.74 -10.26
N ASP E 756 13.84 21.06 -10.02
CA ASP E 756 14.08 19.77 -10.67
C ASP E 756 13.28 18.69 -9.94
N CYS E 757 12.38 18.04 -10.65
CA CYS E 757 11.54 17.01 -10.04
C CYS E 757 12.36 15.85 -9.53
N THR E 758 13.32 15.38 -10.32
CA THR E 758 14.04 14.15 -9.98
C THR E 758 14.87 14.33 -8.71
N MET E 759 15.68 15.39 -8.66
CA MET E 759 16.53 15.59 -7.49
C MET E 759 15.71 15.91 -6.25
N TYR E 760 14.65 16.72 -6.39
CA TYR E 760 13.83 17.04 -5.23
C TYR E 760 13.15 15.80 -4.67
N ILE E 761 12.58 14.96 -5.54
CA ILE E 761 11.97 13.73 -5.06
C ILE E 761 13.03 12.74 -4.60
N CYS E 762 14.10 12.57 -5.38
CA CYS E 762 15.13 11.59 -5.09
C CYS E 762 16.46 12.30 -4.90
N GLY E 763 17.01 12.23 -3.70
CA GLY E 763 18.28 12.86 -3.41
C GLY E 763 19.48 12.11 -3.94
N ASP E 764 19.59 12.03 -5.27
CA ASP E 764 20.72 11.38 -5.94
C ASP E 764 20.87 9.93 -5.48
N SER E 765 19.78 9.17 -5.56
CA SER E 765 19.77 7.75 -5.24
C SER E 765 19.37 6.96 -6.47
N THR E 766 20.18 5.97 -6.83
CA THR E 766 19.90 5.18 -8.03
C THR E 766 18.61 4.38 -7.86
N GLU E 767 18.41 3.78 -6.70
CA GLU E 767 17.18 3.02 -6.46
C GLU E 767 15.95 3.91 -6.51
N CYS E 768 16.06 5.11 -5.92
CA CYS E 768 14.93 6.03 -5.94
C CYS E 768 14.60 6.45 -7.37
N SER E 769 15.61 6.74 -8.18
CA SER E 769 15.36 7.11 -9.57
C SER E 769 14.74 5.94 -10.34
N ASN E 770 15.23 4.72 -10.10
CA ASN E 770 14.65 3.55 -10.77
C ASN E 770 13.19 3.38 -10.39
N LEU E 771 12.86 3.57 -9.12
CA LEU E 771 11.46 3.48 -8.69
C LEU E 771 10.63 4.60 -9.32
N LEU E 772 11.20 5.80 -9.41
CA LEU E 772 10.47 6.94 -9.98
C LEU E 772 10.20 6.73 -11.47
N LEU E 773 11.07 6.01 -12.17
CA LEU E 773 10.89 5.82 -13.60
C LEU E 773 9.58 5.12 -13.95
N GLN E 774 8.97 4.42 -13.00
CA GLN E 774 7.72 3.71 -13.26
C GLN E 774 6.52 4.64 -13.39
N TYR E 775 6.65 5.91 -13.04
CA TYR E 775 5.52 6.83 -13.04
C TYR E 775 5.35 7.58 -14.36
N GLY E 776 6.18 7.30 -15.35
CA GLY E 776 6.01 7.93 -16.65
C GLY E 776 6.69 9.28 -16.70
N SER E 777 6.02 10.26 -17.31
CA SER E 777 6.59 11.57 -17.59
C SER E 777 5.95 12.66 -16.73
N PHE E 778 5.68 12.36 -15.46
CA PHE E 778 5.16 13.38 -14.56
C PHE E 778 6.15 14.53 -14.42
N CYS E 779 7.40 14.21 -14.09
CA CYS E 779 8.39 15.24 -13.83
C CYS E 779 8.60 16.11 -15.05
N THR E 780 8.53 15.52 -16.25
CA THR E 780 8.63 16.30 -17.47
C THR E 780 7.51 17.32 -17.56
N GLN E 781 6.27 16.91 -17.23
CA GLN E 781 5.15 17.84 -17.26
C GLN E 781 5.32 18.96 -16.25
N LEU E 782 5.77 18.62 -15.03
CA LEU E 782 5.96 19.64 -14.01
C LEU E 782 7.03 20.64 -14.43
N ASN E 783 8.15 20.15 -14.99
CA ASN E 783 9.20 21.05 -15.46
C ASN E 783 8.71 21.91 -16.62
N ARG E 784 7.89 21.33 -17.49
CA ARG E 784 7.34 22.11 -18.60
C ARG E 784 6.46 23.23 -18.09
N ALA E 785 5.62 22.94 -17.09
CA ALA E 785 4.77 23.98 -16.52
C ALA E 785 5.59 25.09 -15.88
N LEU E 786 6.63 24.70 -15.13
CA LEU E 786 7.49 25.71 -14.50
C LEU E 786 8.20 26.56 -15.54
N THR E 787 8.69 25.95 -16.61
CA THR E 787 9.34 26.70 -17.67
C THR E 787 8.36 27.65 -18.36
N GLY E 788 7.12 27.19 -18.57
CA GLY E 788 6.12 28.07 -19.15
C GLY E 788 5.85 29.27 -18.27
N ILE E 789 5.76 29.06 -16.96
CA ILE E 789 5.56 30.18 -16.05
C ILE E 789 6.75 31.14 -16.10
N ALA E 790 7.97 30.59 -16.13
CA ALA E 790 9.16 31.42 -16.17
C ALA E 790 9.19 32.28 -17.43
N VAL E 791 8.84 31.68 -18.58
CA VAL E 791 8.80 32.44 -19.82
C VAL E 791 7.70 33.49 -19.79
N GLU E 792 6.54 33.14 -19.21
CA GLU E 792 5.44 34.08 -19.09
C GLU E 792 5.82 35.28 -18.24
N GLN E 793 6.70 35.09 -17.25
CA GLN E 793 7.15 36.23 -16.45
C GLN E 793 7.86 37.26 -17.31
N ASP E 794 8.84 36.82 -18.12
CA ASP E 794 9.54 37.75 -18.99
C ASP E 794 8.61 38.35 -20.03
N LYS E 795 7.66 37.55 -20.53
CA LYS E 795 6.69 38.08 -21.48
C LYS E 795 5.86 39.19 -20.86
N ASN E 796 5.42 38.99 -19.61
CA ASN E 796 4.65 40.02 -18.91
C ASN E 796 5.48 41.28 -18.73
N THR E 797 6.74 41.13 -18.32
CA THR E 797 7.58 42.29 -18.11
C THR E 797 7.76 43.08 -19.41
N GLN E 798 8.04 42.37 -20.51
CA GLN E 798 8.23 43.04 -21.78
C GLN E 798 6.96 43.73 -22.25
N GLU E 799 5.81 43.07 -22.06
CA GLU E 799 4.54 43.69 -22.44
C GLU E 799 4.27 44.96 -21.64
N VAL E 800 4.55 44.92 -20.33
CA VAL E 800 4.26 46.05 -19.48
C VAL E 800 5.18 47.23 -19.81
N PHE E 801 6.48 46.97 -19.94
CA PHE E 801 7.44 48.05 -20.06
C PHE E 801 7.82 48.37 -21.51
N ALA E 802 8.26 47.36 -22.27
CA ALA E 802 8.83 47.59 -23.59
C ALA E 802 7.72 47.92 -24.61
N GLN E 803 7.14 49.11 -24.44
CA GLN E 803 6.12 49.61 -25.34
C GLN E 803 6.61 50.79 -26.17
N VAL E 804 7.90 51.12 -26.08
CA VAL E 804 8.50 52.19 -26.87
C VAL E 804 9.73 51.64 -27.58
N LYS E 805 9.88 51.99 -28.85
CA LYS E 805 10.96 51.45 -29.68
C LYS E 805 12.19 52.34 -29.70
N GLN E 806 12.17 53.48 -29.01
CA GLN E 806 13.31 54.38 -28.95
C GLN E 806 13.56 54.81 -27.52
N ILE E 807 14.81 55.13 -27.22
CA ILE E 807 15.21 55.57 -25.89
C ILE E 807 15.39 57.08 -25.94
N TYR E 808 14.42 57.82 -25.43
CA TYR E 808 14.49 59.26 -25.38
C TYR E 808 15.25 59.71 -24.13
N LYS E 809 15.92 60.86 -24.24
CA LYS E 809 16.62 61.44 -23.11
C LYS E 809 16.30 62.93 -23.04
N THR E 810 16.06 63.42 -21.83
CA THR E 810 15.60 64.79 -21.65
C THR E 810 16.70 65.80 -21.98
N PRO E 811 16.33 67.01 -22.41
CA PRO E 811 17.34 68.04 -22.64
C PRO E 811 17.98 68.46 -21.34
N PRO E 812 19.25 68.90 -21.38
CA PRO E 812 19.93 69.30 -20.14
C PRO E 812 19.25 70.44 -19.41
N ILE E 813 18.65 71.39 -20.12
CA ILE E 813 17.99 72.53 -19.49
C ILE E 813 16.62 72.07 -19.00
N LYS E 814 16.38 72.18 -17.69
CA LYS E 814 15.12 71.75 -17.09
C LYS E 814 14.17 72.94 -16.95
N ASP E 815 13.71 73.43 -18.11
CA ASP E 815 12.78 74.54 -18.18
C ASP E 815 11.42 73.98 -18.61
N PHE E 816 10.49 73.90 -17.67
CA PHE E 816 9.16 73.35 -17.93
C PHE E 816 8.08 74.22 -17.30
N GLY E 817 8.21 75.54 -17.47
CA GLY E 817 7.18 76.45 -16.98
C GLY E 817 7.04 76.50 -15.48
N GLY E 818 8.08 76.12 -14.74
CA GLY E 818 8.06 76.12 -13.30
C GLY E 818 7.85 74.77 -12.66
N PHE E 819 7.41 73.78 -13.42
CA PHE E 819 7.24 72.43 -12.89
C PHE E 819 8.59 71.80 -12.64
N ASN E 820 8.78 71.23 -11.45
CA ASN E 820 10.03 70.58 -11.09
C ASN E 820 9.85 69.08 -11.13
N PHE E 821 10.63 68.40 -11.98
CA PHE E 821 10.55 66.96 -12.14
C PHE E 821 11.79 66.25 -11.61
N SER E 822 12.55 66.89 -10.73
CA SER E 822 13.79 66.29 -10.24
C SER E 822 13.51 65.00 -9.46
N GLN E 823 12.42 64.99 -8.68
CA GLN E 823 12.13 63.83 -7.85
C GLN E 823 11.76 62.60 -8.68
N ILE E 824 11.20 62.81 -9.87
CA ILE E 824 10.73 61.68 -10.67
C ILE E 824 11.74 61.35 -11.76
N LEU E 825 12.49 62.34 -12.23
CA LEU E 825 13.48 62.06 -13.25
C LEU E 825 14.68 61.32 -12.64
N PRO E 826 15.33 60.46 -13.43
CA PRO E 826 16.54 59.80 -12.94
C PRO E 826 17.66 60.80 -12.73
N ASP E 827 18.53 60.49 -11.77
CA ASP E 827 19.64 61.36 -11.47
C ASP E 827 20.96 60.65 -11.72
N PRO E 828 21.99 61.38 -12.14
CA PRO E 828 23.30 60.76 -12.36
C PRO E 828 24.10 60.53 -11.08
N SER E 829 23.64 61.04 -9.95
CA SER E 829 24.39 60.87 -8.70
C SER E 829 24.42 59.41 -8.27
N LYS E 830 23.27 58.76 -8.24
CA LYS E 830 23.24 57.35 -7.87
C LYS E 830 23.76 56.49 -9.02
N PRO E 831 24.58 55.48 -8.71
CA PRO E 831 25.09 54.61 -9.79
C PRO E 831 24.00 53.88 -10.54
N SER E 832 22.90 53.53 -9.88
CA SER E 832 21.80 52.84 -10.55
C SER E 832 21.05 53.73 -11.51
N LYS E 833 21.32 55.04 -11.51
CA LYS E 833 20.64 55.99 -12.39
C LYS E 833 19.12 55.93 -12.19
N ARG E 834 18.70 55.79 -10.95
CA ARG E 834 17.29 55.71 -10.59
C ARG E 834 16.84 57.00 -9.93
N SER E 835 15.55 57.28 -10.06
CA SER E 835 14.97 58.46 -9.44
C SER E 835 14.93 58.28 -7.92
N PRO E 836 14.96 59.39 -7.17
CA PRO E 836 14.82 59.27 -5.70
C PRO E 836 13.57 58.52 -5.28
N ILE E 837 12.47 58.70 -6.00
CA ILE E 837 11.27 57.92 -5.72
C ILE E 837 11.55 56.44 -5.96
N GLU E 838 12.24 56.13 -7.06
CA GLU E 838 12.62 54.75 -7.33
C GLU E 838 13.52 54.20 -6.24
N ASP E 839 14.47 55.01 -5.77
CA ASP E 839 15.36 54.57 -4.70
C ASP E 839 14.58 54.28 -3.42
N LEU E 840 13.63 55.15 -3.08
CA LEU E 840 12.81 54.92 -1.90
C LEU E 840 11.99 53.64 -2.05
N LEU E 841 11.43 53.42 -3.23
CA LEU E 841 10.66 52.19 -3.47
C LEU E 841 11.54 50.95 -3.32
N PHE E 842 12.75 51.00 -3.87
CA PHE E 842 13.64 49.85 -3.79
C PHE E 842 14.13 49.60 -2.37
N ASN E 843 14.31 50.66 -1.59
CA ASN E 843 14.83 50.50 -0.23
C ASN E 843 13.80 49.92 0.72
N LYS E 844 12.51 50.16 0.47
CA LYS E 844 11.45 49.72 1.37
C LYS E 844 11.02 48.28 1.14
N VAL E 845 11.57 47.60 0.13
CA VAL E 845 11.21 46.22 -0.14
C VAL E 845 12.44 45.33 -0.04
N ASN E 875 18.74 22.25 -2.73
CA ASN E 875 17.63 21.34 -2.55
C ASN E 875 16.93 21.06 -3.88
N GLY E 876 17.68 21.17 -4.98
CA GLY E 876 17.13 20.91 -6.29
C GLY E 876 16.30 22.03 -6.87
N LEU E 877 16.29 23.20 -6.26
CA LEU E 877 15.53 24.35 -6.74
C LEU E 877 16.47 25.50 -7.04
N THR E 878 16.19 26.22 -8.13
CA THR E 878 17.01 27.33 -8.58
C THR E 878 16.12 28.51 -8.93
N VAL E 879 16.73 29.69 -8.97
CA VAL E 879 16.05 30.92 -9.33
C VAL E 879 16.73 31.48 -10.57
N LEU E 880 15.98 31.58 -11.66
CA LEU E 880 16.52 32.12 -12.90
C LEU E 880 16.41 33.64 -12.89
N PRO E 881 17.50 34.37 -13.13
CA PRO E 881 17.43 35.82 -13.11
C PRO E 881 16.54 36.33 -14.22
N PRO E 882 15.85 37.45 -14.02
CA PRO E 882 15.01 38.01 -15.08
C PRO E 882 15.85 38.45 -16.28
N LEU E 883 15.22 38.40 -17.46
CA LEU E 883 15.91 38.80 -18.67
C LEU E 883 16.31 40.27 -18.62
N LEU E 884 15.41 41.12 -18.13
CA LEU E 884 15.67 42.55 -18.02
C LEU E 884 16.15 42.86 -16.61
N THR E 885 17.33 43.47 -16.51
CA THR E 885 17.83 43.88 -15.20
C THR E 885 17.17 45.18 -14.76
N ASP E 886 17.45 45.58 -13.53
CA ASP E 886 16.85 46.78 -12.98
C ASP E 886 17.29 48.03 -13.75
N GLU E 887 18.54 48.05 -14.22
CA GLU E 887 19.06 49.22 -14.90
C GLU E 887 18.32 49.50 -16.21
N MET E 888 18.07 48.45 -17.01
CA MET E 888 17.36 48.68 -18.25
C MET E 888 15.88 49.00 -18.02
N ILE E 889 15.29 48.47 -16.94
CA ILE E 889 13.94 48.85 -16.58
C ILE E 889 13.90 50.33 -16.22
N ALA E 890 14.90 50.80 -15.46
CA ALA E 890 14.98 52.21 -15.13
C ALA E 890 15.17 53.06 -16.38
N GLN E 891 15.97 52.55 -17.33
CA GLN E 891 16.15 53.27 -18.59
C GLN E 891 14.85 53.38 -19.37
N TYR E 892 14.08 52.29 -19.41
CA TYR E 892 12.78 52.33 -20.09
C TYR E 892 11.85 53.33 -19.44
N THR E 893 11.81 53.34 -18.10
CA THR E 893 10.96 54.30 -17.41
C THR E 893 11.43 55.72 -17.70
N SER E 894 12.74 55.95 -17.71
CA SER E 894 13.27 57.28 -18.01
C SER E 894 12.87 57.70 -19.42
N ALA E 895 12.93 56.78 -20.38
CA ALA E 895 12.51 57.10 -21.73
C ALA E 895 11.02 57.44 -21.78
N LEU E 896 10.20 56.70 -21.03
CA LEU E 896 8.77 56.99 -20.99
C LEU E 896 8.51 58.38 -20.43
N LEU E 897 9.18 58.73 -19.33
CA LEU E 897 9.01 60.07 -18.76
C LEU E 897 9.50 61.15 -19.72
N ALA E 898 10.62 60.92 -20.41
CA ALA E 898 11.09 61.90 -21.36
C ALA E 898 10.09 62.11 -22.49
N GLY E 899 9.53 61.03 -23.01
CA GLY E 899 8.53 61.14 -24.06
C GLY E 899 7.29 61.87 -23.58
N THR E 900 6.80 61.52 -22.39
CA THR E 900 5.61 62.19 -21.86
C THR E 900 5.85 63.67 -21.65
N ILE E 901 7.03 64.02 -21.13
CA ILE E 901 7.31 65.42 -20.82
C ILE E 901 7.48 66.24 -22.09
N THR E 902 8.23 65.73 -23.06
CA THR E 902 8.62 66.54 -24.21
C THR E 902 7.68 66.43 -25.40
N SER E 903 7.00 65.30 -25.57
CA SER E 903 6.20 65.07 -26.76
C SER E 903 4.73 64.78 -26.47
N GLY E 904 4.32 64.74 -25.20
CA GLY E 904 2.94 64.42 -24.89
C GLY E 904 2.61 63.00 -25.30
N TRP E 905 1.48 62.84 -25.99
CA TRP E 905 1.05 61.54 -26.48
C TRP E 905 1.47 61.27 -27.91
N THR E 906 2.16 62.22 -28.56
CA THR E 906 2.53 62.03 -29.95
C THR E 906 3.50 60.87 -30.12
N PHE E 907 4.47 60.74 -29.21
CA PHE E 907 5.45 59.67 -29.34
C PHE E 907 4.82 58.30 -29.20
N GLY E 908 3.78 58.17 -28.38
CA GLY E 908 3.11 56.89 -28.25
C GLY E 908 2.40 56.47 -29.51
N ALA E 909 1.81 57.43 -30.23
CA ALA E 909 1.04 57.15 -31.43
C ALA E 909 1.88 57.15 -32.70
N GLY E 910 3.19 57.34 -32.60
CA GLY E 910 4.05 57.35 -33.75
C GLY E 910 5.34 58.09 -33.52
N PRO E 911 5.68 58.99 -34.44
CA PRO E 911 6.92 59.77 -34.28
C PRO E 911 6.83 60.73 -33.10
N ALA E 912 7.99 61.01 -32.51
CA ALA E 912 8.07 61.89 -31.36
C ALA E 912 8.10 63.33 -31.84
N LEU E 913 7.04 64.08 -31.56
CA LEU E 913 6.95 65.49 -31.93
C LEU E 913 7.08 66.31 -30.66
N GLN E 914 8.15 67.10 -30.57
CA GLN E 914 8.37 67.90 -29.38
C GLN E 914 7.26 68.93 -29.20
N ILE E 915 6.89 69.17 -27.95
CA ILE E 915 5.84 70.11 -27.62
C ILE E 915 6.17 70.70 -26.25
N PRO E 916 6.25 72.02 -26.12
CA PRO E 916 6.55 72.61 -24.81
C PRO E 916 5.46 72.31 -23.81
N PHE E 917 5.86 72.20 -22.55
CA PHE E 917 4.95 71.74 -21.51
C PHE E 917 3.70 72.60 -21.32
N PRO E 918 3.75 73.94 -21.36
CA PRO E 918 2.52 74.71 -21.14
C PRO E 918 1.39 74.39 -22.11
N MET E 919 1.66 74.32 -23.41
CA MET E 919 0.60 73.94 -24.33
C MET E 919 0.17 72.49 -24.17
N GLN E 920 1.06 71.60 -23.73
CA GLN E 920 0.64 70.23 -23.45
C GLN E 920 -0.37 70.20 -22.30
N MET E 921 -0.09 70.97 -21.24
CA MET E 921 -1.05 71.04 -20.14
C MET E 921 -2.34 71.73 -20.58
N ALA E 922 -2.24 72.70 -21.47
CA ALA E 922 -3.44 73.34 -22.01
C ALA E 922 -4.30 72.34 -22.77
N TYR E 923 -3.66 71.48 -23.57
CA TYR E 923 -4.38 70.42 -24.27
C TYR E 923 -5.02 69.46 -23.29
N ARG E 924 -4.30 69.09 -22.23
CA ARG E 924 -4.86 68.14 -21.27
C ARG E 924 -6.06 68.73 -20.53
N PHE E 925 -6.00 70.02 -20.18
CA PHE E 925 -7.17 70.67 -19.61
C PHE E 925 -8.32 70.73 -20.61
N ASN E 926 -8.03 71.06 -21.87
CA ASN E 926 -9.08 71.12 -22.88
C ASN E 926 -9.73 69.76 -23.07
N GLY E 927 -8.98 68.69 -22.81
CA GLY E 927 -9.53 67.35 -22.94
C GLY E 927 -10.63 67.02 -21.93
N ILE E 928 -10.65 67.70 -20.79
CA ILE E 928 -11.64 67.44 -19.75
C ILE E 928 -12.68 68.54 -19.68
N GLY E 929 -12.90 69.26 -20.77
CA GLY E 929 -13.97 70.25 -20.81
C GLY E 929 -13.68 71.55 -20.11
N VAL E 930 -12.41 71.87 -19.84
CA VAL E 930 -12.02 73.13 -19.23
C VAL E 930 -11.11 73.87 -20.20
N THR E 931 -11.46 75.11 -20.50
CA THR E 931 -10.70 75.89 -21.47
C THR E 931 -9.29 76.20 -20.94
N GLN E 932 -8.39 76.47 -21.87
CA GLN E 932 -6.98 76.64 -21.53
C GLN E 932 -6.68 77.98 -20.88
N ASN E 933 -7.59 78.95 -21.00
CA ASN E 933 -7.32 80.28 -20.44
C ASN E 933 -7.17 80.23 -18.94
N VAL E 934 -7.87 79.32 -18.26
CA VAL E 934 -7.70 79.20 -16.82
C VAL E 934 -6.31 78.72 -16.48
N LEU E 935 -5.74 77.84 -17.31
CA LEU E 935 -4.36 77.43 -17.09
C LEU E 935 -3.40 78.58 -17.33
N TYR E 936 -3.56 79.27 -18.46
CA TYR E 936 -2.61 80.35 -18.78
C TYR E 936 -2.78 81.56 -17.87
N GLU E 937 -3.86 81.63 -17.10
CA GLU E 937 -4.01 82.68 -16.10
C GLU E 937 -3.64 82.22 -14.69
N ASN E 938 -3.38 80.94 -14.49
CA ASN E 938 -3.08 80.39 -13.17
C ASN E 938 -1.93 79.39 -13.23
N GLN E 939 -0.90 79.71 -14.02
CA GLN E 939 0.20 78.77 -14.22
C GLN E 939 1.00 78.58 -12.93
N LYS E 940 1.32 79.68 -12.25
CA LYS E 940 2.18 79.61 -11.07
C LYS E 940 1.50 78.81 -9.95
N LEU E 941 0.21 79.04 -9.74
CA LEU E 941 -0.50 78.31 -8.69
C LEU E 941 -0.52 76.82 -8.98
N ILE E 942 -0.75 76.44 -10.24
CA ILE E 942 -0.78 75.03 -10.60
C ILE E 942 0.61 74.41 -10.41
N ALA E 943 1.66 75.12 -10.80
CA ALA E 943 3.01 74.60 -10.63
C ALA E 943 3.33 74.39 -9.16
N ASN E 944 2.98 75.37 -8.31
CA ASN E 944 3.25 75.23 -6.88
C ASN E 944 2.44 74.09 -6.28
N GLN E 945 1.18 73.95 -6.69
CA GLN E 945 0.37 72.85 -6.18
C GLN E 945 0.94 71.51 -6.59
N PHE E 946 1.42 71.39 -7.83
CA PHE E 946 2.01 70.14 -8.28
C PHE E 946 3.28 69.81 -7.50
N ASN E 947 4.13 70.82 -7.27
CA ASN E 947 5.35 70.58 -6.51
C ASN E 947 5.03 70.16 -5.08
N SER E 948 4.07 70.83 -4.45
CA SER E 948 3.68 70.44 -3.09
C SER E 948 3.10 69.03 -3.08
N ALA E 949 2.34 68.67 -4.12
CA ALA E 949 1.76 67.34 -4.18
C ALA E 949 2.83 66.27 -4.31
N ILE E 950 3.83 66.50 -5.17
CA ILE E 950 4.88 65.49 -5.32
C ILE E 950 5.71 65.38 -4.04
N GLY E 951 5.93 66.51 -3.37
CA GLY E 951 6.60 66.45 -2.07
C GLY E 951 5.81 65.65 -1.05
N LYS E 952 4.49 65.84 -1.02
CA LYS E 952 3.65 65.08 -0.11
C LYS E 952 3.67 63.59 -0.45
N ILE E 953 3.69 63.25 -1.74
CA ILE E 953 3.78 61.86 -2.14
C ILE E 953 5.10 61.25 -1.67
N GLN E 954 6.19 62.00 -1.82
CA GLN E 954 7.48 61.52 -1.35
C GLN E 954 7.45 61.28 0.16
N ASP E 955 6.87 62.22 0.91
CA ASP E 955 6.79 62.07 2.36
C ASP E 955 5.93 60.86 2.74
N SER E 956 4.80 60.67 2.06
CA SER E 956 3.94 59.54 2.36
C SER E 956 4.62 58.22 2.06
N LEU E 957 5.34 58.14 0.95
CA LEU E 957 6.09 56.93 0.64
C LEU E 957 7.16 56.67 1.67
N SER E 958 7.85 57.72 2.12
CA SER E 958 8.89 57.56 3.13
C SER E 958 8.30 57.10 4.46
N SER E 959 7.13 57.62 4.82
CA SER E 959 6.59 57.36 6.15
C SER E 959 5.72 56.11 6.19
N THR E 960 4.77 55.99 5.29
CA THR E 960 3.81 54.89 5.35
C THR E 960 4.46 53.58 4.90
N PRO E 961 4.53 52.56 5.76
CA PRO E 961 5.11 51.28 5.32
C PRO E 961 4.12 50.36 4.65
N SER E 962 2.83 50.57 4.83
CA SER E 962 1.81 49.70 4.24
C SER E 962 1.38 50.15 2.85
N ALA E 963 1.99 51.21 2.31
CA ALA E 963 1.65 51.65 0.96
C ALA E 963 1.99 50.58 -0.07
N LEU E 964 3.10 49.88 0.12
CA LEU E 964 3.57 48.85 -0.80
C LEU E 964 3.17 47.45 -0.37
N GLY E 965 1.97 47.30 0.18
CA GLY E 965 1.55 46.02 0.73
C GLY E 965 1.43 44.92 -0.31
N LYS E 966 1.07 45.27 -1.54
CA LYS E 966 0.80 44.26 -2.56
C LYS E 966 2.07 43.50 -2.94
N LEU E 967 3.14 44.23 -3.27
CA LEU E 967 4.39 43.58 -3.66
C LEU E 967 4.96 42.75 -2.52
N GLN E 968 4.93 43.30 -1.30
CA GLN E 968 5.42 42.55 -0.16
C GLN E 968 4.60 41.30 0.08
N ASP E 969 3.28 41.39 -0.12
CA ASP E 969 2.42 40.23 0.03
C ASP E 969 2.75 39.16 -1.01
N VAL E 970 3.02 39.57 -2.25
CA VAL E 970 3.37 38.62 -3.29
C VAL E 970 4.68 37.91 -2.94
N VAL E 971 5.68 38.69 -2.51
CA VAL E 971 6.97 38.10 -2.14
C VAL E 971 6.81 37.15 -0.97
N ASN E 972 6.01 37.55 0.03
CA ASN E 972 5.79 36.70 1.20
C ASN E 972 5.07 35.41 0.81
N GLN E 973 4.10 35.49 -0.11
CA GLN E 973 3.42 34.29 -0.56
C GLN E 973 4.38 33.34 -1.26
N ASN E 974 5.26 33.89 -2.11
CA ASN E 974 6.25 33.04 -2.78
C ASN E 974 7.18 32.38 -1.77
N ALA E 975 7.67 33.15 -0.79
CA ALA E 975 8.56 32.60 0.22
C ALA E 975 7.85 31.53 1.04
N GLN E 976 6.59 31.76 1.39
CA GLN E 976 5.83 30.80 2.16
C GLN E 976 5.64 29.50 1.37
N ALA E 977 5.36 29.61 0.07
CA ALA E 977 5.20 28.41 -0.75
C ALA E 977 6.51 27.62 -0.80
N LEU E 978 7.63 28.31 -1.01
CA LEU E 978 8.91 27.61 -1.08
C LEU E 978 9.25 26.95 0.25
N ASN E 979 9.02 27.66 1.36
CA ASN E 979 9.33 27.10 2.68
C ASN E 979 8.42 25.92 2.99
N THR E 980 7.15 26.00 2.59
CA THR E 980 6.24 24.88 2.78
C THR E 980 6.71 23.66 2.01
N LEU E 981 7.16 23.87 0.77
CA LEU E 981 7.70 22.75 -0.02
C LEU E 981 8.92 22.14 0.67
N VAL E 982 9.81 23.00 1.16
CA VAL E 982 11.02 22.50 1.83
C VAL E 982 10.65 21.70 3.07
N LYS E 983 9.71 22.21 3.87
CA LYS E 983 9.27 21.50 5.06
C LYS E 983 8.64 20.15 4.70
N GLN E 984 7.80 20.13 3.66
CA GLN E 984 7.19 18.88 3.24
C GLN E 984 8.22 17.89 2.71
N LEU E 985 9.38 18.39 2.25
CA LEU E 985 10.45 17.47 1.87
C LEU E 985 10.93 16.63 3.06
N SER E 986 10.79 17.16 4.27
CA SER E 986 11.26 16.49 5.48
C SER E 986 10.18 15.66 6.16
N SER E 987 8.99 15.55 5.58
CA SER E 987 7.92 14.79 6.18
C SER E 987 8.13 13.28 5.95
N ASN E 988 7.31 12.48 6.61
CA ASN E 988 7.40 11.02 6.52
C ASN E 988 6.38 10.42 5.56
N PHE E 989 5.15 10.95 5.54
CA PHE E 989 4.07 10.39 4.72
C PHE E 989 3.83 8.91 5.05
N GLY E 990 3.95 8.57 6.32
CA GLY E 990 3.75 7.21 6.76
C GLY E 990 4.96 6.30 6.62
N ALA E 991 6.06 6.80 6.06
CA ALA E 991 7.26 5.99 5.92
C ALA E 991 7.94 5.81 7.27
N ILE E 992 8.81 4.79 7.34
CA ILE E 992 9.52 4.50 8.58
C ILE E 992 10.48 5.64 8.92
N SER E 993 10.93 6.40 7.93
CA SER E 993 11.82 7.52 8.17
C SER E 993 11.68 8.53 7.04
N SER E 994 12.09 9.77 7.32
CA SER E 994 12.06 10.82 6.32
C SER E 994 13.38 10.98 5.58
N VAL E 995 14.38 10.16 5.91
CA VAL E 995 15.69 10.22 5.27
C VAL E 995 15.82 9.05 4.31
N LEU E 996 16.11 9.34 3.04
CA LEU E 996 16.21 8.29 2.04
C LEU E 996 17.40 7.37 2.33
N ASN E 997 18.54 7.95 2.70
CA ASN E 997 19.72 7.14 2.99
C ASN E 997 19.51 6.24 4.19
N ASP E 998 18.85 6.76 5.23
CA ASP E 998 18.58 5.95 6.41
C ASP E 998 17.69 4.76 6.08
N ILE E 999 16.66 4.99 5.27
CA ILE E 999 15.78 3.88 4.88
C ILE E 999 16.55 2.88 4.03
N LEU E 1000 17.35 3.37 3.08
CA LEU E 1000 18.10 2.46 2.22
C LEU E 1000 19.07 1.60 3.01
N SER E 1001 19.78 2.20 3.96
CA SER E 1001 20.75 1.44 4.75
C SER E 1001 20.09 0.51 5.75
N ARG E 1002 19.08 0.99 6.48
CA ARG E 1002 18.50 0.21 7.56
C ARG E 1002 17.56 -0.88 7.04
N LEU E 1003 16.77 -0.58 6.02
CA LEU E 1003 15.73 -1.48 5.56
C LEU E 1003 16.19 -2.31 4.37
N ASP E 1004 15.74 -3.55 4.32
CA ASP E 1004 16.06 -4.43 3.21
C ASP E 1004 15.34 -3.95 1.95
N PRO E 1005 15.88 -4.25 0.77
CA PRO E 1005 15.28 -3.78 -0.48
C PRO E 1005 13.81 -4.17 -0.63
N PRO E 1006 13.40 -5.37 -0.21
CA PRO E 1006 11.96 -5.67 -0.28
C PRO E 1006 11.07 -4.69 0.46
N GLU E 1007 11.50 -4.22 1.64
CA GLU E 1007 10.77 -3.20 2.38
C GLU E 1007 11.19 -1.79 2.02
N ALA E 1008 12.46 -1.60 1.65
CA ALA E 1008 12.90 -0.29 1.19
C ALA E 1008 12.14 0.15 -0.04
N GLU E 1009 11.72 -0.80 -0.89
CA GLU E 1009 10.92 -0.44 -2.05
C GLU E 1009 9.61 0.21 -1.64
N VAL E 1010 8.91 -0.41 -0.67
CA VAL E 1010 7.65 0.15 -0.22
C VAL E 1010 7.86 1.50 0.47
N GLN E 1011 8.91 1.60 1.29
CA GLN E 1011 9.17 2.86 1.98
C GLN E 1011 9.47 3.98 0.99
N ILE E 1012 10.31 3.69 -0.01
CA ILE E 1012 10.64 4.67 -1.03
C ILE E 1012 9.41 5.04 -1.84
N ASP E 1013 8.54 4.06 -2.12
CA ASP E 1013 7.31 4.35 -2.85
C ASP E 1013 6.44 5.32 -2.07
N ARG E 1014 6.28 5.08 -0.77
CA ARG E 1014 5.49 6.01 0.05
C ARG E 1014 6.11 7.40 0.06
N LEU E 1015 7.44 7.47 0.24
CA LEU E 1015 8.11 8.76 0.29
C LEU E 1015 7.96 9.52 -1.02
N ILE E 1016 8.15 8.84 -2.15
CA ILE E 1016 8.06 9.52 -3.44
C ILE E 1016 6.62 9.91 -3.74
N THR E 1017 5.65 9.10 -3.31
CA THR E 1017 4.26 9.50 -3.49
C THR E 1017 3.96 10.78 -2.73
N GLY E 1018 4.38 10.86 -1.47
CA GLY E 1018 4.16 12.07 -0.70
C GLY E 1018 4.84 13.28 -1.31
N ARG E 1019 6.11 13.12 -1.70
CA ARG E 1019 6.85 14.23 -2.28
C ARG E 1019 6.23 14.66 -3.61
N LEU E 1020 5.80 13.71 -4.42
CA LEU E 1020 5.19 14.03 -5.71
C LEU E 1020 3.88 14.78 -5.54
N GLN E 1021 3.04 14.35 -4.60
CA GLN E 1021 1.78 15.07 -4.40
C GLN E 1021 2.03 16.47 -3.85
N SER E 1022 3.03 16.61 -2.96
CA SER E 1022 3.37 17.94 -2.47
C SER E 1022 3.85 18.83 -3.61
N LEU E 1023 4.69 18.30 -4.49
CA LEU E 1023 5.19 19.08 -5.62
C LEU E 1023 4.06 19.46 -6.57
N GLN E 1024 3.12 18.54 -6.80
CA GLN E 1024 1.98 18.84 -7.65
C GLN E 1024 1.13 19.96 -7.06
N THR E 1025 0.88 19.90 -5.76
CA THR E 1025 0.11 20.97 -5.12
C THR E 1025 0.83 22.30 -5.23
N TYR E 1026 2.15 22.30 -4.99
CA TYR E 1026 2.92 23.53 -5.10
C TYR E 1026 2.85 24.11 -6.50
N VAL E 1027 3.00 23.26 -7.52
CA VAL E 1027 2.99 23.75 -8.88
C VAL E 1027 1.62 24.25 -9.28
N THR E 1028 0.57 23.58 -8.81
CA THR E 1028 -0.79 24.05 -9.12
C THR E 1028 -1.05 25.43 -8.51
N GLN E 1029 -0.67 25.62 -7.25
CA GLN E 1029 -0.90 26.93 -6.65
C GLN E 1029 0.00 27.99 -7.30
N GLN E 1030 1.21 27.60 -7.72
CA GLN E 1030 2.05 28.51 -8.48
C GLN E 1030 1.39 28.91 -9.79
N LEU E 1031 0.76 27.96 -10.47
CA LEU E 1031 0.06 28.27 -11.72
C LEU E 1031 -1.08 29.24 -11.49
N ILE E 1032 -1.85 29.03 -10.42
CA ILE E 1032 -2.97 29.94 -10.13
C ILE E 1032 -2.43 31.34 -9.83
N ARG E 1033 -1.39 31.43 -9.01
CA ARG E 1033 -0.82 32.72 -8.68
C ARG E 1033 -0.25 33.41 -9.92
N ALA E 1034 0.36 32.63 -10.81
CA ALA E 1034 0.91 33.19 -12.04
C ALA E 1034 -0.20 33.70 -12.96
N ALA E 1035 -1.32 33.00 -13.00
CA ALA E 1035 -2.46 33.50 -13.77
C ALA E 1035 -2.96 34.82 -13.20
N GLU E 1036 -3.04 34.92 -11.87
CA GLU E 1036 -3.45 36.17 -11.25
C GLU E 1036 -2.45 37.29 -11.58
N ILE E 1037 -1.15 36.98 -11.52
CA ILE E 1037 -0.14 37.98 -11.82
C ILE E 1037 -0.22 38.41 -13.27
N ARG E 1038 -0.51 37.47 -14.18
CA ARG E 1038 -0.66 37.82 -15.59
C ARG E 1038 -1.86 38.74 -15.80
N ALA E 1039 -2.97 38.47 -15.11
CA ALA E 1039 -4.12 39.37 -15.21
C ALA E 1039 -3.76 40.75 -14.72
N SER E 1040 -3.06 40.83 -13.58
CA SER E 1040 -2.65 42.13 -13.05
C SER E 1040 -1.71 42.85 -14.01
N ALA E 1041 -0.79 42.11 -14.64
CA ALA E 1041 0.14 42.72 -15.57
C ALA E 1041 -0.56 43.22 -16.83
N ASN E 1042 -1.56 42.48 -17.30
CA ASN E 1042 -2.35 42.94 -18.44
C ASN E 1042 -3.09 44.23 -18.08
N LEU E 1043 -3.66 44.28 -16.88
CA LEU E 1043 -4.31 45.51 -16.43
C LEU E 1043 -3.30 46.66 -16.36
N ALA E 1044 -2.09 46.39 -15.87
CA ALA E 1044 -1.07 47.42 -15.79
C ALA E 1044 -0.65 47.90 -17.17
N ALA E 1045 -0.52 46.98 -18.12
CA ALA E 1045 -0.16 47.38 -19.48
C ALA E 1045 -1.24 48.24 -20.10
N THR E 1046 -2.51 47.87 -19.90
CA THR E 1046 -3.59 48.71 -20.40
C THR E 1046 -3.57 50.08 -19.73
N LYS E 1047 -3.30 50.12 -18.43
CA LYS E 1047 -3.25 51.39 -17.72
C LYS E 1047 -2.13 52.28 -18.24
N MET E 1048 -0.95 51.70 -18.50
CA MET E 1048 0.13 52.49 -19.04
C MET E 1048 -0.18 52.97 -20.46
N SER E 1049 -0.82 52.12 -21.26
CA SER E 1049 -1.13 52.50 -22.64
C SER E 1049 -2.17 53.60 -22.70
N GLU E 1050 -3.12 53.62 -21.75
CA GLU E 1050 -4.21 54.58 -21.83
C GLU E 1050 -4.00 55.82 -20.98
N CYS E 1051 -3.41 55.72 -19.79
CA CYS E 1051 -3.24 56.85 -18.91
C CYS E 1051 -1.92 57.58 -19.10
N VAL E 1052 -0.86 56.87 -19.49
CA VAL E 1052 0.45 57.49 -19.66
C VAL E 1052 0.64 58.00 -21.09
N LEU E 1053 0.43 57.14 -22.07
CA LEU E 1053 0.60 57.48 -23.48
C LEU E 1053 -0.54 58.31 -24.01
N GLY E 1054 -1.41 58.81 -23.15
CA GLY E 1054 -2.52 59.63 -23.61
C GLY E 1054 -3.41 60.00 -22.44
N GLN E 1055 -4.51 60.68 -22.77
CA GLN E 1055 -5.49 61.10 -21.78
C GLN E 1055 -6.71 60.22 -21.91
N SER E 1056 -7.12 59.61 -20.80
CA SER E 1056 -8.22 58.65 -20.79
C SER E 1056 -9.49 59.30 -20.24
N LYS E 1057 -10.61 59.00 -20.88
CA LYS E 1057 -11.90 59.51 -20.48
C LYS E 1057 -12.64 58.56 -19.55
N ARG E 1058 -12.03 57.43 -19.18
CA ARG E 1058 -12.67 56.47 -18.29
C ARG E 1058 -12.58 56.98 -16.85
N VAL E 1059 -13.73 57.13 -16.21
CA VAL E 1059 -13.76 57.66 -14.85
C VAL E 1059 -13.16 56.65 -13.88
N ASP E 1060 -12.30 57.13 -13.00
CA ASP E 1060 -11.64 56.37 -11.93
C ASP E 1060 -10.71 55.29 -12.45
N PHE E 1061 -10.48 55.20 -13.76
CA PHE E 1061 -9.53 54.22 -14.26
C PHE E 1061 -8.09 54.68 -14.05
N CYS E 1062 -7.84 55.99 -14.16
CA CYS E 1062 -6.52 56.57 -13.97
C CYS E 1062 -6.48 57.46 -12.74
N GLY E 1063 -7.11 57.02 -11.66
CA GLY E 1063 -7.13 57.78 -10.42
C GLY E 1063 -8.40 58.58 -10.26
N LYS E 1064 -8.66 58.98 -9.02
CA LYS E 1064 -9.87 59.73 -8.70
C LYS E 1064 -9.82 61.12 -9.34
N GLY E 1065 -11.00 61.64 -9.67
CA GLY E 1065 -11.11 62.94 -10.29
C GLY E 1065 -10.85 62.88 -11.79
N TYR E 1066 -10.91 64.06 -12.41
CA TYR E 1066 -10.63 64.17 -13.83
C TYR E 1066 -9.14 63.93 -14.07
N HIS E 1067 -8.82 62.82 -14.71
CA HIS E 1067 -7.42 62.45 -14.94
C HIS E 1067 -6.77 63.43 -15.90
N LEU E 1068 -5.56 63.87 -15.55
CA LEU E 1068 -4.76 64.74 -16.40
C LEU E 1068 -3.60 64.00 -17.06
N MET E 1069 -2.76 63.33 -16.27
CA MET E 1069 -1.64 62.59 -16.84
C MET E 1069 -1.12 61.61 -15.80
N SER E 1070 -0.06 60.89 -16.15
CA SER E 1070 0.51 59.91 -15.26
C SER E 1070 2.01 59.82 -15.48
N PHE E 1071 2.71 59.33 -14.46
CA PHE E 1071 4.14 59.11 -14.53
C PHE E 1071 4.43 57.68 -14.07
N PRO E 1072 5.09 56.86 -14.87
CA PRO E 1072 5.46 55.53 -14.40
C PRO E 1072 6.78 55.53 -13.65
N GLN E 1073 6.89 54.62 -12.69
CA GLN E 1073 8.13 54.40 -11.97
C GLN E 1073 8.30 52.90 -11.72
N SER E 1074 9.55 52.46 -11.77
CA SER E 1074 9.86 51.07 -11.56
C SER E 1074 9.89 50.72 -10.08
N ALA E 1075 9.69 49.44 -9.78
CA ALA E 1075 9.79 48.93 -8.42
C ALA E 1075 10.09 47.44 -8.52
N PRO E 1076 10.66 46.84 -7.47
CA PRO E 1076 10.97 45.41 -7.54
C PRO E 1076 9.76 44.58 -7.89
N HIS E 1077 9.76 44.00 -9.09
CA HIS E 1077 8.66 43.20 -9.60
C HIS E 1077 7.34 43.98 -9.56
N GLY E 1078 7.38 45.26 -9.93
CA GLY E 1078 6.16 46.04 -9.90
C GLY E 1078 6.34 47.40 -10.54
N VAL E 1079 5.20 48.04 -10.78
CA VAL E 1079 5.16 49.37 -11.39
C VAL E 1079 4.30 50.27 -10.52
N VAL E 1080 4.75 51.52 -10.34
CA VAL E 1080 4.04 52.50 -9.54
C VAL E 1080 3.68 53.67 -10.45
N PHE E 1081 2.39 53.96 -10.55
CA PHE E 1081 1.90 55.07 -11.36
C PHE E 1081 1.57 56.24 -10.45
N LEU E 1082 2.12 57.40 -10.76
CA LEU E 1082 1.76 58.66 -10.12
C LEU E 1082 0.74 59.32 -11.04
N HIS E 1083 -0.52 59.27 -10.65
CA HIS E 1083 -1.60 59.86 -11.45
C HIS E 1083 -1.82 61.29 -10.99
N VAL E 1084 -1.63 62.23 -11.92
CA VAL E 1084 -1.87 63.65 -11.68
C VAL E 1084 -3.26 63.97 -12.22
N THR E 1085 -4.14 64.44 -11.35
CA THR E 1085 -5.55 64.65 -11.66
C THR E 1085 -6.01 66.02 -11.19
N TYR E 1086 -7.13 66.46 -11.76
CA TYR E 1086 -7.70 67.77 -11.50
C TYR E 1086 -9.00 67.60 -10.74
N VAL E 1087 -9.14 68.28 -9.60
CA VAL E 1087 -10.29 68.13 -8.72
C VAL E 1087 -10.88 69.49 -8.38
N PRO E 1088 -12.15 69.74 -8.68
CA PRO E 1088 -12.79 70.99 -8.25
C PRO E 1088 -12.81 71.10 -6.72
N ALA E 1089 -12.65 72.34 -6.22
CA ALA E 1089 -12.44 72.54 -4.79
C ALA E 1089 -13.57 73.31 -4.12
N GLN E 1090 -13.88 74.53 -4.58
CA GLN E 1090 -14.78 75.42 -3.85
C GLN E 1090 -16.00 75.71 -4.72
N GLU E 1091 -17.17 75.22 -4.29
CA GLU E 1091 -18.39 75.37 -5.06
C GLU E 1091 -19.27 76.48 -4.48
N LYS E 1092 -20.05 77.10 -5.35
CA LYS E 1092 -20.99 78.14 -4.98
C LYS E 1092 -22.34 77.87 -5.64
N ASN E 1093 -23.41 78.35 -5.00
CA ASN E 1093 -24.77 78.13 -5.46
C ASN E 1093 -25.21 79.23 -6.40
N PHE E 1094 -26.00 78.86 -7.41
CA PHE E 1094 -26.53 79.82 -8.38
C PHE E 1094 -27.89 79.35 -8.85
N THR E 1095 -28.69 80.30 -9.35
CA THR E 1095 -29.98 79.97 -9.93
C THR E 1095 -29.81 79.59 -11.39
N THR E 1096 -30.50 78.55 -11.82
CA THR E 1096 -30.33 78.00 -13.16
C THR E 1096 -31.62 78.10 -13.95
N ALA E 1097 -31.50 77.93 -15.27
CA ALA E 1097 -32.64 77.93 -16.17
C ALA E 1097 -32.25 77.16 -17.42
N PRO E 1098 -33.06 76.20 -17.87
CA PRO E 1098 -32.67 75.41 -19.04
C PRO E 1098 -32.49 76.23 -20.31
N ALA E 1099 -33.25 77.30 -20.49
CA ALA E 1099 -33.15 78.11 -21.70
C ALA E 1099 -33.64 79.51 -21.41
N ILE E 1100 -33.37 80.42 -22.34
CA ILE E 1100 -33.75 81.82 -22.21
C ILE E 1100 -34.54 82.23 -23.43
N CYS E 1101 -35.71 82.81 -23.21
CA CYS E 1101 -36.56 83.32 -24.29
C CYS E 1101 -36.35 84.83 -24.40
N HIS E 1102 -35.87 85.27 -25.57
CA HIS E 1102 -35.58 86.69 -25.80
C HIS E 1102 -36.70 87.38 -26.55
N ASP E 1103 -37.05 86.90 -27.73
CA ASP E 1103 -38.12 87.48 -28.54
C ASP E 1103 -39.00 86.37 -29.10
N GLY E 1104 -39.36 85.40 -28.27
CA GLY E 1104 -40.09 84.24 -28.71
C GLY E 1104 -39.22 83.08 -29.15
N LYS E 1105 -37.90 83.26 -29.19
CA LYS E 1105 -36.97 82.21 -29.59
C LYS E 1105 -36.23 81.70 -28.37
N ALA E 1106 -36.16 80.37 -28.25
CA ALA E 1106 -35.45 79.74 -27.15
C ALA E 1106 -33.98 79.63 -27.49
N HIS E 1107 -33.14 80.25 -26.68
CA HIS E 1107 -31.69 80.24 -26.88
C HIS E 1107 -31.07 79.22 -25.94
N PHE E 1108 -30.31 78.28 -26.50
CA PHE E 1108 -29.62 77.28 -25.71
C PHE E 1108 -28.11 77.51 -25.76
N PRO E 1109 -27.42 77.28 -24.64
CA PRO E 1109 -25.96 77.45 -24.65
C PRO E 1109 -25.28 76.43 -25.54
N ARG E 1110 -24.19 76.85 -26.16
CA ARG E 1110 -23.46 75.95 -27.05
C ARG E 1110 -22.56 75.00 -26.26
N GLU E 1111 -21.81 75.54 -25.30
CA GLU E 1111 -20.87 74.75 -24.54
C GLU E 1111 -21.06 74.82 -23.03
N GLY E 1112 -21.69 75.87 -22.52
CA GLY E 1112 -21.80 76.03 -21.08
C GLY E 1112 -23.20 75.88 -20.53
N VAL E 1113 -23.47 76.55 -19.41
CA VAL E 1113 -24.75 76.49 -18.73
C VAL E 1113 -25.11 77.90 -18.27
N PHE E 1114 -26.40 78.21 -18.31
CA PHE E 1114 -26.89 79.50 -17.83
C PHE E 1114 -26.90 79.53 -16.31
N VAL E 1115 -26.41 80.62 -15.74
CA VAL E 1115 -26.39 80.82 -14.30
C VAL E 1115 -26.87 82.22 -13.99
N SER E 1116 -27.31 82.41 -12.74
CA SER E 1116 -27.74 83.72 -12.27
C SER E 1116 -27.34 83.85 -10.81
N ASN E 1117 -26.77 85.01 -10.46
CA ASN E 1117 -26.43 85.35 -9.10
C ASN E 1117 -27.56 86.05 -8.36
N GLY E 1118 -28.70 86.25 -9.02
CA GLY E 1118 -29.84 86.92 -8.43
C GLY E 1118 -30.20 88.24 -9.07
N THR E 1119 -29.30 88.82 -9.86
CA THR E 1119 -29.57 90.09 -10.52
C THR E 1119 -29.35 90.04 -12.02
N HIS E 1120 -28.35 89.31 -12.48
CA HIS E 1120 -28.04 89.21 -13.91
C HIS E 1120 -27.75 87.76 -14.25
N TRP E 1121 -27.88 87.46 -15.54
CA TRP E 1121 -27.66 86.10 -16.05
C TRP E 1121 -26.38 86.05 -16.87
N PHE E 1122 -25.67 84.94 -16.77
CA PHE E 1122 -24.44 84.71 -17.51
C PHE E 1122 -24.41 83.26 -17.96
N VAL E 1123 -23.40 82.92 -18.76
CA VAL E 1123 -23.15 81.54 -19.18
C VAL E 1123 -21.74 81.18 -18.75
N THR E 1124 -21.60 80.02 -18.11
CA THR E 1124 -20.32 79.59 -17.59
C THR E 1124 -20.02 78.17 -18.05
N GLN E 1125 -18.74 77.87 -18.20
CA GLN E 1125 -18.33 76.53 -18.55
C GLN E 1125 -18.69 75.56 -17.42
N ARG E 1126 -18.86 74.29 -17.79
CA ARG E 1126 -19.48 73.32 -16.88
C ARG E 1126 -18.64 73.10 -15.63
N ASN E 1127 -17.33 72.98 -15.78
CA ASN E 1127 -16.47 72.55 -14.68
C ASN E 1127 -15.69 73.68 -14.03
N PHE E 1128 -16.00 74.93 -14.36
CA PHE E 1128 -15.31 76.04 -13.73
C PHE E 1128 -16.19 77.27 -13.81
N TYR E 1129 -16.09 78.13 -12.80
CA TYR E 1129 -16.88 79.36 -12.75
C TYR E 1129 -16.13 80.47 -13.47
N GLU E 1130 -16.68 80.91 -14.59
CA GLU E 1130 -16.12 82.01 -15.35
C GLU E 1130 -17.25 82.70 -16.11
N PRO E 1131 -18.01 83.58 -15.46
CA PRO E 1131 -19.18 84.16 -16.11
C PRO E 1131 -18.82 84.97 -17.34
N GLN E 1132 -19.68 84.88 -18.35
CA GLN E 1132 -19.52 85.64 -19.58
C GLN E 1132 -20.88 86.22 -19.96
N ILE E 1133 -20.85 87.38 -20.61
CA ILE E 1133 -22.09 88.03 -21.00
C ILE E 1133 -22.80 87.17 -22.04
N ILE E 1134 -24.14 87.11 -21.93
CA ILE E 1134 -24.93 86.27 -22.83
C ILE E 1134 -24.93 86.90 -24.21
N THR E 1135 -24.32 86.22 -25.18
CA THR E 1135 -24.20 86.72 -26.53
C THR E 1135 -24.78 85.71 -27.51
N THR E 1136 -24.86 86.12 -28.77
CA THR E 1136 -25.33 85.24 -29.83
C THR E 1136 -24.25 84.32 -30.35
N ASP E 1137 -22.99 84.57 -30.03
CA ASP E 1137 -21.89 83.74 -30.51
C ASP E 1137 -21.70 82.46 -29.70
N ASN E 1138 -22.29 82.37 -28.51
CA ASN E 1138 -22.19 81.18 -27.69
C ASN E 1138 -23.55 80.53 -27.42
N THR E 1139 -24.61 81.00 -28.08
CA THR E 1139 -25.94 80.45 -27.94
C THR E 1139 -26.53 80.20 -29.32
N PHE E 1140 -27.37 79.17 -29.41
CA PHE E 1140 -28.03 78.83 -30.67
C PHE E 1140 -29.54 78.75 -30.46
N VAL E 1141 -30.27 79.06 -31.52
CA VAL E 1141 -31.72 79.19 -31.47
C VAL E 1141 -32.36 77.91 -31.97
N SER E 1142 -33.33 77.38 -31.22
CA SER E 1142 -34.06 76.18 -31.62
C SER E 1142 -35.42 76.20 -30.96
N GLY E 1143 -36.48 76.15 -31.76
CA GLY E 1143 -37.83 76.12 -31.22
C GLY E 1143 -38.26 77.47 -30.67
N ASN E 1144 -39.28 77.44 -29.82
CA ASN E 1144 -39.81 78.64 -29.20
C ASN E 1144 -40.03 78.38 -27.71
N CYS E 1145 -40.11 79.47 -26.95
CA CYS E 1145 -40.21 79.39 -25.50
C CYS E 1145 -41.61 79.03 -25.00
N ASP E 1146 -42.50 78.57 -25.88
CA ASP E 1146 -43.82 78.14 -25.47
C ASP E 1146 -43.91 76.63 -25.23
N VAL E 1147 -42.80 75.90 -25.39
CA VAL E 1147 -42.80 74.45 -25.27
C VAL E 1147 -41.86 74.00 -24.16
N VAL E 1148 -40.65 74.57 -24.11
CA VAL E 1148 -39.67 74.17 -23.10
C VAL E 1148 -40.18 74.56 -21.72
N ILE E 1149 -39.90 73.71 -20.73
CA ILE E 1149 -40.39 73.90 -19.37
C ILE E 1149 -39.37 74.70 -18.58
N GLY E 1150 -39.82 75.75 -17.90
CA GLY E 1150 -38.97 76.51 -17.01
C GLY E 1150 -38.11 77.56 -17.67
N ILE E 1151 -38.43 77.96 -18.90
CA ILE E 1151 -37.67 79.01 -19.55
C ILE E 1151 -37.90 80.33 -18.83
N VAL E 1152 -36.89 81.20 -18.86
CA VAL E 1152 -36.95 82.49 -18.18
C VAL E 1152 -36.82 83.59 -19.21
N ASN E 1153 -37.19 84.79 -18.80
CA ASN E 1153 -37.18 85.97 -19.67
C ASN E 1153 -35.92 86.79 -19.41
N ASN E 1154 -35.23 87.14 -20.49
CA ASN E 1154 -34.03 87.96 -20.42
C ASN E 1154 -33.72 88.45 -21.84
N THR E 1155 -32.58 89.11 -22.00
CA THR E 1155 -32.15 89.61 -23.30
C THR E 1155 -30.82 88.99 -23.68
N VAL E 1156 -30.59 88.88 -24.99
CA VAL E 1156 -29.36 88.31 -25.54
C VAL E 1156 -28.63 89.39 -26.32
N TYR E 1157 -27.30 89.38 -26.20
CA TYR E 1157 -26.47 90.41 -26.81
C TYR E 1157 -26.05 90.00 -28.22
N ASP E 1158 -26.27 90.90 -29.18
CA ASP E 1158 -25.76 90.74 -30.54
C ASP E 1158 -24.80 91.90 -30.81
N PRO E 1159 -23.49 91.65 -30.82
CA PRO E 1159 -22.53 92.76 -30.94
C PRO E 1159 -22.64 93.53 -32.24
N LEU E 1160 -23.25 92.96 -33.28
CA LEU E 1160 -23.32 93.63 -34.57
C LEU E 1160 -24.07 94.94 -34.47
N GLN E 1161 -25.19 94.96 -33.74
CA GLN E 1161 -25.98 96.19 -33.65
C GLN E 1161 -25.21 97.32 -32.98
N PRO E 1162 -24.57 97.14 -31.82
CA PRO E 1162 -23.68 98.22 -31.32
C PRO E 1162 -22.53 98.52 -32.25
N GLU E 1163 -22.04 97.52 -32.99
CA GLU E 1163 -20.97 97.77 -33.95
C GLU E 1163 -21.43 98.75 -35.04
N LEU E 1164 -22.65 98.58 -35.53
CA LEU E 1164 -23.19 99.48 -36.53
C LEU E 1164 -24.27 100.38 -35.94
N GLN F 1 25.26 -53.51 38.05
CA GLN F 1 26.42 -53.64 38.91
C GLN F 1 27.67 -53.11 38.21
N MET F 2 28.73 -52.88 38.97
CA MET F 2 29.99 -52.37 38.45
C MET F 2 30.94 -53.53 38.16
N GLN F 3 32.18 -53.18 37.84
CA GLN F 3 33.19 -54.19 37.51
C GLN F 3 34.57 -53.56 37.65
N LEU F 4 35.38 -54.10 38.55
CA LEU F 4 36.75 -53.65 38.74
C LEU F 4 37.72 -54.64 38.10
N VAL F 5 38.82 -54.10 37.58
CA VAL F 5 39.84 -54.89 36.89
C VAL F 5 41.18 -54.64 37.57
N GLN F 6 41.86 -55.72 37.92
CA GLN F 6 43.19 -55.69 38.51
C GLN F 6 44.14 -56.55 37.67
N SER F 7 45.35 -56.76 38.19
CA SER F 7 46.33 -57.60 37.52
C SER F 7 46.06 -59.07 37.83
N GLY F 8 46.85 -59.96 37.22
CA GLY F 8 46.69 -61.38 37.40
C GLY F 8 47.73 -61.98 38.31
N PRO F 9 48.23 -63.16 37.95
CA PRO F 9 49.26 -63.81 38.77
C PRO F 9 50.56 -63.02 38.75
N GLU F 10 51.31 -63.12 39.85
CA GLU F 10 52.53 -62.35 40.02
C GLU F 10 53.49 -63.14 40.90
N VAL F 11 54.69 -63.39 40.38
CA VAL F 11 55.77 -64.01 41.13
C VAL F 11 56.94 -63.04 41.12
N LYS F 12 57.47 -62.72 42.31
CA LYS F 12 58.47 -61.67 42.43
C LYS F 12 59.56 -62.10 43.40
N LYS F 13 60.57 -61.23 43.54
CA LYS F 13 61.74 -61.36 44.39
C LYS F 13 61.74 -60.24 45.41
N PRO F 14 62.20 -60.49 46.65
CA PRO F 14 62.17 -59.44 47.67
C PRO F 14 63.02 -58.24 47.25
N GLY F 15 62.53 -57.05 47.62
CA GLY F 15 63.20 -55.80 47.30
C GLY F 15 62.69 -55.10 46.07
N THR F 16 61.90 -55.79 45.24
CA THR F 16 61.39 -55.19 44.01
C THR F 16 60.16 -54.34 44.31
N SER F 17 60.17 -53.10 43.81
CA SER F 17 59.03 -52.20 43.96
C SER F 17 57.93 -52.65 43.01
N VAL F 18 56.98 -53.43 43.53
CA VAL F 18 55.94 -54.04 42.70
C VAL F 18 54.93 -52.97 42.32
N LYS F 19 54.39 -53.10 41.10
CA LYS F 19 53.46 -52.14 40.53
C LYS F 19 52.17 -52.83 40.16
N VAL F 20 51.04 -52.32 40.68
CA VAL F 20 49.73 -52.93 40.45
C VAL F 20 48.72 -51.81 40.14
N SER F 21 47.90 -52.05 39.13
CA SER F 21 46.86 -51.13 38.71
C SER F 21 45.48 -51.62 39.13
N CYS F 22 44.52 -50.69 39.19
CA CYS F 22 43.13 -51.02 39.49
C CYS F 22 42.25 -50.04 38.72
N LYS F 23 41.47 -50.56 37.78
CA LYS F 23 40.56 -49.73 36.99
C LYS F 23 39.12 -50.14 37.25
N ALA F 24 38.20 -49.23 36.91
CA ALA F 24 36.78 -49.43 37.19
C ALA F 24 35.96 -49.21 35.93
N SER F 25 34.82 -49.89 35.88
CA SER F 25 33.86 -49.69 34.80
C SER F 25 32.46 -49.98 35.33
N GLY F 26 31.47 -49.35 34.72
CA GLY F 26 30.08 -49.51 35.11
C GLY F 26 29.54 -48.39 35.98
N PHE F 27 30.41 -47.54 36.52
CA PHE F 27 29.99 -46.41 37.33
C PHE F 27 30.96 -45.26 37.11
N THR F 28 30.49 -44.05 37.43
CA THR F 28 31.30 -42.85 37.19
C THR F 28 32.53 -42.86 38.09
N PHE F 29 33.68 -43.10 37.50
CA PHE F 29 34.96 -43.05 38.22
C PHE F 29 35.57 -41.65 38.13
N THR F 30 34.79 -40.64 38.54
CA THR F 30 35.26 -39.26 38.45
C THR F 30 36.10 -38.87 39.66
N SER F 31 35.51 -38.94 40.86
CA SER F 31 36.23 -38.59 42.07
C SER F 31 36.00 -39.57 43.21
N SER F 32 35.37 -40.72 42.94
CA SER F 32 35.14 -41.71 43.98
C SER F 32 36.46 -42.30 44.47
N ALA F 33 36.56 -42.50 45.78
CA ALA F 33 37.79 -42.99 46.38
C ALA F 33 38.00 -44.47 46.04
N VAL F 34 39.23 -44.93 46.23
CA VAL F 34 39.61 -46.33 46.03
C VAL F 34 40.35 -46.80 47.27
N GLN F 35 39.88 -47.90 47.85
CA GLN F 35 40.42 -48.43 49.09
C GLN F 35 41.08 -49.77 48.81
N TRP F 36 42.29 -49.96 49.36
CA TRP F 36 43.11 -51.10 49.00
C TRP F 36 43.27 -52.03 50.19
N VAL F 37 43.32 -53.34 49.90
CA VAL F 37 43.38 -54.38 50.92
C VAL F 37 44.45 -55.39 50.52
N ARG F 38 45.22 -55.85 51.51
CA ARG F 38 46.19 -56.92 51.32
C ARG F 38 45.91 -58.04 52.32
N GLN F 39 46.05 -59.28 51.86
CA GLN F 39 45.83 -60.41 52.76
C GLN F 39 46.70 -61.58 52.33
N ALA F 40 47.36 -62.20 53.30
CA ALA F 40 48.25 -63.31 53.00
C ALA F 40 47.43 -64.57 52.74
N ARG F 41 48.09 -65.71 52.57
CA ARG F 41 47.39 -66.97 52.30
C ARG F 41 46.66 -67.39 53.56
N GLY F 42 45.33 -67.35 53.51
CA GLY F 42 44.52 -67.72 54.66
C GLY F 42 44.73 -66.90 55.91
N GLN F 43 45.63 -65.92 55.88
CA GLN F 43 45.95 -65.11 57.04
C GLN F 43 45.02 -63.90 57.12
N ARG F 44 44.82 -63.42 58.34
CA ARG F 44 43.96 -62.26 58.56
C ARG F 44 44.54 -61.02 57.90
N LEU F 45 43.66 -60.17 57.42
CA LEU F 45 44.04 -58.97 56.68
C LEU F 45 44.00 -57.74 57.58
N GLU F 46 44.77 -56.73 57.19
CA GLU F 46 44.84 -55.46 57.90
C GLU F 46 44.70 -54.33 56.89
N TRP F 47 44.88 -53.09 57.35
CA TRP F 47 44.48 -51.91 56.60
C TRP F 47 45.65 -51.35 55.80
N ILE F 48 45.40 -51.08 54.52
CA ILE F 48 46.39 -50.42 53.66
C ILE F 48 46.10 -48.92 53.63
N GLY F 49 44.92 -48.56 53.15
CA GLY F 49 44.54 -47.17 53.04
C GLY F 49 43.64 -46.94 51.84
N TRP F 50 43.59 -45.67 51.43
CA TRP F 50 42.69 -45.25 50.37
C TRP F 50 43.30 -44.07 49.61
N ILE F 51 42.71 -43.79 48.45
CA ILE F 51 43.17 -42.75 47.55
C ILE F 51 41.96 -42.01 46.99
N VAL F 52 42.04 -40.68 47.00
CA VAL F 52 41.05 -39.84 46.33
C VAL F 52 41.54 -39.64 44.89
N VAL F 53 40.86 -40.28 43.94
CA VAL F 53 41.29 -40.25 42.56
C VAL F 53 41.00 -38.91 41.89
N GLY F 54 40.04 -38.15 42.40
CA GLY F 54 39.73 -36.85 41.80
C GLY F 54 40.89 -35.87 41.92
N SER F 55 41.54 -35.84 43.08
CA SER F 55 42.71 -35.00 43.30
C SER F 55 43.94 -35.80 43.69
N GLY F 56 43.84 -37.13 43.71
CA GLY F 56 44.98 -37.96 44.07
C GLY F 56 45.45 -37.77 45.50
N ASN F 57 44.52 -37.75 46.46
CA ASN F 57 44.86 -37.54 47.86
C ASN F 57 45.10 -38.90 48.50
N THR F 58 46.33 -39.16 48.92
CA THR F 58 46.72 -40.46 49.46
C THR F 58 46.50 -40.50 50.96
N ASP F 59 46.10 -41.67 51.48
CA ASP F 59 46.03 -41.89 52.91
C ASP F 59 46.39 -43.34 53.18
N TYR F 60 47.32 -43.56 54.10
CA TYR F 60 47.81 -44.90 54.40
C TYR F 60 47.93 -45.08 55.91
N ALA F 61 48.46 -46.23 56.31
CA ALA F 61 48.61 -46.57 57.72
C ALA F 61 49.89 -45.96 58.26
N GLN F 62 50.15 -46.17 59.56
CA GLN F 62 51.39 -45.73 60.16
C GLN F 62 52.57 -46.60 59.75
N GLN F 63 52.31 -47.81 59.24
CA GLN F 63 53.36 -48.72 58.81
C GLN F 63 53.58 -48.72 57.31
N PHE F 64 52.67 -48.16 56.53
CA PHE F 64 52.74 -48.23 55.08
C PHE F 64 53.17 -46.92 54.44
N GLN F 65 53.60 -45.95 55.24
CA GLN F 65 54.25 -44.78 54.68
C GLN F 65 55.65 -45.16 54.18
N GLU F 66 56.20 -44.28 53.34
CA GLU F 66 57.55 -44.38 52.76
C GLU F 66 57.82 -45.71 52.08
N ARG F 67 56.79 -46.53 51.85
CA ARG F 67 56.96 -47.73 51.04
C ARG F 67 55.83 -47.98 50.05
N VAL F 68 54.70 -47.28 50.15
CA VAL F 68 53.60 -47.38 49.20
C VAL F 68 53.34 -46.00 48.62
N THR F 69 53.10 -45.94 47.31
CA THR F 69 52.61 -44.68 46.74
C THR F 69 51.73 -45.00 45.53
N ILE F 70 50.73 -44.14 45.30
CA ILE F 70 49.71 -44.38 44.29
C ILE F 70 49.50 -43.12 43.47
N THR F 71 49.33 -43.30 42.16
CA THR F 71 49.08 -42.25 41.19
C THR F 71 47.73 -42.47 40.53
N ARG F 72 47.31 -41.48 39.75
CA ARG F 72 46.00 -41.41 39.14
C ARG F 72 46.11 -41.34 37.62
N ASP F 73 45.13 -41.94 36.92
CA ASP F 73 45.05 -41.74 35.48
C ASP F 73 43.56 -41.67 35.11
N MET F 74 43.09 -40.47 34.77
CA MET F 74 41.70 -40.28 34.39
C MET F 74 41.43 -40.82 32.98
N SER F 75 42.47 -40.96 32.16
CA SER F 75 42.29 -41.40 30.79
C SER F 75 41.68 -42.81 30.74
N THR F 76 42.27 -43.75 31.48
CA THR F 76 41.72 -45.09 31.61
C THR F 76 41.02 -45.31 32.95
N SER F 77 40.89 -44.26 33.76
CA SER F 77 40.20 -44.33 35.05
C SER F 77 40.80 -45.42 35.94
N THR F 78 42.10 -45.27 36.21
CA THR F 78 42.85 -46.28 36.93
C THR F 78 43.70 -45.66 38.03
N ALA F 79 43.72 -46.33 39.16
CA ALA F 79 44.63 -46.01 40.26
C ALA F 79 45.81 -46.96 40.20
N TYR F 80 47.01 -46.38 40.22
CA TYR F 80 48.25 -47.12 39.99
C TYR F 80 49.09 -47.06 41.26
N MET F 81 49.11 -48.15 42.02
CA MET F 81 49.79 -48.17 43.31
C MET F 81 50.99 -49.12 43.27
N GLU F 82 52.07 -48.70 43.93
CA GLU F 82 53.32 -49.44 43.95
C GLU F 82 53.82 -49.56 45.38
N LEU F 83 54.49 -50.68 45.65
CA LEU F 83 55.11 -50.98 46.92
C LEU F 83 56.62 -51.07 46.75
N SER F 84 57.36 -50.69 47.79
CA SER F 84 58.81 -50.76 47.77
C SER F 84 59.32 -51.42 49.05
N SER F 85 60.50 -52.02 48.96
CA SER F 85 61.17 -52.68 50.08
C SER F 85 60.28 -53.80 50.66
N LEU F 86 60.03 -54.81 49.83
CA LEU F 86 59.21 -55.94 50.23
C LEU F 86 60.04 -56.93 51.04
N GLY F 87 59.46 -58.10 51.34
CA GLY F 87 60.15 -59.11 52.10
C GLY F 87 59.78 -60.50 51.63
N SER F 88 60.54 -61.48 52.11
CA SER F 88 60.32 -62.87 51.73
C SER F 88 59.09 -63.46 52.40
N GLU F 89 58.56 -62.82 53.43
CA GLU F 89 57.35 -63.27 54.12
C GLU F 89 56.13 -62.46 53.71
N ASP F 90 56.24 -61.68 52.63
CA ASP F 90 55.18 -60.79 52.19
C ASP F 90 54.30 -61.40 51.10
N THR F 91 54.36 -62.71 50.90
CA THR F 91 53.48 -63.35 49.92
C THR F 91 52.02 -63.17 50.32
N ALA F 92 51.24 -62.59 49.41
CA ALA F 92 49.87 -62.22 49.75
C ALA F 92 49.07 -62.06 48.47
N VAL F 93 47.89 -61.46 48.58
CA VAL F 93 47.06 -61.07 47.45
C VAL F 93 46.47 -59.70 47.75
N TYR F 94 46.41 -58.86 46.73
CA TYR F 94 45.96 -57.48 46.87
C TYR F 94 44.65 -57.28 46.11
N TYR F 95 43.72 -56.57 46.75
CA TYR F 95 42.40 -56.27 46.22
C TYR F 95 42.18 -54.76 46.28
N CYS F 96 41.33 -54.26 45.40
CA CYS F 96 40.92 -52.87 45.41
C CYS F 96 39.40 -52.79 45.39
N ALA F 97 38.86 -51.72 45.98
CA ALA F 97 37.41 -51.59 46.06
C ALA F 97 37.03 -50.11 46.05
N ALA F 98 36.08 -49.76 45.21
CA ALA F 98 35.50 -48.44 45.19
C ALA F 98 34.08 -48.47 45.74
N PRO F 99 33.58 -47.37 46.29
CA PRO F 99 32.19 -47.32 46.75
C PRO F 99 31.20 -47.79 45.68
N ASN F 100 30.57 -48.93 45.91
CA ASN F 100 29.65 -49.52 44.94
C ASN F 100 28.40 -48.66 44.87
N CYS F 101 28.30 -47.85 43.81
CA CYS F 101 27.16 -46.98 43.62
C CYS F 101 27.11 -46.53 42.17
N SER F 102 25.90 -46.43 41.62
CA SER F 102 25.69 -46.13 40.22
C SER F 102 25.21 -44.69 40.08
N GLY F 103 25.93 -43.89 39.30
CA GLY F 103 25.56 -42.51 39.04
C GLY F 103 26.13 -41.54 40.05
N GLY F 104 25.71 -40.29 39.92
CA GLY F 104 26.13 -39.25 40.83
C GLY F 104 25.37 -39.18 42.14
N SER F 105 24.14 -39.66 42.16
CA SER F 105 23.32 -39.78 43.37
C SER F 105 23.11 -41.27 43.59
N CYS F 106 24.00 -41.89 44.36
CA CYS F 106 24.10 -43.34 44.43
C CYS F 106 24.18 -43.79 45.88
N TYR F 107 24.47 -45.08 46.05
CA TYR F 107 24.45 -45.74 47.36
C TYR F 107 25.74 -45.43 48.12
N ASP F 108 25.98 -46.17 49.21
CA ASP F 108 27.09 -45.92 50.11
C ASP F 108 28.05 -47.09 50.26
N GLY F 109 27.61 -48.32 50.04
CA GLY F 109 28.42 -49.47 50.40
C GLY F 109 29.52 -49.77 49.40
N PHE F 110 30.44 -50.64 49.83
CA PHE F 110 31.53 -51.16 49.00
C PHE F 110 31.22 -52.64 48.77
N ASP F 111 30.48 -52.91 47.70
CA ASP F 111 29.88 -54.24 47.54
C ASP F 111 30.68 -55.17 46.63
N LEU F 112 31.10 -54.69 45.47
CA LEU F 112 31.66 -55.58 44.44
C LEU F 112 33.18 -55.65 44.58
N TRP F 113 33.79 -56.39 43.66
CA TRP F 113 35.16 -56.88 43.77
C TRP F 113 35.98 -56.46 42.56
N GLY F 114 37.28 -56.75 42.63
CA GLY F 114 38.15 -56.62 41.49
C GLY F 114 38.42 -57.95 40.83
N GLN F 115 39.69 -58.29 40.65
CA GLN F 115 40.06 -59.61 40.15
C GLN F 115 41.11 -60.23 41.06
N GLY F 116 41.86 -59.39 41.78
CA GLY F 116 42.83 -59.89 42.73
C GLY F 116 44.20 -60.09 42.13
N THR F 117 45.24 -59.62 42.81
CA THR F 117 46.62 -59.74 42.34
C THR F 117 47.40 -60.59 43.35
N MET F 118 47.76 -61.80 42.94
CA MET F 118 48.50 -62.73 43.78
C MET F 118 49.99 -62.42 43.67
N VAL F 119 50.60 -62.02 44.78
CA VAL F 119 52.03 -61.76 44.85
C VAL F 119 52.67 -62.91 45.60
N THR F 120 53.48 -63.71 44.91
CA THR F 120 54.16 -64.86 45.49
C THR F 120 55.66 -64.61 45.47
N VAL F 121 56.30 -64.81 46.62
CA VAL F 121 57.71 -64.51 46.79
C VAL F 121 58.44 -65.80 47.17
N SER F 122 59.58 -66.03 46.50
CA SER F 122 60.42 -67.18 46.79
C SER F 122 61.86 -66.82 46.43
N SER F 123 62.76 -67.03 47.38
CA SER F 123 64.18 -66.71 47.22
C SER F 123 64.38 -65.25 46.81
N ALA G 46 -52.09 -16.68 -18.85
CA ALA G 46 -52.58 -15.31 -18.86
C ALA G 46 -51.48 -14.34 -18.46
N TYR G 47 -51.52 -13.14 -19.05
CA TYR G 47 -50.52 -12.11 -18.77
C TYR G 47 -51.23 -10.78 -18.63
N THR G 48 -50.61 -9.86 -17.89
CA THR G 48 -51.19 -8.53 -17.70
C THR G 48 -50.07 -7.54 -17.38
N ASN G 49 -50.45 -6.27 -17.28
CA ASN G 49 -49.50 -5.18 -17.12
C ASN G 49 -49.35 -4.84 -15.64
N SER G 50 -48.10 -4.73 -15.19
CA SER G 50 -47.81 -4.42 -13.80
C SER G 50 -48.05 -2.96 -13.45
N PHE G 51 -48.06 -2.08 -14.44
CA PHE G 51 -48.22 -0.63 -14.23
C PHE G 51 -47.13 -0.15 -13.29
N THR G 52 -47.45 0.48 -12.16
CA THR G 52 -46.44 1.02 -11.26
C THR G 52 -46.51 0.38 -9.87
N ARG G 53 -47.11 -0.80 -9.76
CA ARG G 53 -47.22 -1.46 -8.48
C ARG G 53 -45.91 -2.17 -8.12
N GLY G 54 -45.84 -2.65 -6.89
CA GLY G 54 -44.70 -3.43 -6.44
C GLY G 54 -43.57 -2.64 -5.83
N VAL G 55 -43.79 -1.41 -5.40
CA VAL G 55 -42.75 -0.60 -4.77
C VAL G 55 -42.89 -0.69 -3.26
N TYR G 56 -41.79 -1.01 -2.59
CA TYR G 56 -41.75 -1.14 -1.14
C TYR G 56 -40.61 -0.29 -0.59
N TYR G 57 -40.73 0.08 0.68
CA TYR G 57 -39.74 0.94 1.30
C TYR G 57 -38.41 0.21 1.40
N PRO G 58 -37.33 0.76 0.85
CA PRO G 58 -36.04 0.05 0.91
C PRO G 58 -35.55 -0.24 2.32
N ASP G 59 -35.76 0.69 3.25
CA ASP G 59 -35.26 0.52 4.60
C ASP G 59 -36.06 1.42 5.54
N LYS G 60 -35.88 1.18 6.85
CA LYS G 60 -36.63 1.88 7.88
C LYS G 60 -35.94 3.21 8.21
N VAL G 61 -35.83 4.06 7.20
CA VAL G 61 -35.18 5.36 7.32
C VAL G 61 -36.19 6.43 6.96
N PHE G 62 -36.30 7.44 7.82
CA PHE G 62 -37.23 8.55 7.60
C PHE G 62 -36.57 9.62 6.75
N ARG G 63 -37.25 10.03 5.68
CA ARG G 63 -36.79 11.09 4.82
C ARG G 63 -37.95 12.01 4.49
N SER G 64 -37.69 13.31 4.44
CA SER G 64 -38.74 14.32 4.28
C SER G 64 -38.46 15.16 3.05
N SER G 65 -39.39 15.14 2.09
CA SER G 65 -39.39 16.03 0.94
C SER G 65 -38.08 15.99 0.17
N VAL G 66 -37.56 14.78 -0.02
CA VAL G 66 -36.32 14.58 -0.77
C VAL G 66 -36.52 13.48 -1.79
N LEU G 67 -35.72 13.51 -2.85
CA LEU G 67 -35.71 12.48 -3.88
C LEU G 67 -34.50 11.59 -3.66
N HIS G 68 -34.73 10.30 -3.54
CA HIS G 68 -33.67 9.34 -3.26
C HIS G 68 -33.54 8.34 -4.40
N SER G 69 -32.33 8.19 -4.93
CA SER G 69 -32.03 7.20 -5.94
C SER G 69 -31.36 6.01 -5.26
N THR G 70 -31.99 4.85 -5.35
CA THR G 70 -31.47 3.64 -4.71
C THR G 70 -31.57 2.46 -5.66
N GLN G 71 -30.61 1.56 -5.57
CA GLN G 71 -30.56 0.36 -6.41
C GLN G 71 -30.82 -0.86 -5.53
N ASP G 72 -31.81 -1.65 -5.91
CA ASP G 72 -32.19 -2.86 -5.17
C ASP G 72 -33.10 -3.69 -6.05
N LEU G 73 -33.69 -4.73 -5.47
CA LEU G 73 -34.62 -5.60 -6.19
C LEU G 73 -35.99 -4.95 -6.21
N PHE G 74 -36.46 -4.61 -7.42
CA PHE G 74 -37.76 -3.98 -7.61
C PHE G 74 -38.48 -4.66 -8.76
N LEU G 75 -39.81 -4.60 -8.72
CA LEU G 75 -40.60 -5.03 -9.86
C LEU G 75 -40.54 -3.96 -10.94
N PRO G 76 -40.10 -4.29 -12.16
CA PRO G 76 -39.98 -3.27 -13.20
C PRO G 76 -41.34 -2.66 -13.53
N PHE G 77 -41.31 -1.36 -13.82
CA PHE G 77 -42.53 -0.67 -14.21
C PHE G 77 -43.03 -1.17 -15.56
N PHE G 78 -44.35 -1.26 -15.68
CA PHE G 78 -45.02 -1.71 -16.91
C PHE G 78 -44.56 -3.10 -17.34
N SER G 79 -44.07 -3.91 -16.40
CA SER G 79 -43.63 -5.24 -16.74
C SER G 79 -44.83 -6.17 -16.94
N ASN G 80 -44.58 -7.27 -17.65
CA ASN G 80 -45.60 -8.27 -17.91
C ASN G 80 -45.59 -9.27 -16.76
N VAL G 81 -46.69 -9.32 -16.00
CA VAL G 81 -46.81 -10.20 -14.86
C VAL G 81 -47.84 -11.27 -15.15
N THR G 82 -47.64 -12.45 -14.58
CA THR G 82 -48.47 -13.60 -14.88
C THR G 82 -49.76 -13.56 -14.07
N TRP G 83 -50.86 -13.92 -14.71
CA TRP G 83 -52.19 -13.90 -14.10
C TRP G 83 -52.69 -15.32 -13.97
N PHE G 84 -53.07 -15.71 -12.75
CA PHE G 84 -53.62 -17.04 -12.48
C PHE G 84 -55.04 -16.92 -11.99
N HIS G 85 -55.89 -17.87 -12.40
CA HIS G 85 -57.29 -17.87 -12.02
C HIS G 85 -57.59 -18.98 -11.02
N ASP G 99 -56.41 -22.25 -9.70
CA ASP G 99 -55.21 -23.05 -9.95
C ASP G 99 -54.07 -22.64 -9.03
N ASN G 100 -53.21 -23.61 -8.69
CA ASN G 100 -52.07 -23.37 -7.81
C ASN G 100 -50.88 -24.19 -8.28
N PRO G 101 -50.26 -23.79 -9.39
CA PRO G 101 -49.05 -24.48 -9.84
C PRO G 101 -47.82 -24.04 -9.07
N VAL G 102 -46.83 -24.92 -9.04
CA VAL G 102 -45.56 -24.60 -8.39
C VAL G 102 -44.82 -23.58 -9.24
N LEU G 103 -44.39 -22.48 -8.60
CA LEU G 103 -43.74 -21.40 -9.31
C LEU G 103 -42.34 -21.16 -8.75
N PRO G 104 -41.37 -20.84 -9.61
CA PRO G 104 -40.00 -20.64 -9.13
C PRO G 104 -39.84 -19.32 -8.38
N PHE G 105 -38.79 -19.27 -7.56
CA PHE G 105 -38.40 -18.07 -6.84
C PHE G 105 -36.97 -17.73 -7.23
N ASN G 106 -36.80 -16.67 -8.01
CA ASN G 106 -35.49 -16.34 -8.56
C ASN G 106 -34.72 -15.39 -7.64
N ASP G 107 -35.24 -14.19 -7.43
CA ASP G 107 -34.59 -13.21 -6.57
C ASP G 107 -35.59 -12.61 -5.60
N GLY G 108 -36.85 -12.52 -6.02
CA GLY G 108 -37.88 -11.94 -5.20
C GLY G 108 -39.25 -12.07 -5.87
N VAL G 109 -40.26 -12.42 -5.08
CA VAL G 109 -41.59 -12.71 -5.61
C VAL G 109 -42.56 -11.63 -5.17
N TYR G 110 -43.27 -11.03 -6.12
CA TYR G 110 -44.33 -10.08 -5.83
C TYR G 110 -45.67 -10.77 -6.10
N PHE G 111 -46.49 -10.85 -5.07
CA PHE G 111 -47.80 -11.49 -5.14
C PHE G 111 -48.88 -10.41 -4.99
N ALA G 112 -49.89 -10.47 -5.85
CA ALA G 112 -51.01 -9.54 -5.77
C ALA G 112 -52.31 -10.32 -5.81
N SER G 113 -53.25 -9.93 -4.96
CA SER G 113 -54.55 -10.59 -4.92
C SER G 113 -55.65 -9.54 -4.84
N THR G 114 -56.72 -9.77 -5.59
CA THR G 114 -57.93 -8.94 -5.52
C THR G 114 -59.04 -9.86 -5.01
N GLU G 115 -59.14 -9.99 -3.70
CA GLU G 115 -60.03 -10.95 -3.07
C GLU G 115 -60.88 -10.29 -2.00
N LYS G 116 -62.14 -10.70 -1.91
CA LYS G 116 -63.03 -10.26 -0.86
C LYS G 116 -63.42 -11.37 0.10
N SER G 117 -63.24 -12.63 -0.28
CA SER G 117 -63.56 -13.77 0.56
C SER G 117 -62.34 -14.35 1.27
N ASN G 118 -61.17 -13.75 1.10
CA ASN G 118 -59.93 -14.22 1.71
C ASN G 118 -59.67 -15.69 1.37
N ILE G 119 -59.90 -16.05 0.11
CA ILE G 119 -59.76 -17.44 -0.31
C ILE G 119 -58.30 -17.88 -0.24
N ILE G 120 -57.39 -17.06 -0.76
CA ILE G 120 -55.96 -17.36 -0.75
C ILE G 120 -55.38 -16.88 0.57
N ARG G 121 -54.94 -17.82 1.41
CA ARG G 121 -54.46 -17.43 2.74
C ARG G 121 -53.26 -18.28 3.16
N GLY G 122 -52.41 -18.64 2.21
CA GLY G 122 -51.27 -19.47 2.55
C GLY G 122 -50.18 -19.39 1.50
N TRP G 123 -48.97 -19.68 1.93
CA TRP G 123 -47.81 -19.67 1.05
C TRP G 123 -46.82 -20.73 1.50
N ILE G 124 -46.07 -21.27 0.55
CA ILE G 124 -45.07 -22.30 0.80
C ILE G 124 -43.80 -21.91 0.06
N PHE G 125 -42.66 -22.00 0.76
CA PHE G 125 -41.37 -21.66 0.18
C PHE G 125 -40.37 -22.76 0.48
N GLY G 126 -39.47 -22.99 -0.46
CA GLY G 126 -38.45 -24.01 -0.29
C GLY G 126 -37.87 -24.40 -1.63
N THR G 127 -37.09 -25.48 -1.61
CA THR G 127 -36.45 -26.02 -2.80
C THR G 127 -36.98 -27.40 -3.17
N THR G 128 -36.94 -28.36 -2.25
CA THR G 128 -37.42 -29.71 -2.52
C THR G 128 -38.89 -29.88 -2.17
N LEU G 129 -39.33 -29.30 -1.05
CA LEU G 129 -40.72 -29.39 -0.59
C LEU G 129 -41.16 -30.83 -0.37
N ASP G 130 -40.22 -31.70 0.00
CA ASP G 130 -40.52 -33.11 0.23
C ASP G 130 -39.82 -33.64 1.47
N SER G 131 -39.62 -32.79 2.47
CA SER G 131 -38.94 -33.08 3.72
C SER G 131 -37.45 -33.36 3.53
N LYS G 132 -36.92 -33.24 2.32
CA LYS G 132 -35.49 -33.43 2.11
C LYS G 132 -34.70 -32.23 2.61
N THR G 133 -35.26 -31.03 2.47
CA THR G 133 -34.62 -29.79 2.89
C THR G 133 -35.61 -28.96 3.69
N GLN G 134 -35.09 -27.90 4.32
CA GLN G 134 -35.92 -27.01 5.12
C GLN G 134 -36.94 -26.31 4.24
N SER G 135 -38.17 -26.18 4.74
CA SER G 135 -39.26 -25.54 4.03
C SER G 135 -40.06 -24.67 4.99
N LEU G 136 -40.61 -23.59 4.46
CA LEU G 136 -41.37 -22.62 5.23
C LEU G 136 -42.82 -22.63 4.76
N LEU G 137 -43.75 -22.69 5.71
CA LEU G 137 -45.17 -22.66 5.42
C LEU G 137 -45.82 -21.56 6.25
N ILE G 138 -46.56 -20.68 5.57
CA ILE G 138 -47.26 -19.57 6.22
C ILE G 138 -48.75 -19.74 5.96
N VAL G 139 -49.55 -19.71 7.03
CA VAL G 139 -51.00 -19.83 6.93
C VAL G 139 -51.62 -18.71 7.76
N ASN G 140 -52.49 -17.92 7.14
CA ASN G 140 -53.16 -16.81 7.81
C ASN G 140 -54.63 -17.20 7.97
N ASN G 141 -54.95 -17.83 9.09
CA ASN G 141 -56.29 -18.34 9.35
C ASN G 141 -56.91 -17.60 10.53
N ALA G 142 -58.19 -17.25 10.39
CA ALA G 142 -58.92 -16.50 11.39
C ALA G 142 -58.17 -15.21 11.76
N THR G 143 -57.75 -15.09 13.02
CA THR G 143 -57.00 -13.94 13.48
C THR G 143 -55.54 -14.26 13.76
N ASN G 144 -55.05 -15.41 13.30
CA ASN G 144 -53.70 -15.85 13.59
C ASN G 144 -52.97 -16.14 12.29
N VAL G 145 -51.77 -15.58 12.16
CA VAL G 145 -50.87 -15.88 11.06
C VAL G 145 -49.71 -16.70 11.61
N VAL G 146 -49.63 -17.96 11.21
CA VAL G 146 -48.64 -18.90 11.74
C VAL G 146 -47.65 -19.22 10.63
N ILE G 147 -46.36 -19.01 10.92
CA ILE G 147 -45.27 -19.33 10.00
C ILE G 147 -44.40 -20.38 10.66
N LYS G 148 -44.23 -21.51 10.00
CA LYS G 148 -43.43 -22.61 10.51
C LYS G 148 -42.36 -22.99 9.51
N VAL G 149 -41.11 -23.01 9.96
CA VAL G 149 -39.98 -23.43 9.16
C VAL G 149 -39.54 -24.79 9.70
N CYS G 150 -39.89 -25.85 8.96
CA CYS G 150 -39.61 -27.22 9.34
C CYS G 150 -39.28 -28.02 8.09
N GLU G 151 -38.87 -29.27 8.30
CA GLU G 151 -38.74 -30.21 7.20
C GLU G 151 -40.13 -30.77 6.91
N PHE G 152 -40.79 -30.22 5.90
CA PHE G 152 -42.17 -30.55 5.59
C PHE G 152 -42.25 -31.54 4.44
N GLN G 153 -43.06 -32.58 4.63
CA GLN G 153 -43.38 -33.52 3.55
C GLN G 153 -44.70 -33.08 2.95
N PHE G 154 -44.62 -32.08 2.06
CA PHE G 154 -45.80 -31.48 1.48
C PHE G 154 -46.54 -32.46 0.57
N CYS G 155 -47.86 -32.30 0.52
CA CYS G 155 -48.68 -33.11 -0.36
C CYS G 155 -48.49 -32.69 -1.81
N ASN G 156 -48.83 -33.60 -2.72
CA ASN G 156 -48.70 -33.31 -4.14
C ASN G 156 -49.61 -32.16 -4.57
N ASP G 157 -50.84 -32.13 -4.06
CA ASP G 157 -51.80 -31.06 -4.36
C ASP G 157 -52.34 -30.50 -3.05
N PRO G 158 -51.56 -29.67 -2.37
CA PRO G 158 -52.02 -29.09 -1.10
C PRO G 158 -53.24 -28.20 -1.31
N PHE G 159 -54.14 -28.20 -0.34
CA PHE G 159 -55.34 -27.40 -0.42
C PHE G 159 -55.87 -27.14 0.98
N LEU G 160 -56.75 -26.15 1.09
CA LEU G 160 -57.38 -25.80 2.35
C LEU G 160 -58.90 -25.96 2.22
N GLY G 161 -59.54 -26.31 3.34
CA GLY G 161 -60.96 -26.52 3.36
C GLY G 161 -61.74 -25.23 3.51
N VAL G 162 -63.05 -25.39 3.67
CA VAL G 162 -63.94 -24.24 3.83
C VAL G 162 -64.87 -24.45 5.01
N GLU G 175 -60.84 -28.00 7.18
CA GLU G 175 -59.98 -28.99 6.58
C GLU G 175 -58.62 -28.39 6.21
N PHE G 176 -57.55 -29.10 6.57
CA PHE G 176 -56.19 -28.65 6.29
C PHE G 176 -55.40 -29.83 5.74
N ARG G 177 -55.12 -29.79 4.44
CA ARG G 177 -54.37 -30.84 3.74
C ARG G 177 -53.27 -30.16 2.94
N VAL G 178 -52.12 -29.93 3.58
CA VAL G 178 -50.99 -29.27 2.96
C VAL G 178 -49.74 -30.16 2.97
N TYR G 179 -49.44 -30.75 4.12
CA TYR G 179 -48.25 -31.57 4.27
C TYR G 179 -48.62 -32.85 5.00
N SER G 180 -47.79 -33.88 4.80
CA SER G 180 -48.00 -35.15 5.47
C SER G 180 -47.31 -35.23 6.82
N SER G 181 -46.12 -34.63 6.96
CA SER G 181 -45.39 -34.66 8.22
C SER G 181 -44.51 -33.43 8.30
N ALA G 182 -44.11 -33.10 9.54
CA ALA G 182 -43.25 -31.94 9.81
C ALA G 182 -42.18 -32.41 10.79
N ASN G 183 -41.01 -32.74 10.27
CA ASN G 183 -39.90 -33.22 11.08
C ASN G 183 -38.78 -32.19 11.11
N ASN G 184 -38.12 -32.08 12.27
CA ASN G 184 -36.97 -31.21 12.47
C ASN G 184 -37.31 -29.75 12.18
N CYS G 185 -38.23 -29.22 12.96
CA CYS G 185 -38.54 -27.80 12.86
C CYS G 185 -37.38 -26.93 13.29
N THR G 186 -37.19 -25.82 12.57
CA THR G 186 -36.15 -24.86 12.88
C THR G 186 -36.69 -23.51 13.33
N PHE G 187 -37.93 -23.16 12.99
CA PHE G 187 -38.44 -21.86 13.40
C PHE G 187 -39.96 -21.90 13.48
N GLU G 188 -40.52 -21.05 14.35
CA GLU G 188 -41.96 -20.91 14.47
C GLU G 188 -42.29 -19.49 14.92
N TYR G 189 -43.33 -18.91 14.32
CA TYR G 189 -43.76 -17.56 14.68
C TYR G 189 -45.27 -17.46 14.53
N VAL G 190 -45.89 -16.68 15.42
CA VAL G 190 -47.33 -16.45 15.41
C VAL G 190 -47.58 -14.96 15.51
N SER G 191 -48.48 -14.46 14.67
CA SER G 191 -48.85 -13.05 14.69
C SER G 191 -50.36 -12.87 14.62
N ASN G 207 -60.06 -6.78 -0.07
CA ASN G 207 -59.92 -5.99 -1.29
C ASN G 207 -58.61 -6.34 -2.01
N LEU G 208 -57.74 -5.35 -2.21
CA LEU G 208 -56.46 -5.58 -2.88
C LEU G 208 -55.38 -5.79 -1.82
N ARG G 209 -54.61 -6.86 -1.97
CA ARG G 209 -53.53 -7.18 -1.05
C ARG G 209 -52.27 -7.46 -1.86
N GLU G 210 -51.19 -6.76 -1.52
CA GLU G 210 -49.92 -6.89 -2.21
C GLU G 210 -48.83 -7.31 -1.23
N PHE G 211 -48.02 -8.28 -1.64
CA PHE G 211 -46.96 -8.82 -0.80
C PHE G 211 -45.69 -8.93 -1.62
N VAL G 212 -44.56 -8.73 -0.97
CA VAL G 212 -43.24 -8.92 -1.57
C VAL G 212 -42.42 -9.80 -0.63
N PHE G 213 -41.88 -10.88 -1.18
CA PHE G 213 -41.05 -11.81 -0.43
C PHE G 213 -39.67 -11.83 -1.05
N LYS G 214 -38.63 -11.63 -0.23
CA LYS G 214 -37.27 -11.72 -0.74
C LYS G 214 -36.33 -12.20 0.35
N ASN G 215 -35.43 -13.12 -0.01
CA ASN G 215 -34.44 -13.67 0.90
C ASN G 215 -33.09 -13.06 0.58
N ILE G 216 -32.60 -12.21 1.48
CA ILE G 216 -31.33 -11.52 1.30
C ILE G 216 -30.46 -11.79 2.53
N ASP G 217 -29.26 -12.33 2.30
CA ASP G 217 -28.26 -12.54 3.35
C ASP G 217 -28.81 -13.34 4.52
N GLY G 218 -29.58 -14.38 4.20
CA GLY G 218 -30.16 -15.22 5.23
C GLY G 218 -31.34 -14.63 5.97
N TYR G 219 -31.85 -13.50 5.52
CA TYR G 219 -33.03 -12.87 6.11
C TYR G 219 -34.17 -12.93 5.09
N PHE G 220 -35.28 -13.52 5.48
CA PHE G 220 -36.47 -13.57 4.64
C PHE G 220 -37.35 -12.39 5.01
N LYS G 221 -37.38 -11.38 4.16
CA LYS G 221 -38.15 -10.17 4.38
C LYS G 221 -39.47 -10.26 3.63
N ILE G 222 -40.56 -10.01 4.36
CA ILE G 222 -41.91 -9.99 3.81
C ILE G 222 -42.48 -8.61 4.05
N TYR G 223 -42.86 -7.94 2.96
CA TYR G 223 -43.49 -6.63 2.99
C TYR G 223 -44.94 -6.79 2.54
N SER G 224 -45.85 -6.10 3.21
CA SER G 224 -47.27 -6.26 2.95
C SER G 224 -47.95 -4.91 2.82
N LYS G 225 -49.05 -4.89 2.06
CA LYS G 225 -49.88 -3.70 1.92
C LYS G 225 -51.30 -4.12 1.59
N HIS G 226 -52.27 -3.45 2.22
CA HIS G 226 -53.69 -3.71 1.99
C HIS G 226 -54.37 -2.41 1.59
N THR G 227 -55.07 -2.44 0.47
CA THR G 227 -55.76 -1.28 -0.07
C THR G 227 -57.16 -1.66 -0.51
N PRO G 228 -58.06 -0.69 -0.61
CA PRO G 228 -59.36 -0.97 -1.23
C PRO G 228 -59.21 -1.31 -2.70
N ILE G 229 -60.13 -2.12 -3.20
CA ILE G 229 -60.10 -2.61 -4.58
C ILE G 229 -61.32 -2.07 -5.30
N ASN G 230 -61.09 -1.46 -6.46
CA ASN G 230 -62.17 -0.93 -7.29
C ASN G 230 -62.25 -1.61 -8.65
N LEU G 231 -61.48 -2.67 -8.87
CA LEU G 231 -61.48 -3.40 -10.12
C LEU G 231 -61.86 -4.86 -9.86
N VAL G 232 -62.40 -5.51 -10.89
CA VAL G 232 -62.89 -6.87 -10.77
C VAL G 232 -61.77 -7.86 -11.04
N ARG G 233 -61.23 -7.83 -12.26
CA ARG G 233 -60.20 -8.77 -12.70
C ARG G 233 -59.07 -8.02 -13.40
N ASP G 234 -58.65 -6.91 -12.80
CA ASP G 234 -57.57 -6.12 -13.38
C ASP G 234 -56.79 -5.44 -12.26
N LEU G 235 -55.56 -5.06 -12.56
CA LEU G 235 -54.70 -4.38 -11.59
C LEU G 235 -54.91 -2.89 -11.71
N PRO G 236 -55.39 -2.21 -10.68
CA PRO G 236 -55.61 -0.76 -10.78
C PRO G 236 -54.31 -0.02 -11.05
N GLN G 237 -54.42 1.03 -11.88
CA GLN G 237 -53.24 1.82 -12.26
C GLN G 237 -53.04 2.96 -11.25
N GLY G 238 -52.54 2.56 -10.08
CA GLY G 238 -52.24 3.51 -9.03
C GLY G 238 -50.90 3.23 -8.39
N PHE G 239 -50.57 3.96 -7.31
CA PHE G 239 -49.32 3.80 -6.61
C PHE G 239 -49.57 3.63 -5.12
N SER G 240 -48.95 2.62 -4.52
CA SER G 240 -49.07 2.37 -3.09
C SER G 240 -47.84 1.61 -2.63
N ALA G 241 -47.14 2.16 -1.66
CA ALA G 241 -45.91 1.57 -1.14
C ALA G 241 -46.25 0.41 -0.22
N LEU G 242 -45.43 -0.65 -0.28
CA LEU G 242 -45.62 -1.81 0.58
C LEU G 242 -44.78 -1.63 1.84
N GLU G 243 -45.46 -1.39 2.97
CA GLU G 243 -44.76 -1.23 4.23
C GLU G 243 -44.17 -2.57 4.67
N PRO G 244 -43.00 -2.56 5.30
CA PRO G 244 -42.42 -3.82 5.79
C PRO G 244 -43.29 -4.44 6.86
N LEU G 245 -43.36 -5.77 6.84
CA LEU G 245 -44.16 -6.52 7.80
C LEU G 245 -43.29 -7.37 8.73
N VAL G 246 -42.48 -8.27 8.17
CA VAL G 246 -41.61 -9.12 8.99
C VAL G 246 -40.26 -9.31 8.31
N ASP G 247 -39.27 -9.63 9.13
CA ASP G 247 -37.92 -9.96 8.67
C ASP G 247 -37.46 -11.19 9.47
N LEU G 248 -37.77 -12.37 8.95
CA LEU G 248 -37.42 -13.61 9.65
C LEU G 248 -35.95 -13.92 9.48
N PRO G 249 -35.19 -14.08 10.55
CA PRO G 249 -33.76 -14.45 10.45
C PRO G 249 -33.57 -15.95 10.25
N ILE G 250 -34.02 -16.45 9.10
CA ILE G 250 -34.00 -17.87 8.80
C ILE G 250 -33.12 -18.10 7.57
N GLY G 251 -32.15 -19.01 7.71
CA GLY G 251 -31.25 -19.33 6.62
C GLY G 251 -31.75 -20.47 5.76
N ILE G 252 -32.77 -20.21 4.93
CA ILE G 252 -33.38 -21.23 4.08
C ILE G 252 -33.17 -20.82 2.62
N ASN G 253 -32.71 -21.78 1.81
CA ASN G 253 -32.54 -21.55 0.38
C ASN G 253 -33.89 -21.75 -0.30
N ILE G 254 -34.43 -20.67 -0.88
CA ILE G 254 -35.74 -20.69 -1.50
C ILE G 254 -35.57 -20.54 -3.00
N THR G 255 -36.08 -21.52 -3.75
CA THR G 255 -36.04 -21.50 -5.20
C THR G 255 -37.41 -21.67 -5.85
N ARG G 256 -38.38 -22.28 -5.18
CA ARG G 256 -39.72 -22.46 -5.70
C ARG G 256 -40.74 -22.09 -4.63
N PHE G 257 -41.93 -21.71 -5.06
CA PHE G 257 -42.98 -21.37 -4.12
C PHE G 257 -44.34 -21.73 -4.72
N GLN G 258 -45.30 -21.98 -3.82
CA GLN G 258 -46.66 -22.32 -4.21
C GLN G 258 -47.62 -21.71 -3.21
N THR G 259 -48.76 -21.23 -3.71
CA THR G 259 -49.76 -20.58 -2.88
C THR G 259 -50.74 -21.59 -2.32
N LEU G 260 -51.46 -21.16 -1.28
CA LEU G 260 -52.44 -22.01 -0.60
C LEU G 260 -53.78 -21.29 -0.55
N LEU G 261 -54.81 -21.94 -1.09
CA LEU G 261 -56.12 -21.36 -1.28
C LEU G 261 -57.16 -22.19 -0.53
N ALA G 262 -58.11 -21.52 0.09
CA ALA G 262 -59.21 -22.19 0.77
C ALA G 262 -60.03 -23.05 -0.19
N ALA G 282 -61.65 -17.02 -7.76
CA ALA G 282 -60.59 -16.13 -7.31
C ALA G 282 -59.45 -16.09 -8.32
N ALA G 283 -58.57 -15.11 -8.16
CA ALA G 283 -57.45 -14.93 -9.08
C ALA G 283 -56.34 -14.17 -8.37
N TYR G 284 -55.14 -14.26 -8.93
CA TYR G 284 -53.99 -13.55 -8.37
C TYR G 284 -52.98 -13.29 -9.48
N TYR G 285 -51.94 -12.52 -9.13
CA TYR G 285 -50.93 -12.08 -10.06
C TYR G 285 -49.55 -12.28 -9.46
N VAL G 286 -48.60 -12.70 -10.30
CA VAL G 286 -47.26 -13.05 -9.86
C VAL G 286 -46.25 -12.25 -10.70
N GLY G 287 -45.27 -11.64 -10.03
CA GLY G 287 -44.20 -10.95 -10.71
C GLY G 287 -42.86 -11.25 -10.07
N TYR G 288 -41.81 -11.02 -10.85
CA TYR G 288 -40.44 -11.31 -10.43
C TYR G 288 -39.64 -10.03 -10.36
N LEU G 289 -38.90 -9.84 -9.27
CA LEU G 289 -38.11 -8.64 -9.06
C LEU G 289 -36.79 -8.72 -9.81
N GLN G 290 -36.24 -7.55 -10.12
CA GLN G 290 -34.97 -7.42 -10.82
C GLN G 290 -34.10 -6.40 -10.10
N PRO G 291 -32.78 -6.54 -10.19
CA PRO G 291 -31.86 -5.56 -9.55
C PRO G 291 -31.76 -4.26 -10.34
N ARG G 292 -32.70 -3.36 -10.09
CA ARG G 292 -32.79 -2.11 -10.82
C ARG G 292 -32.63 -0.92 -9.88
N THR G 293 -32.43 0.25 -10.47
CA THR G 293 -32.29 1.50 -9.76
C THR G 293 -33.57 2.31 -9.92
N PHE G 294 -34.09 2.80 -8.80
CA PHE G 294 -35.33 3.57 -8.78
C PHE G 294 -35.13 4.88 -8.03
N LEU G 295 -35.84 5.91 -8.48
CA LEU G 295 -35.87 7.20 -7.80
C LEU G 295 -37.22 7.35 -7.11
N LEU G 296 -37.19 7.52 -5.80
CA LEU G 296 -38.40 7.64 -4.99
C LEU G 296 -38.55 9.07 -4.51
N LYS G 297 -39.78 9.58 -4.54
CA LYS G 297 -40.10 10.93 -4.10
C LYS G 297 -40.78 10.86 -2.74
N TYR G 298 -40.02 11.12 -1.68
CA TYR G 298 -40.58 11.16 -0.33
C TYR G 298 -41.35 12.46 -0.11
N ASN G 299 -42.40 12.37 0.70
CA ASN G 299 -43.18 13.54 1.06
C ASN G 299 -42.62 14.15 2.34
N GLU G 300 -43.37 15.09 2.93
CA GLU G 300 -42.97 15.66 4.21
C GLU G 300 -43.34 14.75 5.38
N ASN G 301 -44.21 13.77 5.16
CA ASN G 301 -44.66 12.86 6.22
C ASN G 301 -43.91 11.54 6.21
N GLY G 302 -42.86 11.41 5.41
CA GLY G 302 -42.06 10.20 5.37
C GLY G 302 -42.56 9.12 4.45
N THR G 303 -43.65 9.35 3.73
CA THR G 303 -44.15 8.39 2.76
C THR G 303 -43.71 8.78 1.36
N ILE G 304 -43.73 7.81 0.45
CA ILE G 304 -43.33 8.02 -0.93
C ILE G 304 -44.58 8.17 -1.78
N THR G 305 -44.57 9.18 -2.66
CA THR G 305 -45.72 9.47 -3.50
C THR G 305 -45.53 9.10 -4.96
N ASP G 306 -44.29 8.94 -5.42
CA ASP G 306 -44.05 8.58 -6.81
C ASP G 306 -42.69 7.92 -6.93
N ALA G 307 -42.53 7.13 -7.98
CA ALA G 307 -41.28 6.43 -8.25
C ALA G 307 -41.02 6.45 -9.75
N VAL G 308 -39.73 6.48 -10.10
CA VAL G 308 -39.29 6.49 -11.49
C VAL G 308 -38.28 5.38 -11.68
N ASP G 309 -38.48 4.56 -12.71
CA ASP G 309 -37.56 3.50 -13.07
C ASP G 309 -36.54 4.05 -14.04
N CYS G 310 -35.25 3.98 -13.67
CA CYS G 310 -34.20 4.58 -14.49
C CYS G 310 -34.08 3.92 -15.85
N ALA G 311 -34.41 2.63 -15.96
CA ALA G 311 -34.24 1.89 -17.19
C ALA G 311 -35.51 1.81 -18.02
N LEU G 312 -36.56 2.55 -17.65
CA LEU G 312 -37.83 2.47 -18.36
C LEU G 312 -37.71 3.05 -19.77
N ASP G 313 -37.13 4.24 -19.89
CA ASP G 313 -37.07 4.93 -21.17
C ASP G 313 -36.01 6.02 -21.07
N PRO G 314 -35.59 6.58 -22.21
CA PRO G 314 -34.62 7.68 -22.14
C PRO G 314 -35.07 8.87 -21.31
N LEU G 315 -36.37 9.19 -21.32
CA LEU G 315 -36.86 10.26 -20.46
C LEU G 315 -36.67 9.91 -18.99
N SER G 316 -36.92 8.65 -18.63
CA SER G 316 -36.70 8.23 -17.24
C SER G 316 -35.23 8.23 -16.90
N GLU G 317 -34.37 7.89 -17.85
CA GLU G 317 -32.93 7.98 -17.61
C GLU G 317 -32.51 9.41 -17.38
N THR G 318 -33.09 10.36 -18.13
CA THR G 318 -32.82 11.77 -17.89
C THR G 318 -33.29 12.19 -16.50
N LYS G 319 -34.47 11.72 -16.10
CA LYS G 319 -34.98 12.03 -14.77
C LYS G 319 -34.04 11.52 -13.69
N CYS G 320 -33.51 10.31 -13.87
CA CYS G 320 -32.59 9.75 -12.88
C CYS G 320 -31.26 10.51 -12.86
N THR G 321 -30.72 10.85 -14.03
CA THR G 321 -29.40 11.49 -14.06
C THR G 321 -29.46 12.93 -13.58
N LEU G 322 -30.60 13.60 -13.78
CA LEU G 322 -30.76 14.94 -13.22
C LEU G 322 -31.10 14.90 -11.74
N LYS G 323 -31.54 13.74 -11.24
CA LYS G 323 -31.95 13.59 -9.84
C LYS G 323 -33.03 14.61 -9.48
N SER G 324 -33.88 14.92 -10.45
CA SER G 324 -35.00 15.82 -10.27
C SER G 324 -36.24 15.22 -10.91
N PHE G 325 -37.39 15.48 -10.31
CA PHE G 325 -38.62 14.88 -10.78
C PHE G 325 -39.20 15.59 -12.00
N THR G 326 -38.68 16.76 -12.35
CA THR G 326 -39.13 17.50 -13.52
C THR G 326 -37.91 17.84 -14.37
N VAL G 327 -37.99 17.57 -15.67
CA VAL G 327 -36.90 17.79 -16.60
C VAL G 327 -37.17 19.08 -17.36
N GLU G 328 -36.24 20.01 -17.27
CA GLU G 328 -36.35 21.27 -18.01
C GLU G 328 -35.92 21.08 -19.46
N LYS G 329 -36.29 22.05 -20.30
CA LYS G 329 -35.97 21.98 -21.71
C LYS G 329 -34.46 22.08 -21.93
N GLY G 330 -33.95 21.26 -22.83
CA GLY G 330 -32.54 21.27 -23.16
C GLY G 330 -32.08 19.88 -23.55
N ILE G 331 -30.76 19.71 -23.53
CA ILE G 331 -30.11 18.45 -23.84
C ILE G 331 -29.25 18.04 -22.65
N TYR G 332 -29.30 16.75 -22.29
CA TYR G 332 -28.57 16.24 -21.15
C TYR G 332 -27.91 14.93 -21.51
N GLN G 333 -26.62 14.82 -21.23
CA GLN G 333 -25.89 13.58 -21.45
C GLN G 333 -26.32 12.56 -20.41
N THR G 334 -26.79 11.41 -20.86
CA THR G 334 -27.33 10.40 -19.96
C THR G 334 -26.53 9.11 -19.92
N SER G 335 -26.20 8.54 -21.07
CA SER G 335 -25.59 7.21 -21.09
C SER G 335 -24.38 7.23 -22.01
N ASN G 336 -23.81 6.06 -22.25
CA ASN G 336 -22.65 5.91 -23.15
C ASN G 336 -22.81 4.62 -23.94
N PHE G 337 -23.25 4.74 -25.19
CA PHE G 337 -23.38 3.59 -26.07
C PHE G 337 -22.02 2.98 -26.34
N ARG G 338 -21.93 1.66 -26.18
CA ARG G 338 -20.71 0.91 -26.46
C ARG G 338 -21.08 -0.38 -27.16
N VAL G 339 -20.49 -0.62 -28.33
CA VAL G 339 -20.73 -1.86 -29.06
C VAL G 339 -19.93 -2.97 -28.41
N GLN G 340 -20.59 -4.09 -28.14
CA GLN G 340 -19.90 -5.17 -27.45
C GLN G 340 -19.42 -6.21 -28.45
N PRO G 341 -18.30 -6.88 -28.15
CA PRO G 341 -17.82 -7.94 -29.05
C PRO G 341 -18.76 -9.12 -29.09
N THR G 342 -18.78 -9.80 -30.23
CA THR G 342 -19.67 -10.93 -30.44
C THR G 342 -18.95 -12.27 -30.55
N GLU G 343 -17.70 -12.29 -31.03
CA GLU G 343 -16.96 -13.52 -31.22
C GLU G 343 -15.57 -13.37 -30.62
N SER G 344 -14.92 -14.52 -30.40
CA SER G 344 -13.55 -14.57 -29.92
C SER G 344 -12.71 -15.32 -30.95
N ILE G 345 -11.79 -14.62 -31.60
CA ILE G 345 -10.96 -15.18 -32.65
C ILE G 345 -9.51 -15.17 -32.18
N VAL G 346 -8.91 -16.36 -32.15
CA VAL G 346 -7.50 -16.51 -31.80
C VAL G 346 -6.81 -17.22 -32.96
N ARG G 347 -5.66 -16.68 -33.38
CA ARG G 347 -4.94 -17.20 -34.53
C ARG G 347 -3.47 -17.38 -34.22
N PHE G 348 -2.91 -18.46 -34.74
CA PHE G 348 -1.50 -18.80 -34.59
C PHE G 348 -0.98 -19.30 -35.92
N PRO G 349 0.33 -19.23 -36.15
CA PRO G 349 0.89 -19.72 -37.43
C PRO G 349 0.64 -21.20 -37.61
N ASN G 350 0.88 -21.66 -38.85
CA ASN G 350 0.67 -23.05 -39.19
C ASN G 350 1.54 -23.95 -38.30
N ILE G 351 0.93 -25.02 -37.79
CA ILE G 351 1.63 -25.93 -36.90
C ILE G 351 2.58 -26.78 -37.74
N THR G 352 3.88 -26.58 -37.55
CA THR G 352 4.90 -27.30 -38.29
C THR G 352 6.06 -27.62 -37.37
N ASN G 353 7.00 -28.41 -37.88
CA ASN G 353 8.19 -28.84 -37.13
C ASN G 353 7.79 -29.51 -35.83
N LEU G 354 6.83 -30.43 -35.92
CA LEU G 354 6.36 -31.17 -34.76
C LEU G 354 7.48 -32.06 -34.21
N CYS G 355 7.42 -32.31 -32.91
CA CYS G 355 8.44 -33.13 -32.28
C CYS G 355 8.34 -34.56 -32.81
N PRO G 356 9.47 -35.25 -32.99
CA PRO G 356 9.46 -36.62 -33.52
C PRO G 356 9.04 -37.65 -32.49
N PHE G 357 7.81 -37.50 -31.97
CA PHE G 357 7.29 -38.46 -31.00
C PHE G 357 7.10 -39.83 -31.62
N GLY G 358 6.70 -39.89 -32.89
CA GLY G 358 6.49 -41.17 -33.54
C GLY G 358 7.76 -41.99 -33.66
N GLU G 359 8.91 -41.33 -33.78
CA GLU G 359 10.18 -42.05 -33.90
C GLU G 359 10.53 -42.82 -32.64
N VAL G 360 9.91 -42.50 -31.51
CA VAL G 360 10.20 -43.18 -30.25
C VAL G 360 9.19 -44.29 -30.02
N PHE G 361 7.90 -43.94 -30.04
CA PHE G 361 6.86 -44.93 -29.79
C PHE G 361 6.84 -46.01 -30.86
N ASN G 362 6.96 -45.62 -32.13
CA ASN G 362 6.90 -46.56 -33.25
C ASN G 362 8.29 -47.05 -33.66
N ALA G 363 9.25 -47.03 -32.75
CA ALA G 363 10.60 -47.51 -33.07
C ALA G 363 10.58 -49.01 -33.31
N THR G 364 11.35 -49.45 -34.30
CA THR G 364 11.40 -50.87 -34.64
C THR G 364 12.15 -51.68 -33.59
N ARG G 365 12.97 -51.03 -32.75
CA ARG G 365 13.73 -51.71 -31.72
C ARG G 365 13.54 -51.00 -30.39
N PHE G 366 13.48 -51.77 -29.31
CA PHE G 366 13.33 -51.24 -27.96
C PHE G 366 14.60 -51.51 -27.16
N ALA G 367 15.05 -50.49 -26.44
CA ALA G 367 16.29 -50.60 -25.68
C ALA G 367 16.08 -51.49 -24.45
N SER G 368 17.20 -51.98 -23.92
CA SER G 368 17.17 -52.81 -22.73
C SER G 368 16.82 -51.98 -21.50
N VAL G 369 16.42 -52.69 -20.44
CA VAL G 369 16.04 -52.01 -19.20
C VAL G 369 17.25 -51.32 -18.58
N TYR G 370 18.40 -52.00 -18.55
CA TYR G 370 19.61 -51.42 -18.00
C TYR G 370 20.31 -50.49 -18.97
N ALA G 371 19.86 -50.43 -20.22
CA ALA G 371 20.46 -49.59 -21.26
C ALA G 371 19.38 -48.83 -22.00
N TRP G 372 18.49 -48.19 -21.26
CA TRP G 372 17.38 -47.46 -21.84
C TRP G 372 17.88 -46.36 -22.77
N ASN G 373 17.19 -46.18 -23.90
CA ASN G 373 17.60 -45.22 -24.92
C ASN G 373 17.01 -43.86 -24.58
N ARG G 374 17.88 -42.85 -24.46
CA ARG G 374 17.47 -41.49 -24.13
C ARG G 374 17.55 -40.62 -25.37
N LYS G 375 16.45 -39.95 -25.69
CA LYS G 375 16.36 -39.05 -26.83
C LYS G 375 15.97 -37.66 -26.33
N ARG G 376 16.57 -36.63 -26.91
CA ARG G 376 16.30 -35.25 -26.53
C ARG G 376 15.44 -34.59 -27.60
N ILE G 377 14.38 -33.91 -27.16
CA ILE G 377 13.47 -33.20 -28.05
C ILE G 377 13.40 -31.75 -27.58
N SER G 378 13.63 -30.82 -28.51
CA SER G 378 13.57 -29.40 -28.20
C SER G 378 13.34 -28.63 -29.49
N ASN G 379 12.87 -27.40 -29.35
CA ASN G 379 12.60 -26.51 -30.48
C ASN G 379 11.66 -27.18 -31.48
N CYS G 380 10.60 -27.79 -30.97
CA CYS G 380 9.63 -28.46 -31.82
C CYS G 380 8.27 -28.40 -31.15
N VAL G 381 7.22 -28.60 -31.95
CA VAL G 381 5.86 -28.62 -31.47
C VAL G 381 5.56 -30.00 -30.89
N ALA G 382 5.20 -30.04 -29.62
CA ALA G 382 4.94 -31.29 -28.92
C ALA G 382 3.47 -31.67 -29.10
N ASP G 383 3.22 -32.63 -29.99
CA ASP G 383 1.86 -33.10 -30.25
C ASP G 383 1.45 -34.07 -29.15
N TYR G 384 1.29 -33.52 -27.95
CA TYR G 384 0.95 -34.34 -26.78
C TYR G 384 -0.49 -34.87 -26.85
N SER G 385 -1.40 -34.13 -27.47
CA SER G 385 -2.79 -34.56 -27.53
C SER G 385 -2.95 -35.85 -28.32
N VAL G 386 -2.12 -36.07 -29.34
CA VAL G 386 -2.20 -37.28 -30.13
C VAL G 386 -1.92 -38.51 -29.27
N LEU G 387 -0.87 -38.43 -28.44
CA LEU G 387 -0.57 -39.54 -27.53
C LEU G 387 -1.60 -39.64 -26.42
N TYR G 388 -2.09 -38.50 -25.91
CA TYR G 388 -3.06 -38.53 -24.82
C TYR G 388 -4.36 -39.20 -25.25
N ASN G 389 -4.85 -38.88 -26.45
CA ASN G 389 -6.09 -39.46 -26.94
C ASN G 389 -5.90 -40.86 -27.50
N SER G 390 -4.67 -41.27 -27.77
CA SER G 390 -4.42 -42.60 -28.31
C SER G 390 -4.78 -43.67 -27.30
N ALA G 391 -5.47 -44.71 -27.76
CA ALA G 391 -5.90 -45.81 -26.91
C ALA G 391 -4.94 -47.00 -26.95
N SER G 392 -3.82 -46.86 -27.65
CA SER G 392 -2.86 -47.95 -27.78
C SER G 392 -1.99 -48.13 -26.53
N PHE G 393 -2.08 -47.22 -25.56
CA PHE G 393 -1.26 -47.28 -24.36
C PHE G 393 -2.05 -47.86 -23.20
N SER G 394 -1.46 -48.84 -22.51
CA SER G 394 -2.10 -49.46 -21.37
C SER G 394 -1.88 -48.69 -20.07
N THR G 395 -0.71 -48.06 -19.92
CA THR G 395 -0.39 -47.27 -18.73
C THR G 395 -0.01 -45.87 -19.16
N PHE G 396 -0.64 -44.87 -18.55
CA PHE G 396 -0.43 -43.46 -18.89
C PHE G 396 -0.45 -42.68 -17.59
N LYS G 397 0.72 -42.45 -17.00
CA LYS G 397 0.83 -41.84 -15.69
C LYS G 397 1.61 -40.53 -15.80
N CYS G 398 0.97 -39.42 -15.48
CA CYS G 398 1.60 -38.11 -15.51
C CYS G 398 1.77 -37.58 -14.10
N TYR G 399 3.00 -37.21 -13.74
CA TYR G 399 3.33 -36.67 -12.44
C TYR G 399 3.79 -35.23 -12.60
N GLY G 400 3.16 -34.32 -11.87
CA GLY G 400 3.50 -32.91 -11.95
C GLY G 400 2.87 -32.16 -13.10
N VAL G 401 2.11 -32.83 -13.96
CA VAL G 401 1.47 -32.20 -15.10
C VAL G 401 0.12 -32.86 -15.34
N SER G 402 -0.86 -32.04 -15.73
CA SER G 402 -2.18 -32.56 -16.04
C SER G 402 -2.18 -33.23 -17.40
N PRO G 403 -2.64 -34.49 -17.50
CA PRO G 403 -2.65 -35.16 -18.80
C PRO G 403 -3.49 -34.45 -19.85
N THR G 404 -4.52 -33.72 -19.44
CA THR G 404 -5.38 -33.00 -20.38
C THR G 404 -4.89 -31.58 -20.65
N LYS G 405 -3.89 -31.09 -19.92
CA LYS G 405 -3.42 -29.72 -20.08
C LYS G 405 -1.90 -29.63 -20.25
N LEU G 406 -1.23 -30.75 -20.50
CA LEU G 406 0.22 -30.70 -20.68
C LEU G 406 0.62 -30.03 -21.98
N ASN G 407 -0.29 -29.94 -22.96
CA ASN G 407 0.01 -29.25 -24.20
C ASN G 407 0.18 -27.75 -23.99
N ASP G 408 -0.31 -27.21 -22.88
CA ASP G 408 -0.17 -25.79 -22.57
C ASP G 408 1.06 -25.50 -21.73
N LEU G 409 1.88 -26.49 -21.43
CA LEU G 409 3.07 -26.33 -20.61
C LEU G 409 4.32 -26.36 -21.50
N CYS G 410 5.19 -25.37 -21.31
CA CYS G 410 6.42 -25.25 -22.08
C CYS G 410 7.62 -25.62 -21.22
N PHE G 411 8.55 -26.38 -21.80
CA PHE G 411 9.74 -26.82 -21.09
C PHE G 411 10.95 -26.65 -21.99
N THR G 412 12.12 -26.54 -21.35
CA THR G 412 13.36 -26.37 -22.10
C THR G 412 13.64 -27.56 -22.99
N ASN G 413 13.40 -28.77 -22.48
CA ASN G 413 13.65 -29.98 -23.27
C ASN G 413 12.74 -31.09 -22.77
N VAL G 414 12.58 -32.11 -23.63
CA VAL G 414 11.84 -33.31 -23.29
C VAL G 414 12.78 -34.50 -23.50
N TYR G 415 13.00 -35.26 -22.43
CA TYR G 415 13.89 -36.42 -22.49
C TYR G 415 13.02 -37.68 -22.51
N ALA G 416 13.08 -38.40 -23.62
CA ALA G 416 12.32 -39.64 -23.80
C ALA G 416 13.25 -40.80 -23.49
N ASP G 417 12.99 -41.47 -22.38
CA ASP G 417 13.71 -42.68 -21.98
C ASP G 417 12.83 -43.87 -22.37
N SER G 418 13.23 -44.59 -23.41
CA SER G 418 12.46 -45.69 -23.96
C SER G 418 13.18 -47.01 -23.70
N PHE G 419 12.41 -48.02 -23.30
CA PHE G 419 12.98 -49.35 -23.05
C PHE G 419 11.86 -50.37 -23.12
N VAL G 420 12.25 -51.64 -23.01
CA VAL G 420 11.32 -52.77 -22.98
C VAL G 420 11.55 -53.54 -21.69
N ILE G 421 10.47 -53.79 -20.95
CA ILE G 421 10.53 -54.45 -19.66
C ILE G 421 9.44 -55.52 -19.60
N ARG G 422 9.32 -56.15 -18.44
CA ARG G 422 8.26 -57.13 -18.21
C ARG G 422 7.01 -56.42 -17.68
N GLY G 423 5.89 -57.12 -17.79
CA GLY G 423 4.63 -56.54 -17.30
C GLY G 423 4.65 -56.30 -15.80
N ASP G 424 5.18 -57.27 -15.04
CA ASP G 424 5.24 -57.12 -13.60
C ASP G 424 6.12 -55.95 -13.18
N GLU G 425 7.14 -55.63 -13.98
CA GLU G 425 7.99 -54.49 -13.72
C GLU G 425 7.42 -53.18 -14.24
N VAL G 426 6.26 -53.23 -14.90
CA VAL G 426 5.65 -52.01 -15.44
C VAL G 426 5.32 -51.04 -14.31
N ARG G 427 4.82 -51.56 -13.18
CA ARG G 427 4.53 -50.72 -12.03
C ARG G 427 5.80 -50.17 -11.39
N GLN G 428 6.96 -50.76 -11.69
CA GLN G 428 8.21 -50.28 -11.10
C GLN G 428 8.64 -48.94 -11.69
N ILE G 429 8.10 -48.54 -12.83
CA ILE G 429 8.46 -47.28 -13.47
C ILE G 429 7.53 -46.23 -12.89
N ALA G 430 7.92 -45.70 -11.74
CA ALA G 430 7.14 -44.68 -11.04
C ALA G 430 8.05 -43.99 -10.03
N PRO G 431 7.83 -42.70 -9.76
CA PRO G 431 8.64 -42.01 -8.74
C PRO G 431 8.44 -42.65 -7.38
N GLY G 432 9.53 -42.78 -6.62
CA GLY G 432 9.46 -43.37 -5.31
C GLY G 432 9.30 -44.87 -5.29
N GLN G 433 9.37 -45.53 -6.44
CA GLN G 433 9.20 -46.97 -6.52
C GLN G 433 10.53 -47.67 -6.27
N THR G 434 10.44 -48.94 -5.87
CA THR G 434 11.61 -49.76 -5.58
C THR G 434 11.49 -51.08 -6.32
N GLY G 435 12.63 -51.69 -6.56
CA GLY G 435 12.70 -52.96 -7.27
C GLY G 435 14.04 -53.10 -7.96
N LYS G 436 14.19 -54.20 -8.68
CA LYS G 436 15.43 -54.45 -9.41
C LYS G 436 15.63 -53.42 -10.52
N ILE G 437 14.61 -53.22 -11.35
CA ILE G 437 14.71 -52.23 -12.43
C ILE G 437 14.73 -50.82 -11.85
N ALA G 438 13.93 -50.57 -10.81
CA ALA G 438 13.82 -49.22 -10.26
C ALA G 438 15.10 -48.78 -9.57
N ASP G 439 15.97 -49.72 -9.20
CA ASP G 439 17.19 -49.38 -8.48
C ASP G 439 18.47 -49.68 -9.25
N TYR G 440 18.42 -50.52 -10.29
CA TYR G 440 19.63 -50.89 -11.01
C TYR G 440 19.53 -50.71 -12.51
N ASN G 441 18.34 -50.71 -13.09
CA ASN G 441 18.16 -50.53 -14.53
C ASN G 441 17.70 -49.13 -14.89
N TYR G 442 16.63 -48.65 -14.28
CA TYR G 442 16.10 -47.31 -14.54
C TYR G 442 15.56 -46.75 -13.24
N LYS G 443 16.22 -45.73 -12.70
CA LYS G 443 15.84 -45.11 -11.44
C LYS G 443 15.20 -43.75 -11.73
N LEU G 444 14.03 -43.52 -11.15
CA LEU G 444 13.31 -42.26 -11.31
C LEU G 444 13.33 -41.48 -10.00
N PRO G 445 13.55 -40.17 -10.07
CA PRO G 445 13.56 -39.37 -8.84
C PRO G 445 12.18 -39.30 -8.21
N ASP G 446 12.16 -39.07 -6.89
CA ASP G 446 10.90 -39.00 -6.17
C ASP G 446 10.05 -37.82 -6.65
N ASP G 447 10.69 -36.69 -6.96
CA ASP G 447 10.01 -35.51 -7.46
C ASP G 447 10.04 -35.42 -8.97
N PHE G 448 10.01 -36.56 -9.66
CA PHE G 448 10.06 -36.57 -11.12
C PHE G 448 8.81 -35.92 -11.70
N THR G 449 9.01 -35.07 -12.70
CA THR G 449 7.92 -34.42 -13.42
C THR G 449 7.95 -34.90 -14.85
N GLY G 450 6.84 -35.46 -15.31
CA GLY G 450 6.76 -36.00 -16.66
C GLY G 450 5.71 -37.07 -16.75
N CYS G 451 5.60 -37.65 -17.93
CA CYS G 451 4.58 -38.64 -18.22
C CYS G 451 5.20 -39.93 -18.72
N VAL G 452 4.80 -41.04 -18.11
CA VAL G 452 5.26 -42.36 -18.50
C VAL G 452 4.12 -43.05 -19.25
N ILE G 453 4.41 -43.50 -20.47
CA ILE G 453 3.46 -44.21 -21.31
C ILE G 453 4.03 -45.58 -21.60
N ALA G 454 3.30 -46.62 -21.21
CA ALA G 454 3.74 -48.00 -21.41
C ALA G 454 2.62 -48.79 -22.09
N TRP G 455 3.00 -49.62 -23.05
CA TRP G 455 2.05 -50.45 -23.76
C TRP G 455 2.65 -51.83 -24.02
N ASN G 456 1.81 -52.85 -23.91
CA ASN G 456 2.27 -54.21 -24.14
C ASN G 456 2.76 -54.39 -25.56
N SER G 457 3.92 -55.04 -25.70
CA SER G 457 4.54 -55.28 -26.99
C SER G 457 4.78 -56.77 -27.20
N ASN G 458 3.85 -57.60 -26.70
CA ASN G 458 3.99 -59.04 -26.86
C ASN G 458 3.94 -59.44 -28.33
N ASN G 459 3.03 -58.84 -29.10
CA ASN G 459 2.92 -59.15 -30.52
C ASN G 459 4.08 -58.60 -31.34
N LEU G 460 4.90 -57.71 -30.76
CA LEU G 460 6.00 -57.09 -31.49
C LEU G 460 7.37 -57.46 -30.94
N ASP G 461 7.50 -57.64 -29.63
CA ASP G 461 8.80 -57.93 -29.02
C ASP G 461 8.99 -59.39 -28.66
N SER G 462 7.93 -60.09 -28.22
CA SER G 462 8.07 -61.48 -27.84
C SER G 462 8.35 -62.36 -29.05
N LYS G 463 9.17 -63.39 -28.83
CA LYS G 463 9.53 -64.34 -29.88
C LYS G 463 9.22 -65.75 -29.42
N VAL G 464 8.95 -66.63 -30.38
CA VAL G 464 8.60 -68.01 -30.06
C VAL G 464 9.73 -68.70 -29.32
N GLY G 465 10.96 -68.51 -29.79
CA GLY G 465 12.12 -69.07 -29.14
C GLY G 465 12.63 -68.31 -27.94
N GLY G 466 11.99 -67.19 -27.60
CA GLY G 466 12.42 -66.40 -26.46
C GLY G 466 13.30 -65.23 -26.86
N ASN G 467 12.79 -64.01 -26.70
CA ASN G 467 13.53 -62.80 -27.07
C ASN G 467 14.38 -62.40 -25.88
N TYR G 468 15.67 -62.76 -25.92
CA TYR G 468 16.61 -62.45 -24.86
C TYR G 468 17.43 -61.20 -25.16
N ASN G 469 17.07 -60.45 -26.19
CA ASN G 469 17.81 -59.24 -26.56
C ASN G 469 17.67 -58.13 -25.53
N TYR G 470 16.72 -58.23 -24.61
CA TYR G 470 16.54 -57.24 -23.56
C TYR G 470 17.15 -57.74 -22.26
N LEU G 471 18.04 -56.94 -21.69
CA LEU G 471 18.74 -57.30 -20.46
C LEU G 471 18.53 -56.23 -19.41
N TYR G 472 18.39 -56.67 -18.16
CA TYR G 472 18.19 -55.77 -17.02
C TYR G 472 19.24 -56.06 -15.96
N ARG G 473 19.68 -54.99 -15.31
CA ARG G 473 20.67 -55.12 -14.25
C ARG G 473 20.05 -55.80 -13.02
N LEU G 474 20.71 -56.83 -12.52
CA LEU G 474 20.24 -57.59 -11.37
C LEU G 474 21.12 -57.44 -10.14
N PHE G 475 22.43 -57.53 -10.31
CA PHE G 475 23.38 -57.40 -9.20
C PHE G 475 24.19 -56.14 -9.40
N ARG G 476 24.26 -55.31 -8.36
CA ARG G 476 25.03 -54.07 -8.41
C ARG G 476 25.54 -53.75 -7.03
N LYS G 477 26.59 -52.92 -6.99
CA LYS G 477 27.17 -52.51 -5.71
C LYS G 477 26.19 -51.69 -4.89
N SER G 478 25.45 -50.79 -5.54
CA SER G 478 24.51 -49.92 -4.86
C SER G 478 23.41 -49.53 -5.83
N ASN G 479 22.31 -49.01 -5.26
CA ASN G 479 21.20 -48.57 -6.09
C ASN G 479 21.61 -47.39 -6.98
N LEU G 480 21.14 -47.41 -8.21
CA LEU G 480 21.50 -46.38 -9.17
C LEU G 480 20.83 -45.06 -8.83
N LYS G 481 21.50 -43.96 -9.19
CA LYS G 481 20.94 -42.64 -9.00
C LYS G 481 19.78 -42.41 -9.96
N PRO G 482 18.90 -41.46 -9.65
CA PRO G 482 17.81 -41.15 -10.59
C PRO G 482 18.36 -40.71 -11.93
N PHE G 483 17.73 -41.21 -12.99
CA PHE G 483 18.11 -40.91 -14.38
C PHE G 483 19.58 -41.24 -14.66
N GLU G 484 20.08 -42.29 -14.02
CA GLU G 484 21.46 -42.74 -14.22
C GLU G 484 21.46 -44.00 -15.09
N ARG G 485 22.33 -44.01 -16.09
CA ARG G 485 22.43 -45.11 -17.04
C ARG G 485 23.73 -45.86 -16.78
N ASP G 486 23.63 -47.06 -16.23
CA ASP G 486 24.77 -47.92 -15.96
C ASP G 486 24.71 -49.12 -16.86
N ILE G 487 25.77 -49.34 -17.64
CA ILE G 487 25.85 -50.45 -18.59
C ILE G 487 27.13 -51.26 -18.39
N SER G 488 27.67 -51.29 -17.17
CA SER G 488 28.87 -52.05 -16.90
C SER G 488 28.60 -53.54 -17.05
N THR G 489 29.53 -54.24 -17.69
CA THR G 489 29.40 -55.67 -17.95
C THR G 489 30.35 -56.51 -17.10
N GLU G 490 31.01 -55.91 -16.12
CA GLU G 490 31.92 -56.65 -15.26
C GLU G 490 31.13 -57.63 -14.39
N ILE G 491 31.72 -58.80 -14.15
CA ILE G 491 31.07 -59.83 -13.35
C ILE G 491 30.92 -59.32 -11.92
N TYR G 492 29.70 -59.38 -11.39
CA TYR G 492 29.44 -58.88 -10.06
C TYR G 492 30.08 -59.79 -9.01
N GLN G 493 30.80 -59.20 -8.07
CA GLN G 493 31.44 -59.93 -6.99
C GLN G 493 30.58 -59.77 -5.74
N ALA G 494 29.82 -60.82 -5.41
CA ALA G 494 28.96 -60.77 -4.22
C ALA G 494 29.79 -60.67 -2.95
N GLY G 495 30.90 -61.42 -2.89
CA GLY G 495 31.77 -61.41 -1.74
C GLY G 495 33.08 -60.69 -2.01
N SER G 496 34.07 -60.99 -1.17
CA SER G 496 35.38 -60.37 -1.26
C SER G 496 36.33 -61.11 -2.20
N THR G 497 35.94 -62.27 -2.70
CA THR G 497 36.80 -63.02 -3.61
C THR G 497 36.76 -62.39 -4.99
N PRO G 498 37.90 -61.96 -5.54
CA PRO G 498 37.88 -61.39 -6.89
C PRO G 498 37.43 -62.41 -7.93
N CYS G 499 36.65 -61.94 -8.89
CA CYS G 499 36.18 -62.82 -9.97
C CYS G 499 37.28 -63.09 -10.99
N ASN G 500 38.12 -62.09 -11.26
CA ASN G 500 39.19 -62.20 -12.25
C ASN G 500 38.66 -62.59 -13.62
N GLY G 501 37.45 -62.15 -13.96
CA GLY G 501 36.88 -62.45 -15.25
C GLY G 501 36.34 -63.86 -15.41
N VAL G 502 36.28 -64.64 -14.34
CA VAL G 502 35.83 -66.02 -14.39
C VAL G 502 34.59 -66.16 -13.50
N GLU G 503 33.52 -66.70 -14.06
CA GLU G 503 32.31 -66.93 -13.30
C GLU G 503 32.50 -68.08 -12.31
N GLY G 504 31.79 -67.99 -11.19
CA GLY G 504 31.91 -69.00 -10.16
C GLY G 504 31.18 -68.59 -8.91
N PHE G 505 31.64 -69.13 -7.78
CA PHE G 505 31.05 -68.78 -6.49
C PHE G 505 31.18 -67.29 -6.23
N ASN G 506 30.07 -66.68 -5.81
CA ASN G 506 29.99 -65.25 -5.54
C ASN G 506 30.38 -64.41 -6.75
N CYS G 507 30.21 -64.96 -7.96
CA CYS G 507 30.56 -64.26 -9.20
C CYS G 507 29.44 -64.54 -10.20
N TYR G 508 28.44 -63.67 -10.20
CA TYR G 508 27.28 -63.80 -11.06
C TYR G 508 27.21 -62.62 -12.03
N PHE G 509 26.68 -62.89 -13.22
CA PHE G 509 26.57 -61.83 -14.23
C PHE G 509 25.52 -60.81 -13.78
N PRO G 510 25.88 -59.52 -13.71
CA PRO G 510 24.90 -58.53 -13.23
C PRO G 510 23.68 -58.36 -14.13
N LEU G 511 23.78 -58.75 -15.39
CA LEU G 511 22.68 -58.58 -16.34
C LEU G 511 21.93 -59.89 -16.52
N GLN G 512 20.60 -59.81 -16.53
CA GLN G 512 19.73 -60.96 -16.73
C GLN G 512 18.82 -60.68 -17.91
N SER G 513 18.64 -61.69 -18.76
CA SER G 513 17.81 -61.56 -19.94
C SER G 513 16.37 -61.92 -19.63
N TYR G 514 15.45 -61.34 -20.39
CA TYR G 514 14.02 -61.60 -20.22
C TYR G 514 13.57 -62.72 -21.15
N GLY G 515 12.72 -63.60 -20.62
CA GLY G 515 12.16 -64.67 -21.42
C GLY G 515 10.86 -64.27 -22.07
N PHE G 516 10.92 -63.32 -23.00
CA PHE G 516 9.72 -62.82 -23.67
C PHE G 516 9.25 -63.83 -24.72
N GLN G 517 8.06 -64.38 -24.50
CA GLN G 517 7.45 -65.33 -25.42
C GLN G 517 5.99 -64.98 -25.62
N PRO G 518 5.42 -65.27 -26.80
CA PRO G 518 3.99 -65.00 -27.00
C PRO G 518 3.08 -65.79 -26.06
N THR G 519 3.52 -66.95 -25.59
CA THR G 519 2.74 -67.77 -24.67
C THR G 519 2.93 -67.37 -23.21
N ASN G 520 3.79 -66.40 -22.95
CA ASN G 520 4.02 -65.96 -21.57
C ASN G 520 2.83 -65.18 -21.04
N GLY G 521 2.78 -65.04 -19.73
CA GLY G 521 1.70 -64.33 -19.09
C GLY G 521 1.78 -62.83 -19.28
N VAL G 522 0.76 -62.14 -18.77
CA VAL G 522 0.69 -60.69 -18.90
C VAL G 522 1.88 -60.03 -18.19
N GLY G 523 2.20 -60.50 -16.98
CA GLY G 523 3.33 -59.97 -16.26
C GLY G 523 4.67 -60.34 -16.87
N TYR G 524 4.73 -61.44 -17.60
CA TYR G 524 5.95 -61.86 -18.28
C TYR G 524 6.01 -61.41 -19.74
N GLN G 525 4.92 -60.85 -20.27
CA GLN G 525 4.93 -60.39 -21.65
C GLN G 525 5.76 -59.12 -21.77
N PRO G 526 6.48 -58.94 -22.88
CA PRO G 526 7.26 -57.72 -23.05
C PRO G 526 6.37 -56.51 -23.28
N TYR G 527 6.72 -55.41 -22.62
CA TYR G 527 5.99 -54.15 -22.75
C TYR G 527 6.99 -53.02 -22.96
N ARG G 528 6.69 -52.15 -23.92
CA ARG G 528 7.53 -51.01 -24.22
C ARG G 528 7.06 -49.81 -23.40
N VAL G 529 7.98 -49.22 -22.64
CA VAL G 529 7.69 -48.09 -21.77
C VAL G 529 8.61 -46.94 -22.15
N VAL G 530 8.02 -45.76 -22.36
CA VAL G 530 8.75 -44.54 -22.66
C VAL G 530 8.33 -43.49 -21.64
N VAL G 531 9.30 -42.90 -20.96
CA VAL G 531 9.06 -41.85 -19.97
C VAL G 531 9.55 -40.54 -20.56
N LEU G 532 8.64 -39.58 -20.69
CA LEU G 532 8.96 -38.24 -21.14
C LEU G 532 9.13 -37.36 -19.91
N SER G 533 10.38 -36.98 -19.63
CA SER G 533 10.72 -36.10 -18.53
C SER G 533 10.87 -34.68 -19.05
N PHE G 534 10.25 -33.73 -18.37
CA PHE G 534 10.21 -32.33 -18.81
C PHE G 534 11.28 -31.56 -18.06
N GLU G 535 12.32 -31.14 -18.77
CA GLU G 535 13.41 -30.36 -18.19
C GLU G 535 13.15 -28.89 -18.46
N LEU G 536 13.07 -28.09 -17.39
CA LEU G 536 12.81 -26.67 -17.48
C LEU G 536 13.90 -25.94 -16.70
N LEU G 537 14.83 -25.31 -17.41
CA LEU G 537 15.92 -24.56 -16.83
C LEU G 537 15.81 -23.10 -17.26
N HIS G 538 16.88 -22.34 -17.03
CA HIS G 538 16.92 -20.94 -17.45
C HIS G 538 17.15 -20.85 -18.95
N ALA G 539 16.14 -21.23 -19.73
CA ALA G 539 16.21 -21.29 -21.18
C ALA G 539 14.92 -20.75 -21.76
N PRO G 540 14.93 -20.32 -23.03
CA PRO G 540 13.69 -19.85 -23.65
C PRO G 540 12.59 -20.89 -23.71
N ALA G 541 12.93 -22.18 -23.60
CA ALA G 541 11.95 -23.27 -23.57
C ALA G 541 11.10 -23.28 -24.84
N THR G 542 11.76 -23.52 -25.97
CA THR G 542 11.10 -23.54 -27.26
C THR G 542 10.19 -24.75 -27.45
N VAL G 543 10.28 -25.75 -26.57
CA VAL G 543 9.45 -26.95 -26.68
C VAL G 543 8.08 -26.63 -26.08
N CYS G 544 7.07 -26.58 -26.93
CA CYS G 544 5.70 -26.25 -26.51
C CYS G 544 4.71 -27.06 -27.33
N GLY G 545 3.49 -27.17 -26.81
CA GLY G 545 2.45 -27.90 -27.47
C GLY G 545 1.80 -27.10 -28.57
N PRO G 546 0.82 -27.72 -29.23
CA PRO G 546 0.14 -27.05 -30.35
C PRO G 546 -0.69 -25.87 -29.88
N LYS G 547 -0.88 -24.91 -30.78
CA LYS G 547 -1.67 -23.72 -30.54
C LYS G 547 -2.93 -23.77 -31.37
N LYS G 548 -4.08 -23.51 -30.73
CA LYS G 548 -5.36 -23.57 -31.43
C LYS G 548 -5.50 -22.42 -32.40
N SER G 549 -6.28 -22.65 -33.45
CA SER G 549 -6.56 -21.65 -34.47
C SER G 549 -8.05 -21.59 -34.74
N THR G 550 -8.54 -20.40 -35.07
CA THR G 550 -9.95 -20.18 -35.32
C THR G 550 -10.13 -19.44 -36.64
N ASN G 551 -11.32 -19.57 -37.21
CA ASN G 551 -11.64 -18.90 -38.46
C ASN G 551 -11.66 -17.38 -38.27
N LEU G 552 -11.24 -16.66 -39.31
CA LEU G 552 -11.14 -15.22 -39.23
C LEU G 552 -12.48 -14.57 -39.55
N VAL G 553 -12.80 -13.49 -38.83
CA VAL G 553 -14.05 -12.77 -38.98
C VAL G 553 -13.72 -11.30 -39.23
N LYS G 554 -14.39 -10.71 -40.22
CA LYS G 554 -14.19 -9.31 -40.58
C LYS G 554 -15.45 -8.50 -40.34
N ASN G 555 -15.27 -7.19 -40.23
CA ASN G 555 -16.37 -6.23 -40.15
C ASN G 555 -17.30 -6.53 -38.98
N LYS G 556 -16.73 -6.95 -37.85
CA LYS G 556 -17.53 -7.24 -36.67
C LYS G 556 -16.65 -7.09 -35.44
N CYS G 557 -17.21 -6.48 -34.40
CA CYS G 557 -16.50 -6.35 -33.12
C CYS G 557 -16.19 -7.73 -32.56
N VAL G 558 -14.92 -8.10 -32.53
CA VAL G 558 -14.48 -9.39 -32.03
C VAL G 558 -13.31 -9.18 -31.08
N ASN G 559 -13.11 -10.17 -30.21
CA ASN G 559 -11.96 -10.23 -29.33
C ASN G 559 -10.87 -11.02 -30.06
N PHE G 560 -9.86 -10.32 -30.55
CA PHE G 560 -8.81 -10.93 -31.36
C PHE G 560 -7.57 -11.20 -30.53
N ASN G 561 -6.93 -12.34 -30.82
CA ASN G 561 -5.68 -12.75 -30.17
C ASN G 561 -4.75 -13.29 -31.26
N PHE G 562 -3.82 -12.45 -31.71
CA PHE G 562 -2.84 -12.84 -32.72
C PHE G 562 -1.51 -13.05 -31.99
N ASN G 563 -1.14 -14.32 -31.80
CA ASN G 563 0.06 -14.68 -31.07
C ASN G 563 0.05 -14.07 -29.68
N GLY G 564 0.84 -13.02 -29.47
CA GLY G 564 0.92 -12.35 -28.19
C GLY G 564 0.15 -11.05 -28.09
N LEU G 565 -0.46 -10.59 -29.17
CA LEU G 565 -1.20 -9.33 -29.18
C LEU G 565 -2.68 -9.63 -29.02
N THR G 566 -3.28 -9.11 -27.95
CA THR G 566 -4.68 -9.33 -27.64
C THR G 566 -5.41 -8.00 -27.61
N GLY G 567 -6.66 -8.00 -28.07
CA GLY G 567 -7.45 -6.80 -28.04
C GLY G 567 -8.86 -7.07 -28.49
N THR G 568 -9.63 -5.99 -28.63
CA THR G 568 -11.01 -6.08 -29.08
C THR G 568 -11.27 -4.97 -30.09
N GLY G 569 -11.85 -5.32 -31.23
CA GLY G 569 -12.11 -4.32 -32.24
C GLY G 569 -12.67 -4.94 -33.50
N VAL G 570 -12.67 -4.15 -34.57
CA VAL G 570 -13.18 -4.56 -35.87
C VAL G 570 -12.00 -4.68 -36.83
N LEU G 571 -11.90 -5.83 -37.48
CA LEU G 571 -10.81 -6.11 -38.40
C LEU G 571 -11.30 -5.91 -39.83
N THR G 572 -10.63 -5.03 -40.57
CA THR G 572 -10.99 -4.73 -41.95
C THR G 572 -9.77 -4.89 -42.84
N GLU G 573 -10.01 -4.92 -44.14
CA GLU G 573 -8.92 -5.02 -45.10
C GLU G 573 -8.04 -3.77 -45.05
N SER G 574 -6.74 -3.96 -45.17
CA SER G 574 -5.76 -2.90 -45.05
C SER G 574 -5.07 -2.65 -46.38
N ASN G 575 -4.85 -1.38 -46.70
CA ASN G 575 -4.13 -0.98 -47.89
C ASN G 575 -2.66 -0.69 -47.62
N LYS G 576 -2.21 -0.84 -46.38
CA LYS G 576 -0.82 -0.57 -46.04
C LYS G 576 0.07 -1.74 -46.45
N LYS G 577 1.38 -1.50 -46.42
CA LYS G 577 2.38 -2.49 -46.78
C LYS G 577 3.34 -2.67 -45.62
N PHE G 578 3.54 -3.91 -45.19
CA PHE G 578 4.45 -4.22 -44.11
C PHE G 578 5.77 -4.74 -44.64
N LEU G 579 6.83 -4.54 -43.86
CA LEU G 579 8.10 -5.17 -44.16
C LEU G 579 7.99 -6.68 -43.93
N PRO G 580 8.80 -7.46 -44.64
CA PRO G 580 8.66 -8.93 -44.53
C PRO G 580 8.83 -9.46 -43.10
N PHE G 581 9.70 -8.85 -42.30
CA PHE G 581 9.92 -9.32 -40.94
C PHE G 581 8.97 -8.69 -39.93
N GLN G 582 8.26 -7.62 -40.29
CA GLN G 582 7.37 -6.95 -39.35
C GLN G 582 6.07 -7.72 -39.20
N GLN G 583 5.53 -7.70 -37.99
CA GLN G 583 4.30 -8.43 -37.68
C GLN G 583 3.09 -7.53 -37.49
N PHE G 584 3.25 -6.41 -36.78
CA PHE G 584 2.12 -5.51 -36.55
C PHE G 584 2.62 -4.08 -36.54
N GLY G 585 1.69 -3.16 -36.83
CA GLY G 585 2.00 -1.76 -36.93
C GLY G 585 1.41 -0.98 -35.77
N ARG G 586 2.11 0.07 -35.35
CA ARG G 586 1.71 0.88 -34.21
C ARG G 586 1.55 2.32 -34.64
N ASP G 587 0.57 2.99 -34.05
CA ASP G 587 0.28 4.39 -34.39
C ASP G 587 1.22 5.32 -33.61
N ILE G 588 1.05 6.62 -33.82
CA ILE G 588 1.90 7.62 -33.17
C ILE G 588 1.67 7.72 -31.67
N ALA G 589 0.57 7.14 -31.17
CA ALA G 589 0.26 7.18 -29.74
C ALA G 589 0.47 5.83 -29.06
N ASP G 590 1.43 5.04 -29.56
CA ASP G 590 1.74 3.73 -29.00
C ASP G 590 0.50 2.83 -28.96
N THR G 591 -0.29 2.87 -30.02
CA THR G 591 -1.49 2.06 -30.15
C THR G 591 -1.38 1.19 -31.41
N THR G 592 -1.69 -0.09 -31.28
CA THR G 592 -1.65 -0.99 -32.42
C THR G 592 -2.76 -0.64 -33.40
N ASP G 593 -2.40 -0.53 -34.68
CA ASP G 593 -3.35 -0.15 -35.71
C ASP G 593 -3.48 -1.16 -36.83
N ALA G 594 -2.43 -1.87 -37.18
CA ALA G 594 -2.47 -2.88 -38.23
C ALA G 594 -1.75 -4.13 -37.77
N VAL G 595 -2.26 -5.28 -38.20
CA VAL G 595 -1.69 -6.57 -37.84
C VAL G 595 -1.57 -7.44 -39.08
N ARG G 596 -0.79 -8.50 -38.95
CA ARG G 596 -0.60 -9.50 -40.00
C ARG G 596 -1.11 -10.83 -39.52
N ASP G 597 -1.93 -11.49 -40.34
CA ASP G 597 -2.46 -12.79 -39.97
C ASP G 597 -1.34 -13.83 -40.00
N PRO G 598 -1.15 -14.59 -38.92
CA PRO G 598 -0.05 -15.56 -38.90
C PRO G 598 -0.16 -16.63 -39.98
N GLN G 599 -1.38 -17.04 -40.33
CA GLN G 599 -1.56 -18.11 -41.31
C GLN G 599 -1.49 -17.56 -42.74
N THR G 600 -2.37 -16.62 -43.07
CA THR G 600 -2.41 -16.00 -44.39
C THR G 600 -1.65 -14.68 -44.34
N LEU G 601 -0.75 -14.48 -45.30
CA LEU G 601 0.07 -13.28 -45.30
C LEU G 601 -0.75 -12.07 -45.76
N GLU G 602 -1.64 -11.60 -44.89
CA GLU G 602 -2.50 -10.46 -45.18
C GLU G 602 -2.37 -9.42 -44.08
N ILE G 603 -2.67 -8.17 -44.43
CA ILE G 603 -2.61 -7.05 -43.50
C ILE G 603 -4.02 -6.61 -43.18
N LEU G 604 -4.33 -6.46 -41.89
CA LEU G 604 -5.66 -6.11 -41.43
C LEU G 604 -5.59 -4.89 -40.54
N ASP G 605 -6.47 -3.93 -40.78
CA ASP G 605 -6.60 -2.75 -39.93
C ASP G 605 -7.56 -3.03 -38.79
N ILE G 606 -7.18 -2.58 -37.59
CA ILE G 606 -7.97 -2.75 -36.38
C ILE G 606 -8.59 -1.41 -36.03
N THR G 607 -9.90 -1.33 -36.07
CA THR G 607 -10.63 -0.13 -35.68
C THR G 607 -11.28 -0.34 -34.33
N PRO G 608 -11.13 0.59 -33.40
CA PRO G 608 -11.81 0.45 -32.10
C PRO G 608 -13.31 0.38 -32.27
N CYS G 609 -13.96 -0.40 -31.42
CA CYS G 609 -15.41 -0.58 -31.51
C CYS G 609 -16.12 0.74 -31.28
N SER G 610 -17.20 0.95 -32.03
CA SER G 610 -17.93 2.21 -31.97
C SER G 610 -18.46 2.44 -30.56
N PHE G 611 -18.25 3.66 -30.07
CA PHE G 611 -18.73 4.04 -28.75
C PHE G 611 -18.86 5.56 -28.70
N GLY G 612 -19.76 6.04 -27.85
CA GLY G 612 -19.95 7.47 -27.73
C GLY G 612 -21.10 7.79 -26.80
N GLY G 613 -21.14 9.05 -26.40
CA GLY G 613 -22.15 9.49 -25.46
C GLY G 613 -23.56 9.39 -26.03
N VAL G 614 -24.53 9.29 -25.13
CA VAL G 614 -25.94 9.21 -25.49
C VAL G 614 -26.67 10.28 -24.69
N SER G 615 -27.24 11.26 -25.39
CA SER G 615 -27.95 12.36 -24.77
C SER G 615 -29.42 12.31 -25.17
N VAL G 616 -30.24 13.04 -24.41
CA VAL G 616 -31.67 13.09 -24.64
C VAL G 616 -32.04 14.53 -24.96
N ILE G 617 -32.70 14.74 -26.08
CA ILE G 617 -33.19 16.04 -26.51
C ILE G 617 -34.70 16.05 -26.36
N THR G 618 -35.21 16.93 -25.51
CA THR G 618 -36.64 16.98 -25.24
C THR G 618 -37.00 18.35 -24.71
N PRO G 619 -38.21 18.82 -24.98
CA PRO G 619 -38.69 20.03 -24.29
C PRO G 619 -38.99 19.72 -22.83
N GLY G 620 -39.39 20.76 -22.11
CA GLY G 620 -39.72 20.58 -20.71
C GLY G 620 -40.88 19.62 -20.53
N THR G 621 -40.83 18.85 -19.44
CA THR G 621 -41.91 17.92 -19.15
C THR G 621 -43.24 18.63 -18.90
N ASN G 622 -43.20 19.93 -18.61
CA ASN G 622 -44.42 20.70 -18.50
C ASN G 622 -45.17 20.81 -19.82
N THR G 623 -44.49 20.53 -20.95
CA THR G 623 -45.09 20.62 -22.27
C THR G 623 -45.47 19.26 -22.84
N SER G 624 -44.52 18.34 -22.91
CA SER G 624 -44.80 17.02 -23.47
C SER G 624 -43.79 16.03 -22.94
N ASN G 625 -44.12 14.75 -23.06
CA ASN G 625 -43.27 13.65 -22.62
C ASN G 625 -42.52 13.01 -23.78
N GLN G 626 -42.60 13.59 -24.97
CA GLN G 626 -41.90 13.05 -26.14
C GLN G 626 -40.44 13.45 -26.13
N VAL G 627 -39.56 12.49 -26.40
CA VAL G 627 -38.11 12.70 -26.34
C VAL G 627 -37.47 12.18 -27.61
N ALA G 628 -36.23 12.60 -27.83
CA ALA G 628 -35.40 12.11 -28.91
C ALA G 628 -34.03 11.74 -28.35
N VAL G 629 -33.38 10.76 -29.00
CA VAL G 629 -32.13 10.21 -28.51
C VAL G 629 -31.03 10.55 -29.49
N LEU G 630 -29.92 11.10 -28.99
CA LEU G 630 -28.77 11.45 -29.80
C LEU G 630 -27.58 10.60 -29.40
N TYR G 631 -26.98 9.91 -30.38
CA TYR G 631 -25.77 9.13 -30.19
C TYR G 631 -24.62 9.88 -30.83
N GLN G 632 -23.62 10.24 -30.01
CA GLN G 632 -22.46 10.93 -30.52
C GLN G 632 -21.62 10.00 -31.39
N ASP G 633 -21.05 10.56 -32.46
CA ASP G 633 -20.06 9.95 -33.35
C ASP G 633 -20.24 8.45 -33.55
N VAL G 634 -21.49 8.03 -33.79
CA VAL G 634 -21.82 6.63 -34.07
C VAL G 634 -22.67 6.59 -35.33
N ASN G 635 -22.25 5.77 -36.29
CA ASN G 635 -23.03 5.60 -37.51
C ASN G 635 -24.38 4.97 -37.19
N CYS G 636 -25.40 5.40 -37.93
CA CYS G 636 -26.76 4.92 -37.67
C CYS G 636 -26.91 3.44 -37.97
N THR G 637 -26.02 2.86 -38.77
CA THR G 637 -26.12 1.43 -39.08
C THR G 637 -25.73 0.56 -37.91
N GLU G 638 -24.89 1.06 -36.99
CA GLU G 638 -24.42 0.27 -35.86
C GLU G 638 -25.39 0.28 -34.68
N VAL G 639 -26.46 1.06 -34.75
CA VAL G 639 -27.43 1.12 -33.67
C VAL G 639 -28.32 -0.11 -33.67
N ASN G 660 -37.93 7.20 -37.79
CA ASN G 660 -37.30 8.51 -37.84
C ASN G 660 -35.85 8.45 -37.39
N VAL G 661 -34.95 8.15 -38.33
CA VAL G 661 -33.52 8.07 -38.08
C VAL G 661 -32.82 9.04 -38.99
N PHE G 662 -31.95 9.88 -38.42
CA PHE G 662 -31.22 10.90 -39.16
C PHE G 662 -29.74 10.78 -38.85
N GLN G 663 -28.90 11.02 -39.85
CA GLN G 663 -27.46 10.98 -39.70
C GLN G 663 -26.90 12.38 -39.93
N THR G 664 -26.15 12.88 -38.97
CA THR G 664 -25.51 14.19 -39.08
C THR G 664 -24.07 14.08 -38.63
N ARG G 665 -23.32 15.17 -38.81
CA ARG G 665 -21.92 15.20 -38.40
C ARG G 665 -21.76 14.98 -36.90
N ALA G 666 -22.78 15.32 -36.11
CA ALA G 666 -22.73 15.08 -34.67
C ALA G 666 -23.02 13.63 -34.30
N GLY G 667 -23.57 12.84 -35.23
CA GLY G 667 -23.86 11.45 -34.93
C GLY G 667 -25.17 10.96 -35.49
N CYS G 668 -25.90 10.19 -34.69
CA CYS G 668 -27.17 9.59 -35.11
C CYS G 668 -28.28 10.09 -34.21
N LEU G 669 -29.34 10.61 -34.83
CA LEU G 669 -30.48 11.15 -34.10
C LEU G 669 -31.70 10.28 -34.37
N ILE G 670 -32.34 9.81 -33.31
CA ILE G 670 -33.49 8.92 -33.41
C ILE G 670 -34.67 9.56 -32.70
N GLY G 671 -35.82 9.58 -33.37
CA GLY G 671 -37.02 10.15 -32.82
C GLY G 671 -37.37 11.53 -33.34
N ALA G 672 -36.46 12.17 -34.06
CA ALA G 672 -36.69 13.50 -34.61
C ALA G 672 -36.75 13.44 -36.13
N GLU G 673 -37.62 14.25 -36.70
CA GLU G 673 -37.81 14.33 -38.14
C GLU G 673 -37.12 15.60 -38.66
N HIS G 674 -36.17 15.43 -39.57
CA HIS G 674 -35.44 16.57 -40.11
C HIS G 674 -36.27 17.26 -41.19
N VAL G 675 -36.25 18.59 -41.18
CA VAL G 675 -37.01 19.40 -42.11
C VAL G 675 -36.04 20.32 -42.86
N ASN G 676 -36.57 20.99 -43.87
CA ASN G 676 -35.77 21.87 -44.71
C ASN G 676 -35.80 23.32 -44.26
N ASN G 677 -36.93 23.78 -43.71
CA ASN G 677 -37.04 25.17 -43.27
C ASN G 677 -36.10 25.43 -42.11
N SER G 678 -35.57 26.65 -42.06
CA SER G 678 -34.60 27.05 -41.05
C SER G 678 -35.21 28.04 -40.07
N TYR G 679 -34.82 27.91 -38.80
CA TYR G 679 -35.28 28.78 -37.74
C TYR G 679 -34.12 29.10 -36.81
N GLU G 680 -34.38 29.92 -35.80
CA GLU G 680 -33.41 30.15 -34.75
C GLU G 680 -33.25 28.89 -33.90
N CYS G 681 -32.03 28.69 -33.39
CA CYS G 681 -31.74 27.51 -32.61
C CYS G 681 -32.48 27.55 -31.27
N ASP G 682 -33.03 26.41 -30.88
CA ASP G 682 -33.74 26.26 -29.61
C ASP G 682 -33.04 25.31 -28.66
N ILE G 683 -32.78 24.08 -29.09
CA ILE G 683 -31.98 23.12 -28.34
C ILE G 683 -30.78 22.74 -29.20
N PRO G 684 -29.60 23.24 -28.87
CA PRO G 684 -28.44 23.00 -29.73
C PRO G 684 -28.01 21.53 -29.72
N ILE G 685 -27.93 20.94 -30.90
CA ILE G 685 -27.41 19.59 -31.07
C ILE G 685 -25.93 19.63 -31.48
N GLY G 686 -25.59 20.47 -32.45
CA GLY G 686 -24.23 20.65 -32.86
C GLY G 686 -24.06 20.42 -34.36
N ALA G 687 -22.88 20.83 -34.83
CA ALA G 687 -22.47 20.61 -36.22
C ALA G 687 -23.51 21.13 -37.20
N GLY G 688 -24.10 22.28 -36.87
CA GLY G 688 -25.09 22.88 -37.73
C GLY G 688 -26.50 22.35 -37.56
N ILE G 689 -26.80 21.62 -36.49
CA ILE G 689 -28.12 21.06 -36.26
C ILE G 689 -28.64 21.54 -34.91
N CYS G 690 -29.88 22.03 -34.90
CA CYS G 690 -30.60 22.38 -33.69
C CYS G 690 -32.01 21.82 -33.75
N ALA G 691 -32.54 21.42 -32.60
CA ALA G 691 -33.83 20.77 -32.50
C ALA G 691 -34.85 21.69 -31.82
N SER G 692 -36.12 21.44 -32.12
CA SER G 692 -37.20 22.22 -31.54
C SER G 692 -38.48 21.39 -31.54
N TYR G 693 -39.35 21.66 -30.56
CA TYR G 693 -40.65 21.01 -30.46
C TYR G 693 -41.68 21.87 -31.18
N GLN G 694 -42.25 21.37 -32.26
CA GLN G 694 -43.15 22.14 -33.09
C GLN G 694 -44.43 21.37 -33.37
N THR G 695 -45.53 22.11 -33.51
CA THR G 695 -46.82 21.50 -33.81
C THR G 695 -46.97 21.20 -35.30
N GLN G 709 -47.99 17.55 -32.89
CA GLN G 709 -46.73 18.13 -32.46
C GLN G 709 -45.66 17.06 -32.28
N SER G 710 -44.42 17.40 -32.59
CA SER G 710 -43.31 16.46 -32.47
C SER G 710 -42.01 17.24 -32.43
N ILE G 711 -40.92 16.50 -32.20
CA ILE G 711 -39.58 17.08 -32.16
C ILE G 711 -38.97 17.01 -33.54
N ILE G 712 -38.43 18.14 -34.01
CA ILE G 712 -37.84 18.23 -35.33
C ILE G 712 -36.42 18.79 -35.19
N ALA G 713 -35.60 18.51 -36.20
CA ALA G 713 -34.23 18.98 -36.26
C ALA G 713 -34.00 19.72 -37.57
N TYR G 714 -33.20 20.79 -37.52
CA TYR G 714 -32.99 21.61 -38.69
C TYR G 714 -31.69 22.38 -38.57
N THR G 715 -31.22 22.87 -39.72
CA THR G 715 -30.07 23.77 -39.76
C THR G 715 -30.52 25.18 -39.35
N MET G 716 -29.70 25.84 -38.52
CA MET G 716 -30.09 27.13 -37.99
C MET G 716 -30.16 28.18 -39.10
N SER G 717 -30.91 29.23 -38.83
CA SER G 717 -30.80 30.49 -39.56
C SER G 717 -30.09 31.49 -38.67
N LEU G 718 -29.04 32.11 -39.20
CA LEU G 718 -28.24 33.05 -38.44
C LEU G 718 -28.91 34.40 -38.29
N GLY G 719 -30.20 34.49 -38.60
CA GLY G 719 -30.94 35.74 -38.54
C GLY G 719 -31.58 36.05 -39.88
N ALA G 720 -32.65 36.85 -39.85
CA ALA G 720 -33.30 37.23 -41.09
C ALA G 720 -32.37 38.10 -41.93
N GLU G 721 -32.23 37.75 -43.20
CA GLU G 721 -31.38 38.53 -44.10
C GLU G 721 -31.99 39.91 -44.33
N ASN G 722 -31.13 40.92 -44.40
CA ASN G 722 -31.56 42.31 -44.56
C ASN G 722 -30.55 43.00 -45.47
N SER G 723 -30.91 43.09 -46.75
CA SER G 723 -30.10 43.83 -47.68
C SER G 723 -30.18 45.32 -47.36
N VAL G 724 -29.03 46.00 -47.45
CA VAL G 724 -28.96 47.44 -47.30
C VAL G 724 -28.92 48.08 -48.68
N ALA G 725 -29.74 49.11 -48.88
CA ALA G 725 -29.84 49.78 -50.17
C ALA G 725 -28.68 50.76 -50.34
N TYR G 726 -27.48 50.19 -50.36
CA TYR G 726 -26.27 51.00 -50.43
C TYR G 726 -26.13 51.65 -51.80
N SER G 727 -25.56 52.85 -51.80
CA SER G 727 -25.27 53.58 -53.03
C SER G 727 -24.19 54.60 -52.71
N ASN G 728 -23.98 55.53 -53.62
CA ASN G 728 -23.00 56.59 -53.39
C ASN G 728 -23.64 57.94 -53.07
N ASN G 729 -24.97 58.05 -53.10
CA ASN G 729 -25.61 59.33 -52.84
C ASN G 729 -26.89 59.18 -52.03
N SER G 730 -26.97 58.17 -51.17
CA SER G 730 -28.17 57.95 -50.36
C SER G 730 -27.77 57.76 -48.91
N ILE G 731 -28.50 58.41 -47.99
CA ILE G 731 -28.24 58.30 -46.57
C ILE G 731 -29.56 58.11 -45.83
N ALA G 732 -29.55 57.25 -44.82
CA ALA G 732 -30.71 57.02 -43.97
C ALA G 732 -30.50 57.73 -42.64
N ILE G 733 -31.43 58.61 -42.28
CA ILE G 733 -31.35 59.41 -41.07
C ILE G 733 -32.59 59.10 -40.21
N PRO G 734 -32.42 58.76 -38.94
CA PRO G 734 -33.59 58.54 -38.09
C PRO G 734 -34.33 59.83 -37.80
N THR G 735 -35.65 59.75 -37.70
CA THR G 735 -36.48 60.88 -37.35
C THR G 735 -37.17 60.71 -36.00
N ASN G 736 -37.14 59.51 -35.42
CA ASN G 736 -37.74 59.26 -34.12
C ASN G 736 -36.82 58.35 -33.32
N PHE G 737 -36.99 58.36 -32.01
CA PHE G 737 -36.09 57.65 -31.12
C PHE G 737 -36.87 57.03 -29.98
N THR G 738 -36.22 56.11 -29.29
CA THR G 738 -36.78 55.43 -28.14
C THR G 738 -35.75 55.38 -27.02
N ILE G 739 -36.25 55.28 -25.79
CA ILE G 739 -35.43 55.11 -24.61
C ILE G 739 -35.62 53.68 -24.13
N SER G 740 -34.55 52.90 -24.13
CA SER G 740 -34.62 51.47 -23.82
C SER G 740 -33.85 51.18 -22.54
N VAL G 741 -34.44 50.37 -21.67
CA VAL G 741 -33.81 49.95 -20.43
C VAL G 741 -33.48 48.48 -20.54
N THR G 742 -32.23 48.14 -20.24
CA THR G 742 -31.77 46.75 -20.29
C THR G 742 -31.23 46.34 -18.93
N THR G 743 -31.28 45.05 -18.66
CA THR G 743 -30.85 44.50 -17.38
C THR G 743 -29.58 43.68 -17.58
N GLU G 744 -28.56 43.96 -16.77
CA GLU G 744 -27.30 43.23 -16.83
C GLU G 744 -26.97 42.73 -15.43
N ILE G 745 -26.87 41.42 -15.27
CA ILE G 745 -26.67 40.80 -13.95
C ILE G 745 -25.24 40.27 -13.88
N LEU G 746 -24.54 40.60 -12.80
CA LEU G 746 -23.17 40.17 -12.63
C LEU G 746 -22.97 39.62 -11.22
N PRO G 747 -22.45 38.41 -11.09
CA PRO G 747 -22.08 37.91 -9.76
C PRO G 747 -20.94 38.72 -9.17
N VAL G 748 -20.96 38.85 -7.85
CA VAL G 748 -19.98 39.65 -7.11
C VAL G 748 -19.19 38.79 -6.14
N SER G 749 -19.87 38.10 -5.23
CA SER G 749 -19.22 37.32 -4.20
C SER G 749 -19.80 35.91 -4.18
N MET G 750 -19.16 35.05 -3.40
CA MET G 750 -19.58 33.66 -3.23
C MET G 750 -19.57 33.33 -1.74
N THR G 751 -20.24 32.24 -1.40
CA THR G 751 -20.34 31.82 -0.01
C THR G 751 -18.96 31.57 0.58
N LYS G 752 -18.72 32.14 1.76
CA LYS G 752 -17.42 32.04 2.43
C LYS G 752 -17.38 30.76 3.26
N THR G 753 -17.01 29.67 2.60
CA THR G 753 -16.95 28.36 3.24
C THR G 753 -15.55 28.12 3.80
N SER G 754 -15.48 27.68 5.05
CA SER G 754 -14.22 27.32 5.69
C SER G 754 -14.36 25.91 6.24
N VAL G 755 -13.46 25.02 5.83
CA VAL G 755 -13.51 23.62 6.20
C VAL G 755 -12.27 23.27 7.01
N ASP G 756 -12.48 22.68 8.19
CA ASP G 756 -11.36 22.22 9.00
C ASP G 756 -10.84 20.91 8.44
N CYS G 757 -9.57 20.90 8.05
CA CYS G 757 -8.98 19.70 7.46
C CYS G 757 -8.95 18.55 8.45
N THR G 758 -8.56 18.82 9.70
CA THR G 758 -8.34 17.74 10.66
C THR G 758 -9.64 17.02 11.00
N MET G 759 -10.68 17.78 11.35
CA MET G 759 -11.94 17.15 11.73
C MET G 759 -12.60 16.46 10.53
N TYR G 760 -12.54 17.08 9.35
CA TYR G 760 -13.15 16.46 8.19
C TYR G 760 -12.46 15.15 7.84
N ILE G 761 -11.12 15.13 7.85
CA ILE G 761 -10.41 13.90 7.58
C ILE G 761 -10.56 12.91 8.73
N CYS G 762 -10.41 13.39 9.96
CA CYS G 762 -10.44 12.54 11.15
C CYS G 762 -11.58 12.99 12.05
N GLY G 763 -12.56 12.12 12.24
CA GLY G 763 -13.70 12.43 13.08
C GLY G 763 -13.40 12.32 14.56
N ASP G 764 -12.53 13.20 15.07
CA ASP G 764 -12.18 13.27 16.48
C ASP G 764 -11.64 11.93 16.99
N SER G 765 -10.66 11.38 16.28
CA SER G 765 -9.99 10.15 16.66
C SER G 765 -8.52 10.43 16.90
N THR G 766 -8.02 10.02 18.08
CA THR G 766 -6.62 10.27 18.41
C THR G 766 -5.68 9.54 17.47
N GLU G 767 -5.99 8.27 17.17
CA GLU G 767 -5.14 7.51 16.26
C GLU G 767 -5.14 8.11 14.86
N CYS G 768 -6.30 8.56 14.39
CA CYS G 768 -6.36 9.18 13.07
C CYS G 768 -5.54 10.46 13.02
N SER G 769 -5.63 11.28 14.07
CA SER G 769 -4.83 12.51 14.10
C SER G 769 -3.34 12.19 14.15
N ASN G 770 -2.96 11.18 14.94
CA ASN G 770 -1.56 10.78 15.00
C ASN G 770 -1.05 10.33 13.64
N LEU G 771 -1.86 9.55 12.92
CA LEU G 771 -1.48 9.13 11.57
C LEU G 771 -1.40 10.32 10.63
N LEU G 772 -2.33 11.27 10.76
CA LEU G 772 -2.34 12.44 9.88
C LEU G 772 -1.11 13.32 10.11
N LEU G 773 -0.58 13.33 11.34
CA LEU G 773 0.54 14.20 11.64
C LEU G 773 1.77 13.88 10.79
N GLN G 774 1.84 12.68 10.21
CA GLN G 774 2.99 12.31 9.40
C GLN G 774 3.04 13.00 8.05
N TYR G 775 1.96 13.66 7.64
CA TYR G 775 1.88 14.26 6.31
C TYR G 775 2.37 15.70 6.27
N GLY G 776 2.83 16.25 7.39
CA GLY G 776 3.36 17.59 7.38
C GLY G 776 2.27 18.63 7.56
N SER G 777 2.36 19.71 6.79
CA SER G 777 1.49 20.86 6.94
C SER G 777 0.52 21.02 5.76
N PHE G 778 0.00 19.89 5.26
CA PHE G 778 -1.00 19.97 4.20
C PHE G 778 -2.23 20.73 4.67
N CYS G 779 -2.79 20.34 5.82
CA CYS G 779 -4.03 20.93 6.29
C CYS G 779 -3.86 22.43 6.53
N THR G 780 -2.67 22.84 6.99
CA THR G 780 -2.39 24.26 7.16
C THR G 780 -2.48 24.99 5.83
N GLN G 781 -1.91 24.41 4.77
CA GLN G 781 -1.98 25.04 3.45
C GLN G 781 -3.41 25.13 2.94
N LEU G 782 -4.19 24.06 3.13
CA LEU G 782 -5.57 24.07 2.68
C LEU G 782 -6.37 25.14 3.41
N ASN G 783 -6.20 25.23 4.74
CA ASN G 783 -6.90 26.25 5.51
C ASN G 783 -6.46 27.65 5.10
N ARG G 784 -5.17 27.82 4.80
CA ARG G 784 -4.67 29.12 4.36
C ARG G 784 -5.32 29.52 3.04
N ALA G 785 -5.43 28.57 2.10
CA ALA G 785 -6.08 28.87 0.84
C ALA G 785 -7.54 29.24 1.03
N LEU G 786 -8.25 28.49 1.88
CA LEU G 786 -9.65 28.81 2.14
C LEU G 786 -9.81 30.19 2.77
N THR G 787 -8.94 30.52 3.73
CA THR G 787 -8.98 31.84 4.35
C THR G 787 -8.69 32.93 3.35
N GLY G 788 -7.73 32.70 2.45
CA GLY G 788 -7.46 33.67 1.41
C GLY G 788 -8.66 33.91 0.52
N ILE G 789 -9.36 32.84 0.14
CA ILE G 789 -10.57 32.98 -0.67
C ILE G 789 -11.64 33.76 0.10
N ALA G 790 -11.80 33.44 1.38
CA ALA G 790 -12.81 34.13 2.19
C ALA G 790 -12.52 35.63 2.28
N VAL G 791 -11.25 35.99 2.48
CA VAL G 791 -10.89 37.40 2.54
C VAL G 791 -11.08 38.06 1.17
N GLU G 792 -10.74 37.35 0.10
CA GLU G 792 -10.92 37.89 -1.24
C GLU G 792 -12.38 38.16 -1.53
N GLN G 793 -13.29 37.38 -0.95
CA GLN G 793 -14.72 37.65 -1.15
C GLN G 793 -15.10 39.03 -0.62
N ASP G 794 -14.72 39.32 0.62
CA ASP G 794 -15.02 40.63 1.19
C ASP G 794 -14.31 41.74 0.44
N LYS G 795 -13.07 41.48 0.00
CA LYS G 795 -12.35 42.48 -0.79
C LYS G 795 -13.10 42.78 -2.09
N ASN G 796 -13.59 41.75 -2.77
CA ASN G 796 -14.36 41.94 -3.99
C ASN G 796 -15.62 42.76 -3.72
N THR G 797 -16.33 42.43 -2.65
CA THR G 797 -17.56 43.15 -2.34
C THR G 797 -17.26 44.63 -2.09
N GLN G 798 -16.22 44.91 -1.29
CA GLN G 798 -15.88 46.29 -0.99
C GLN G 798 -15.45 47.04 -2.24
N GLU G 799 -14.67 46.39 -3.10
CA GLU G 799 -14.25 47.04 -4.35
C GLU G 799 -15.45 47.35 -5.24
N VAL G 800 -16.40 46.43 -5.33
CA VAL G 800 -17.54 46.63 -6.22
C VAL G 800 -18.44 47.73 -5.70
N PHE G 801 -18.76 47.71 -4.40
CA PHE G 801 -19.76 48.61 -3.86
C PHE G 801 -19.17 49.87 -3.22
N ALA G 802 -18.25 49.70 -2.28
CA ALA G 802 -17.76 50.82 -1.48
C ALA G 802 -16.82 51.72 -2.30
N GLN G 803 -17.41 52.41 -3.27
CA GLN G 803 -16.69 53.36 -4.10
C GLN G 803 -17.08 54.80 -3.82
N VAL G 804 -17.91 55.03 -2.81
CA VAL G 804 -18.31 56.38 -2.41
C VAL G 804 -18.04 56.54 -0.92
N LYS G 805 -17.48 57.69 -0.55
CA LYS G 805 -17.07 57.94 0.83
C LYS G 805 -18.14 58.65 1.65
N GLN G 806 -19.29 58.97 1.06
CA GLN G 806 -20.37 59.64 1.77
C GLN G 806 -21.68 58.95 1.45
N ILE G 807 -22.62 59.03 2.38
CA ILE G 807 -23.94 58.42 2.22
C ILE G 807 -24.92 59.55 1.89
N TYR G 808 -25.30 59.66 0.63
CA TYR G 808 -26.24 60.66 0.19
C TYR G 808 -27.67 60.15 0.37
N LYS G 809 -28.60 61.07 0.63
CA LYS G 809 -30.01 60.72 0.74
C LYS G 809 -30.83 61.72 -0.06
N THR G 810 -31.82 61.21 -0.78
CA THR G 810 -32.58 62.04 -1.71
C THR G 810 -33.47 63.04 -0.96
N PRO G 811 -33.76 64.18 -1.58
CA PRO G 811 -34.69 65.12 -0.96
C PRO G 811 -36.08 64.54 -0.88
N PRO G 812 -36.88 64.95 0.12
CA PRO G 812 -38.24 64.41 0.26
C PRO G 812 -39.13 64.66 -0.95
N ILE G 813 -38.98 65.81 -1.61
CA ILE G 813 -39.81 66.15 -2.77
C ILE G 813 -39.25 65.41 -3.98
N LYS G 814 -40.08 64.56 -4.59
CA LYS G 814 -39.66 63.77 -5.75
C LYS G 814 -40.08 64.48 -7.04
N ASP G 815 -39.43 65.61 -7.30
CA ASP G 815 -39.65 66.40 -8.49
C ASP G 815 -38.44 66.25 -9.40
N PHE G 816 -38.61 65.48 -10.48
CA PHE G 816 -37.52 65.20 -11.41
C PHE G 816 -38.00 65.34 -12.85
N GLY G 817 -38.76 66.39 -13.13
CA GLY G 817 -39.19 66.64 -14.49
C GLY G 817 -40.15 65.63 -15.06
N GLY G 818 -40.85 64.88 -14.20
CA GLY G 818 -41.80 63.87 -14.62
C GLY G 818 -41.29 62.45 -14.54
N PHE G 819 -39.99 62.26 -14.39
CA PHE G 819 -39.42 60.92 -14.24
C PHE G 819 -39.79 60.36 -12.87
N ASN G 820 -40.30 59.14 -12.84
CA ASN G 820 -40.68 58.48 -11.60
C ASN G 820 -39.64 57.42 -11.24
N PHE G 821 -39.01 57.58 -10.08
CA PHE G 821 -37.98 56.66 -9.62
C PHE G 821 -38.42 55.86 -8.41
N SER G 822 -39.73 55.74 -8.19
CA SER G 822 -40.22 55.01 -7.02
C SER G 822 -39.81 53.54 -7.06
N GLN G 823 -39.86 52.93 -8.24
CA GLN G 823 -39.56 51.51 -8.35
C GLN G 823 -38.10 51.20 -8.04
N ILE G 824 -37.19 52.15 -8.27
CA ILE G 824 -35.76 51.90 -8.10
C ILE G 824 -35.27 52.46 -6.78
N LEU G 825 -35.91 53.54 -6.31
CA LEU G 825 -35.50 54.11 -5.03
C LEU G 825 -35.95 53.22 -3.88
N PRO G 826 -35.20 53.18 -2.78
CA PRO G 826 -35.63 52.43 -1.61
C PRO G 826 -36.87 53.05 -0.99
N ASP G 827 -37.69 52.20 -0.38
CA ASP G 827 -38.91 52.65 0.24
C ASP G 827 -38.88 52.40 1.75
N PRO G 828 -39.49 53.27 2.55
CA PRO G 828 -39.54 53.04 4.01
C PRO G 828 -40.58 52.02 4.44
N SER G 829 -41.44 51.56 3.53
CA SER G 829 -42.47 50.61 3.91
C SER G 829 -41.87 49.27 4.32
N LYS G 830 -40.99 48.72 3.49
CA LYS G 830 -40.35 47.46 3.83
C LYS G 830 -39.30 47.68 4.91
N PRO G 831 -39.23 46.79 5.91
CA PRO G 831 -38.21 46.95 6.96
C PRO G 831 -36.79 46.90 6.43
N SER G 832 -36.54 46.13 5.38
CA SER G 832 -35.19 46.06 4.81
C SER G 832 -34.78 47.34 4.10
N LYS G 833 -35.70 48.27 3.90
CA LYS G 833 -35.42 49.53 3.20
C LYS G 833 -34.85 49.28 1.81
N ARG G 834 -35.41 48.29 1.12
CA ARG G 834 -34.97 47.91 -0.21
C ARG G 834 -36.02 48.34 -1.24
N SER G 835 -35.54 48.57 -2.45
CA SER G 835 -36.42 48.94 -3.54
C SER G 835 -37.31 47.75 -3.94
N PRO G 836 -38.49 48.00 -4.50
CA PRO G 836 -39.31 46.89 -4.99
C PRO G 836 -38.59 46.01 -5.98
N ILE G 837 -37.75 46.58 -6.83
CA ILE G 837 -36.93 45.76 -7.73
C ILE G 837 -35.98 44.90 -6.91
N GLU G 838 -35.37 45.48 -5.87
CA GLU G 838 -34.50 44.71 -5.00
C GLU G 838 -35.28 43.59 -4.30
N ASP G 839 -36.50 43.89 -3.85
CA ASP G 839 -37.31 42.87 -3.21
C ASP G 839 -37.63 41.74 -4.16
N LEU G 840 -37.98 42.07 -5.40
CA LEU G 840 -38.26 41.03 -6.39
C LEU G 840 -37.02 40.19 -6.66
N LEU G 841 -35.86 40.82 -6.75
CA LEU G 841 -34.62 40.08 -6.97
C LEU G 841 -34.33 39.15 -5.81
N PHE G 842 -34.52 39.62 -4.58
CA PHE G 842 -34.25 38.79 -3.41
C PHE G 842 -35.24 37.65 -3.29
N ASN G 843 -36.49 37.86 -3.70
CA ASN G 843 -37.51 36.83 -3.56
C ASN G 843 -37.33 35.69 -4.56
N LYS G 844 -36.75 35.97 -5.72
CA LYS G 844 -36.61 34.98 -6.77
C LYS G 844 -35.39 34.09 -6.61
N VAL G 845 -34.54 34.35 -5.62
CA VAL G 845 -33.35 33.54 -5.40
C VAL G 845 -33.40 32.89 -4.03
N ASN G 875 -20.13 18.66 10.17
CA ASN G 875 -19.20 17.83 9.42
C ASN G 875 -17.85 18.53 9.25
N GLY G 876 -17.53 19.41 10.19
CA GLY G 876 -16.27 20.12 10.15
C GLY G 876 -16.21 21.29 9.19
N LEU G 877 -17.35 21.69 8.61
CA LEU G 877 -17.40 22.80 7.67
C LEU G 877 -18.32 23.88 8.22
N THR G 878 -17.92 25.14 8.03
CA THR G 878 -18.67 26.28 8.52
C THR G 878 -18.78 27.32 7.42
N VAL G 879 -19.75 28.22 7.58
CA VAL G 879 -19.97 29.32 6.65
C VAL G 879 -19.80 30.62 7.42
N LEU G 880 -18.82 31.42 7.03
CA LEU G 880 -18.58 32.71 7.66
C LEU G 880 -19.48 33.77 7.05
N PRO G 881 -20.24 34.51 7.86
CA PRO G 881 -21.12 35.53 7.31
C PRO G 881 -20.31 36.63 6.63
N PRO G 882 -20.85 37.25 5.59
CA PRO G 882 -20.12 38.35 4.94
C PRO G 882 -19.97 39.54 5.87
N LEU G 883 -18.89 40.29 5.66
CA LEU G 883 -18.64 41.47 6.49
C LEU G 883 -19.75 42.49 6.33
N LEU G 884 -20.21 42.72 5.11
CA LEU G 884 -21.27 43.67 4.82
C LEU G 884 -22.60 42.92 4.75
N THR G 885 -23.56 43.34 5.57
CA THR G 885 -24.88 42.75 5.54
C THR G 885 -25.69 43.33 4.38
N ASP G 886 -26.87 42.76 4.16
CA ASP G 886 -27.71 43.20 3.06
C ASP G 886 -28.17 44.65 3.25
N GLU G 887 -28.41 45.05 4.50
CA GLU G 887 -28.92 46.40 4.77
C GLU G 887 -27.90 47.47 4.36
N MET G 888 -26.63 47.28 4.72
CA MET G 888 -25.64 48.28 4.34
C MET G 888 -25.36 48.26 2.84
N ILE G 889 -25.47 47.10 2.20
CA ILE G 889 -25.37 47.06 0.75
C ILE G 889 -26.49 47.86 0.11
N ALA G 890 -27.71 47.71 0.64
CA ALA G 890 -28.83 48.48 0.14
C ALA G 890 -28.62 49.97 0.39
N GLN G 891 -28.03 50.32 1.53
CA GLN G 891 -27.73 51.73 1.81
C GLN G 891 -26.72 52.28 0.82
N TYR G 892 -25.68 51.49 0.50
CA TYR G 892 -24.69 51.94 -0.48
C TYR G 892 -25.34 52.14 -1.85
N THR G 893 -26.20 51.21 -2.26
CA THR G 893 -26.89 51.38 -3.53
C THR G 893 -27.79 52.62 -3.51
N SER G 894 -28.49 52.84 -2.40
CA SER G 894 -29.33 54.03 -2.29
C SER G 894 -28.50 55.30 -2.40
N ALA G 895 -27.33 55.31 -1.77
CA ALA G 895 -26.45 56.47 -1.88
C ALA G 895 -25.98 56.67 -3.32
N LEU G 896 -25.66 55.58 -4.02
CA LEU G 896 -25.25 55.70 -5.42
C LEU G 896 -26.36 56.27 -6.28
N LEU G 897 -27.59 55.78 -6.09
CA LEU G 897 -28.71 56.33 -6.85
C LEU G 897 -28.96 57.80 -6.51
N ALA G 898 -28.86 58.16 -5.23
CA ALA G 898 -29.04 59.56 -4.86
C ALA G 898 -27.99 60.44 -5.54
N GLY G 899 -26.74 60.00 -5.52
CA GLY G 899 -25.70 60.78 -6.17
C GLY G 899 -25.90 60.90 -7.67
N THR G 900 -26.27 59.79 -8.33
CA THR G 900 -26.50 59.83 -9.76
C THR G 900 -27.67 60.76 -10.10
N ILE G 901 -28.74 60.71 -9.31
CA ILE G 901 -29.93 61.49 -9.61
C ILE G 901 -29.67 62.98 -9.38
N THR G 902 -29.04 63.33 -8.26
CA THR G 902 -28.96 64.73 -7.87
C THR G 902 -27.70 65.44 -8.35
N SER G 903 -26.59 64.72 -8.53
CA SER G 903 -25.32 65.35 -8.84
C SER G 903 -24.70 64.88 -10.15
N GLY G 904 -25.33 63.94 -10.85
CA GLY G 904 -24.74 63.42 -12.08
C GLY G 904 -23.45 62.68 -11.78
N TRP G 905 -22.40 63.00 -12.55
CA TRP G 905 -21.10 62.39 -12.36
C TRP G 905 -20.17 63.22 -11.49
N THR G 906 -20.63 64.38 -11.02
CA THR G 906 -19.76 65.25 -10.23
C THR G 906 -19.35 64.59 -8.92
N PHE G 907 -20.29 63.90 -8.26
CA PHE G 907 -19.98 63.29 -6.98
C PHE G 907 -18.95 62.17 -7.12
N GLY G 908 -18.95 61.47 -8.25
CA GLY G 908 -17.96 60.43 -8.46
C GLY G 908 -16.56 60.98 -8.60
N ALA G 909 -16.42 62.13 -9.25
CA ALA G 909 -15.13 62.73 -9.52
C ALA G 909 -14.67 63.67 -8.42
N GLY G 910 -15.42 63.80 -7.33
CA GLY G 910 -15.03 64.65 -6.23
C GLY G 910 -16.21 65.09 -5.38
N PRO G 911 -16.31 66.39 -5.12
CA PRO G 911 -17.42 66.89 -4.32
C PRO G 911 -18.75 66.74 -5.05
N ALA G 912 -19.81 66.58 -4.27
CA ALA G 912 -21.15 66.40 -4.82
C ALA G 912 -21.74 67.77 -5.13
N LEU G 913 -21.92 68.05 -6.42
CA LEU G 913 -22.51 69.31 -6.88
C LEU G 913 -23.92 69.01 -7.38
N GLN G 914 -24.92 69.57 -6.71
CA GLN G 914 -26.30 69.31 -7.10
C GLN G 914 -26.55 69.86 -8.50
N ILE G 915 -27.36 69.13 -9.26
CA ILE G 915 -27.71 69.52 -10.63
C ILE G 915 -29.12 69.01 -10.91
N PRO G 916 -30.05 69.86 -11.32
CA PRO G 916 -31.41 69.38 -11.60
C PRO G 916 -31.41 68.41 -12.77
N PHE G 917 -32.34 67.46 -12.71
CA PHE G 917 -32.34 66.36 -13.67
C PHE G 917 -32.45 66.78 -15.13
N PRO G 918 -33.29 67.76 -15.52
CA PRO G 918 -33.37 68.09 -16.96
C PRO G 918 -32.04 68.49 -17.59
N MET G 919 -31.26 69.37 -16.96
CA MET G 919 -29.96 69.69 -17.53
C MET G 919 -28.99 68.51 -17.47
N GLN G 920 -29.12 67.62 -16.50
CA GLN G 920 -28.27 66.44 -16.49
C GLN G 920 -28.57 65.56 -17.70
N MET G 921 -29.85 65.37 -18.02
CA MET G 921 -30.21 64.61 -19.21
C MET G 921 -29.79 65.34 -20.48
N ALA G 922 -29.85 66.67 -20.47
CA ALA G 922 -29.37 67.43 -21.62
C ALA G 922 -27.88 67.21 -21.83
N TYR G 923 -27.10 67.20 -20.76
CA TYR G 923 -25.68 66.90 -20.85
C TYR G 923 -25.44 65.49 -21.38
N ARG G 924 -26.22 64.52 -20.90
CA ARG G 924 -26.03 63.15 -21.35
C ARG G 924 -26.36 63.00 -22.83
N PHE G 925 -27.42 63.66 -23.30
CA PHE G 925 -27.68 63.67 -24.75
C PHE G 925 -26.56 64.36 -25.51
N ASN G 926 -26.06 65.49 -25.01
CA ASN G 926 -24.98 66.19 -25.70
C ASN G 926 -23.73 65.33 -25.76
N GLY G 927 -23.57 64.41 -24.82
CA GLY G 927 -22.42 63.52 -24.82
C GLY G 927 -22.41 62.53 -25.98
N ILE G 928 -23.57 62.21 -26.54
CA ILE G 928 -23.66 61.24 -27.63
C ILE G 928 -23.94 61.92 -28.97
N GLY G 929 -23.57 63.20 -29.10
CA GLY G 929 -23.69 63.87 -30.38
C GLY G 929 -25.08 64.33 -30.76
N VAL G 930 -25.99 64.43 -29.80
CA VAL G 930 -27.35 64.91 -30.03
C VAL G 930 -27.56 66.17 -29.20
N THR G 931 -27.98 67.25 -29.85
CA THR G 931 -28.14 68.52 -29.15
C THR G 931 -29.29 68.43 -28.14
N GLN G 932 -29.24 69.32 -27.15
CA GLN G 932 -30.18 69.27 -26.04
C GLN G 932 -31.56 69.79 -26.41
N ASN G 933 -31.69 70.52 -27.51
CA ASN G 933 -33.00 71.09 -27.87
C ASN G 933 -34.02 70.01 -28.14
N VAL G 934 -33.59 68.85 -28.66
CA VAL G 934 -34.55 67.76 -28.86
C VAL G 934 -35.08 67.25 -27.54
N LEU G 935 -34.24 67.23 -26.50
CA LEU G 935 -34.72 66.86 -25.18
C LEU G 935 -35.69 67.90 -24.64
N TYR G 936 -35.31 69.17 -24.70
CA TYR G 936 -36.17 70.20 -24.13
C TYR G 936 -37.44 70.42 -24.94
N GLU G 937 -37.53 69.86 -26.14
CA GLU G 937 -38.77 69.91 -26.90
C GLU G 937 -39.58 68.62 -26.81
N ASN G 938 -39.02 67.57 -26.21
CA ASN G 938 -39.68 66.28 -26.12
C ASN G 938 -39.52 65.67 -24.73
N GLN G 939 -39.64 66.49 -23.69
CA GLN G 939 -39.41 66.02 -22.33
C GLN G 939 -40.49 65.02 -21.90
N LYS G 940 -41.76 65.34 -22.17
CA LYS G 940 -42.86 64.50 -21.72
C LYS G 940 -42.81 63.12 -22.36
N LEU G 941 -42.52 63.07 -23.65
CA LEU G 941 -42.46 61.78 -24.34
C LEU G 941 -41.33 60.92 -23.77
N ILE G 942 -40.18 61.52 -23.52
CA ILE G 942 -39.06 60.78 -22.95
C ILE G 942 -39.39 60.27 -21.56
N ALA G 943 -40.04 61.10 -20.74
CA ALA G 943 -40.41 60.67 -19.40
C ALA G 943 -41.39 59.51 -19.45
N ASN G 944 -42.40 59.60 -20.33
CA ASN G 944 -43.37 58.52 -20.44
C ASN G 944 -42.71 57.24 -20.95
N GLN G 945 -41.81 57.35 -21.92
CA GLN G 945 -41.12 56.19 -22.42
C GLN G 945 -40.26 55.54 -21.34
N PHE G 946 -39.58 56.35 -20.53
CA PHE G 946 -38.77 55.80 -19.45
C PHE G 946 -39.63 55.08 -18.42
N ASN G 947 -40.78 55.69 -18.05
CA ASN G 947 -41.66 55.05 -17.09
C ASN G 947 -42.20 53.72 -17.63
N SER G 948 -42.61 53.71 -18.89
CA SER G 948 -43.09 52.47 -19.49
C SER G 948 -41.98 51.42 -19.54
N ALA G 949 -40.75 51.86 -19.82
CA ALA G 949 -39.63 50.93 -19.88
C ALA G 949 -39.35 50.32 -18.52
N ILE G 950 -39.37 51.12 -17.45
CA ILE G 950 -39.09 50.56 -16.14
C ILE G 950 -40.23 49.63 -15.70
N GLY G 951 -41.47 49.97 -16.07
CA GLY G 951 -42.56 49.05 -15.81
C GLY G 951 -42.40 47.74 -16.53
N LYS G 952 -41.96 47.78 -17.79
CA LYS G 952 -41.73 46.56 -18.55
C LYS G 952 -40.61 45.74 -17.94
N ILE G 953 -39.55 46.41 -17.46
CA ILE G 953 -38.47 45.69 -16.79
C ILE G 953 -38.98 45.00 -15.53
N GLN G 954 -39.80 45.70 -14.75
CA GLN G 954 -40.39 45.09 -13.56
C GLN G 954 -41.21 43.86 -13.93
N ASP G 955 -42.04 43.97 -14.97
CA ASP G 955 -42.86 42.84 -15.39
C ASP G 955 -42.00 41.68 -15.87
N SER G 956 -40.94 41.97 -16.63
CA SER G 956 -40.07 40.91 -17.13
C SER G 956 -39.35 40.20 -15.98
N LEU G 957 -38.88 40.97 -14.99
CA LEU G 957 -38.25 40.35 -13.82
C LEU G 957 -39.24 39.49 -13.06
N SER G 958 -40.48 39.97 -12.92
CA SER G 958 -41.50 39.20 -12.21
C SER G 958 -41.83 37.91 -12.95
N SER G 959 -41.88 37.96 -14.28
CA SER G 959 -42.36 36.82 -15.05
C SER G 959 -41.24 35.86 -15.42
N THR G 960 -40.15 36.36 -15.99
CA THR G 960 -39.10 35.48 -16.49
C THR G 960 -38.29 34.91 -15.34
N PRO G 961 -38.25 33.58 -15.19
CA PRO G 961 -37.43 33.00 -14.11
C PRO G 961 -35.98 32.77 -14.49
N SER G 962 -35.66 32.74 -15.78
CA SER G 962 -34.31 32.48 -16.26
C SER G 962 -33.49 33.74 -16.41
N ALA G 963 -34.04 34.91 -16.05
CA ALA G 963 -33.27 36.15 -16.13
C ALA G 963 -32.09 36.13 -15.18
N LEU G 964 -32.26 35.54 -14.00
CA LEU G 964 -31.22 35.49 -12.98
C LEU G 964 -30.47 34.17 -12.98
N GLY G 965 -30.23 33.62 -14.17
CA GLY G 965 -29.61 32.31 -14.27
C GLY G 965 -28.20 32.25 -13.71
N LYS G 966 -27.45 33.34 -13.81
CA LYS G 966 -26.04 33.31 -13.43
C LYS G 966 -25.88 33.11 -11.93
N LEU G 967 -26.57 33.91 -11.13
CA LEU G 967 -26.45 33.78 -9.67
C LEU G 967 -26.94 32.42 -9.19
N GLN G 968 -28.06 31.95 -9.74
CA GLN G 968 -28.58 30.65 -9.37
C GLN G 968 -27.59 29.55 -9.76
N ASP G 969 -26.95 29.69 -10.92
CA ASP G 969 -25.95 28.72 -11.34
C ASP G 969 -24.77 28.70 -10.39
N VAL G 970 -24.31 29.88 -9.95
CA VAL G 970 -23.20 29.95 -9.01
C VAL G 970 -23.57 29.26 -7.70
N VAL G 971 -24.76 29.56 -7.19
CA VAL G 971 -25.19 28.95 -5.94
C VAL G 971 -25.31 27.43 -6.09
N ASN G 972 -25.86 26.99 -7.21
CA ASN G 972 -26.00 25.55 -7.45
C ASN G 972 -24.65 24.88 -7.55
N GLN G 973 -23.68 25.52 -8.20
CA GLN G 973 -22.34 24.96 -8.27
C GLN G 973 -21.72 24.82 -6.90
N ASN G 974 -21.88 25.83 -6.05
CA ASN G 974 -21.34 25.75 -4.70
C ASN G 974 -22.00 24.62 -3.92
N ALA G 975 -23.33 24.51 -4.01
CA ALA G 975 -24.04 23.45 -3.30
C ALA G 975 -23.61 22.08 -3.81
N GLN G 976 -23.44 21.94 -5.13
CA GLN G 976 -23.01 20.67 -5.69
C GLN G 976 -21.62 20.30 -5.21
N ALA G 977 -20.71 21.27 -5.14
CA ALA G 977 -19.37 20.99 -4.65
C ALA G 977 -19.42 20.52 -3.19
N LEU G 978 -20.18 21.22 -2.36
CA LEU G 978 -20.27 20.83 -0.95
C LEU G 978 -20.87 19.44 -0.80
N ASN G 979 -21.95 19.16 -1.55
CA ASN G 979 -22.59 17.86 -1.45
C ASN G 979 -21.68 16.75 -1.96
N THR G 980 -20.91 17.03 -3.02
CA THR G 980 -19.96 16.05 -3.51
C THR G 980 -18.90 15.75 -2.46
N LEU G 981 -18.41 16.79 -1.78
CA LEU G 981 -17.44 16.57 -0.71
C LEU G 981 -18.03 15.71 0.41
N VAL G 982 -19.28 16.02 0.79
CA VAL G 982 -19.93 15.26 1.85
C VAL G 982 -20.10 13.80 1.45
N LYS G 983 -20.53 13.56 0.21
CA LYS G 983 -20.68 12.20 -0.28
C LYS G 983 -19.35 11.47 -0.29
N GLN G 984 -18.28 12.13 -0.76
CA GLN G 984 -16.96 11.51 -0.76
C GLN G 984 -16.47 11.23 0.64
N LEU G 985 -16.96 11.95 1.64
CA LEU G 985 -16.61 11.62 3.03
C LEU G 985 -17.08 10.22 3.39
N SER G 986 -18.15 9.73 2.77
CA SER G 986 -18.72 8.43 3.08
C SER G 986 -18.20 7.31 2.19
N SER G 987 -17.23 7.60 1.32
CA SER G 987 -16.69 6.57 0.45
C SER G 987 -15.70 5.68 1.21
N ASN G 988 -15.28 4.60 0.56
CA ASN G 988 -14.37 3.63 1.15
C ASN G 988 -12.92 3.82 0.71
N PHE G 989 -12.71 4.14 -0.57
CA PHE G 989 -11.36 4.27 -1.13
C PHE G 989 -10.55 2.98 -0.93
N GLY G 990 -11.22 1.84 -1.07
CA GLY G 990 -10.59 0.56 -0.91
C GLY G 990 -10.46 0.08 0.51
N ALA G 991 -10.88 0.88 1.49
CA ALA G 991 -10.80 0.46 2.88
C ALA G 991 -11.87 -0.59 3.19
N ILE G 992 -11.66 -1.32 4.29
CA ILE G 992 -12.61 -2.35 4.68
C ILE G 992 -13.95 -1.74 5.06
N SER G 993 -13.97 -0.48 5.49
CA SER G 993 -15.21 0.19 5.86
C SER G 993 -15.03 1.69 5.69
N SER G 994 -16.14 2.40 5.57
CA SER G 994 -16.13 3.85 5.47
C SER G 994 -16.31 4.54 6.81
N VAL G 995 -16.45 3.80 7.90
CA VAL G 995 -16.65 4.35 9.23
C VAL G 995 -15.35 4.18 10.00
N LEU G 996 -14.82 5.29 10.52
CA LEU G 996 -13.56 5.25 11.25
C LEU G 996 -13.70 4.46 12.54
N ASN G 997 -14.80 4.66 13.28
CA ASN G 997 -14.99 3.96 14.53
C ASN G 997 -15.14 2.45 14.30
N ASP G 998 -15.86 2.07 13.25
CA ASP G 998 -16.02 0.64 12.96
C ASP G 998 -14.69 -0.01 12.65
N ILE G 999 -13.83 0.66 11.86
CA ILE G 999 -12.51 0.11 11.55
C ILE G 999 -11.67 0.03 12.82
N LEU G 1000 -11.70 1.08 13.64
CA LEU G 1000 -10.89 1.08 14.86
C LEU G 1000 -11.30 -0.05 15.81
N SER G 1001 -12.61 -0.26 15.97
CA SER G 1001 -13.08 -1.29 16.88
C SER G 1001 -12.87 -2.69 16.32
N ARG G 1002 -13.22 -2.90 15.04
CA ARG G 1002 -13.19 -4.25 14.48
C ARG G 1002 -11.77 -4.71 14.15
N LEU G 1003 -10.94 -3.82 13.63
CA LEU G 1003 -9.63 -4.18 13.11
C LEU G 1003 -8.55 -3.92 14.14
N ASP G 1004 -7.55 -4.80 14.17
CA ASP G 1004 -6.41 -4.62 15.05
C ASP G 1004 -5.57 -3.43 14.60
N PRO G 1005 -4.85 -2.80 15.51
CA PRO G 1005 -4.05 -1.60 15.17
C PRO G 1005 -3.08 -1.86 14.02
N PRO G 1006 -2.43 -3.03 13.93
CA PRO G 1006 -1.57 -3.27 12.76
C PRO G 1006 -2.29 -3.13 11.42
N GLU G 1007 -3.53 -3.59 11.33
CA GLU G 1007 -4.33 -3.43 10.12
C GLU G 1007 -5.15 -2.15 10.12
N ALA G 1008 -5.57 -1.70 11.30
CA ALA G 1008 -6.27 -0.42 11.39
C ALA G 1008 -5.40 0.72 10.90
N GLU G 1009 -4.09 0.62 11.08
CA GLU G 1009 -3.19 1.65 10.57
C GLU G 1009 -3.29 1.76 9.05
N VAL G 1010 -3.25 0.62 8.36
CA VAL G 1010 -3.35 0.62 6.90
C VAL G 1010 -4.71 1.11 6.45
N GLN G 1011 -5.77 0.66 7.13
CA GLN G 1011 -7.12 1.08 6.75
C GLN G 1011 -7.28 2.59 6.93
N ILE G 1012 -6.80 3.13 8.05
CA ILE G 1012 -6.89 4.56 8.30
C ILE G 1012 -6.05 5.33 7.29
N ASP G 1013 -4.89 4.78 6.93
CA ASP G 1013 -4.05 5.44 5.93
C ASP G 1013 -4.78 5.55 4.59
N ARG G 1014 -5.43 4.46 4.17
CA ARG G 1014 -6.19 4.50 2.92
C ARG G 1014 -7.32 5.51 3.01
N LEU G 1015 -8.06 5.50 4.13
CA LEU G 1015 -9.19 6.42 4.28
C LEU G 1015 -8.72 7.87 4.26
N ILE G 1016 -7.65 8.19 4.98
CA ILE G 1016 -7.18 9.56 5.02
C ILE G 1016 -6.60 9.98 3.68
N THR G 1017 -5.96 9.07 2.96
CA THR G 1017 -5.49 9.40 1.62
C THR G 1017 -6.64 9.77 0.70
N GLY G 1018 -7.70 8.96 0.72
CA GLY G 1018 -8.87 9.28 -0.10
C GLY G 1018 -9.50 10.60 0.27
N ARG G 1019 -9.70 10.82 1.57
CA ARG G 1019 -10.33 12.06 2.02
C ARG G 1019 -9.46 13.26 1.69
N LEU G 1020 -8.14 13.12 1.85
CA LEU G 1020 -7.24 14.23 1.56
C LEU G 1020 -7.24 14.58 0.08
N GLN G 1021 -7.22 13.57 -0.80
CA GLN G 1021 -7.25 13.88 -2.22
C GLN G 1021 -8.59 14.50 -2.62
N SER G 1022 -9.69 14.03 -2.02
CA SER G 1022 -10.98 14.65 -2.29
C SER G 1022 -10.99 16.11 -1.86
N LEU G 1023 -10.45 16.39 -0.66
CA LEU G 1023 -10.40 17.76 -0.17
C LEU G 1023 -9.53 18.64 -1.05
N GLN G 1024 -8.40 18.10 -1.52
CA GLN G 1024 -7.53 18.86 -2.41
C GLN G 1024 -8.24 19.20 -3.71
N THR G 1025 -8.95 18.24 -4.29
CA THR G 1025 -9.69 18.50 -5.51
C THR G 1025 -10.76 19.57 -5.28
N TYR G 1026 -11.48 19.46 -4.16
CA TYR G 1026 -12.51 20.44 -3.85
C TYR G 1026 -11.91 21.83 -3.72
N VAL G 1027 -10.79 21.95 -3.01
CA VAL G 1027 -10.19 23.26 -2.80
C VAL G 1027 -9.64 23.83 -4.11
N THR G 1028 -9.08 22.97 -4.96
CA THR G 1028 -8.58 23.45 -6.25
C THR G 1028 -9.71 23.99 -7.10
N GLN G 1029 -10.82 23.27 -7.19
CA GLN G 1029 -11.93 23.77 -8.00
C GLN G 1029 -12.55 25.01 -7.37
N GLN G 1030 -12.55 25.10 -6.03
CA GLN G 1030 -12.98 26.32 -5.36
C GLN G 1030 -12.09 27.49 -5.74
N LEU G 1031 -10.77 27.26 -5.80
CA LEU G 1031 -9.85 28.32 -6.17
C LEU G 1031 -10.10 28.79 -7.60
N ILE G 1032 -10.34 27.86 -8.52
CA ILE G 1032 -10.61 28.25 -9.91
C ILE G 1032 -11.90 29.06 -9.98
N ARG G 1033 -12.95 28.60 -9.30
CA ARG G 1033 -14.21 29.32 -9.31
C ARG G 1033 -14.06 30.70 -8.68
N ALA G 1034 -13.25 30.80 -7.62
CA ALA G 1034 -13.03 32.09 -6.98
C ALA G 1034 -12.27 33.03 -7.89
N ALA G 1035 -11.31 32.52 -8.66
CA ALA G 1035 -10.64 33.36 -9.63
C ALA G 1035 -11.61 33.88 -10.69
N GLU G 1036 -12.50 33.01 -11.16
CA GLU G 1036 -13.51 33.44 -12.12
C GLU G 1036 -14.42 34.52 -11.51
N ILE G 1037 -14.82 34.33 -10.26
CA ILE G 1037 -15.68 35.29 -9.59
C ILE G 1037 -14.95 36.61 -9.40
N ARG G 1038 -13.65 36.57 -9.10
CA ARG G 1038 -12.88 37.79 -8.96
C ARG G 1038 -12.79 38.53 -10.29
N ALA G 1039 -12.58 37.80 -11.38
CA ALA G 1039 -12.58 38.46 -12.68
C ALA G 1039 -13.92 39.12 -12.99
N SER G 1040 -15.02 38.42 -12.68
CA SER G 1040 -16.34 38.98 -12.90
C SER G 1040 -16.56 40.22 -12.03
N ALA G 1041 -16.09 40.17 -10.78
CA ALA G 1041 -16.27 41.31 -9.89
C ALA G 1041 -15.43 42.51 -10.33
N ASN G 1042 -14.24 42.27 -10.86
CA ASN G 1042 -13.44 43.35 -11.40
C ASN G 1042 -14.14 43.98 -12.61
N LEU G 1043 -14.72 43.14 -13.48
CA LEU G 1043 -15.49 43.68 -14.59
C LEU G 1043 -16.67 44.51 -14.09
N ALA G 1044 -17.36 44.02 -13.05
CA ALA G 1044 -18.49 44.76 -12.50
C ALA G 1044 -18.06 46.08 -11.90
N ALA G 1045 -16.92 46.10 -11.20
CA ALA G 1045 -16.43 47.35 -10.64
C ALA G 1045 -16.09 48.35 -11.73
N THR G 1046 -15.44 47.89 -12.80
CA THR G 1046 -15.17 48.77 -13.92
C THR G 1046 -16.45 49.28 -14.54
N LYS G 1047 -17.46 48.41 -14.67
CA LYS G 1047 -18.73 48.81 -15.26
C LYS G 1047 -19.42 49.87 -14.40
N MET G 1048 -19.40 49.69 -13.08
CA MET G 1048 -20.00 50.70 -12.22
C MET G 1048 -19.24 52.01 -12.26
N SER G 1049 -17.90 51.93 -12.34
CA SER G 1049 -17.10 53.16 -12.35
C SER G 1049 -17.30 53.93 -13.65
N GLU G 1050 -17.52 53.24 -14.76
CA GLU G 1050 -17.57 53.92 -16.05
C GLU G 1050 -18.99 54.23 -16.53
N CYS G 1051 -19.96 53.34 -16.28
CA CYS G 1051 -21.32 53.54 -16.76
C CYS G 1051 -22.21 54.26 -15.75
N VAL G 1052 -21.98 54.08 -14.46
CA VAL G 1052 -22.81 54.70 -13.44
C VAL G 1052 -22.29 56.07 -13.04
N LEU G 1053 -21.01 56.13 -12.67
CA LEU G 1053 -20.37 57.38 -12.25
C LEU G 1053 -20.04 58.28 -13.40
N GLY G 1054 -20.54 57.99 -14.60
CA GLY G 1054 -20.25 58.84 -15.73
C GLY G 1054 -20.86 58.25 -16.98
N GLN G 1055 -20.60 58.91 -18.11
CA GLN G 1055 -21.08 58.47 -19.41
C GLN G 1055 -19.92 57.86 -20.17
N SER G 1056 -20.09 56.64 -20.65
CA SER G 1056 -19.04 55.90 -21.31
C SER G 1056 -19.24 55.90 -22.82
N LYS G 1057 -18.15 56.09 -23.56
CA LYS G 1057 -18.18 56.10 -25.01
C LYS G 1057 -17.88 54.73 -25.61
N ARG G 1058 -17.69 53.71 -24.78
CA ARG G 1058 -17.41 52.38 -25.28
C ARG G 1058 -18.71 51.73 -25.77
N VAL G 1059 -18.72 51.33 -27.03
CA VAL G 1059 -19.92 50.76 -27.62
C VAL G 1059 -20.20 49.39 -27.01
N ASP G 1060 -21.45 49.14 -26.64
CA ASP G 1060 -21.96 47.89 -26.10
C ASP G 1060 -21.37 47.53 -24.74
N PHE G 1061 -20.54 48.39 -24.15
CA PHE G 1061 -20.02 48.10 -22.82
C PHE G 1061 -21.07 48.36 -21.74
N CYS G 1062 -21.91 49.36 -21.93
CA CYS G 1062 -22.96 49.71 -20.99
C CYS G 1062 -24.34 49.49 -21.60
N GLY G 1063 -24.51 48.38 -22.30
CA GLY G 1063 -25.78 48.05 -22.92
C GLY G 1063 -25.83 48.46 -24.39
N LYS G 1064 -26.78 47.85 -25.10
CA LYS G 1064 -26.93 48.12 -26.52
C LYS G 1064 -27.38 49.55 -26.77
N GLY G 1065 -26.98 50.09 -27.92
CA GLY G 1065 -27.32 51.44 -28.28
C GLY G 1065 -26.42 52.46 -27.60
N TYR G 1066 -26.71 53.73 -27.88
CA TYR G 1066 -25.97 54.82 -27.27
C TYR G 1066 -26.31 54.89 -25.79
N HIS G 1067 -25.34 54.57 -24.94
CA HIS G 1067 -25.57 54.53 -23.50
C HIS G 1067 -25.83 55.94 -22.97
N LEU G 1068 -26.85 56.06 -22.13
CA LEU G 1068 -27.17 57.32 -21.47
C LEU G 1068 -26.79 57.31 -20.00
N MET G 1069 -27.25 56.33 -19.23
CA MET G 1069 -26.91 56.25 -17.82
C MET G 1069 -27.21 54.84 -17.32
N SER G 1070 -27.00 54.64 -16.02
CA SER G 1070 -27.22 53.34 -15.42
C SER G 1070 -27.67 53.51 -13.98
N PHE G 1071 -28.35 52.48 -13.47
CA PHE G 1071 -28.79 52.44 -12.09
C PHE G 1071 -28.34 51.11 -11.49
N PRO G 1072 -27.59 51.12 -10.39
CA PRO G 1072 -27.23 49.86 -9.74
C PRO G 1072 -28.31 49.41 -8.76
N GLN G 1073 -28.41 48.09 -8.61
CA GLN G 1073 -29.30 47.48 -7.64
C GLN G 1073 -28.61 46.26 -7.04
N SER G 1074 -28.85 46.05 -5.75
CA SER G 1074 -28.25 44.92 -5.06
C SER G 1074 -29.04 43.64 -5.33
N ALA G 1075 -28.35 42.51 -5.17
CA ALA G 1075 -28.98 41.20 -5.28
C ALA G 1075 -28.12 40.21 -4.50
N PRO G 1076 -28.69 39.09 -4.06
CA PRO G 1076 -27.89 38.13 -3.28
C PRO G 1076 -26.62 37.72 -4.00
N HIS G 1077 -25.48 38.15 -3.46
CA HIS G 1077 -24.17 37.89 -4.05
C HIS G 1077 -24.11 38.34 -5.51
N GLY G 1078 -24.67 39.51 -5.79
CA GLY G 1078 -24.64 39.99 -7.17
C GLY G 1078 -25.14 41.42 -7.29
N VAL G 1079 -24.88 42.00 -8.46
CA VAL G 1079 -25.28 43.36 -8.77
C VAL G 1079 -26.04 43.35 -10.09
N VAL G 1080 -27.12 44.12 -10.15
CA VAL G 1080 -27.95 44.24 -11.34
C VAL G 1080 -27.91 45.68 -11.81
N PHE G 1081 -27.47 45.90 -13.05
CA PHE G 1081 -27.41 47.22 -13.63
C PHE G 1081 -28.59 47.41 -14.58
N LEU G 1082 -29.34 48.48 -14.37
CA LEU G 1082 -30.37 48.92 -15.31
C LEU G 1082 -29.74 49.98 -16.18
N HIS G 1083 -29.40 49.61 -17.42
CA HIS G 1083 -28.79 50.53 -18.36
C HIS G 1083 -29.87 51.23 -19.16
N VAL G 1084 -29.93 52.55 -19.05
CA VAL G 1084 -30.85 53.37 -19.83
C VAL G 1084 -30.09 53.91 -21.02
N THR G 1085 -30.58 53.59 -22.22
CA THR G 1085 -29.88 53.89 -23.47
C THR G 1085 -30.84 54.52 -24.47
N TYR G 1086 -30.27 55.16 -25.47
CA TYR G 1086 -31.00 55.90 -26.50
C TYR G 1086 -30.82 55.17 -27.83
N VAL G 1087 -31.94 54.86 -28.50
CA VAL G 1087 -31.91 54.07 -29.72
C VAL G 1087 -32.72 54.77 -30.82
N PRO G 1088 -32.12 55.10 -31.96
CA PRO G 1088 -32.91 55.65 -33.06
C PRO G 1088 -33.97 54.67 -33.54
N ALA G 1089 -35.12 55.20 -33.95
CA ALA G 1089 -36.28 54.36 -34.23
C ALA G 1089 -36.70 54.38 -35.70
N GLN G 1090 -37.02 55.55 -36.25
CA GLN G 1090 -37.66 55.64 -37.56
C GLN G 1090 -36.74 56.39 -38.52
N GLU G 1091 -36.21 55.68 -39.52
CA GLU G 1091 -35.28 56.27 -40.47
C GLU G 1091 -35.96 56.60 -41.79
N LYS G 1092 -35.43 57.61 -42.47
CA LYS G 1092 -35.91 58.05 -43.76
C LYS G 1092 -34.72 58.25 -44.70
N ASN G 1093 -34.98 58.10 -46.00
CA ASN G 1093 -33.94 58.19 -47.01
C ASN G 1093 -33.81 59.61 -47.53
N PHE G 1094 -32.58 60.03 -47.83
CA PHE G 1094 -32.32 61.35 -48.36
C PHE G 1094 -31.12 61.28 -49.30
N THR G 1095 -31.03 62.27 -50.19
CA THR G 1095 -29.89 62.39 -51.08
C THR G 1095 -28.77 63.15 -50.40
N THR G 1096 -27.54 62.67 -50.55
CA THR G 1096 -26.39 63.23 -49.84
C THR G 1096 -25.38 63.79 -50.82
N ALA G 1097 -24.46 64.59 -50.28
CA ALA G 1097 -23.38 65.18 -51.06
C ALA G 1097 -22.25 65.52 -50.09
N PRO G 1098 -21.01 65.12 -50.38
CA PRO G 1098 -19.92 65.39 -49.44
C PRO G 1098 -19.67 66.87 -49.19
N ALA G 1099 -19.89 67.73 -50.18
CA ALA G 1099 -19.63 69.15 -50.03
C ALA G 1099 -20.48 69.91 -51.02
N ILE G 1100 -20.54 71.23 -50.83
CA ILE G 1100 -21.33 72.12 -51.68
C ILE G 1100 -20.42 73.23 -52.20
N CYS G 1101 -20.43 73.43 -53.51
CA CYS G 1101 -19.67 74.51 -54.14
C CYS G 1101 -20.62 75.67 -54.42
N HIS G 1102 -20.33 76.83 -53.82
CA HIS G 1102 -21.19 78.00 -53.96
C HIS G 1102 -20.63 78.97 -55.01
N ASP G 1103 -19.40 79.44 -54.82
CA ASP G 1103 -18.77 80.37 -55.76
C ASP G 1103 -17.33 79.93 -56.02
N GLY G 1104 -17.13 78.63 -56.25
CA GLY G 1104 -15.81 78.08 -56.39
C GLY G 1104 -15.18 77.60 -55.10
N LYS G 1105 -15.83 77.84 -53.96
CA LYS G 1105 -15.32 77.41 -52.66
C LYS G 1105 -16.13 76.23 -52.16
N ALA G 1106 -15.42 75.20 -51.68
CA ALA G 1106 -16.06 74.02 -51.14
C ALA G 1106 -16.40 74.26 -49.68
N HIS G 1107 -17.69 74.16 -49.36
CA HIS G 1107 -18.18 74.37 -47.99
C HIS G 1107 -18.43 73.02 -47.35
N PHE G 1108 -17.82 72.78 -46.20
CA PHE G 1108 -18.02 71.54 -45.47
C PHE G 1108 -18.79 71.82 -44.18
N PRO G 1109 -19.67 70.91 -43.79
CA PRO G 1109 -20.41 71.11 -42.52
C PRO G 1109 -19.48 71.02 -41.33
N ARG G 1110 -19.81 71.82 -40.30
CA ARG G 1110 -18.98 71.83 -39.10
C ARG G 1110 -19.31 70.66 -38.18
N GLU G 1111 -20.60 70.39 -37.98
CA GLU G 1111 -21.03 69.35 -37.06
C GLU G 1111 -21.98 68.34 -37.68
N GLY G 1112 -22.69 68.69 -38.75
CA GLY G 1112 -23.68 67.79 -39.30
C GLY G 1112 -23.34 67.23 -40.66
N VAL G 1113 -24.37 66.91 -41.43
CA VAL G 1113 -24.23 66.33 -42.76
C VAL G 1113 -25.24 66.99 -43.68
N PHE G 1114 -24.84 67.18 -44.95
CA PHE G 1114 -25.74 67.74 -45.94
C PHE G 1114 -26.75 66.68 -46.39
N VAL G 1115 -28.02 67.09 -46.47
CA VAL G 1115 -29.10 66.22 -46.92
C VAL G 1115 -29.95 66.98 -47.92
N SER G 1116 -30.71 66.23 -48.71
CA SER G 1116 -31.64 66.80 -49.67
C SER G 1116 -32.85 65.90 -49.77
N ASN G 1117 -34.03 66.50 -49.74
CA ASN G 1117 -35.29 65.80 -49.93
C ASN G 1117 -35.72 65.73 -51.39
N GLY G 1118 -34.91 66.28 -52.30
CA GLY G 1118 -35.22 66.29 -53.71
C GLY G 1118 -35.46 67.66 -54.30
N THR G 1119 -35.68 68.67 -53.47
CA THR G 1119 -35.91 70.02 -53.95
C THR G 1119 -35.00 71.05 -53.32
N HIS G 1120 -34.68 70.90 -52.04
CA HIS G 1120 -33.83 71.84 -51.34
C HIS G 1120 -32.82 71.07 -50.50
N TRP G 1121 -31.72 71.74 -50.15
CA TRP G 1121 -30.66 71.15 -49.36
C TRP G 1121 -30.64 71.75 -47.96
N PHE G 1122 -30.33 70.92 -46.98
CA PHE G 1122 -30.24 71.34 -45.59
C PHE G 1122 -29.05 70.63 -44.94
N VAL G 1123 -28.76 70.99 -43.69
CA VAL G 1123 -27.75 70.33 -42.90
C VAL G 1123 -28.40 69.82 -41.61
N THR G 1124 -28.17 68.56 -41.29
CA THR G 1124 -28.80 67.95 -40.13
C THR G 1124 -27.76 67.29 -39.26
N GLN G 1125 -28.04 67.24 -37.96
CA GLN G 1125 -27.15 66.54 -37.03
C GLN G 1125 -27.13 65.05 -37.36
N ARG G 1126 -26.04 64.40 -36.98
CA ARG G 1126 -25.78 63.05 -37.46
C ARG G 1126 -26.82 62.05 -36.98
N ASN G 1127 -27.22 62.13 -35.71
CA ASN G 1127 -28.04 61.09 -35.10
C ASN G 1127 -29.51 61.48 -34.97
N PHE G 1128 -29.93 62.58 -35.58
CA PHE G 1128 -31.33 62.98 -35.51
C PHE G 1128 -31.66 63.86 -36.70
N TYR G 1129 -32.88 63.77 -37.17
CA TYR G 1129 -33.33 64.57 -38.31
C TYR G 1129 -33.87 65.90 -37.81
N GLU G 1130 -33.17 66.97 -38.14
CA GLU G 1130 -33.60 68.32 -37.80
C GLU G 1130 -33.03 69.29 -38.83
N PRO G 1131 -33.67 69.42 -39.98
CA PRO G 1131 -33.09 70.23 -41.06
C PRO G 1131 -32.94 71.68 -40.66
N GLN G 1132 -31.85 72.28 -41.12
CA GLN G 1132 -31.58 73.69 -40.90
C GLN G 1132 -31.10 74.31 -42.21
N ILE G 1133 -31.40 75.59 -42.39
CA ILE G 1133 -31.01 76.27 -43.62
C ILE G 1133 -29.48 76.35 -43.69
N ILE G 1134 -28.94 76.16 -44.89
CA ILE G 1134 -27.50 76.15 -45.06
C ILE G 1134 -26.97 77.57 -44.90
N THR G 1135 -26.18 77.79 -43.85
CA THR G 1135 -25.65 79.11 -43.53
C THR G 1135 -24.13 79.04 -43.44
N THR G 1136 -23.52 80.21 -43.30
CA THR G 1136 -22.08 80.30 -43.15
C THR G 1136 -21.63 80.07 -41.71
N ASP G 1137 -22.55 80.08 -40.74
CA ASP G 1137 -22.20 79.89 -39.35
C ASP G 1137 -22.02 78.42 -38.98
N ASN G 1138 -22.50 77.49 -39.81
CA ASN G 1138 -22.34 76.07 -39.55
C ASN G 1138 -21.53 75.36 -40.62
N THR G 1139 -20.93 76.11 -41.54
CA THR G 1139 -20.10 75.54 -42.60
C THR G 1139 -18.79 76.30 -42.66
N PHE G 1140 -17.73 75.59 -43.05
CA PHE G 1140 -16.41 76.20 -43.18
C PHE G 1140 -15.84 75.93 -44.56
N VAL G 1141 -15.01 76.85 -45.04
CA VAL G 1141 -14.50 76.84 -46.41
C VAL G 1141 -13.09 76.24 -46.39
N SER G 1142 -12.85 75.30 -47.30
CA SER G 1142 -11.53 74.69 -47.44
C SER G 1142 -11.39 74.17 -48.86
N GLY G 1143 -10.38 74.64 -49.57
CA GLY G 1143 -10.13 74.18 -50.93
C GLY G 1143 -11.13 74.73 -51.93
N ASN G 1144 -11.23 74.06 -53.07
CA ASN G 1144 -12.15 74.45 -54.13
C ASN G 1144 -12.87 73.22 -54.65
N CYS G 1145 -14.01 73.45 -55.30
CA CYS G 1145 -14.87 72.37 -55.76
C CYS G 1145 -14.37 71.71 -57.04
N ASP G 1146 -13.12 71.95 -57.44
CA ASP G 1146 -12.54 71.28 -58.60
C ASP G 1146 -11.73 70.05 -58.23
N VAL G 1147 -11.66 69.69 -56.95
CA VAL G 1147 -10.85 68.58 -56.49
C VAL G 1147 -11.71 67.51 -55.81
N VAL G 1148 -12.62 67.94 -54.92
CA VAL G 1148 -13.46 67.00 -54.20
C VAL G 1148 -14.38 66.29 -55.16
N ILE G 1149 -14.63 65.00 -54.91
CA ILE G 1149 -15.43 64.16 -55.78
C ILE G 1149 -16.88 64.23 -55.35
N GLY G 1150 -17.78 64.48 -56.31
CA GLY G 1150 -19.20 64.43 -56.04
C GLY G 1150 -19.79 65.69 -55.44
N ILE G 1151 -19.09 66.82 -55.52
CA ILE G 1151 -19.64 68.07 -55.00
C ILE G 1151 -20.83 68.49 -55.85
N VAL G 1152 -21.78 69.18 -55.23
CA VAL G 1152 -23.00 69.61 -55.90
C VAL G 1152 -23.06 71.13 -55.88
N ASN G 1153 -23.91 71.68 -56.73
CA ASN G 1153 -24.07 73.11 -56.87
C ASN G 1153 -25.29 73.58 -56.08
N ASN G 1154 -25.09 74.62 -55.28
CA ASN G 1154 -26.18 75.22 -54.49
C ASN G 1154 -25.67 76.57 -53.99
N THR G 1155 -26.46 77.22 -53.14
CA THR G 1155 -26.11 78.51 -52.55
C THR G 1155 -26.06 78.40 -51.04
N VAL G 1156 -25.23 79.25 -50.44
CA VAL G 1156 -25.04 79.28 -48.99
C VAL G 1156 -25.52 80.63 -48.47
N TYR G 1157 -26.16 80.62 -47.31
CA TYR G 1157 -26.76 81.82 -46.75
C TYR G 1157 -25.77 82.53 -45.84
N ASP G 1158 -25.60 83.82 -46.07
CA ASP G 1158 -24.83 84.70 -45.18
C ASP G 1158 -25.77 85.75 -44.62
N PRO G 1159 -26.18 85.65 -43.35
CA PRO G 1159 -27.20 86.57 -42.83
C PRO G 1159 -26.78 88.03 -42.82
N LEU G 1160 -25.48 88.31 -42.90
CA LEU G 1160 -25.01 89.70 -42.83
C LEU G 1160 -25.57 90.52 -43.98
N GLN G 1161 -25.57 89.98 -45.19
CA GLN G 1161 -26.05 90.74 -46.34
C GLN G 1161 -27.52 91.12 -46.22
N PRO G 1162 -28.45 90.20 -45.90
CA PRO G 1162 -29.81 90.66 -45.60
C PRO G 1162 -29.89 91.59 -44.40
N GLU G 1163 -29.00 91.43 -43.42
CA GLU G 1163 -29.01 92.34 -42.27
C GLU G 1163 -28.69 93.76 -42.71
N LEU G 1164 -27.74 93.92 -43.62
CA LEU G 1164 -27.39 95.24 -44.14
C LEU G 1164 -27.87 95.41 -45.57
N GLU H 1 37.97 -84.76 -17.78
CA GLU H 1 37.98 -83.69 -16.79
C GLU H 1 39.04 -83.93 -15.73
N ILE H 2 39.17 -82.99 -14.79
CA ILE H 2 40.11 -83.14 -13.69
C ILE H 2 39.53 -84.10 -12.67
N VAL H 3 40.36 -85.03 -12.19
CA VAL H 3 39.97 -86.01 -11.18
C VAL H 3 40.98 -85.94 -10.04
N LEU H 4 40.48 -86.00 -8.80
CA LEU H 4 41.31 -85.95 -7.61
C LEU H 4 41.16 -87.26 -6.84
N THR H 5 42.19 -87.60 -6.07
CA THR H 5 42.14 -88.74 -5.15
C THR H 5 42.68 -88.30 -3.80
N GLN H 6 42.08 -88.82 -2.74
CA GLN H 6 42.31 -88.32 -1.39
C GLN H 6 42.75 -89.49 -0.52
N SER H 7 43.15 -89.19 0.71
CA SER H 7 43.72 -90.12 1.69
C SER H 7 42.91 -91.41 1.76
N PRO H 8 43.53 -92.57 2.01
CA PRO H 8 42.80 -93.83 1.83
C PRO H 8 41.75 -94.05 2.90
N GLY H 9 41.01 -95.16 2.76
CA GLY H 9 39.78 -95.37 3.50
C GLY H 9 39.91 -96.04 4.85
N THR H 10 39.07 -95.62 5.80
CA THR H 10 38.99 -96.25 7.12
C THR H 10 40.34 -96.22 7.83
N LEU H 11 40.77 -95.03 8.22
CA LEU H 11 41.93 -94.89 9.09
C LEU H 11 41.48 -94.46 10.48
N SER H 12 41.97 -95.17 11.50
CA SER H 12 41.57 -94.91 12.88
C SER H 12 42.77 -94.40 13.66
N LEU H 13 42.58 -93.27 14.34
CA LEU H 13 43.64 -92.63 15.11
C LEU H 13 43.15 -92.35 16.52
N SER H 14 44.06 -92.46 17.48
CA SER H 14 43.71 -92.22 18.87
C SER H 14 43.38 -90.75 19.09
N PRO H 15 42.35 -90.45 19.90
CA PRO H 15 42.02 -89.06 20.17
C PRO H 15 43.15 -88.35 20.90
N GLY H 16 43.27 -87.05 20.65
CA GLY H 16 44.25 -86.21 21.31
C GLY H 16 45.60 -86.14 20.64
N GLU H 17 45.78 -86.79 19.49
CA GLU H 17 47.04 -86.77 18.77
C GLU H 17 46.85 -86.14 17.39
N ARG H 18 47.98 -85.90 16.73
CA ARG H 18 47.98 -85.24 15.43
C ARG H 18 47.36 -86.15 14.37
N ALA H 19 46.54 -85.55 13.51
CA ALA H 19 45.95 -86.27 12.39
C ALA H 19 46.10 -85.44 11.12
N THR H 20 46.59 -86.09 10.06
CA THR H 20 46.88 -85.44 8.79
C THR H 20 46.17 -86.18 7.65
N LEU H 21 45.58 -85.42 6.74
CA LEU H 21 44.84 -85.96 5.61
C LEU H 21 45.31 -85.28 4.33
N SER H 22 45.38 -86.05 3.25
CA SER H 22 46.02 -85.58 2.02
C SER H 22 45.07 -85.67 0.83
N CYS H 23 45.32 -84.83 -0.17
CA CYS H 23 44.54 -84.80 -1.40
C CYS H 23 45.48 -84.45 -2.55
N ARG H 24 45.49 -85.30 -3.59
CA ARG H 24 46.35 -85.08 -4.74
C ARG H 24 45.53 -85.20 -6.02
N GLY H 25 45.83 -84.33 -6.99
CA GLY H 25 45.11 -84.29 -8.24
C GLY H 25 46.03 -84.58 -9.42
N SER H 26 45.46 -85.19 -10.46
CA SER H 26 46.24 -85.49 -11.66
C SER H 26 46.68 -84.23 -12.38
N GLN H 27 45.86 -83.18 -12.34
CA GLN H 27 46.17 -81.93 -13.01
C GLN H 27 46.25 -80.79 -12.01
N SER H 28 47.08 -79.80 -12.32
CA SER H 28 47.28 -78.68 -11.42
C SER H 28 46.01 -77.83 -11.31
N VAL H 29 45.79 -77.27 -10.12
CA VAL H 29 44.63 -76.44 -9.84
C VAL H 29 45.11 -75.16 -9.16
N ARG H 30 44.19 -74.20 -9.05
CA ARG H 30 44.48 -72.92 -8.43
C ARG H 30 44.11 -72.96 -6.95
N SER H 31 45.02 -72.49 -6.10
CA SER H 31 44.79 -72.55 -4.66
C SER H 31 43.78 -71.52 -4.19
N SER H 32 43.57 -70.44 -4.92
CA SER H 32 42.61 -69.42 -4.53
C SER H 32 41.17 -69.92 -4.60
N TYR H 33 40.92 -71.04 -5.26
CA TYR H 33 39.58 -71.58 -5.45
C TYR H 33 39.53 -73.01 -4.89
N LEU H 34 40.07 -73.19 -3.70
CA LEU H 34 40.22 -74.50 -3.08
C LEU H 34 39.43 -74.57 -1.78
N GLY H 35 39.03 -75.78 -1.40
CA GLY H 35 38.28 -75.98 -0.18
C GLY H 35 38.26 -77.40 0.36
N TRP H 36 38.53 -77.52 1.66
CA TRP H 36 38.37 -78.77 2.39
C TRP H 36 37.19 -78.61 3.34
N TYR H 37 36.35 -79.64 3.41
CA TYR H 37 35.12 -79.52 4.19
C TYR H 37 34.72 -80.86 4.78
N GLN H 38 34.05 -80.80 5.94
CA GLN H 38 33.78 -81.96 6.77
C GLN H 38 32.31 -82.33 6.73
N GLN H 39 32.03 -83.61 6.96
CA GLN H 39 30.68 -84.15 6.89
C GLN H 39 30.55 -85.31 7.86
N LYS H 40 29.60 -85.23 8.77
CA LYS H 40 29.43 -86.31 9.74
C LYS H 40 28.73 -87.50 9.10
N PRO H 41 28.97 -88.71 9.62
CA PRO H 41 28.35 -89.90 9.03
C PRO H 41 26.86 -89.96 9.26
N GLY H 42 26.10 -89.23 8.46
CA GLY H 42 24.66 -89.15 8.64
C GLY H 42 24.16 -87.73 8.78
N GLN H 43 24.90 -86.77 8.22
CA GLN H 43 24.48 -85.37 8.29
C GLN H 43 25.18 -84.60 7.18
N ALA H 44 24.69 -83.39 6.89
CA ALA H 44 25.16 -82.59 5.77
C ALA H 44 26.61 -82.16 5.96
N PRO H 45 27.35 -81.93 4.87
CA PRO H 45 28.74 -81.48 5.00
C PRO H 45 28.84 -80.05 5.53
N ARG H 46 30.00 -79.73 6.09
CA ARG H 46 30.29 -78.41 6.63
C ARG H 46 31.65 -77.95 6.13
N LEU H 47 31.72 -76.69 5.68
CA LEU H 47 32.98 -76.12 5.23
C LEU H 47 33.95 -75.96 6.39
N LEU H 48 35.21 -76.33 6.15
CA LEU H 48 36.25 -76.26 7.16
C LEU H 48 37.33 -75.24 6.82
N ILE H 49 37.96 -75.37 5.65
CA ILE H 49 39.03 -74.48 5.23
C ILE H 49 38.78 -74.10 3.77
N TYR H 50 38.93 -72.81 3.45
CA TYR H 50 38.81 -72.35 2.07
C TYR H 50 40.03 -71.51 1.73
N GLY H 51 40.64 -71.79 0.59
CA GLY H 51 41.81 -71.07 0.14
C GLY H 51 43.11 -71.49 0.76
N ALA H 52 43.11 -72.49 1.64
CA ALA H 52 44.28 -73.02 2.33
C ALA H 52 44.98 -72.00 3.22
N SER H 53 44.40 -70.81 3.37
CA SER H 53 44.95 -69.80 4.26
C SER H 53 43.91 -69.08 5.11
N SER H 54 42.62 -69.22 4.82
CA SER H 54 41.56 -68.51 5.53
C SER H 54 40.70 -69.52 6.28
N ARG H 55 40.44 -69.24 7.55
CA ARG H 55 39.65 -70.12 8.39
C ARG H 55 38.17 -69.83 8.20
N ALA H 56 37.40 -70.90 8.01
CA ALA H 56 35.98 -70.77 7.72
C ALA H 56 35.18 -70.48 8.99
N THR H 57 34.09 -69.75 8.82
CA THR H 57 33.26 -69.35 9.96
C THR H 57 32.70 -70.58 10.67
N GLY H 58 32.77 -70.55 12.00
CA GLY H 58 32.29 -71.66 12.81
C GLY H 58 33.25 -72.80 12.96
N ILE H 59 34.52 -72.63 12.61
CA ILE H 59 35.52 -73.69 12.65
C ILE H 59 36.49 -73.40 13.79
N PRO H 60 36.81 -74.38 14.63
CA PRO H 60 37.78 -74.13 15.70
C PRO H 60 39.17 -73.88 15.15
N ASP H 61 39.97 -73.14 15.94
CA ASP H 61 41.30 -72.75 15.52
C ASP H 61 42.26 -73.94 15.42
N ARG H 62 41.93 -75.06 16.05
CA ARG H 62 42.82 -76.23 16.01
C ARG H 62 42.89 -76.85 14.63
N PHE H 63 41.88 -76.65 13.79
CA PHE H 63 41.93 -77.14 12.42
C PHE H 63 42.79 -76.23 11.56
N SER H 64 43.60 -76.82 10.69
CA SER H 64 44.41 -76.05 9.75
C SER H 64 44.43 -76.76 8.41
N GLY H 65 44.59 -75.99 7.34
CA GLY H 65 44.70 -76.56 6.02
C GLY H 65 45.73 -75.81 5.20
N SER H 66 46.42 -76.55 4.33
CA SER H 66 47.50 -75.97 3.54
C SER H 66 47.72 -76.83 2.31
N GLY H 67 48.82 -76.57 1.61
CA GLY H 67 49.18 -77.32 0.42
C GLY H 67 49.53 -76.40 -0.73
N SER H 68 50.07 -77.03 -1.79
CA SER H 68 50.49 -76.30 -2.97
C SER H 68 50.52 -77.26 -4.15
N GLY H 69 50.61 -76.69 -5.35
CA GLY H 69 50.68 -77.50 -6.55
C GLY H 69 49.45 -78.38 -6.68
N THR H 70 49.68 -79.68 -6.73
CA THR H 70 48.61 -80.66 -6.80
C THR H 70 48.39 -81.38 -5.47
N ASP H 71 49.17 -81.08 -4.44
CA ASP H 71 49.12 -81.79 -3.17
C ASP H 71 48.69 -80.83 -2.07
N PHE H 72 47.60 -81.16 -1.38
CA PHE H 72 47.08 -80.34 -0.30
C PHE H 72 46.80 -81.21 0.91
N THR H 73 46.78 -80.60 2.08
CA THR H 73 46.67 -81.35 3.32
C THR H 73 45.81 -80.60 4.33
N LEU H 74 45.25 -81.38 5.26
CA LEU H 74 44.40 -80.90 6.33
C LEU H 74 44.87 -81.53 7.63
N THR H 75 45.09 -80.72 8.66
CA THR H 75 45.67 -81.19 9.90
C THR H 75 44.83 -80.77 11.09
N ILE H 76 44.69 -81.69 12.05
CA ILE H 76 44.10 -81.39 13.35
C ILE H 76 45.10 -81.82 14.42
N SER H 77 45.41 -80.90 15.33
CA SER H 77 46.45 -81.17 16.32
C SER H 77 45.95 -82.07 17.44
N ARG H 78 44.79 -81.74 18.01
CA ARG H 78 44.18 -82.53 19.07
C ARG H 78 42.79 -82.96 18.63
N LEU H 79 42.52 -84.26 18.74
CA LEU H 79 41.24 -84.80 18.30
C LEU H 79 40.20 -84.68 19.41
N GLU H 80 39.01 -84.26 19.03
CA GLU H 80 37.86 -84.13 19.92
C GLU H 80 36.78 -85.10 19.45
N PRO H 81 35.80 -85.43 20.32
CA PRO H 81 34.72 -86.34 19.89
C PRO H 81 33.88 -85.77 18.75
N GLU H 82 34.16 -84.53 18.33
CA GLU H 82 33.49 -83.91 17.20
C GLU H 82 34.31 -84.05 15.92
N ASP H 83 35.33 -84.90 15.96
CA ASP H 83 36.19 -85.13 14.81
C ASP H 83 35.91 -86.45 14.10
N PHE H 84 34.99 -87.26 14.61
CA PHE H 84 34.57 -88.49 13.94
C PHE H 84 33.72 -88.08 12.74
N ALA H 85 34.34 -88.00 11.57
CA ALA H 85 33.66 -87.41 10.41
C ALA H 85 34.38 -87.88 9.15
N VAL H 86 33.98 -87.28 8.03
CA VAL H 86 34.57 -87.59 6.73
C VAL H 86 34.95 -86.26 6.09
N TYR H 87 36.19 -86.15 5.62
CA TYR H 87 36.69 -84.92 5.04
C TYR H 87 36.76 -85.03 3.53
N TYR H 88 36.52 -83.91 2.86
CA TYR H 88 36.36 -83.82 1.41
C TYR H 88 37.21 -82.70 0.85
N CYS H 89 37.73 -82.93 -0.36
CA CYS H 89 38.66 -82.05 -1.05
C CYS H 89 38.01 -81.57 -2.36
N GLN H 90 38.04 -80.25 -2.61
CA GLN H 90 37.33 -79.71 -3.75
C GLN H 90 38.01 -78.44 -4.25
N GLN H 91 37.84 -78.20 -5.56
CA GLN H 91 38.27 -76.92 -6.19
C GLN H 91 36.96 -76.32 -6.73
N TYR H 92 36.76 -75.00 -6.67
CA TYR H 92 35.51 -74.37 -7.03
C TYR H 92 35.71 -73.11 -7.87
N GLY H 93 36.52 -73.21 -8.93
CA GLY H 93 36.70 -72.09 -9.84
C GLY H 93 35.68 -72.13 -10.95
N SER H 94 36.11 -72.55 -12.15
CA SER H 94 35.23 -72.51 -13.35
C SER H 94 34.18 -73.63 -13.41
N SER H 95 33.79 -74.02 -14.62
CA SER H 95 32.70 -75.02 -14.80
C SER H 95 32.99 -76.40 -14.18
N PRO H 96 34.20 -77.03 -14.26
CA PRO H 96 34.40 -78.32 -13.59
C PRO H 96 34.33 -78.16 -12.06
N TRP H 97 33.53 -79.00 -11.40
CA TRP H 97 33.48 -78.99 -9.91
C TRP H 97 33.84 -80.40 -9.45
N THR H 98 34.89 -80.54 -8.63
CA THR H 98 35.36 -81.90 -8.23
C THR H 98 35.14 -82.07 -6.73
N PHE H 99 34.05 -82.72 -6.31
CA PHE H 99 33.78 -82.81 -4.89
C PHE H 99 34.71 -83.81 -4.23
N GLY H 100 34.64 -83.90 -2.90
CA GLY H 100 35.62 -84.67 -2.16
C GLY H 100 35.50 -86.16 -2.41
N GLN H 101 36.62 -86.87 -2.22
CA GLN H 101 36.66 -88.32 -2.36
C GLN H 101 36.38 -89.05 -1.04
N GLY H 102 36.38 -88.34 0.08
CA GLY H 102 35.98 -88.93 1.35
C GLY H 102 37.10 -89.54 2.17
N THR H 103 37.31 -89.05 3.40
CA THR H 103 38.31 -89.59 4.32
C THR H 103 37.72 -89.61 5.73
N LYS H 104 37.42 -90.81 6.24
CA LYS H 104 36.76 -90.93 7.54
C LYS H 104 37.81 -90.95 8.64
N VAL H 105 37.88 -89.84 9.37
CA VAL H 105 38.59 -89.79 10.64
C VAL H 105 37.68 -90.39 11.71
N GLU H 106 38.11 -91.53 12.26
CA GLU H 106 37.27 -92.42 13.05
C GLU H 106 37.63 -92.32 14.53
N ILE H 107 37.00 -93.17 15.34
CA ILE H 107 37.21 -93.21 16.78
C ILE H 107 37.66 -94.61 17.16
N LYS H 108 38.74 -94.70 17.93
CA LYS H 108 39.28 -95.97 18.40
C LYS H 108 38.24 -96.77 19.17
N GLN I 1 21.81 -66.05 10.98
CA GLN I 1 21.97 -67.21 10.11
C GLN I 1 20.77 -67.37 9.19
N MET I 2 20.92 -68.18 8.14
CA MET I 2 19.86 -68.44 7.18
C MET I 2 19.10 -69.71 7.56
N GLN I 3 18.22 -70.15 6.67
CA GLN I 3 17.41 -71.33 6.92
C GLN I 3 16.88 -71.83 5.58
N LEU I 4 17.25 -73.06 5.22
CA LEU I 4 16.75 -73.70 4.02
C LEU I 4 15.68 -74.72 4.36
N VAL I 5 14.71 -74.87 3.47
CA VAL I 5 13.58 -75.78 3.65
C VAL I 5 13.51 -76.72 2.46
N GLN I 6 13.45 -78.01 2.75
CA GLN I 6 13.31 -79.06 1.74
C GLN I 6 12.10 -79.93 2.08
N SER I 7 11.94 -81.02 1.36
CA SER I 7 10.85 -81.95 1.59
C SER I 7 11.22 -82.90 2.75
N GLY I 8 10.27 -83.76 3.12
CA GLY I 8 10.46 -84.68 4.22
C GLY I 8 10.72 -86.10 3.76
N PRO I 9 10.14 -87.07 4.45
CA PRO I 9 10.32 -88.47 4.05
C PRO I 9 9.68 -88.75 2.70
N GLU I 10 10.27 -89.71 1.99
CA GLU I 10 9.84 -90.04 0.64
C GLU I 10 10.10 -91.52 0.37
N VAL I 11 9.06 -92.25 0.00
CA VAL I 11 9.16 -93.64 -0.42
C VAL I 11 8.61 -93.72 -1.85
N LYS I 12 9.38 -94.29 -2.76
CA LYS I 12 9.04 -94.27 -4.16
C LYS I 12 9.33 -95.63 -4.80
N LYS I 13 8.98 -95.73 -6.09
CA LYS I 13 9.15 -96.89 -6.95
C LYS I 13 10.07 -96.52 -8.11
N PRO I 14 10.91 -97.45 -8.57
CA PRO I 14 11.83 -97.12 -9.67
C PRO I 14 11.09 -96.68 -10.92
N GLY I 15 11.68 -95.72 -11.63
CA GLY I 15 11.12 -95.19 -12.85
C GLY I 15 10.32 -93.92 -12.68
N THR I 16 9.97 -93.56 -11.44
CA THR I 16 9.17 -92.37 -11.19
C THR I 16 10.06 -91.13 -11.19
N SER I 17 9.65 -90.11 -11.95
CA SER I 17 10.37 -88.84 -11.98
C SER I 17 10.07 -88.09 -10.69
N VAL I 18 10.96 -88.21 -9.71
CA VAL I 18 10.74 -87.64 -8.39
C VAL I 18 10.94 -86.13 -8.45
N LYS I 19 10.15 -85.42 -7.66
CA LYS I 19 10.12 -83.96 -7.64
C LYS I 19 10.43 -83.46 -6.24
N VAL I 20 11.44 -82.61 -6.10
CA VAL I 20 11.88 -82.09 -4.80
C VAL I 20 12.13 -80.59 -4.92
N SER I 21 11.66 -79.84 -3.94
CA SER I 21 11.83 -78.39 -3.88
C SER I 21 12.86 -78.01 -2.82
N CYS I 22 13.40 -76.80 -2.96
CA CYS I 22 14.33 -76.26 -1.98
C CYS I 22 14.14 -74.74 -1.93
N LYS I 23 13.68 -74.23 -0.79
CA LYS I 23 13.47 -72.81 -0.62
C LYS I 23 14.40 -72.26 0.46
N ALA I 24 14.58 -70.95 0.46
CA ALA I 24 15.51 -70.28 1.35
C ALA I 24 14.84 -69.14 2.07
N SER I 25 15.32 -68.84 3.27
CA SER I 25 14.87 -67.70 4.03
C SER I 25 16.01 -67.21 4.92
N GLY I 26 15.97 -65.92 5.24
CA GLY I 26 17.00 -65.29 6.05
C GLY I 26 18.05 -64.53 5.28
N PHE I 27 18.12 -64.72 3.96
CA PHE I 27 19.07 -64.00 3.13
C PHE I 27 18.43 -63.75 1.78
N THR I 28 18.96 -62.77 1.05
CA THR I 28 18.41 -62.39 -0.24
C THR I 28 18.59 -63.52 -1.25
N PHE I 29 17.49 -64.19 -1.58
CA PHE I 29 17.49 -65.23 -2.61
C PHE I 29 17.16 -64.64 -3.98
N THR I 30 17.93 -63.64 -4.38
CA THR I 30 17.67 -62.96 -5.65
C THR I 30 18.31 -63.71 -6.82
N SER I 31 19.64 -63.83 -6.79
CA SER I 31 20.35 -64.51 -7.86
C SER I 31 21.43 -65.47 -7.35
N SER I 32 21.47 -65.73 -6.05
CA SER I 32 22.46 -66.65 -5.50
C SER I 32 22.22 -68.07 -6.00
N ALA I 33 23.30 -68.76 -6.32
CA ALA I 33 23.20 -70.10 -6.87
C ALA I 33 22.76 -71.10 -5.80
N VAL I 34 22.31 -72.27 -6.26
CA VAL I 34 21.91 -73.36 -5.39
C VAL I 34 22.60 -74.63 -5.86
N GLN I 35 23.32 -75.29 -4.95
CA GLN I 35 24.11 -76.46 -5.27
C GLN I 35 23.50 -77.68 -4.59
N TRP I 36 23.38 -78.77 -5.33
CA TRP I 36 22.62 -79.92 -4.87
C TRP I 36 23.55 -81.11 -4.64
N VAL I 37 23.23 -81.91 -3.63
CA VAL I 37 24.06 -83.04 -3.21
C VAL I 37 23.16 -84.25 -2.97
N ARG I 38 23.63 -85.42 -3.39
CA ARG I 38 22.95 -86.68 -3.12
C ARG I 38 23.92 -87.64 -2.44
N GLN I 39 23.42 -88.39 -1.47
CA GLN I 39 24.28 -89.34 -0.78
C GLN I 39 23.44 -90.52 -0.30
N ALA I 40 23.93 -91.74 -0.54
CA ALA I 40 23.21 -92.93 -0.16
C ALA I 40 23.35 -93.15 1.35
N ARG I 41 22.84 -94.27 1.85
CA ARG I 41 22.92 -94.57 3.28
C ARG I 41 24.36 -94.88 3.64
N GLY I 42 24.97 -93.99 4.42
CA GLY I 42 26.36 -94.15 4.82
C GLY I 42 27.37 -94.22 3.70
N GLN I 43 26.93 -94.12 2.44
CA GLN I 43 27.81 -94.23 1.30
C GLN I 43 28.37 -92.86 0.92
N ARG I 44 29.55 -92.86 0.31
CA ARG I 44 30.20 -91.63 -0.11
C ARG I 44 29.37 -90.91 -1.17
N LEU I 45 29.41 -89.58 -1.12
CA LEU I 45 28.61 -88.74 -2.00
C LEU I 45 29.45 -88.23 -3.17
N GLU I 46 28.76 -87.89 -4.25
CA GLU I 46 29.38 -87.36 -5.46
C GLU I 46 28.60 -86.13 -5.89
N TRP I 47 28.96 -85.59 -7.05
CA TRP I 47 28.54 -84.24 -7.46
C TRP I 47 27.29 -84.30 -8.32
N ILE I 48 26.30 -83.48 -7.98
CA ILE I 48 25.09 -83.32 -8.78
C ILE I 48 25.24 -82.13 -9.71
N GLY I 49 25.41 -80.95 -9.12
CA GLY I 49 25.56 -79.74 -9.88
C GLY I 49 24.96 -78.56 -9.15
N TRP I 50 24.66 -77.51 -9.93
CA TRP I 50 24.19 -76.25 -9.37
C TRP I 50 23.27 -75.56 -10.37
N ILE I 51 22.56 -74.55 -9.87
CA ILE I 51 21.58 -73.79 -10.63
C ILE I 51 21.71 -72.32 -10.28
N VAL I 52 21.72 -71.48 -11.31
CA VAL I 52 21.65 -70.03 -11.14
C VAL I 52 20.17 -69.66 -11.13
N VAL I 53 19.66 -69.30 -9.95
CA VAL I 53 18.23 -69.02 -9.81
C VAL I 53 17.84 -67.68 -10.41
N GLY I 54 18.78 -66.74 -10.56
CA GLY I 54 18.45 -65.46 -11.15
C GLY I 54 18.01 -65.57 -12.60
N SER I 55 18.70 -66.41 -13.37
CA SER I 55 18.34 -66.67 -14.76
C SER I 55 18.05 -68.14 -15.02
N GLY I 56 18.09 -68.98 -13.99
CA GLY I 56 17.81 -70.39 -14.17
C GLY I 56 18.83 -71.12 -15.03
N ASN I 57 20.11 -70.88 -14.79
CA ASN I 57 21.17 -71.49 -15.59
C ASN I 57 21.58 -72.80 -14.92
N THR I 58 21.32 -73.92 -15.59
CA THR I 58 21.56 -75.24 -15.03
C THR I 58 22.99 -75.70 -15.35
N ASP I 59 23.59 -76.43 -14.40
CA ASP I 59 24.87 -77.08 -14.64
C ASP I 59 24.87 -78.38 -13.87
N TYR I 60 25.21 -79.48 -14.55
CA TYR I 60 25.19 -80.81 -13.95
C TYR I 60 26.45 -81.58 -14.35
N ALA I 61 26.50 -82.83 -13.94
CA ALA I 61 27.64 -83.70 -14.21
C ALA I 61 27.50 -84.30 -15.61
N GLN I 62 28.50 -85.10 -16.00
CA GLN I 62 28.42 -85.84 -17.26
C GLN I 62 27.46 -87.02 -17.19
N GLN I 63 27.11 -87.46 -15.99
CA GLN I 63 26.19 -88.57 -15.80
C GLN I 63 24.77 -88.15 -15.46
N PHE I 64 24.56 -86.89 -15.09
CA PHE I 64 23.26 -86.43 -14.63
C PHE I 64 22.53 -85.58 -15.66
N GLN I 65 23.04 -85.50 -16.88
CA GLN I 65 22.27 -84.92 -17.96
C GLN I 65 21.14 -85.86 -18.36
N GLU I 66 20.16 -85.30 -19.08
CA GLU I 66 19.00 -86.00 -19.63
C GLU I 66 18.22 -86.81 -18.59
N ARG I 67 18.52 -86.62 -17.30
CA ARG I 67 17.68 -87.23 -16.27
C ARG I 67 17.38 -86.30 -15.09
N VAL I 68 18.04 -85.15 -14.96
CA VAL I 68 17.74 -84.16 -13.93
C VAL I 68 17.40 -82.85 -14.63
N THR I 69 16.39 -82.15 -14.12
CA THR I 69 16.18 -80.77 -14.57
C THR I 69 15.55 -79.96 -13.45
N ILE I 70 15.87 -78.67 -13.41
CA ILE I 70 15.48 -77.80 -12.31
C ILE I 70 14.90 -76.50 -12.86
N THR I 71 13.84 -76.02 -12.21
CA THR I 71 13.16 -74.79 -12.54
C THR I 71 13.24 -73.83 -11.36
N ARG I 72 12.79 -72.59 -11.61
CA ARG I 72 12.92 -71.48 -10.69
C ARG I 72 11.54 -70.93 -10.34
N ASP I 73 11.39 -70.44 -9.10
CA ASP I 73 10.19 -69.69 -8.73
C ASP I 73 10.60 -68.57 -7.79
N MET I 74 10.57 -67.34 -8.29
CA MET I 74 10.93 -66.18 -7.48
C MET I 74 9.83 -65.84 -6.48
N SER I 75 8.59 -66.27 -6.75
CA SER I 75 7.47 -65.93 -5.87
C SER I 75 7.68 -66.47 -4.46
N THR I 76 8.01 -67.76 -4.34
CA THR I 76 8.36 -68.36 -3.06
C THR I 76 9.85 -68.58 -2.90
N SER I 77 10.67 -68.11 -3.85
CA SER I 77 12.12 -68.20 -3.80
C SER I 77 12.56 -69.65 -3.63
N THR I 78 12.17 -70.48 -4.59
CA THR I 78 12.39 -71.92 -4.51
C THR I 78 12.94 -72.46 -5.82
N ALA I 79 13.90 -73.36 -5.69
CA ALA I 79 14.43 -74.13 -6.81
C ALA I 79 13.76 -75.49 -6.81
N TYR I 80 13.20 -75.87 -7.95
CA TYR I 80 12.37 -77.07 -8.07
C TYR I 80 13.07 -78.05 -9.01
N MET I 81 13.69 -79.09 -8.45
CA MET I 81 14.48 -80.03 -9.24
C MET I 81 13.82 -81.41 -9.26
N GLU I 82 13.88 -82.06 -10.41
CA GLU I 82 13.26 -83.35 -10.61
C GLU I 82 14.25 -84.31 -11.28
N LEU I 83 14.12 -85.59 -10.92
CA LEU I 83 14.92 -86.66 -11.47
C LEU I 83 14.02 -87.61 -12.25
N SER I 84 14.56 -88.23 -13.30
CA SER I 84 13.84 -89.20 -14.11
C SER I 84 14.68 -90.44 -14.32
N SER I 85 14.00 -91.57 -14.55
CA SER I 85 14.64 -92.86 -14.80
C SER I 85 15.54 -93.26 -13.64
N LEU I 86 14.91 -93.47 -12.49
CA LEU I 86 15.63 -93.86 -11.28
C LEU I 86 15.90 -95.37 -11.30
N GLY I 87 16.40 -95.89 -10.18
CA GLY I 87 16.71 -97.30 -10.07
C GLY I 87 16.43 -97.82 -8.67
N SER I 88 16.44 -99.15 -8.56
CA SER I 88 16.18 -99.80 -7.28
C SER I 88 17.34 -99.67 -6.31
N GLU I 89 18.53 -99.30 -6.80
CA GLU I 89 19.70 -99.10 -5.96
C GLU I 89 19.97 -97.62 -5.70
N ASP I 90 19.01 -96.75 -6.01
CA ASP I 90 19.18 -95.31 -5.89
C ASP I 90 18.63 -94.75 -4.58
N THR I 91 18.39 -95.60 -3.58
CA THR I 91 17.96 -95.09 -2.28
C THR I 91 19.03 -94.19 -1.68
N ALA I 92 18.64 -92.97 -1.34
CA ALA I 92 19.63 -91.98 -0.91
C ALA I 92 18.90 -90.87 -0.15
N VAL I 93 19.60 -89.77 0.07
CA VAL I 93 19.03 -88.54 0.63
C VAL I 93 19.63 -87.37 -0.13
N TYR I 94 18.79 -86.37 -0.40
CA TYR I 94 19.17 -85.21 -1.18
C TYR I 94 19.16 -83.96 -0.31
N TYR I 95 20.20 -83.14 -0.48
CA TYR I 95 20.40 -81.89 0.24
C TYR I 95 20.61 -80.77 -0.77
N CYS I 96 20.28 -79.55 -0.34
CA CYS I 96 20.53 -78.36 -1.14
C CYS I 96 21.25 -77.33 -0.29
N ALA I 97 22.07 -76.50 -0.93
CA ALA I 97 22.86 -75.52 -0.20
C ALA I 97 23.08 -74.29 -1.05
N ALA I 98 22.82 -73.12 -0.49
CA ALA I 98 23.13 -71.85 -1.11
C ALA I 98 24.31 -71.19 -0.40
N PRO I 99 25.06 -70.34 -1.10
CA PRO I 99 26.16 -69.61 -0.44
C PRO I 99 25.69 -68.89 0.81
N ASN I 100 26.18 -69.34 1.97
CA ASN I 100 25.76 -68.78 3.25
C ASN I 100 26.34 -67.37 3.38
N CYS I 101 25.49 -66.37 3.18
CA CYS I 101 25.92 -64.99 3.28
C CYS I 101 24.69 -64.10 3.42
N SER I 102 24.81 -63.06 4.24
CA SER I 102 23.69 -62.19 4.58
C SER I 102 23.86 -60.86 3.84
N GLY I 103 22.85 -60.48 3.07
CA GLY I 103 22.84 -59.22 2.36
C GLY I 103 23.47 -59.32 0.98
N GLY I 104 23.61 -58.16 0.35
CA GLY I 104 24.23 -58.08 -0.96
C GLY I 104 25.73 -58.05 -0.96
N SER I 105 26.35 -57.59 0.12
CA SER I 105 27.79 -57.62 0.31
C SER I 105 28.05 -58.58 1.48
N CYS I 106 28.26 -59.84 1.16
CA CYS I 106 28.22 -60.91 2.15
C CYS I 106 29.45 -61.82 1.99
N TYR I 107 29.41 -62.93 2.72
CA TYR I 107 30.53 -63.86 2.81
C TYR I 107 30.57 -64.76 1.57
N ASP I 108 31.38 -65.83 1.65
CA ASP I 108 31.62 -66.71 0.51
C ASP I 108 31.25 -68.16 0.75
N GLY I 109 31.24 -68.63 2.00
CA GLY I 109 31.12 -70.06 2.25
C GLY I 109 29.69 -70.57 2.12
N PHE I 110 29.59 -71.89 2.09
CA PHE I 110 28.32 -72.63 2.08
C PHE I 110 28.23 -73.33 3.43
N ASP I 111 27.66 -72.64 4.42
CA ASP I 111 27.77 -73.08 5.80
C ASP I 111 26.55 -73.87 6.29
N LEU I 112 25.35 -73.38 6.05
CA LEU I 112 24.16 -73.94 6.69
C LEU I 112 23.52 -75.01 5.80
N TRP I 113 22.40 -75.53 6.26
CA TRP I 113 21.82 -76.78 5.78
C TRP I 113 20.37 -76.55 5.36
N GLY I 114 19.78 -77.60 4.77
CA GLY I 114 18.36 -77.62 4.51
C GLY I 114 17.62 -78.44 5.55
N GLN I 115 16.81 -79.40 5.09
CA GLN I 115 16.16 -80.34 6.01
C GLN I 115 16.42 -81.77 5.55
N GLY I 116 16.70 -81.95 4.27
CA GLY I 116 17.04 -83.27 3.75
C GLY I 116 15.84 -84.04 3.27
N THR I 117 15.94 -84.65 2.09
CA THR I 117 14.85 -85.42 1.51
C THR I 117 15.31 -86.87 1.35
N MET I 118 14.74 -87.76 2.16
CA MET I 118 15.07 -89.17 2.14
C MET I 118 14.26 -89.87 1.06
N VAL I 119 14.94 -90.41 0.05
CA VAL I 119 14.30 -91.16 -1.02
C VAL I 119 14.61 -92.64 -0.79
N THR I 120 13.59 -93.42 -0.45
CA THR I 120 13.72 -94.84 -0.19
C THR I 120 12.97 -95.62 -1.26
N VAL I 121 13.65 -96.60 -1.85
CA VAL I 121 13.11 -97.37 -2.97
C VAL I 121 13.04 -98.84 -2.58
N SER I 122 11.90 -99.45 -2.86
CA SER I 122 11.70 -100.88 -2.61
C SER I 122 10.70 -101.41 -3.63
N SER I 123 11.07 -102.49 -4.30
CA SER I 123 10.23 -103.11 -5.34
C SER I 123 9.83 -102.10 -6.42
#